data_8SB3
#
_entry.id   8SB3
#
_cell.length_a   1.00
_cell.length_b   1.00
_cell.length_c   1.00
_cell.angle_alpha   90.00
_cell.angle_beta   90.00
_cell.angle_gamma   90.00
#
_symmetry.space_group_name_H-M   'P 1'
#
loop_
_entity.id
_entity.type
_entity.pdbx_description
1 polymer 'CH848.10.17 gp120'
2 polymer 'CH848.10.17.SOSIP gp41'
3 polymer 'DH270.2 Variable Heavy chain'
4 polymer 'DH270.2 Variable light chain'
5 branched alpha-D-mannopyranose-(1-3)-[alpha-D-mannopyranose-(1-6)]beta-D-mannopyranose-(1-4)-2-acetamido-2-deoxy-beta-D-glucopyranose-(1-4)-2-acetamido-2-deoxy-beta-D-glucopyranose
6 branched alpha-D-mannopyranose-(1-2)-alpha-D-mannopyranose-(1-2)-alpha-D-mannopyranose-(1-3)-[alpha-D-mannopyranose-(1-2)-alpha-D-mannopyranose-(1-3)-[alpha-D-mannopyranose-(1-2)-alpha-D-mannopyranose-(1-6)]alpha-D-mannopyranose-(1-6)]beta-D-mannopyranose-(1-4)-2-acetamido-2-deoxy-beta-D-glucopyranose-(1-4)-2-acetamido-2-deoxy-beta-D-glucopyranose
7 branched alpha-D-mannopyranose-(1-2)-alpha-D-mannopyranose-(1-2)-alpha-D-mannopyranose-(1-3)-[alpha-D-mannopyranose-(1-6)]beta-D-mannopyranose-(1-4)-2-acetamido-2-deoxy-beta-D-glucopyranose-(1-4)-2-acetamido-2-deoxy-beta-D-glucopyranose
8 branched alpha-D-mannopyranose-(1-3)-beta-D-mannopyranose-(1-4)-2-acetamido-2-deoxy-beta-D-glucopyranose-(1-4)-2-acetamido-2-deoxy-beta-D-glucopyranose
9 branched alpha-D-mannopyranose-(1-2)-alpha-D-mannopyranose-(1-3)-[alpha-D-mannopyranose-(1-6)]beta-D-mannopyranose-(1-4)-2-acetamido-2-deoxy-beta-D-glucopyranose-(1-4)-2-acetamido-2-deoxy-beta-D-glucopyranose
10 branched beta-D-mannopyranose-(1-4)-2-acetamido-2-deoxy-beta-D-glucopyranose-(1-4)-2-acetamido-2-deoxy-beta-D-glucopyranose
#
loop_
_entity_poly.entity_id
_entity_poly.type
_entity_poly.pdbx_seq_one_letter_code
_entity_poly.pdbx_strand_id
1 'polypeptide(L)'
;AENLWVTVYYGVPVWKEAKTTLFCASDARAYEKEVHNVWATHACVPTDPSPQELVLGNVTENFNMWKNDMVDQMHEDIIS
LWDQSLKPCVKLTPLCVTLICSNATVKNGTVEEMKNCSFNTTTEIRDKEKKEYALFYKPDIVPLSETNNTSEYRLINCNT
SACTQACPKVTFEPIPIHYCAPAGYAILKCNDETFNGTGPCSNVSTVQCTHGIRPVVSTQLLLNGSLAEKEIVIRSENLT
NNAKIIIVHLHTPVEIVCTRPNNNTRKSVRIGPGQTFYATGDIIGDIKQAHCNISEEKWNDTLQKVGIELQKHFPNKTIK
YNQSAGGDMEITTHSFNCGGEFFYCNTSNLFNGTYNGTYISTNSSANSTSTITLQCRIKQIINMWQGVGRCMYAPPIAGN
ITCRSNITGLLLTRDGGTNSNETETFRPAGGDMRDNWRSELYKYKVVKIEPLGVAPTRCKRRVVGRRRRRR
;
A,F,K
2 'polypeptide(L)'
;AVGIGAVFLGFLGAAGSTMGAASMTLTVQARNLLSGTVWGIKQLQARVLAVERYLRDQQLLGIWGCSGKLICCTNVPWNS
SWSNRNLSEIWDNMTWLQWDKEISNYTQIIYGLLEESQNQQEKNEQDLLALD
;
B,G,L
3 'polypeptide(L)'
;EVQLVESGPELKEPGASVKVSCKASGYTFTDYYIHWVRQAPGQGLEWMAWINPTTGRSSFARGFQGRVTMTRETSVSTAY
MELRRLRSDDTAVYYCAKAGYIALYVDYSGYPNFNSWGQGTLVTVSS
;
C,H,M
4 'polypeptide(L)'
;QSALTQPASVSGSPGQSITISCTGTSYDVGSYNLVSWYQQHPGKAPKLIIYEVSQWPSGVSKRFSGSKSGNTASLTISGL
QAEDEAHYYCCSYAGSSTVIFGGGTSLTVL
;
D,I,N
#
loop_
_chem_comp.id
_chem_comp.type
_chem_comp.name
_chem_comp.formula
BMA D-saccharide, beta linking beta-D-mannopyranose 'C6 H12 O6'
MAN D-saccharide, alpha linking alpha-D-mannopyranose 'C6 H12 O6'
NAG D-saccharide, beta linking 2-acetamido-2-deoxy-beta-D-glucopyranose 'C8 H15 N O6'
#
# COMPACT_ATOMS: atom_id res chain seq x y z
N GLU A 2 0.78 46.05 52.76
CA GLU A 2 1.38 44.70 52.78
C GLU A 2 1.91 44.33 51.40
N ASN A 3 3.04 43.62 51.37
CA ASN A 3 3.69 43.27 50.11
C ASN A 3 2.97 42.09 49.44
N LEU A 4 3.26 41.92 48.15
CA LEU A 4 2.61 40.92 47.31
C LEU A 4 3.65 40.05 46.61
N TRP A 5 3.35 38.76 46.51
CA TRP A 5 4.20 37.80 45.82
C TRP A 5 3.39 37.06 44.76
N VAL A 6 4.04 36.78 43.63
CA VAL A 6 3.37 36.06 42.55
C VAL A 6 3.10 34.63 42.98
N THR A 7 1.91 34.14 42.66
CA THR A 7 1.47 32.80 43.01
C THR A 7 0.94 32.11 41.76
N VAL A 8 1.40 30.89 41.51
CA VAL A 8 1.02 30.12 40.33
C VAL A 8 -0.12 29.18 40.71
N TYR A 9 -1.19 29.24 39.91
CA TYR A 9 -2.39 28.44 40.06
C TYR A 9 -2.45 27.41 38.94
N TYR A 10 -2.65 26.15 39.30
CA TYR A 10 -2.91 25.10 38.32
C TYR A 10 -4.39 24.75 38.30
N GLY A 11 -4.83 24.18 37.19
CA GLY A 11 -6.22 23.80 37.05
C GLY A 11 -7.13 24.95 36.67
N VAL A 12 -6.64 25.90 35.88
CA VAL A 12 -7.42 27.09 35.57
C VAL A 12 -8.28 26.82 34.34
N PRO A 13 -9.48 27.41 34.22
CA PRO A 13 -10.10 27.49 32.90
C PRO A 13 -9.57 28.67 32.08
N VAL A 14 -8.77 28.39 31.07
CA VAL A 14 -8.29 29.38 30.12
C VAL A 14 -8.30 28.74 28.74
N TRP A 15 -8.68 29.53 27.73
CA TRP A 15 -8.94 29.03 26.39
C TRP A 15 -8.04 29.69 25.36
N LYS A 16 -7.83 28.98 24.26
CA LYS A 16 -7.24 29.52 23.04
C LYS A 16 -7.68 28.65 21.89
N GLU A 17 -8.30 29.26 20.89
CA GLU A 17 -8.76 28.53 19.71
C GLU A 17 -7.54 28.12 18.89
N ALA A 18 -7.44 26.84 18.57
CA ALA A 18 -6.27 26.32 17.85
C ALA A 18 -6.63 25.02 17.16
N LYS A 19 -5.82 24.67 16.17
CA LYS A 19 -6.01 23.44 15.43
C LYS A 19 -5.62 22.25 16.29
N THR A 20 -6.27 21.11 16.05
CA THR A 20 -5.95 19.90 16.77
C THR A 20 -6.57 18.69 16.08
N THR A 21 -5.87 17.56 16.17
CA THR A 21 -6.43 16.31 15.69
C THR A 21 -7.66 15.97 16.52
N LEU A 22 -8.60 15.26 15.90
CA LEU A 22 -9.90 14.95 16.50
C LEU A 22 -10.23 13.48 16.31
N PHE A 23 -10.87 12.90 17.33
CA PHE A 23 -11.32 11.52 17.25
C PHE A 23 -12.45 11.40 16.22
N CYS A 24 -12.89 10.18 16.00
CA CYS A 24 -14.22 9.90 15.47
C CYS A 24 -14.87 8.86 16.38
N ALA A 25 -16.10 9.15 16.82
CA ALA A 25 -16.85 8.25 17.68
C ALA A 25 -18.23 8.02 17.10
N SER A 26 -18.70 6.78 17.20
CA SER A 26 -19.85 6.31 16.44
C SER A 26 -21.00 5.94 17.36
N ASP A 27 -22.22 6.07 16.84
CA ASP A 27 -23.42 5.69 17.57
C ASP A 27 -23.64 4.19 17.45
N ALA A 28 -24.70 3.71 18.11
CA ALA A 28 -24.85 2.27 18.32
C ALA A 28 -25.33 1.55 17.06
N ARG A 29 -25.85 2.27 16.08
CA ARG A 29 -26.55 1.63 14.97
C ARG A 29 -25.63 1.11 13.87
N ALA A 30 -24.34 0.93 14.18
CA ALA A 30 -23.41 0.22 13.31
C ALA A 30 -22.69 -0.94 13.96
N TYR A 31 -22.78 -1.08 15.29
CA TYR A 31 -22.05 -2.13 15.98
C TYR A 31 -22.71 -3.49 15.87
N GLU A 32 -23.90 -3.58 15.27
CA GLU A 32 -24.56 -4.86 15.05
C GLU A 32 -24.10 -5.55 13.76
N LYS A 33 -23.38 -4.84 12.89
CA LYS A 33 -22.94 -5.40 11.63
C LYS A 33 -21.64 -6.17 11.81
N GLU A 34 -21.07 -6.62 10.69
CA GLU A 34 -19.74 -7.22 10.71
C GLU A 34 -18.69 -6.13 10.80
N VAL A 35 -17.43 -6.57 10.98
CA VAL A 35 -16.33 -5.61 11.06
C VAL A 35 -16.13 -4.95 9.70
N HIS A 36 -16.00 -3.62 9.72
CA HIS A 36 -15.76 -2.77 8.57
C HIS A 36 -16.99 -2.58 7.68
N ASN A 37 -18.15 -3.14 8.08
CA ASN A 37 -19.42 -2.84 7.44
C ASN A 37 -20.30 -1.95 8.31
N VAL A 38 -20.01 -0.65 8.44
CA VAL A 38 -19.02 0.21 7.79
C VAL A 38 -18.05 0.69 8.88
N TRP A 39 -17.10 1.54 8.48
CA TRP A 39 -16.02 2.06 9.33
C TRP A 39 -16.43 2.38 10.76
N ALA A 40 -17.63 2.91 10.95
CA ALA A 40 -18.10 3.30 12.27
C ALA A 40 -18.14 2.12 13.23
N THR A 41 -18.31 0.89 12.73
CA THR A 41 -18.39 -0.28 13.59
C THR A 41 -17.04 -0.75 14.11
N HIS A 42 -15.95 -0.39 13.43
CA HIS A 42 -14.67 -1.07 13.59
C HIS A 42 -13.55 -0.13 13.97
N ALA A 43 -13.56 1.08 13.41
CA ALA A 43 -12.47 2.03 13.60
C ALA A 43 -12.80 3.07 14.67
N CYS A 44 -13.91 3.80 14.49
CA CYS A 44 -14.25 4.87 15.41
C CYS A 44 -14.56 4.31 16.79
N VAL A 45 -14.14 5.05 17.82
CA VAL A 45 -14.24 4.61 19.21
C VAL A 45 -15.71 4.54 19.62
N PRO A 46 -16.10 3.63 20.52
CA PRO A 46 -17.51 3.63 20.97
C PRO A 46 -17.87 4.91 21.70
N THR A 47 -19.14 5.30 21.59
CA THR A 47 -19.62 6.55 22.15
C THR A 47 -20.08 6.36 23.59
N ASP A 48 -20.62 7.45 24.14
CA ASP A 48 -21.30 7.45 25.43
C ASP A 48 -22.37 8.53 25.36
N PRO A 49 -23.64 8.25 25.68
CA PRO A 49 -24.66 9.31 25.60
C PRO A 49 -24.41 10.49 26.51
N SER A 50 -23.68 10.31 27.61
CA SER A 50 -23.48 11.31 28.65
C SER A 50 -21.99 11.61 28.75
N PRO A 51 -21.62 12.77 29.35
CA PRO A 51 -22.44 13.86 29.88
C PRO A 51 -23.09 14.72 28.81
N GLN A 52 -24.22 15.34 29.14
CA GLN A 52 -24.85 16.30 28.24
C GLN A 52 -24.10 17.62 28.30
N GLU A 53 -24.69 18.64 27.66
CA GLU A 53 -24.07 19.96 27.60
C GLU A 53 -24.00 20.58 28.99
N LEU A 54 -22.78 20.80 29.48
CA LEU A 54 -22.58 21.36 30.82
C LEU A 54 -22.71 22.87 30.75
N VAL A 55 -23.82 23.40 31.27
CA VAL A 55 -24.07 24.84 31.17
C VAL A 55 -23.00 25.60 31.93
N LEU A 56 -22.69 26.80 31.46
CA LEU A 56 -21.64 27.64 32.02
C LEU A 56 -22.25 28.97 32.44
N GLY A 57 -21.93 29.39 33.67
CA GLY A 57 -22.70 30.44 34.32
C GLY A 57 -22.51 31.82 33.72
N ASN A 58 -21.26 32.21 33.43
CA ASN A 58 -20.94 33.61 33.11
C ASN A 58 -20.00 33.74 31.92
N VAL A 59 -20.14 32.88 30.90
CA VAL A 59 -19.15 32.86 29.83
C VAL A 59 -19.50 33.86 28.73
N THR A 60 -18.50 34.20 27.94
CA THR A 60 -18.65 35.11 26.81
C THR A 60 -17.56 34.77 25.80
N GLU A 61 -17.96 34.21 24.66
CA GLU A 61 -17.03 33.60 23.72
C GLU A 61 -17.36 34.03 22.30
N ASN A 62 -16.31 34.19 21.50
CA ASN A 62 -16.45 34.53 20.09
C ASN A 62 -16.72 33.26 19.29
N PHE A 63 -17.51 33.40 18.21
CA PHE A 63 -17.84 32.27 17.34
C PHE A 63 -17.81 32.74 15.89
N ASN A 64 -16.65 32.59 15.25
CA ASN A 64 -16.57 32.65 13.80
C ASN A 64 -16.72 31.24 13.26
N MET A 65 -17.77 31.03 12.45
CA MET A 65 -18.11 29.70 11.98
C MET A 65 -17.52 29.40 10.61
N TRP A 66 -17.42 30.40 9.74
CA TRP A 66 -16.99 30.13 8.37
C TRP A 66 -15.51 29.81 8.29
N LYS A 67 -14.71 30.29 9.24
CA LYS A 67 -13.31 29.92 9.34
C LYS A 67 -13.08 28.75 10.29
N ASN A 68 -14.14 28.08 10.73
CA ASN A 68 -14.01 26.91 11.60
C ASN A 68 -13.20 25.83 10.91
N ASP A 69 -12.07 25.45 11.49
CA ASP A 69 -11.20 24.47 10.84
C ASP A 69 -11.81 23.08 10.78
N MET A 70 -12.82 22.80 11.61
CA MET A 70 -13.34 21.44 11.72
C MET A 70 -13.90 20.94 10.39
N VAL A 71 -14.36 21.84 9.53
CA VAL A 71 -14.80 21.41 8.21
C VAL A 71 -13.64 20.84 7.42
N ASP A 72 -12.48 21.50 7.45
CA ASP A 72 -11.32 20.96 6.75
C ASP A 72 -10.84 19.67 7.41
N GLN A 73 -10.82 19.65 8.75
CA GLN A 73 -10.47 18.45 9.50
C GLN A 73 -11.46 17.35 9.32
N MET A 74 -12.65 17.59 8.77
CA MET A 74 -13.58 16.54 8.36
C MET A 74 -13.65 16.35 6.87
N HIS A 75 -13.38 17.39 6.07
CA HIS A 75 -13.28 17.17 4.64
C HIS A 75 -12.14 16.21 4.32
N GLU A 76 -10.94 16.50 4.82
CA GLU A 76 -9.83 15.59 4.59
C GLU A 76 -10.06 14.24 5.24
N ASP A 77 -10.74 14.21 6.38
CA ASP A 77 -11.06 12.94 7.02
C ASP A 77 -11.91 12.07 6.10
N ILE A 78 -12.96 12.65 5.52
CA ILE A 78 -13.87 11.86 4.68
C ILE A 78 -13.17 11.46 3.38
N ILE A 79 -12.38 12.36 2.79
CA ILE A 79 -11.68 11.99 1.56
C ILE A 79 -10.68 10.86 1.83
N SER A 80 -9.94 10.93 2.93
CA SER A 80 -8.98 9.87 3.22
C SER A 80 -9.70 8.56 3.56
N LEU A 81 -10.78 8.64 4.34
CA LEU A 81 -11.49 7.44 4.75
C LEU A 81 -12.17 6.76 3.57
N TRP A 82 -12.89 7.53 2.76
CA TRP A 82 -13.62 6.94 1.64
C TRP A 82 -12.66 6.34 0.63
N ASP A 83 -11.64 7.10 0.24
CA ASP A 83 -10.68 6.62 -0.75
C ASP A 83 -9.91 5.40 -0.27
N GLN A 84 -9.85 5.15 1.04
CA GLN A 84 -9.29 3.92 1.56
C GLN A 84 -10.30 2.78 1.58
N SER A 85 -11.59 3.10 1.56
CA SER A 85 -12.60 2.05 1.61
C SER A 85 -12.72 1.30 0.29
N LEU A 86 -12.39 1.96 -0.82
CA LEU A 86 -12.51 1.32 -2.14
C LEU A 86 -11.28 0.53 -2.54
N LYS A 87 -10.25 0.47 -1.70
CA LYS A 87 -9.01 -0.19 -2.09
C LYS A 87 -9.16 -1.65 -2.46
N PRO A 88 -9.80 -2.52 -1.68
CA PRO A 88 -9.75 -3.96 -2.00
C PRO A 88 -10.60 -4.37 -3.19
N CYS A 89 -11.53 -3.54 -3.64
CA CYS A 89 -12.46 -3.96 -4.66
C CYS A 89 -11.82 -3.86 -6.05
N VAL A 90 -12.51 -4.45 -7.04
CA VAL A 90 -11.99 -4.51 -8.39
C VAL A 90 -11.78 -3.10 -8.93
N LYS A 91 -10.66 -2.90 -9.63
CA LYS A 91 -10.36 -1.62 -10.26
C LYS A 91 -10.81 -1.60 -11.71
N LEU A 92 -12.07 -2.00 -11.95
CA LEU A 92 -12.69 -2.23 -13.26
C LEU A 92 -11.65 -2.58 -14.32
N THR A 93 -11.14 -1.56 -15.07
CA THR A 93 -10.09 -1.60 -16.08
C THR A 93 -10.38 -2.56 -17.23
N PRO A 94 -10.56 -3.88 -17.06
CA PRO A 94 -11.31 -4.64 -18.07
C PRO A 94 -12.80 -4.30 -18.18
N LEU A 95 -13.11 -3.05 -18.50
CA LEU A 95 -14.35 -2.72 -19.20
C LEU A 95 -14.17 -1.65 -20.26
N CYS A 96 -12.99 -1.03 -20.37
CA CYS A 96 -12.74 -0.04 -21.42
C CYS A 96 -12.64 -0.80 -22.74
N VAL A 97 -13.80 -1.19 -23.27
CA VAL A 97 -13.89 -2.07 -24.42
C VAL A 97 -14.89 -1.48 -25.40
N THR A 98 -14.73 -1.83 -26.66
CA THR A 98 -15.65 -1.38 -27.71
C THR A 98 -17.02 -1.97 -27.46
N LEU A 99 -17.97 -1.13 -27.06
CA LEU A 99 -19.35 -1.56 -26.88
C LEU A 99 -20.11 -1.43 -28.20
N ILE A 100 -20.55 -2.56 -28.76
CA ILE A 100 -21.34 -2.60 -29.99
C ILE A 100 -22.75 -2.99 -29.61
N CYS A 101 -23.70 -2.06 -29.79
CA CYS A 101 -24.97 -2.21 -29.10
C CYS A 101 -26.20 -1.53 -29.74
N SER A 102 -27.15 -1.12 -28.91
CA SER A 102 -28.59 -1.38 -29.05
C SER A 102 -29.17 -1.14 -30.44
N ASN A 103 -30.28 -1.83 -30.68
CA ASN A 103 -31.16 -1.61 -31.82
C ASN A 103 -31.89 -0.28 -31.64
N ALA A 104 -32.81 0.01 -32.57
CA ALA A 104 -33.49 1.30 -32.59
C ALA A 104 -34.31 1.54 -31.33
N THR A 105 -34.36 2.80 -30.91
CA THR A 105 -35.17 3.21 -29.77
C THR A 105 -36.64 3.16 -30.12
N VAL A 106 -37.47 2.84 -29.13
CA VAL A 106 -38.91 2.69 -29.37
C VAL A 106 -39.58 4.06 -29.41
N LYS A 107 -40.25 4.33 -30.53
CA LYS A 107 -41.14 5.49 -30.70
C LYS A 107 -40.44 6.82 -30.40
N ASN A 108 -39.14 6.87 -30.73
CA ASN A 108 -38.36 8.12 -30.78
C ASN A 108 -38.48 8.93 -29.49
N GLY A 109 -38.29 8.24 -28.36
CA GLY A 109 -38.27 8.91 -27.08
C GLY A 109 -39.62 9.09 -26.40
N THR A 110 -40.64 8.34 -26.80
CA THR A 110 -41.90 8.31 -26.06
C THR A 110 -41.80 7.24 -24.97
N VAL A 111 -40.74 7.30 -24.16
CA VAL A 111 -40.39 6.21 -23.28
C VAL A 111 -39.35 6.71 -22.29
N GLU A 112 -39.29 6.08 -21.13
CA GLU A 112 -38.27 6.37 -20.11
C GLU A 112 -37.06 5.45 -20.29
N GLU A 113 -36.20 5.80 -21.24
CA GLU A 113 -35.34 4.82 -21.87
C GLU A 113 -34.09 4.53 -21.03
N MET A 114 -33.61 3.30 -21.13
CA MET A 114 -32.24 2.92 -20.80
C MET A 114 -31.69 2.00 -21.88
N LYS A 115 -30.38 2.08 -22.11
CA LYS A 115 -29.76 1.46 -23.27
C LYS A 115 -29.05 0.16 -22.90
N ASN A 116 -29.25 -0.84 -23.76
CA ASN A 116 -28.66 -2.16 -23.61
C ASN A 116 -27.35 -2.18 -24.37
N CYS A 117 -26.33 -2.83 -23.82
CA CYS A 117 -25.10 -3.01 -24.57
C CYS A 117 -24.37 -4.28 -24.18
N SER A 118 -23.60 -4.79 -25.14
CA SER A 118 -22.83 -6.03 -25.04
C SER A 118 -21.39 -5.75 -25.37
N PHE A 119 -20.50 -6.61 -24.87
CA PHE A 119 -19.07 -6.31 -24.85
C PHE A 119 -18.29 -7.58 -24.59
N ASN A 120 -16.99 -7.54 -24.92
CA ASN A 120 -16.09 -8.67 -24.75
C ASN A 120 -15.29 -8.49 -23.47
N THR A 121 -15.20 -9.56 -22.67
CA THR A 121 -14.55 -9.52 -21.37
C THR A 121 -13.41 -10.53 -21.32
N THR A 122 -12.41 -10.22 -20.49
CA THR A 122 -11.35 -11.18 -20.19
C THR A 122 -11.89 -12.19 -19.19
N THR A 123 -12.32 -13.35 -19.68
CA THR A 123 -12.92 -14.36 -18.83
C THR A 123 -11.83 -14.97 -17.94
N GLU A 124 -12.19 -16.03 -17.20
CA GLU A 124 -11.26 -16.61 -16.24
C GLU A 124 -9.97 -17.12 -16.88
N ILE A 125 -10.00 -17.46 -18.17
CA ILE A 125 -8.80 -17.78 -18.94
C ILE A 125 -8.39 -16.49 -19.65
N ARG A 126 -7.09 -16.20 -19.63
CA ARG A 126 -6.62 -14.90 -20.11
C ARG A 126 -6.95 -14.69 -21.58
N ASP A 127 -6.59 -15.64 -22.44
CA ASP A 127 -6.63 -15.45 -23.89
C ASP A 127 -7.73 -16.26 -24.55
N LYS A 128 -8.88 -16.40 -23.89
CA LYS A 128 -10.07 -17.05 -24.44
C LYS A 128 -11.31 -16.24 -24.12
N GLU A 129 -11.25 -14.94 -24.44
CA GLU A 129 -12.28 -13.97 -24.07
C GLU A 129 -13.66 -14.42 -24.54
N LYS A 130 -14.69 -13.90 -23.88
CA LYS A 130 -16.07 -14.32 -24.07
C LYS A 130 -16.96 -13.10 -24.21
N LYS A 131 -18.07 -13.26 -24.91
CA LYS A 131 -19.03 -12.17 -25.08
C LYS A 131 -20.00 -12.15 -23.91
N GLU A 132 -20.51 -10.96 -23.61
CA GLU A 132 -21.36 -10.77 -22.44
C GLU A 132 -22.30 -9.60 -22.74
N TYR A 133 -23.43 -9.57 -22.03
CA TYR A 133 -24.40 -8.51 -22.20
C TYR A 133 -24.79 -7.93 -20.85
N ALA A 134 -25.05 -6.64 -20.85
CA ALA A 134 -25.46 -5.91 -19.66
C ALA A 134 -26.25 -4.69 -20.12
N LEU A 135 -26.65 -3.87 -19.18
CA LEU A 135 -27.35 -2.63 -19.49
C LEU A 135 -26.85 -1.51 -18.58
N PHE A 136 -26.86 -0.29 -19.10
CA PHE A 136 -26.36 0.87 -18.37
C PHE A 136 -27.34 2.02 -18.56
N TYR A 137 -27.35 2.95 -17.60
CA TYR A 137 -28.11 4.18 -17.77
C TYR A 137 -27.35 5.12 -18.69
N LYS A 138 -28.09 5.98 -19.39
CA LYS A 138 -27.51 6.70 -20.52
C LYS A 138 -26.33 7.62 -20.17
N PRO A 139 -26.29 8.30 -19.03
CA PRO A 139 -25.13 9.20 -18.77
C PRO A 139 -23.78 8.49 -18.73
N ASP A 140 -23.74 7.18 -18.57
CA ASP A 140 -22.49 6.44 -18.50
C ASP A 140 -22.09 5.78 -19.81
N ILE A 141 -22.63 6.24 -20.94
CA ILE A 141 -22.20 5.79 -22.26
C ILE A 141 -21.96 7.02 -23.12
N VAL A 142 -20.92 6.95 -23.94
CA VAL A 142 -20.48 8.07 -24.79
C VAL A 142 -20.26 7.56 -26.21
N PRO A 143 -20.59 8.31 -27.26
CA PRO A 143 -20.22 7.86 -28.61
C PRO A 143 -18.71 7.79 -28.79
N LEU A 144 -18.26 6.78 -29.53
CA LEU A 144 -16.84 6.53 -29.71
C LEU A 144 -16.35 7.02 -31.06
N SER A 145 -17.13 6.82 -32.11
CA SER A 145 -16.62 6.92 -33.47
C SER A 145 -16.19 8.34 -33.79
N GLU A 146 -15.08 8.44 -34.53
CA GLU A 146 -14.64 9.72 -35.06
C GLU A 146 -15.63 10.30 -36.06
N THR A 147 -16.48 9.47 -36.66
CA THR A 147 -17.50 9.89 -37.61
C THR A 147 -18.85 9.98 -36.90
N ASN A 148 -19.91 10.17 -37.69
CA ASN A 148 -21.26 10.24 -37.16
C ASN A 148 -21.78 8.89 -36.68
N ASN A 149 -21.06 7.79 -36.95
CA ASN A 149 -21.54 6.43 -36.70
C ASN A 149 -21.97 6.24 -35.27
N THR A 150 -23.15 5.64 -35.09
CA THR A 150 -23.76 5.38 -33.79
C THR A 150 -23.63 3.94 -33.34
N SER A 151 -22.97 3.08 -34.10
CA SER A 151 -22.99 1.66 -33.78
C SER A 151 -22.17 1.33 -32.55
N GLU A 152 -21.04 2.02 -32.35
CA GLU A 152 -20.07 1.66 -31.32
C GLU A 152 -20.08 2.70 -30.22
N TYR A 153 -19.91 2.25 -28.98
CA TYR A 153 -20.05 3.09 -27.80
C TYR A 153 -18.95 2.78 -26.80
N ARG A 154 -18.86 3.60 -25.76
CA ARG A 154 -17.82 3.50 -24.75
C ARG A 154 -18.39 3.95 -23.40
N LEU A 155 -17.82 3.42 -22.33
CA LEU A 155 -18.09 3.98 -21.01
C LEU A 155 -17.62 5.43 -20.97
N ILE A 156 -18.27 6.23 -20.13
CA ILE A 156 -17.92 7.65 -20.02
C ILE A 156 -16.53 7.84 -19.46
N ASN A 157 -15.99 6.84 -18.76
CA ASN A 157 -14.59 6.84 -18.39
C ASN A 157 -13.76 6.40 -19.57
N CYS A 158 -12.49 6.07 -19.33
CA CYS A 158 -11.48 5.72 -20.32
C CYS A 158 -10.92 6.99 -20.98
N ASN A 159 -11.54 8.15 -20.71
CA ASN A 159 -10.93 9.44 -21.03
C ASN A 159 -10.43 10.10 -19.75
N THR A 160 -11.15 9.92 -18.65
CA THR A 160 -10.72 10.34 -17.33
C THR A 160 -9.90 9.22 -16.69
N SER A 161 -9.66 9.32 -15.38
CA SER A 161 -8.89 8.32 -14.66
C SER A 161 -9.61 6.98 -14.61
N ALA A 162 -8.93 5.95 -14.13
CA ALA A 162 -9.54 4.64 -13.99
C ALA A 162 -10.46 4.61 -12.77
N CYS A 163 -11.20 3.52 -12.65
CA CYS A 163 -12.33 3.42 -11.72
C CYS A 163 -12.15 2.25 -10.77
N THR A 164 -13.12 2.11 -9.88
CA THR A 164 -13.24 0.95 -9.02
C THR A 164 -14.69 0.78 -8.63
N GLN A 165 -15.08 -0.45 -8.33
CA GLN A 165 -16.45 -0.79 -8.01
C GLN A 165 -16.60 -0.82 -6.49
N ALA A 166 -17.56 -0.06 -5.97
CA ALA A 166 -17.86 -0.16 -4.56
C ALA A 166 -18.34 -1.57 -4.26
N CYS A 167 -17.72 -2.20 -3.27
CA CYS A 167 -18.02 -3.60 -3.00
C CYS A 167 -19.45 -3.73 -2.48
N PRO A 168 -20.11 -4.87 -2.70
CA PRO A 168 -21.44 -5.06 -2.09
C PRO A 168 -21.38 -5.13 -0.57
N LYS A 169 -20.21 -5.39 0.01
CA LYS A 169 -20.13 -5.48 1.46
C LYS A 169 -20.46 -4.16 2.14
N VAL A 170 -19.98 -3.03 1.58
CA VAL A 170 -20.15 -1.75 2.25
C VAL A 170 -21.57 -1.24 2.05
N THR A 171 -21.95 -0.27 2.88
CA THR A 171 -23.25 0.38 2.79
C THR A 171 -23.05 1.88 2.88
N PHE A 172 -23.94 2.62 2.21
CA PHE A 172 -23.83 4.08 2.14
C PHE A 172 -24.76 4.81 3.11
N GLU A 173 -25.41 4.09 4.01
CA GLU A 173 -26.36 4.72 4.91
C GLU A 173 -25.61 5.73 5.80
N PRO A 174 -26.16 6.92 6.04
CA PRO A 174 -25.40 7.88 6.86
C PRO A 174 -25.38 7.52 8.34
N ILE A 175 -24.46 6.63 8.71
CA ILE A 175 -24.26 6.34 10.12
C ILE A 175 -23.75 7.61 10.80
N PRO A 176 -24.36 8.07 11.91
CA PRO A 176 -23.89 9.34 12.48
C PRO A 176 -22.51 9.21 13.08
N ILE A 177 -21.80 10.34 13.13
CA ILE A 177 -20.44 10.41 13.65
C ILE A 177 -20.40 11.46 14.75
N HIS A 178 -20.00 11.04 15.94
CA HIS A 178 -19.74 11.95 17.05
C HIS A 178 -18.29 12.39 16.97
N TYR A 179 -18.07 13.70 16.89
CA TYR A 179 -16.72 14.25 17.04
C TYR A 179 -16.42 14.59 18.48
N CYS A 180 -15.26 14.12 18.92
CA CYS A 180 -14.81 14.23 20.29
C CYS A 180 -13.35 14.66 20.26
N ALA A 181 -13.04 15.70 20.99
CA ALA A 181 -11.67 16.21 20.97
C ALA A 181 -10.79 15.37 21.89
N PRO A 182 -9.50 15.22 21.59
CA PRO A 182 -8.65 14.43 22.48
C PRO A 182 -8.51 15.14 23.82
N ALA A 183 -8.18 14.37 24.84
CA ALA A 183 -8.09 14.91 26.18
C ALA A 183 -7.08 16.06 26.22
N GLY A 184 -7.44 17.13 26.91
CA GLY A 184 -6.71 18.37 26.87
C GLY A 184 -7.32 19.45 26.04
N TYR A 185 -8.42 19.16 25.32
CA TYR A 185 -9.16 20.13 24.56
C TYR A 185 -10.64 20.05 24.93
N ALA A 186 -11.37 21.13 24.69
CA ALA A 186 -12.78 21.23 25.06
C ALA A 186 -13.61 21.63 23.84
N ILE A 187 -14.74 20.95 23.68
CA ILE A 187 -15.72 21.30 22.66
C ILE A 187 -16.72 22.28 23.26
N LEU A 188 -16.73 23.51 22.77
CA LEU A 188 -17.63 24.55 23.23
C LEU A 188 -18.77 24.72 22.24
N LYS A 189 -20.00 24.66 22.76
CA LYS A 189 -21.20 24.70 21.94
C LYS A 189 -21.85 26.07 22.07
N CYS A 190 -21.98 26.77 20.94
CA CYS A 190 -22.78 27.98 20.93
C CYS A 190 -24.25 27.62 21.07
N ASN A 191 -25.00 28.42 21.83
CA ASN A 191 -26.39 28.14 22.15
C ASN A 191 -27.29 29.36 21.96
N ASP A 192 -26.84 30.37 21.22
CA ASP A 192 -27.67 31.54 20.97
C ASP A 192 -28.65 31.23 19.85
N GLU A 193 -29.95 31.19 20.18
CA GLU A 193 -30.96 30.67 19.27
C GLU A 193 -31.04 31.45 17.96
N THR A 194 -30.69 32.73 17.96
CA THR A 194 -30.70 33.56 16.76
C THR A 194 -29.31 33.80 16.20
N PHE A 195 -28.35 32.94 16.53
CA PHE A 195 -26.97 33.13 16.08
C PHE A 195 -26.89 33.07 14.57
N ASN A 196 -26.35 34.13 13.97
CA ASN A 196 -26.31 34.23 12.52
C ASN A 196 -25.12 33.50 11.92
N GLY A 197 -23.99 33.47 12.64
CA GLY A 197 -22.80 32.82 12.13
C GLY A 197 -21.49 33.48 12.54
N THR A 198 -21.53 34.75 12.90
CA THR A 198 -20.34 35.47 13.32
C THR A 198 -20.69 36.32 14.53
N GLY A 199 -19.67 36.89 15.15
CA GLY A 199 -19.85 37.64 16.37
C GLY A 199 -19.87 36.73 17.58
N PRO A 200 -20.33 37.23 18.72
CA PRO A 200 -20.30 36.43 19.94
C PRO A 200 -21.53 35.57 20.13
N CYS A 201 -21.38 34.56 20.99
CA CYS A 201 -22.47 33.78 21.56
C CYS A 201 -22.49 34.03 23.05
N SER A 202 -23.56 34.65 23.54
CA SER A 202 -23.63 35.04 24.94
C SER A 202 -23.95 33.87 25.88
N ASN A 203 -24.64 32.85 25.38
CA ASN A 203 -24.94 31.64 26.14
C ASN A 203 -24.19 30.48 25.52
N VAL A 204 -23.18 29.97 26.22
CA VAL A 204 -22.26 28.97 25.68
C VAL A 204 -22.07 27.87 26.71
N SER A 205 -21.89 26.64 26.21
CA SER A 205 -21.71 25.47 27.03
C SER A 205 -20.51 24.68 26.53
N THR A 206 -20.22 23.57 27.19
CA THR A 206 -19.18 22.64 26.77
C THR A 206 -19.71 21.22 26.81
N VAL A 207 -19.18 20.38 25.93
CA VAL A 207 -19.56 18.96 25.85
C VAL A 207 -18.27 18.15 25.71
N GLN A 208 -18.33 16.90 26.18
CA GLN A 208 -17.20 16.00 25.98
C GLN A 208 -17.04 15.61 24.52
N CYS A 209 -18.14 15.21 23.86
CA CYS A 209 -18.13 14.90 22.44
C CYS A 209 -19.38 15.49 21.81
N THR A 210 -19.27 15.91 20.55
CA THR A 210 -20.42 16.48 19.85
C THR A 210 -21.51 15.44 19.65
N HIS A 211 -22.76 15.91 19.65
CA HIS A 211 -23.88 15.07 19.26
C HIS A 211 -23.77 14.72 17.78
N GLY A 212 -24.22 13.52 17.42
CA GLY A 212 -23.93 12.93 16.14
C GLY A 212 -24.34 13.75 14.93
N ILE A 213 -23.42 13.94 13.99
CA ILE A 213 -23.72 14.60 12.73
C ILE A 213 -23.97 13.56 11.66
N ARG A 214 -24.80 13.91 10.67
CA ARG A 214 -25.12 13.01 9.58
C ARG A 214 -24.22 13.33 8.40
N PRO A 215 -23.37 12.41 7.92
CA PRO A 215 -22.43 12.75 6.85
C PRO A 215 -23.00 12.72 5.44
N VAL A 216 -24.33 12.73 5.29
CA VAL A 216 -24.99 12.49 4.01
C VAL A 216 -24.53 13.47 2.93
N VAL A 217 -24.18 12.94 1.77
CA VAL A 217 -23.83 13.76 0.62
C VAL A 217 -25.12 14.22 -0.05
N SER A 218 -25.21 15.52 -0.36
CA SER A 218 -26.37 16.06 -1.04
C SER A 218 -26.06 17.49 -1.46
N THR A 219 -26.44 17.83 -2.69
CA THR A 219 -26.07 19.13 -3.25
C THR A 219 -27.03 20.24 -2.86
N GLN A 220 -28.28 20.18 -3.32
CA GLN A 220 -29.14 21.37 -3.26
C GLN A 220 -30.06 21.35 -2.04
N LEU A 221 -30.36 20.17 -1.51
CA LEU A 221 -31.20 20.03 -0.32
C LEU A 221 -30.50 19.10 0.66
N LEU A 222 -30.49 19.50 1.93
CA LEU A 222 -29.74 18.78 2.96
C LEU A 222 -30.66 17.71 3.55
N LEU A 223 -30.53 16.49 3.06
CA LEU A 223 -31.45 15.44 3.47
C LEU A 223 -31.13 14.97 4.89
N ASN A 224 -32.15 14.43 5.55
CA ASN A 224 -32.04 13.74 6.84
C ASN A 224 -31.33 14.58 7.90
N GLY A 225 -31.38 15.91 7.78
CA GLY A 225 -30.65 16.79 8.67
C GLY A 225 -31.37 17.03 9.97
N SER A 226 -30.70 17.79 10.84
CA SER A 226 -31.28 18.22 12.10
C SER A 226 -32.22 19.40 11.87
N LEU A 227 -32.77 19.93 12.95
CA LEU A 227 -33.79 20.98 12.89
C LEU A 227 -33.34 22.20 13.67
N ALA A 228 -33.68 23.38 13.15
CA ALA A 228 -33.58 24.59 13.94
C ALA A 228 -34.59 24.53 15.09
N GLU A 229 -34.16 24.98 16.27
CA GLU A 229 -34.98 24.78 17.46
C GLU A 229 -36.21 25.67 17.48
N LYS A 230 -36.10 26.91 16.98
CA LYS A 230 -37.16 27.90 17.08
C LYS A 230 -37.74 28.30 15.72
N GLU A 231 -36.90 28.72 14.79
CA GLU A 231 -37.39 29.40 13.59
C GLU A 231 -36.42 29.19 12.44
N ILE A 232 -36.86 29.61 11.25
CA ILE A 232 -35.98 29.61 10.10
C ILE A 232 -34.87 30.63 10.31
N VAL A 233 -33.65 30.23 10.01
CA VAL A 233 -32.47 31.09 10.15
C VAL A 233 -31.67 31.00 8.86
N ILE A 234 -30.92 32.07 8.58
CA ILE A 234 -30.19 32.21 7.33
C ILE A 234 -28.77 32.62 7.66
N ARG A 235 -27.81 32.14 6.88
CA ARG A 235 -26.40 32.33 7.16
C ARG A 235 -25.65 32.65 5.89
N SER A 236 -24.59 33.46 6.03
CA SER A 236 -23.65 33.70 4.97
C SER A 236 -22.42 34.34 5.58
N GLU A 237 -21.28 34.20 4.89
CA GLU A 237 -20.10 34.94 5.32
C GLU A 237 -20.35 36.44 5.21
N ASN A 238 -21.04 36.87 4.16
CA ASN A 238 -21.52 38.24 4.03
C ASN A 238 -22.56 38.26 2.92
N LEU A 239 -23.73 38.85 3.20
CA LEU A 239 -24.80 38.87 2.22
C LEU A 239 -24.50 39.81 1.05
N THR A 240 -23.57 40.76 1.23
CA THR A 240 -23.28 41.70 0.15
C THR A 240 -22.63 41.01 -1.04
N ASN A 241 -21.90 39.92 -0.81
CA ASN A 241 -21.23 39.18 -1.88
C ASN A 241 -22.22 38.16 -2.43
N ASN A 242 -22.70 38.41 -3.65
CA ASN A 242 -23.67 37.49 -4.25
C ASN A 242 -23.06 36.12 -4.54
N ALA A 243 -21.75 36.06 -4.79
CA ALA A 243 -21.10 34.80 -5.09
C ALA A 243 -21.05 33.86 -3.89
N LYS A 244 -21.19 34.38 -2.67
CA LYS A 244 -21.13 33.52 -1.49
C LYS A 244 -22.34 32.62 -1.41
N ILE A 245 -22.12 31.39 -0.93
CA ILE A 245 -23.23 30.51 -0.61
C ILE A 245 -24.04 31.13 0.51
N ILE A 246 -25.36 31.04 0.41
CA ILE A 246 -26.27 31.41 1.48
C ILE A 246 -27.00 30.15 1.94
N ILE A 247 -26.77 29.77 3.19
CA ILE A 247 -27.46 28.62 3.76
C ILE A 247 -28.80 29.08 4.31
N VAL A 248 -29.80 28.22 4.20
CA VAL A 248 -31.08 28.40 4.85
C VAL A 248 -31.34 27.15 5.68
N HIS A 249 -31.78 27.35 6.92
CA HIS A 249 -32.06 26.25 7.84
C HIS A 249 -33.52 26.35 8.25
N LEU A 250 -34.22 25.22 8.23
CA LEU A 250 -35.66 25.17 8.42
C LEU A 250 -36.02 24.66 9.81
N HIS A 251 -37.11 25.19 10.35
CA HIS A 251 -37.68 24.65 11.58
C HIS A 251 -38.67 23.53 11.25
N THR A 252 -39.64 23.81 10.39
CA THR A 252 -40.61 22.81 9.99
C THR A 252 -40.00 21.91 8.92
N PRO A 253 -39.95 20.59 9.09
CA PRO A 253 -39.32 19.74 8.07
C PRO A 253 -40.26 19.44 6.92
N VAL A 254 -39.85 19.80 5.71
CA VAL A 254 -40.56 19.37 4.51
C VAL A 254 -40.23 17.91 4.24
N GLU A 255 -41.25 17.12 3.94
CA GLU A 255 -41.09 15.68 3.75
C GLU A 255 -40.96 15.37 2.26
N ILE A 256 -39.86 14.72 1.88
CA ILE A 256 -39.56 14.36 0.50
C ILE A 256 -39.47 12.85 0.41
N VAL A 257 -40.13 12.28 -0.61
CA VAL A 257 -40.11 10.86 -0.88
C VAL A 257 -39.71 10.66 -2.33
N CYS A 258 -38.79 9.74 -2.57
CA CYS A 258 -38.29 9.43 -3.90
C CYS A 258 -38.39 7.93 -4.12
N THR A 259 -38.45 7.53 -5.38
CA THR A 259 -38.53 6.11 -5.70
C THR A 259 -38.09 5.89 -7.14
N ARG A 260 -37.68 4.66 -7.42
CA ARG A 260 -37.23 4.22 -8.75
C ARG A 260 -37.96 2.92 -9.05
N PRO A 261 -39.22 2.98 -9.46
CA PRO A 261 -40.06 1.77 -9.49
C PRO A 261 -39.74 0.79 -10.62
N ASN A 262 -38.77 1.05 -11.47
CA ASN A 262 -38.28 0.00 -12.36
C ASN A 262 -37.71 -1.11 -11.50
N ASN A 263 -38.26 -2.32 -11.65
CA ASN A 263 -37.77 -3.44 -10.87
C ASN A 263 -36.46 -3.97 -11.45
N ASN A 264 -35.43 -3.16 -11.29
CA ASN A 264 -34.10 -3.49 -11.78
C ASN A 264 -33.62 -4.78 -11.13
N THR A 265 -32.88 -5.59 -11.87
CA THR A 265 -32.43 -6.90 -11.43
C THR A 265 -30.92 -7.00 -11.51
N ARG A 266 -30.34 -7.72 -10.56
CA ARG A 266 -28.89 -7.81 -10.46
C ARG A 266 -28.35 -8.91 -11.36
N LYS A 267 -27.18 -8.66 -11.95
CA LYS A 267 -26.46 -9.64 -12.76
C LYS A 267 -25.00 -9.64 -12.33
N SER A 268 -24.34 -10.80 -12.47
CA SER A 268 -22.98 -11.00 -11.98
C SER A 268 -22.08 -11.51 -13.10
N VAL A 269 -21.54 -10.59 -13.88
CA VAL A 269 -20.42 -10.91 -14.76
C VAL A 269 -19.17 -11.12 -13.92
N ARG A 270 -18.23 -11.92 -14.44
CA ARG A 270 -16.94 -12.10 -13.79
C ARG A 270 -15.81 -11.72 -14.74
N ILE A 271 -14.74 -11.23 -14.14
CA ILE A 271 -13.67 -10.52 -14.83
C ILE A 271 -12.35 -11.13 -14.39
N GLY A 272 -11.66 -11.80 -15.32
CA GLY A 272 -10.34 -12.32 -15.05
C GLY A 272 -10.36 -13.35 -13.93
N PRO A 273 -9.35 -13.36 -13.06
CA PRO A 273 -9.36 -14.33 -11.97
C PRO A 273 -10.28 -13.90 -10.84
N GLY A 274 -11.30 -14.72 -10.57
CA GLY A 274 -12.04 -14.65 -9.33
C GLY A 274 -13.00 -13.50 -9.13
N GLN A 275 -12.52 -12.27 -9.32
CA GLN A 275 -13.22 -11.07 -8.87
C GLN A 275 -14.38 -10.75 -9.81
N THR A 276 -15.57 -10.57 -9.25
CA THR A 276 -16.77 -10.36 -10.05
C THR A 276 -16.93 -8.88 -10.38
N PHE A 277 -17.86 -8.63 -11.31
CA PHE A 277 -18.32 -7.29 -11.65
C PHE A 277 -19.82 -7.33 -11.88
N TYR A 278 -20.55 -6.42 -11.27
CA TYR A 278 -22.01 -6.44 -11.28
C TYR A 278 -22.56 -5.45 -12.29
N ALA A 279 -23.67 -5.79 -12.92
CA ALA A 279 -24.32 -4.92 -13.87
C ALA A 279 -25.80 -5.24 -13.94
N THR A 280 -26.57 -4.30 -14.46
CA THR A 280 -28.03 -4.45 -14.51
C THR A 280 -28.43 -5.44 -15.60
N GLY A 281 -29.26 -6.39 -15.22
CA GLY A 281 -29.84 -7.33 -16.16
C GLY A 281 -31.15 -6.82 -16.72
N ASP A 282 -31.94 -7.73 -17.24
CA ASP A 282 -33.23 -7.36 -17.82
C ASP A 282 -34.14 -6.76 -16.75
N ILE A 283 -34.81 -5.67 -17.10
CA ILE A 283 -35.83 -5.14 -16.21
C ILE A 283 -37.06 -6.03 -16.32
N ILE A 284 -37.46 -6.61 -15.20
CA ILE A 284 -38.77 -7.21 -15.07
C ILE A 284 -39.79 -6.10 -14.86
N GLY A 285 -40.91 -6.19 -15.57
CA GLY A 285 -41.95 -5.18 -15.49
C GLY A 285 -41.87 -4.19 -16.63
N ASP A 286 -42.72 -3.18 -16.55
CA ASP A 286 -42.84 -2.13 -17.55
C ASP A 286 -42.20 -0.87 -16.98
N ILE A 287 -41.26 -0.28 -17.72
CA ILE A 287 -40.39 0.73 -17.14
C ILE A 287 -41.18 2.02 -16.85
N LYS A 288 -40.74 2.73 -15.82
CA LYS A 288 -41.36 3.99 -15.41
C LYS A 288 -40.28 4.95 -14.91
N GLN A 289 -40.58 6.24 -14.97
CA GLN A 289 -39.60 7.27 -14.65
C GLN A 289 -39.26 7.27 -13.16
N ALA A 290 -38.00 7.55 -12.86
CA ALA A 290 -37.60 7.81 -11.48
C ALA A 290 -37.93 9.24 -11.10
N HIS A 291 -38.48 9.44 -9.91
CA HIS A 291 -39.06 10.73 -9.55
C HIS A 291 -38.97 10.95 -8.05
N CYS A 292 -39.22 12.20 -7.65
CA CYS A 292 -39.26 12.61 -6.26
C CYS A 292 -40.51 13.45 -6.01
N ASN A 293 -41.16 13.23 -4.87
CA ASN A 293 -42.42 13.86 -4.54
C ASN A 293 -42.30 14.70 -3.28
N ILE A 294 -42.91 15.88 -3.32
CA ILE A 294 -42.97 16.81 -2.19
C ILE A 294 -44.40 17.34 -2.11
N SER A 295 -44.92 17.49 -0.89
CA SER A 295 -46.26 18.02 -0.72
C SER A 295 -46.28 19.50 -1.06
N GLU A 296 -47.25 19.91 -1.88
CA GLU A 296 -47.23 21.25 -2.45
C GLU A 296 -47.48 22.33 -1.40
N GLU A 297 -48.46 22.13 -0.53
CA GLU A 297 -48.78 23.15 0.46
C GLU A 297 -47.62 23.36 1.43
N LYS A 298 -46.97 22.26 1.85
CA LYS A 298 -45.81 22.38 2.72
C LYS A 298 -44.72 23.21 2.05
N TRP A 299 -44.41 22.90 0.79
CA TRP A 299 -43.35 23.62 0.10
C TRP A 299 -43.71 25.09 -0.08
N ASN A 300 -44.97 25.37 -0.42
CA ASN A 300 -45.38 26.76 -0.60
C ASN A 300 -45.24 27.54 0.70
N ASP A 301 -45.76 26.98 1.80
CA ASP A 301 -45.69 27.67 3.08
C ASP A 301 -44.24 27.88 3.51
N THR A 302 -43.41 26.84 3.38
CA THR A 302 -42.03 26.93 3.83
C THR A 302 -41.24 27.90 2.97
N LEU A 303 -41.48 27.91 1.66
CA LEU A 303 -40.78 28.85 0.80
C LEU A 303 -41.20 30.28 1.10
N GLN A 304 -42.49 30.51 1.40
CA GLN A 304 -42.92 31.86 1.77
C GLN A 304 -42.31 32.29 3.09
N LYS A 305 -42.19 31.38 4.05
CA LYS A 305 -41.57 31.73 5.31
C LYS A 305 -40.10 32.06 5.12
N VAL A 306 -39.40 31.30 4.27
CA VAL A 306 -38.04 31.67 3.91
C VAL A 306 -38.03 33.02 3.22
N GLY A 307 -39.10 33.34 2.49
CA GLY A 307 -39.21 34.66 1.90
C GLY A 307 -39.20 35.76 2.94
N ILE A 308 -39.98 35.61 4.01
CA ILE A 308 -39.97 36.65 5.04
C ILE A 308 -38.61 36.69 5.73
N GLU A 309 -37.96 35.54 5.90
CA GLU A 309 -36.66 35.55 6.55
C GLU A 309 -35.61 36.23 5.68
N LEU A 310 -35.73 36.11 4.36
CA LEU A 310 -34.87 36.91 3.48
C LEU A 310 -35.23 38.39 3.56
N GLN A 311 -36.52 38.70 3.67
CA GLN A 311 -36.93 40.10 3.82
C GLN A 311 -36.41 40.72 5.10
N LYS A 312 -36.13 39.92 6.13
CA LYS A 312 -35.52 40.46 7.33
C LYS A 312 -34.19 41.13 7.03
N HIS A 313 -33.44 40.63 6.04
CA HIS A 313 -32.23 41.27 5.56
C HIS A 313 -32.45 42.11 4.32
N PHE A 314 -33.56 41.91 3.60
CA PHE A 314 -33.91 42.70 2.41
C PHE A 314 -35.35 43.19 2.53
N PRO A 315 -35.65 44.05 3.50
CA PRO A 315 -37.00 44.63 3.58
C PRO A 315 -37.31 45.57 2.41
N ASN A 316 -36.29 46.09 1.74
CA ASN A 316 -36.51 46.99 0.62
C ASN A 316 -37.11 46.29 -0.59
N LYS A 317 -36.86 44.99 -0.76
CA LYS A 317 -37.17 44.28 -1.99
C LYS A 317 -37.93 43.00 -1.68
N THR A 318 -38.74 42.56 -2.64
CA THR A 318 -39.47 41.31 -2.56
C THR A 318 -38.61 40.16 -3.09
N ILE A 319 -39.16 38.95 -3.05
CA ILE A 319 -38.42 37.71 -3.26
C ILE A 319 -39.04 36.94 -4.41
N LYS A 320 -38.19 36.43 -5.29
CA LYS A 320 -38.56 35.47 -6.32
C LYS A 320 -37.56 34.33 -6.27
N TYR A 321 -37.94 33.17 -6.80
CA TYR A 321 -37.06 32.01 -6.91
C TYR A 321 -37.02 31.54 -8.35
N ASN A 322 -35.87 31.00 -8.76
CA ASN A 322 -35.56 30.78 -10.16
C ASN A 322 -34.90 29.41 -10.32
N GLN A 323 -34.76 28.99 -11.58
CA GLN A 323 -34.11 27.74 -11.91
C GLN A 323 -32.60 27.83 -11.64
N SER A 324 -31.95 26.67 -11.63
CA SER A 324 -30.52 26.60 -11.33
C SER A 324 -29.71 27.37 -12.36
N ALA A 325 -28.42 27.52 -12.07
CA ALA A 325 -27.55 28.42 -12.82
C ALA A 325 -26.78 27.68 -13.93
N GLY A 326 -27.37 26.62 -14.47
CA GLY A 326 -26.72 25.95 -15.57
C GLY A 326 -25.51 25.15 -15.13
N GLY A 327 -24.67 24.82 -16.11
CA GLY A 327 -23.53 23.94 -15.88
C GLY A 327 -23.85 22.51 -16.29
N ASP A 328 -22.99 21.60 -15.85
CA ASP A 328 -23.13 20.19 -16.19
C ASP A 328 -24.10 19.50 -15.23
N MET A 329 -24.15 18.17 -15.30
CA MET A 329 -25.17 17.42 -14.58
C MET A 329 -24.95 17.51 -13.07
N GLU A 330 -23.70 17.34 -12.64
CA GLU A 330 -23.40 17.31 -11.20
C GLU A 330 -23.76 18.62 -10.52
N ILE A 331 -23.72 19.73 -11.25
CA ILE A 331 -23.90 21.05 -10.65
C ILE A 331 -25.33 21.55 -10.81
N THR A 332 -25.97 21.21 -11.93
CA THR A 332 -27.33 21.70 -12.17
C THR A 332 -28.32 21.09 -11.20
N THR A 333 -28.32 19.77 -11.09
CA THR A 333 -29.41 19.02 -10.48
C THR A 333 -29.13 18.71 -9.02
N HIS A 334 -30.19 18.66 -8.23
CA HIS A 334 -30.15 18.01 -6.94
C HIS A 334 -29.66 16.58 -7.12
N SER A 335 -28.61 16.22 -6.38
CA SER A 335 -28.04 14.89 -6.43
C SER A 335 -27.80 14.39 -5.02
N PHE A 336 -28.47 13.29 -4.68
CA PHE A 336 -28.38 12.71 -3.35
C PHE A 336 -28.44 11.21 -3.47
N ASN A 337 -27.90 10.52 -2.48
CA ASN A 337 -27.75 9.07 -2.58
C ASN A 337 -28.97 8.43 -1.93
N CYS A 338 -29.33 7.24 -2.40
CA CYS A 338 -30.58 6.61 -2.00
C CYS A 338 -30.48 5.09 -2.07
N GLY A 339 -30.13 4.46 -0.96
CA GLY A 339 -30.24 3.02 -0.85
C GLY A 339 -29.26 2.21 -1.68
N GLY A 340 -28.35 2.88 -2.40
CA GLY A 340 -27.39 2.21 -3.25
C GLY A 340 -27.21 2.92 -4.59
N GLU A 341 -28.26 3.54 -5.09
CA GLU A 341 -28.18 4.30 -6.32
C GLU A 341 -27.65 5.71 -6.03
N PHE A 342 -27.49 6.49 -7.10
CA PHE A 342 -27.14 7.90 -7.00
C PHE A 342 -28.13 8.70 -7.83
N PHE A 343 -29.17 9.21 -7.19
CA PHE A 343 -30.23 9.94 -7.86
C PHE A 343 -29.73 11.31 -8.30
N TYR A 344 -30.31 11.79 -9.40
CA TYR A 344 -30.11 13.14 -9.88
C TYR A 344 -31.48 13.64 -10.32
N CYS A 345 -31.88 14.82 -9.84
CA CYS A 345 -33.25 15.28 -9.99
C CYS A 345 -33.29 16.73 -10.47
N ASN A 346 -34.14 16.98 -11.47
CA ASN A 346 -34.35 18.33 -11.97
C ASN A 346 -35.18 19.12 -10.95
N THR A 347 -34.67 20.28 -10.55
CA THR A 347 -35.23 21.02 -9.42
C THR A 347 -36.10 22.20 -9.83
N SER A 348 -36.46 22.33 -11.11
CA SER A 348 -37.18 23.50 -11.57
C SER A 348 -38.52 23.65 -10.86
N ASN A 349 -39.22 22.54 -10.66
CA ASN A 349 -40.58 22.61 -10.15
C ASN A 349 -40.67 22.98 -8.68
N LEU A 350 -39.54 23.11 -7.98
CA LEU A 350 -39.51 23.57 -6.59
C LEU A 350 -39.08 25.02 -6.45
N PHE A 351 -38.62 25.67 -7.51
CA PHE A 351 -38.05 27.01 -7.45
C PHE A 351 -38.64 27.89 -8.55
N ASN A 352 -39.98 27.89 -8.62
CA ASN A 352 -40.71 28.73 -9.58
C ASN A 352 -41.70 29.67 -8.92
N GLY A 353 -41.72 29.77 -7.58
CA GLY A 353 -42.63 30.65 -6.88
C GLY A 353 -42.04 32.02 -6.60
N THR A 354 -42.76 32.80 -5.79
CA THR A 354 -42.32 34.12 -5.40
C THR A 354 -43.09 34.57 -4.16
N TYR A 355 -42.60 35.65 -3.53
CA TYR A 355 -43.21 36.19 -2.32
C TYR A 355 -43.03 37.71 -2.29
N ASN A 356 -44.13 38.42 -2.05
CA ASN A 356 -44.23 39.88 -2.15
C ASN A 356 -44.84 40.47 -0.88
N GLY A 357 -44.42 39.98 0.28
CA GLY A 357 -44.95 40.43 1.55
C GLY A 357 -46.21 39.72 1.99
N THR A 358 -47.05 39.33 1.02
CA THR A 358 -48.37 38.78 1.33
C THR A 358 -48.31 37.31 1.69
N TYR A 359 -48.42 36.99 2.98
CA TYR A 359 -48.48 35.60 3.41
C TYR A 359 -49.90 35.11 3.16
N ILE A 360 -50.04 34.11 2.28
CA ILE A 360 -51.35 33.63 1.88
C ILE A 360 -51.86 32.60 2.89
N SER A 361 -53.18 32.46 2.96
CA SER A 361 -53.81 31.50 3.86
C SER A 361 -53.58 30.07 3.39
N THR A 362 -52.31 29.62 3.44
CA THR A 362 -51.97 28.30 2.93
C THR A 362 -52.37 27.18 3.88
N ASN A 363 -52.28 27.42 5.19
CA ASN A 363 -52.56 26.42 6.22
C ASN A 363 -53.61 26.97 7.17
N SER A 364 -54.41 26.09 7.78
CA SER A 364 -54.42 24.63 7.75
C SER A 364 -54.94 24.07 6.42
N SER A 365 -54.65 22.79 6.18
CA SER A 365 -54.88 22.21 4.86
C SER A 365 -56.36 22.18 4.52
N ALA A 366 -56.68 22.65 3.30
CA ALA A 366 -58.03 22.50 2.76
C ALA A 366 -58.16 21.17 2.01
N ASN A 367 -57.17 20.82 1.21
CA ASN A 367 -57.13 19.54 0.51
C ASN A 367 -55.66 19.14 0.41
N SER A 368 -55.30 18.03 1.07
CA SER A 368 -53.91 17.62 1.18
C SER A 368 -53.42 16.81 -0.01
N THR A 369 -54.21 16.69 -1.08
CA THR A 369 -53.87 15.79 -2.17
C THR A 369 -52.88 16.39 -3.16
N SER A 370 -52.63 17.69 -3.12
CA SER A 370 -51.74 18.32 -4.09
C SER A 370 -50.29 18.04 -3.73
N THR A 371 -49.53 17.48 -4.69
CA THR A 371 -48.12 17.14 -4.51
C THR A 371 -47.35 17.42 -5.80
N ILE A 372 -46.21 18.10 -5.65
CA ILE A 372 -45.36 18.40 -6.80
C ILE A 372 -44.47 17.19 -7.09
N THR A 373 -44.01 17.10 -8.34
CA THR A 373 -43.20 15.97 -8.81
C THR A 373 -41.96 16.49 -9.51
N LEU A 374 -40.83 15.83 -9.26
CA LEU A 374 -39.57 16.13 -9.91
C LEU A 374 -39.15 14.94 -10.76
N GLN A 375 -38.81 15.21 -12.02
CA GLN A 375 -38.25 14.15 -12.87
C GLN A 375 -36.80 13.91 -12.49
N CYS A 376 -36.41 12.64 -12.37
CA CYS A 376 -35.08 12.28 -11.87
C CYS A 376 -34.42 11.26 -12.78
N ARG A 377 -33.17 11.55 -13.15
CA ARG A 377 -32.30 10.60 -13.84
C ARG A 377 -31.51 9.79 -12.84
N ILE A 378 -30.80 8.79 -13.35
CA ILE A 378 -30.02 7.86 -12.54
C ILE A 378 -28.65 7.72 -13.18
N LYS A 379 -27.64 7.50 -12.33
CA LYS A 379 -26.27 7.30 -12.78
C LYS A 379 -25.66 6.15 -12.00
N GLN A 380 -24.60 5.59 -12.57
CA GLN A 380 -23.76 4.62 -11.90
C GLN A 380 -22.31 5.05 -11.82
N ILE A 381 -21.81 5.74 -12.84
CA ILE A 381 -20.43 6.22 -12.87
C ILE A 381 -20.42 7.60 -12.21
N ILE A 382 -20.03 7.65 -10.94
CA ILE A 382 -20.05 8.87 -10.15
C ILE A 382 -18.67 9.51 -10.20
N ASN A 383 -18.54 10.61 -10.93
CA ASN A 383 -17.34 11.44 -10.82
C ASN A 383 -17.42 12.16 -9.48
N MET A 384 -16.97 11.45 -8.43
CA MET A 384 -17.52 11.66 -7.10
C MET A 384 -17.03 12.97 -6.49
N TRP A 385 -15.71 13.13 -6.34
CA TRP A 385 -15.15 14.45 -6.05
C TRP A 385 -14.20 14.81 -7.18
N GLN A 386 -14.02 16.10 -7.39
CA GLN A 386 -13.41 16.60 -8.61
C GLN A 386 -11.88 16.50 -8.50
N GLY A 387 -11.30 15.56 -9.25
CA GLY A 387 -9.87 15.36 -9.24
C GLY A 387 -9.34 14.53 -8.09
N VAL A 388 -10.11 13.54 -7.61
CA VAL A 388 -9.78 12.83 -6.38
C VAL A 388 -9.24 11.42 -6.61
N GLY A 389 -9.29 10.93 -7.86
CA GLY A 389 -9.32 9.50 -8.09
C GLY A 389 -10.77 9.09 -8.29
N ARG A 390 -11.39 9.74 -9.26
CA ARG A 390 -12.82 10.02 -9.26
C ARG A 390 -13.72 8.80 -9.30
N CYS A 391 -13.75 8.10 -10.43
CA CYS A 391 -14.96 7.36 -10.81
C CYS A 391 -15.19 6.11 -9.98
N MET A 392 -16.12 6.18 -9.03
CA MET A 392 -16.63 4.99 -8.35
C MET A 392 -17.74 4.43 -9.22
N TYR A 393 -17.81 3.10 -9.33
CA TYR A 393 -18.97 2.46 -9.96
C TYR A 393 -19.91 1.99 -8.87
N ALA A 394 -21.04 2.66 -8.71
CA ALA A 394 -22.03 2.22 -7.73
C ALA A 394 -22.73 0.98 -8.27
N PRO A 395 -22.70 -0.16 -7.57
CA PRO A 395 -23.31 -1.36 -8.13
C PRO A 395 -24.82 -1.20 -8.19
N PRO A 396 -25.48 -1.73 -9.22
CA PRO A 396 -26.94 -1.57 -9.29
C PRO A 396 -27.63 -2.52 -8.34
N ILE A 397 -28.66 -2.03 -7.64
CA ILE A 397 -29.28 -2.74 -6.53
C ILE A 397 -30.67 -3.19 -6.94
N ALA A 398 -30.97 -4.45 -6.66
CA ALA A 398 -32.21 -5.07 -7.11
C ALA A 398 -33.37 -4.64 -6.23
N GLY A 399 -34.58 -4.94 -6.71
CA GLY A 399 -35.78 -4.59 -5.99
C GLY A 399 -36.05 -3.11 -6.01
N ASN A 400 -37.32 -2.71 -5.93
CA ASN A 400 -37.62 -1.29 -5.94
C ASN A 400 -37.32 -0.69 -4.58
N ILE A 401 -36.94 0.59 -4.59
CA ILE A 401 -36.40 1.27 -3.42
C ILE A 401 -37.18 2.56 -3.16
N THR A 402 -37.15 3.00 -1.90
CA THR A 402 -37.80 4.22 -1.46
C THR A 402 -36.93 4.88 -0.40
N CYS A 403 -36.87 6.21 -0.42
CA CYS A 403 -35.99 6.98 0.45
C CYS A 403 -36.76 8.13 1.08
N ARG A 404 -37.90 7.82 1.71
CA ARG A 404 -38.70 8.82 2.40
C ARG A 404 -37.86 9.54 3.45
N SER A 405 -37.74 10.85 3.30
CA SER A 405 -36.76 11.61 4.06
C SER A 405 -37.26 13.04 4.27
N ASN A 406 -36.58 13.75 5.18
CA ASN A 406 -36.94 15.11 5.54
C ASN A 406 -35.92 16.07 4.94
N ILE A 407 -36.40 17.15 4.33
CA ILE A 407 -35.54 18.27 3.97
C ILE A 407 -35.38 19.14 5.20
N THR A 408 -34.18 19.69 5.39
CA THR A 408 -33.93 20.60 6.51
C THR A 408 -33.09 21.81 6.15
N GLY A 409 -32.61 21.95 4.91
CA GLY A 409 -31.84 23.12 4.56
C GLY A 409 -31.71 23.28 3.07
N LEU A 410 -31.79 24.52 2.62
CA LEU A 410 -31.69 24.89 1.21
C LEU A 410 -30.43 25.70 0.98
N LEU A 411 -29.66 25.33 -0.04
CA LEU A 411 -28.48 26.08 -0.45
C LEU A 411 -28.83 26.88 -1.69
N LEU A 412 -28.66 28.20 -1.60
CA LEU A 412 -29.14 29.13 -2.62
C LEU A 412 -28.02 30.07 -3.04
N THR A 413 -28.29 30.85 -4.08
CA THR A 413 -27.39 31.89 -4.54
C THR A 413 -28.22 33.05 -5.05
N ARG A 414 -27.94 34.25 -4.56
CA ARG A 414 -28.59 35.43 -5.09
C ARG A 414 -28.09 35.66 -6.51
N ASP A 415 -28.99 36.02 -7.40
CA ASP A 415 -28.70 36.03 -8.83
C ASP A 415 -27.59 37.03 -9.15
N GLY A 416 -26.78 36.67 -10.13
CA GLY A 416 -25.74 37.56 -10.64
C GLY A 416 -26.25 38.43 -11.76
N GLY A 417 -27.40 39.07 -11.54
CA GLY A 417 -28.08 39.84 -12.56
C GLY A 417 -27.72 41.32 -12.52
N THR A 418 -28.63 42.13 -13.03
CA THR A 418 -28.42 43.56 -13.15
C THR A 418 -29.78 44.24 -13.26
N ASN A 419 -29.79 45.50 -13.73
CA ASN A 419 -30.99 46.29 -13.98
C ASN A 419 -31.73 46.70 -12.70
N SER A 420 -31.06 46.61 -11.54
CA SER A 420 -31.57 47.16 -10.28
C SER A 420 -32.96 46.63 -9.94
N ASN A 421 -33.16 45.32 -10.11
CA ASN A 421 -34.47 44.72 -9.86
C ASN A 421 -34.87 44.91 -8.39
N GLU A 422 -36.08 45.40 -8.19
CA GLU A 422 -36.62 45.64 -6.85
C GLU A 422 -37.24 44.39 -6.24
N THR A 423 -37.26 43.27 -6.96
CA THR A 423 -37.85 42.01 -6.55
C THR A 423 -36.83 40.90 -6.68
N GLU A 424 -35.65 41.10 -6.10
CA GLU A 424 -34.47 40.29 -6.38
C GLU A 424 -34.74 38.80 -6.18
N THR A 425 -34.09 37.99 -7.00
CA THR A 425 -34.39 36.58 -7.17
C THR A 425 -33.20 35.74 -6.73
N PHE A 426 -33.50 34.54 -6.24
CA PHE A 426 -32.49 33.60 -5.73
C PHE A 426 -32.60 32.28 -6.47
N ARG A 427 -31.44 31.73 -6.85
CA ARG A 427 -31.34 30.42 -7.47
C ARG A 427 -30.91 29.37 -6.46
N PRO A 428 -31.17 28.09 -6.71
CA PRO A 428 -30.44 27.05 -5.97
C PRO A 428 -28.95 27.14 -6.23
N ALA A 429 -28.16 26.90 -5.20
CA ALA A 429 -26.71 26.87 -5.35
C ALA A 429 -26.23 25.47 -5.72
N GLY A 430 -24.99 25.41 -6.17
CA GLY A 430 -24.29 24.17 -6.14
C GLY A 430 -23.94 23.80 -4.72
N GLY A 431 -23.55 22.55 -4.54
CA GLY A 431 -23.08 22.07 -3.25
C GLY A 431 -21.62 21.70 -3.27
N ASP A 432 -20.80 22.54 -2.66
CA ASP A 432 -19.51 22.07 -2.17
C ASP A 432 -19.77 21.31 -0.89
N MET A 433 -19.26 20.08 -0.80
CA MET A 433 -19.66 19.26 0.34
C MET A 433 -19.10 19.82 1.65
N ARG A 434 -18.05 20.64 1.58
CA ARG A 434 -17.69 21.47 2.71
C ARG A 434 -18.90 22.27 3.19
N ASP A 435 -19.68 22.81 2.25
CA ASP A 435 -20.80 23.66 2.64
C ASP A 435 -21.97 22.83 3.15
N ASN A 436 -22.17 21.64 2.58
CA ASN A 436 -23.17 20.73 3.12
C ASN A 436 -22.86 20.38 4.56
N TRP A 437 -21.60 20.06 4.85
CA TRP A 437 -21.22 19.59 6.18
C TRP A 437 -21.16 20.76 7.16
N ARG A 438 -20.77 21.94 6.67
CA ARG A 438 -20.65 23.12 7.52
C ARG A 438 -22.01 23.55 8.04
N SER A 439 -23.06 23.33 7.26
CA SER A 439 -24.40 23.76 7.67
C SER A 439 -24.88 23.01 8.90
N GLU A 440 -24.48 21.76 9.05
CA GLU A 440 -24.87 20.95 10.20
C GLU A 440 -23.86 21.01 11.33
N LEU A 441 -22.82 21.86 11.20
CA LEU A 441 -21.73 21.92 12.17
C LEU A 441 -21.44 23.33 12.65
N TYR A 442 -22.39 24.27 12.53
CA TYR A 442 -22.12 25.64 12.94
C TYR A 442 -22.07 25.78 14.45
N LYS A 443 -22.60 24.80 15.19
CA LYS A 443 -22.81 24.99 16.62
C LYS A 443 -21.54 24.78 17.45
N TYR A 444 -20.49 24.19 16.89
CA TYR A 444 -19.38 23.68 17.69
C TYR A 444 -18.08 24.43 17.39
N LYS A 445 -17.22 24.47 18.41
CA LYS A 445 -15.87 25.04 18.32
C LYS A 445 -15.01 24.36 19.36
N VAL A 446 -13.77 24.02 18.98
CA VAL A 446 -12.82 23.32 19.84
C VAL A 446 -11.75 24.30 20.29
N VAL A 447 -11.43 24.28 21.58
CA VAL A 447 -10.56 25.28 22.19
C VAL A 447 -9.46 24.59 22.98
N LYS A 448 -8.27 25.18 22.93
CA LYS A 448 -7.10 24.67 23.64
C LYS A 448 -7.19 25.05 25.11
N ILE A 449 -6.95 24.08 26.00
CA ILE A 449 -6.99 24.31 27.43
C ILE A 449 -5.57 24.55 27.93
N GLU A 450 -5.39 25.59 28.74
CA GLU A 450 -4.09 26.05 29.21
C GLU A 450 -4.13 26.08 30.74
N PRO A 451 -3.89 24.94 31.41
CA PRO A 451 -4.16 24.86 32.85
C PRO A 451 -3.06 25.41 33.75
N LEU A 452 -2.13 26.21 33.23
CA LEU A 452 -1.14 26.89 34.07
C LEU A 452 -1.61 28.31 34.30
N GLY A 453 -1.52 28.78 35.55
CA GLY A 453 -2.04 30.08 35.94
C GLY A 453 -1.01 30.89 36.70
N VAL A 454 -1.20 32.21 36.69
CA VAL A 454 -0.32 33.17 37.37
C VAL A 454 -1.20 34.29 37.91
N ALA A 455 -1.00 34.66 39.18
CA ALA A 455 -1.74 35.76 39.76
C ALA A 455 -1.05 36.20 41.05
N PRO A 456 -1.33 37.41 41.53
CA PRO A 456 -0.75 37.85 42.81
C PRO A 456 -1.50 37.28 44.00
N THR A 457 -0.78 37.16 45.12
CA THR A 457 -1.37 36.76 46.38
C THR A 457 -0.40 37.13 47.49
N ARG A 458 -0.95 37.36 48.69
CA ARG A 458 -0.13 37.66 49.86
C ARG A 458 0.41 36.36 50.43
N CYS A 459 1.56 35.92 49.91
CA CYS A 459 2.26 34.75 50.40
C CYS A 459 3.75 35.06 50.51
N LYS A 460 4.45 34.24 51.29
CA LYS A 460 5.90 34.19 51.25
C LYS A 460 6.33 32.82 51.76
N ARG A 461 6.87 32.00 50.87
CA ARG A 461 7.25 30.64 51.24
C ARG A 461 8.44 30.66 52.19
N ARG A 462 8.58 29.55 52.93
CA ARG A 462 9.64 29.44 53.92
C ARG A 462 11.01 29.27 53.24
N VAL A 463 12.05 29.61 53.99
CA VAL A 463 13.43 29.39 53.56
C VAL A 463 14.25 28.78 54.70
N PHE B 11 -16.38 19.81 34.03
CA PHE B 11 -15.04 20.12 33.57
C PHE B 11 -14.69 21.59 33.74
N LEU B 12 -15.61 22.50 33.35
CA LEU B 12 -15.30 23.93 33.25
C LEU B 12 -16.30 24.77 34.05
N GLY B 13 -16.79 24.26 35.18
CA GLY B 13 -17.74 25.02 35.97
C GLY B 13 -17.20 26.34 36.46
N ALA B 14 -15.89 26.43 36.67
CA ALA B 14 -15.30 27.66 37.17
C ALA B 14 -15.14 28.73 36.10
N ALA B 15 -15.36 28.39 34.83
CA ALA B 15 -15.14 29.34 33.76
C ALA B 15 -16.12 30.51 33.87
N GLY B 16 -15.61 31.71 33.61
CA GLY B 16 -16.45 32.90 33.63
C GLY B 16 -16.56 33.54 35.01
N SER B 17 -16.78 32.72 36.03
CA SER B 17 -16.94 33.25 37.38
C SER B 17 -15.65 33.89 37.87
N THR B 18 -15.75 34.59 39.00
CA THR B 18 -14.62 35.34 39.54
C THR B 18 -13.55 34.39 40.07
N MET B 19 -12.37 34.96 40.33
CA MET B 19 -11.22 34.15 40.70
C MET B 19 -11.43 33.43 42.02
N GLY B 20 -11.97 34.13 43.02
CA GLY B 20 -12.19 33.51 44.32
C GLY B 20 -13.14 32.33 44.23
N ALA B 21 -14.22 32.49 43.48
CA ALA B 21 -15.13 31.38 43.24
C ALA B 21 -14.45 30.29 42.43
N ALA B 22 -13.57 30.66 41.51
CA ALA B 22 -12.87 29.70 40.68
C ALA B 22 -11.71 29.02 41.39
N SER B 23 -11.37 29.43 42.61
CA SER B 23 -10.23 28.87 43.31
C SER B 23 -10.40 27.39 43.65
N MET B 24 -11.63 26.87 43.64
CA MET B 24 -11.90 25.47 43.89
C MET B 24 -12.42 24.85 42.60
N THR B 25 -12.49 23.52 42.61
CA THR B 25 -12.69 22.68 41.41
C THR B 25 -11.50 22.77 40.47
N LEU B 26 -10.33 23.21 40.94
CA LEU B 26 -9.13 23.17 40.12
C LEU B 26 -8.70 21.74 39.87
N THR B 27 -8.91 20.86 40.85
CA THR B 27 -8.51 19.46 40.69
C THR B 27 -9.28 18.78 39.57
N VAL B 28 -10.57 19.09 39.44
CA VAL B 28 -11.35 18.56 38.32
C VAL B 28 -10.75 19.04 37.00
N GLN B 29 -10.37 20.32 36.94
CA GLN B 29 -9.77 20.85 35.72
C GLN B 29 -8.42 20.19 35.43
N ALA B 30 -7.70 19.76 36.46
CA ALA B 30 -6.40 19.14 36.25
C ALA B 30 -6.53 17.66 35.87
N ARG B 31 -7.59 17.01 36.33
CA ARG B 31 -7.67 15.55 36.19
C ARG B 31 -7.91 15.12 34.75
N ASN B 32 -8.71 15.87 34.01
CA ASN B 32 -9.21 15.43 32.71
C ASN B 32 -8.14 15.48 31.62
N LEU B 33 -7.28 14.46 31.56
CA LEU B 33 -6.31 14.31 30.48
C LEU B 33 -6.20 12.83 30.07
N LEU B 34 -7.35 12.19 29.82
CA LEU B 34 -7.39 10.77 29.49
C LEU B 34 -8.59 10.46 28.59
N SER B 35 -8.34 9.83 27.44
CA SER B 35 -9.40 9.31 26.57
C SER B 35 -8.88 8.49 25.38
N GLY B 36 -9.61 7.43 25.02
CA GLY B 36 -9.57 6.91 23.65
C GLY B 36 -8.99 5.52 23.45
N THR B 37 -9.07 5.10 22.18
CA THR B 37 -8.54 3.85 21.67
C THR B 37 -8.01 4.12 20.26
N VAL B 38 -7.09 3.28 19.79
CA VAL B 38 -6.25 3.59 18.63
C VAL B 38 -6.91 3.12 17.34
N TRP B 39 -6.89 3.99 16.33
CA TRP B 39 -7.13 3.69 14.91
C TRP B 39 -6.01 4.37 14.14
N GLY B 40 -4.96 3.62 13.86
CA GLY B 40 -3.94 4.11 12.94
C GLY B 40 -3.09 5.24 13.50
N ILE B 41 -2.30 5.81 12.59
CA ILE B 41 -1.25 6.75 12.98
C ILE B 41 -1.85 8.04 13.54
N LYS B 42 -2.90 8.55 12.90
CA LYS B 42 -3.42 9.86 13.31
C LYS B 42 -4.06 9.79 14.68
N GLN B 43 -4.79 8.71 14.98
CA GLN B 43 -5.31 8.56 16.33
C GLN B 43 -4.18 8.31 17.33
N LEU B 44 -3.13 7.61 16.92
CA LEU B 44 -2.00 7.47 17.83
C LEU B 44 -1.30 8.79 18.03
N GLN B 45 -1.30 9.65 17.00
CA GLN B 45 -0.80 11.01 17.17
C GLN B 45 -1.66 11.77 18.17
N ALA B 46 -2.98 11.55 18.13
CA ALA B 46 -3.84 12.15 19.13
C ALA B 46 -3.65 11.51 20.50
N ARG B 47 -3.11 10.30 20.57
CA ARG B 47 -2.92 9.60 21.84
C ARG B 47 -1.57 9.87 22.48
N VAL B 48 -0.58 10.36 21.72
CA VAL B 48 0.53 11.04 22.38
C VAL B 48 0.05 12.38 22.91
N LEU B 49 -1.08 12.86 22.39
CA LEU B 49 -2.06 13.64 23.16
C LEU B 49 -1.41 14.88 23.76
N ALA B 50 -2.02 15.42 24.75
CA ALA B 50 -1.43 16.32 25.70
C ALA B 50 -0.44 15.62 26.64
N VAL B 51 -0.02 14.37 26.46
CA VAL B 51 1.00 13.78 27.32
C VAL B 51 2.28 14.61 27.27
N GLU B 52 2.66 15.04 26.07
CA GLU B 52 3.75 15.99 25.97
C GLU B 52 3.39 17.31 26.63
N ARG B 53 2.15 17.76 26.48
CA ARG B 53 1.71 18.97 27.17
C ARG B 53 1.67 18.77 28.68
N TYR B 54 1.20 17.60 29.13
CA TYR B 54 1.10 17.33 30.56
C TYR B 54 2.48 17.31 31.19
N LEU B 55 3.44 16.67 30.52
CA LEU B 55 4.80 16.65 31.05
C LEU B 55 5.48 17.99 30.86
N ARG B 56 5.05 18.80 29.89
CA ARG B 56 5.58 20.16 29.81
C ARG B 56 5.14 20.97 31.02
N ASP B 57 3.87 20.86 31.39
CA ASP B 57 3.39 21.52 32.60
C ASP B 57 4.09 20.97 33.83
N GLN B 58 4.29 19.66 33.89
CA GLN B 58 5.02 19.07 35.00
C GLN B 58 6.44 19.61 35.06
N GLN B 59 7.09 19.76 33.91
CA GLN B 59 8.42 20.35 33.85
C GLN B 59 8.40 21.75 34.45
N LEU B 60 7.48 22.59 33.98
CA LEU B 60 7.44 23.98 34.43
C LEU B 60 7.20 24.06 35.93
N LEU B 61 6.23 23.30 36.44
CA LEU B 61 5.87 23.43 37.85
C LEU B 61 6.87 22.75 38.77
N GLY B 62 7.44 21.61 38.34
CA GLY B 62 8.47 20.98 39.16
C GLY B 62 9.73 21.79 39.26
N ILE B 63 10.18 22.35 38.13
CA ILE B 63 11.40 23.15 38.17
C ILE B 63 11.16 24.50 38.85
N TRP B 64 9.90 24.89 39.08
CA TRP B 64 9.58 25.99 39.99
C TRP B 64 9.40 25.52 41.43
N GLY B 65 9.87 24.33 41.77
CA GLY B 65 9.79 23.82 43.12
C GLY B 65 8.43 23.29 43.53
N CYS B 66 7.46 23.29 42.63
CA CYS B 66 6.09 22.91 42.96
C CYS B 66 5.88 21.46 42.51
N SER B 67 6.46 20.54 43.28
CA SER B 67 6.27 19.11 43.05
C SER B 67 4.83 18.76 43.35
N GLY B 68 4.12 18.25 42.36
CA GLY B 68 2.68 18.12 42.46
C GLY B 68 2.00 19.42 42.11
N LYS B 69 0.73 19.30 41.73
CA LYS B 69 -0.05 20.42 41.21
C LYS B 69 -0.96 20.93 42.31
N LEU B 70 -0.83 22.20 42.65
CA LEU B 70 -1.40 22.73 43.89
C LEU B 70 -1.59 24.24 43.75
N ILE B 71 -1.74 24.91 44.88
CA ILE B 71 -1.76 26.36 44.96
C ILE B 71 -0.35 26.76 45.40
N CYS B 72 0.57 26.86 44.45
CA CYS B 72 1.98 27.06 44.76
C CYS B 72 2.30 28.55 44.69
N CYS B 73 2.57 29.15 45.84
CA CYS B 73 3.11 30.50 45.89
C CYS B 73 4.63 30.46 46.03
N THR B 74 5.26 31.58 45.70
CA THR B 74 6.67 31.61 45.35
C THR B 74 7.39 32.65 46.20
N ASN B 75 8.69 32.80 45.93
CA ASN B 75 9.55 33.75 46.62
C ASN B 75 9.95 34.92 45.73
N VAL B 76 9.13 35.26 44.75
CA VAL B 76 9.36 36.37 43.83
C VAL B 76 8.29 37.43 44.11
N PRO B 77 8.65 38.66 44.48
CA PRO B 77 7.60 39.66 44.74
C PRO B 77 6.87 40.02 43.47
N TRP B 78 5.59 40.33 43.60
CA TRP B 78 4.77 40.70 42.45
C TRP B 78 5.05 42.15 42.08
N ASN B 79 5.78 42.35 40.98
CA ASN B 79 6.00 43.70 40.48
C ASN B 79 4.67 44.29 40.03
N SER B 80 4.29 45.42 40.63
CA SER B 80 2.97 45.99 40.38
C SER B 80 2.80 46.48 38.96
N SER B 81 3.88 46.67 38.20
CA SER B 81 3.77 47.09 36.82
C SER B 81 3.06 46.06 35.95
N TRP B 82 3.01 44.80 36.39
CA TRP B 82 2.30 43.77 35.65
C TRP B 82 0.79 43.93 35.66
N SER B 83 0.21 44.49 36.74
CA SER B 83 -1.21 44.74 36.79
C SER B 83 -1.54 46.18 37.19
N ASN B 84 -0.79 46.72 38.15
CA ASN B 84 -1.08 48.03 38.75
C ASN B 84 -2.54 48.11 39.20
N ARG B 85 -3.01 47.04 39.81
CA ARG B 85 -4.37 46.96 40.33
C ARG B 85 -4.32 46.28 41.70
N ASN B 86 -5.20 46.69 42.60
CA ASN B 86 -5.17 46.20 43.96
C ASN B 86 -5.53 44.72 43.99
N LEU B 87 -5.09 44.03 45.05
CA LEU B 87 -5.35 42.60 45.15
C LEU B 87 -6.84 42.32 45.31
N SER B 88 -7.52 43.09 46.16
CA SER B 88 -8.90 42.78 46.50
C SER B 88 -9.86 43.03 45.33
N GLU B 89 -9.67 44.14 44.61
CA GLU B 89 -10.53 44.45 43.46
C GLU B 89 -10.41 43.37 42.39
N ILE B 90 -9.22 42.79 42.27
CA ILE B 90 -8.92 41.79 41.25
C ILE B 90 -9.50 40.44 41.65
N TRP B 91 -9.12 39.98 42.83
CA TRP B 91 -9.42 38.62 43.25
C TRP B 91 -10.91 38.39 43.41
N ASP B 92 -11.64 39.37 43.94
CA ASP B 92 -13.06 39.20 44.21
C ASP B 92 -13.94 39.39 42.98
N ASN B 93 -13.47 40.16 42.00
CA ASN B 93 -14.31 40.63 40.89
C ASN B 93 -13.87 40.10 39.53
N MET B 94 -12.57 39.92 39.29
CA MET B 94 -12.09 39.56 37.97
C MET B 94 -12.20 38.05 37.72
N THR B 95 -12.36 37.69 36.45
CA THR B 95 -12.33 36.31 35.97
C THR B 95 -11.15 36.13 35.03
N TRP B 96 -10.69 34.89 34.90
CA TRP B 96 -9.31 34.66 34.46
C TRP B 96 -9.09 34.92 32.99
N LEU B 97 -10.14 35.04 32.18
CA LEU B 97 -9.94 35.01 30.74
C LEU B 97 -9.27 36.29 30.24
N GLN B 98 -9.91 37.44 30.45
CA GLN B 98 -9.28 38.70 30.09
C GLN B 98 -8.00 38.91 30.90
N TRP B 99 -7.94 38.31 32.09
CA TRP B 99 -6.70 38.32 32.86
C TRP B 99 -5.56 37.66 32.10
N ASP B 100 -5.76 36.44 31.61
CA ASP B 100 -4.71 35.77 30.87
C ASP B 100 -4.41 36.52 29.57
N LYS B 101 -5.42 37.18 29.00
CA LYS B 101 -5.19 37.98 27.81
C LYS B 101 -4.27 39.17 28.10
N GLU B 102 -4.45 39.80 29.26
CA GLU B 102 -3.70 41.02 29.57
C GLU B 102 -2.28 40.71 30.03
N ILE B 103 -2.15 39.86 31.05
CA ILE B 103 -0.84 39.58 31.65
C ILE B 103 0.03 38.70 30.76
N SER B 104 -0.47 38.30 29.59
CA SER B 104 0.37 37.65 28.58
C SER B 104 1.56 38.52 28.19
N ASN B 105 1.47 39.84 28.38
CA ASN B 105 2.59 40.73 28.18
C ASN B 105 3.76 40.47 29.13
N TYR B 106 3.55 39.73 30.23
CA TYR B 106 4.55 39.59 31.28
C TYR B 106 4.84 38.15 31.71
N THR B 107 4.16 37.15 31.18
CA THR B 107 4.33 35.79 31.69
C THR B 107 5.73 35.25 31.44
N GLN B 108 6.39 35.71 30.38
CA GLN B 108 7.67 35.11 29.99
C GLN B 108 8.77 35.50 30.96
N ILE B 109 8.91 36.80 31.23
CA ILE B 109 9.89 37.24 32.21
C ILE B 109 9.52 36.71 33.59
N ILE B 110 8.22 36.51 33.84
CA ILE B 110 7.80 35.88 35.10
C ILE B 110 8.34 34.46 35.18
N TYR B 111 8.27 33.71 34.07
CA TYR B 111 8.82 32.36 34.07
C TYR B 111 10.32 32.40 34.32
N GLY B 112 11.02 33.35 33.71
CA GLY B 112 12.45 33.47 33.97
C GLY B 112 12.76 33.78 35.42
N LEU B 113 11.98 34.68 36.03
CA LEU B 113 12.18 35.02 37.43
C LEU B 113 11.89 33.83 38.33
N LEU B 114 10.85 33.06 38.03
CA LEU B 114 10.57 31.85 38.79
C LEU B 114 11.73 30.87 38.68
N GLU B 115 12.26 30.70 37.47
CA GLU B 115 13.40 29.80 37.27
C GLU B 115 14.58 30.20 38.14
N GLU B 116 15.00 31.47 38.05
CA GLU B 116 16.19 31.89 38.76
C GLU B 116 15.96 31.89 40.27
N SER B 117 14.78 32.31 40.71
CA SER B 117 14.50 32.32 42.15
C SER B 117 14.49 30.92 42.72
N GLN B 118 13.83 29.97 42.05
CA GLN B 118 13.79 28.61 42.57
C GLN B 118 15.17 27.99 42.56
N ASN B 119 15.95 28.21 41.50
CA ASN B 119 17.29 27.62 41.47
C ASN B 119 18.19 28.24 42.54
N GLN B 120 18.06 29.55 42.77
CA GLN B 120 18.85 30.20 43.81
C GLN B 120 18.47 29.66 45.18
N GLN B 121 17.17 29.49 45.43
CA GLN B 121 16.72 28.92 46.70
C GLN B 121 17.23 27.50 46.87
N GLU B 122 17.20 26.70 45.80
CA GLU B 122 17.67 25.33 45.88
C GLU B 122 19.17 25.27 46.14
N LYS B 123 19.93 26.21 45.58
CA LYS B 123 21.35 26.28 45.89
C LYS B 123 21.56 26.63 47.35
N ASN B 124 20.72 27.52 47.89
CA ASN B 124 20.85 27.90 49.30
C ASN B 124 20.45 26.79 50.25
N GLU B 125 19.77 25.74 49.75
CA GLU B 125 19.50 24.58 50.60
C GLU B 125 20.81 23.94 51.04
N GLN B 126 21.81 23.91 50.15
CA GLN B 126 23.10 23.34 50.52
C GLN B 126 23.76 24.10 51.66
N ASP B 127 23.50 25.41 51.76
CA ASP B 127 24.09 26.21 52.83
C ASP B 127 23.58 25.78 54.20
N LEU B 128 22.36 25.26 54.31
CA LEU B 128 21.84 24.65 55.52
C LEU B 128 21.98 23.14 55.53
N LEU B 129 21.81 22.51 54.38
CA LEU B 129 21.85 21.06 54.30
C LEU B 129 23.26 20.50 54.44
N ALA B 130 24.29 21.33 54.22
CA ALA B 130 25.66 21.00 54.58
C ALA B 130 26.05 21.50 55.96
N LEU B 131 25.16 22.21 56.66
CA LEU B 131 25.44 22.73 57.99
C LEU B 131 25.06 21.75 59.08
N ASP B 132 23.96 21.03 58.91
CA ASP B 132 23.53 20.03 59.88
C ASP B 132 24.53 18.87 59.91
N GLU C 1 -70.75 2.58 -24.62
CA GLU C 1 -69.66 3.24 -25.39
C GLU C 1 -68.47 2.30 -25.61
N VAL C 2 -67.97 1.73 -24.51
CA VAL C 2 -66.79 0.88 -24.59
C VAL C 2 -67.16 -0.48 -25.16
N GLN C 3 -66.38 -0.94 -26.13
CA GLN C 3 -66.58 -2.26 -26.72
C GLN C 3 -65.26 -2.70 -27.31
N LEU C 4 -64.87 -3.93 -27.01
CA LEU C 4 -63.67 -4.55 -27.57
C LEU C 4 -64.11 -5.63 -28.57
N VAL C 5 -63.48 -5.60 -29.75
CA VAL C 5 -63.87 -6.44 -30.88
C VAL C 5 -62.68 -7.27 -31.31
N GLU C 6 -62.95 -8.50 -31.75
CA GLU C 6 -61.92 -9.47 -32.12
C GLU C 6 -62.25 -10.09 -33.47
N SER C 7 -61.24 -10.73 -34.06
CA SER C 7 -61.46 -11.48 -35.29
C SER C 7 -62.27 -12.73 -35.00
N GLY C 8 -62.84 -13.31 -36.05
CA GLY C 8 -63.70 -14.47 -35.91
C GLY C 8 -62.92 -15.72 -35.55
N PRO C 9 -63.61 -16.75 -35.09
CA PRO C 9 -62.92 -17.98 -34.71
C PRO C 9 -62.30 -18.68 -35.91
N GLU C 10 -61.27 -19.48 -35.62
CA GLU C 10 -60.40 -20.04 -36.65
C GLU C 10 -60.17 -21.52 -36.41
N LEU C 11 -59.61 -22.17 -37.43
CA LEU C 11 -59.23 -23.57 -37.39
C LEU C 11 -57.81 -23.67 -37.96
N LYS C 12 -56.97 -24.46 -37.30
CA LYS C 12 -55.54 -24.47 -37.59
C LYS C 12 -54.97 -25.88 -37.45
N GLU C 13 -53.80 -26.07 -38.05
CA GLU C 13 -53.04 -27.30 -37.87
C GLU C 13 -52.04 -27.14 -36.72
N PRO C 14 -51.57 -28.24 -36.13
CA PRO C 14 -50.59 -28.10 -35.05
C PRO C 14 -49.29 -27.45 -35.54
N GLY C 15 -48.70 -26.64 -34.66
CA GLY C 15 -47.49 -25.91 -34.98
C GLY C 15 -47.70 -24.59 -35.68
N ALA C 16 -48.94 -24.16 -35.87
CA ALA C 16 -49.22 -22.94 -36.62
C ALA C 16 -49.13 -21.72 -35.72
N SER C 17 -49.28 -20.55 -36.35
CA SER C 17 -49.34 -19.26 -35.66
C SER C 17 -50.73 -18.67 -35.84
N VAL C 18 -51.35 -18.28 -34.73
CA VAL C 18 -52.73 -17.81 -34.69
C VAL C 18 -52.69 -16.31 -34.49
N LYS C 19 -53.27 -15.55 -35.43
CA LYS C 19 -53.26 -14.09 -35.38
C LYS C 19 -54.57 -13.60 -34.76
N VAL C 20 -54.64 -13.72 -33.43
CA VAL C 20 -55.77 -13.17 -32.69
C VAL C 20 -55.64 -11.66 -32.63
N SER C 21 -56.75 -10.96 -32.89
CA SER C 21 -56.76 -9.50 -32.99
C SER C 21 -57.72 -8.92 -31.98
N CYS C 22 -57.48 -7.67 -31.59
CA CYS C 22 -58.26 -6.98 -30.58
C CYS C 22 -58.30 -5.49 -30.91
N LYS C 23 -59.48 -4.99 -31.26
CA LYS C 23 -59.69 -3.59 -31.60
C LYS C 23 -60.54 -2.94 -30.52
N ALA C 24 -60.25 -1.68 -30.23
CA ALA C 24 -60.82 -0.97 -29.09
C ALA C 24 -61.72 0.17 -29.54
N SER C 25 -62.60 0.58 -28.64
CA SER C 25 -63.51 1.69 -28.87
C SER C 25 -64.03 2.19 -27.53
N GLY C 26 -64.46 3.44 -27.51
CA GLY C 26 -65.06 4.04 -26.34
C GLY C 26 -64.10 4.51 -25.28
N TYR C 27 -62.79 4.39 -25.49
CA TYR C 27 -61.81 4.93 -24.56
C TYR C 27 -60.54 5.24 -25.32
N THR C 28 -59.72 6.10 -24.74
CA THR C 28 -58.42 6.43 -25.32
C THR C 28 -57.54 5.18 -25.28
N PHE C 29 -57.23 4.64 -26.45
CA PHE C 29 -56.50 3.38 -26.52
C PHE C 29 -55.09 3.49 -25.94
N THR C 30 -54.53 4.70 -25.87
CA THR C 30 -53.16 4.87 -25.40
C THR C 30 -53.06 5.00 -23.88
N ASP C 31 -54.18 4.96 -23.15
CA ASP C 31 -54.20 5.22 -21.72
C ASP C 31 -54.47 3.99 -20.85
N TYR C 32 -54.72 2.82 -21.45
CA TYR C 32 -55.03 1.63 -20.68
C TYR C 32 -54.31 0.42 -21.27
N TYR C 33 -53.72 -0.39 -20.41
CA TYR C 33 -53.17 -1.66 -20.86
C TYR C 33 -54.28 -2.51 -21.45
N ILE C 34 -53.95 -3.22 -22.53
CA ILE C 34 -54.81 -4.28 -23.07
C ILE C 34 -54.19 -5.61 -22.67
N HIS C 35 -55.02 -6.49 -22.11
CA HIS C 35 -54.57 -7.60 -21.28
C HIS C 35 -55.25 -8.87 -21.74
N TRP C 36 -54.46 -9.93 -21.95
CA TRP C 36 -54.89 -11.15 -22.63
C TRP C 36 -55.13 -12.26 -21.62
N VAL C 37 -56.05 -13.17 -21.96
CA VAL C 37 -56.37 -14.29 -21.09
C VAL C 37 -56.96 -15.41 -21.95
N ARG C 38 -56.72 -16.64 -21.51
CA ARG C 38 -57.10 -17.84 -22.25
C ARG C 38 -58.11 -18.66 -21.45
N GLN C 39 -58.95 -19.41 -22.17
CA GLN C 39 -59.94 -20.28 -21.54
C GLN C 39 -60.20 -21.45 -22.48
N ALA C 40 -59.82 -22.65 -22.06
CA ALA C 40 -60.18 -23.84 -22.81
C ALA C 40 -61.69 -24.05 -22.70
N PRO C 41 -62.31 -24.71 -23.70
CA PRO C 41 -63.78 -24.79 -23.70
C PRO C 41 -64.34 -25.56 -22.52
N GLY C 42 -65.04 -24.86 -21.63
CA GLY C 42 -65.61 -25.47 -20.45
C GLY C 42 -64.67 -25.63 -19.28
N GLN C 43 -63.53 -24.93 -19.28
CA GLN C 43 -62.53 -25.01 -18.22
C GLN C 43 -62.19 -23.60 -17.74
N GLY C 44 -61.24 -23.51 -16.81
CA GLY C 44 -60.91 -22.26 -16.17
C GLY C 44 -60.06 -21.35 -17.03
N LEU C 45 -59.56 -20.29 -16.39
CA LEU C 45 -58.84 -19.23 -17.07
C LEU C 45 -57.33 -19.40 -16.94
N GLU C 46 -56.61 -18.79 -17.88
CA GLU C 46 -55.15 -18.80 -17.90
C GLU C 46 -54.67 -17.47 -18.46
N TRP C 47 -53.80 -16.80 -17.71
CA TRP C 47 -53.25 -15.52 -18.13
C TRP C 47 -52.27 -15.71 -19.29
N MET C 48 -52.18 -14.69 -20.16
CA MET C 48 -51.23 -14.72 -21.27
C MET C 48 -50.14 -13.66 -21.18
N ALA C 49 -50.46 -12.35 -21.17
CA ALA C 49 -49.40 -11.39 -21.42
C ALA C 49 -49.86 -9.95 -21.19
N TRP C 50 -48.87 -9.04 -21.18
CA TRP C 50 -49.08 -7.60 -21.17
C TRP C 50 -48.57 -6.98 -22.46
N ILE C 51 -49.13 -5.82 -22.80
CA ILE C 51 -48.56 -4.96 -23.83
C ILE C 51 -48.87 -3.51 -23.52
N ASN C 52 -47.83 -2.71 -23.39
CA ASN C 52 -47.98 -1.28 -23.23
C ASN C 52 -48.35 -0.71 -24.59
N PRO C 53 -49.58 -0.23 -24.82
CA PRO C 53 -49.94 0.23 -26.17
C PRO C 53 -49.12 1.40 -26.66
N THR C 54 -48.53 2.19 -25.77
CA THR C 54 -47.72 3.33 -26.18
C THR C 54 -46.28 2.98 -26.42
N THR C 55 -45.75 1.98 -25.69
CA THR C 55 -44.33 1.66 -25.72
C THR C 55 -44.02 0.36 -26.45
N GLY C 56 -44.90 -0.63 -26.40
CA GLY C 56 -44.67 -1.90 -27.06
C GLY C 56 -43.92 -2.92 -26.23
N ARG C 57 -43.38 -2.54 -25.08
CA ARG C 57 -42.73 -3.51 -24.21
C ARG C 57 -43.75 -4.55 -23.77
N SER C 58 -43.28 -5.77 -23.54
CA SER C 58 -44.16 -6.86 -23.19
C SER C 58 -43.43 -7.91 -22.38
N SER C 59 -44.20 -8.60 -21.53
CA SER C 59 -43.76 -9.81 -20.87
C SER C 59 -44.98 -10.72 -20.77
N PHE C 60 -44.73 -12.01 -20.63
CA PHE C 60 -45.81 -12.98 -20.79
C PHE C 60 -45.49 -14.25 -20.00
N ALA C 61 -46.44 -15.18 -20.04
CA ALA C 61 -46.37 -16.36 -19.18
C ALA C 61 -45.17 -17.23 -19.51
N ARG C 62 -44.56 -17.79 -18.47
CA ARG C 62 -43.44 -18.69 -18.65
C ARG C 62 -43.83 -19.94 -19.43
N GLY C 63 -45.10 -20.35 -19.33
CA GLY C 63 -45.57 -21.53 -20.03
C GLY C 63 -45.48 -21.42 -21.54
N PHE C 64 -45.48 -20.20 -22.07
CA PHE C 64 -45.39 -19.95 -23.50
C PHE C 64 -44.03 -19.38 -23.90
N GLN C 65 -42.99 -19.64 -23.11
CA GLN C 65 -41.71 -18.96 -23.28
C GLN C 65 -41.07 -19.26 -24.64
N GLY C 66 -41.48 -20.35 -25.29
CA GLY C 66 -40.84 -20.73 -26.54
C GLY C 66 -40.94 -19.65 -27.61
N ARG C 67 -42.15 -19.18 -27.89
CA ARG C 67 -42.31 -18.08 -28.83
C ARG C 67 -43.72 -17.48 -28.77
N VAL C 68 -43.78 -16.17 -28.55
CA VAL C 68 -45.02 -15.40 -28.64
C VAL C 68 -44.64 -14.01 -29.14
N THR C 69 -45.52 -13.44 -29.97
CA THR C 69 -45.24 -12.16 -30.63
C THR C 69 -46.38 -11.19 -30.35
N MET C 70 -46.00 -9.92 -30.21
CA MET C 70 -46.89 -8.84 -29.81
C MET C 70 -46.87 -7.74 -30.87
N THR C 71 -47.89 -6.90 -30.84
CA THR C 71 -47.91 -5.72 -31.71
C THR C 71 -48.93 -4.74 -31.18
N ARG C 72 -48.66 -3.45 -31.38
CA ARG C 72 -49.53 -2.36 -30.98
C ARG C 72 -49.66 -1.40 -32.15
N GLU C 73 -50.89 -0.98 -32.43
CA GLU C 73 -51.20 -0.09 -33.56
C GLU C 73 -51.85 1.16 -32.99
N THR C 74 -51.03 2.19 -32.75
CA THR C 74 -51.52 3.40 -32.09
C THR C 74 -52.55 4.13 -32.96
N SER C 75 -52.29 4.22 -34.26
CA SER C 75 -53.19 4.94 -35.17
C SER C 75 -54.44 4.16 -35.53
N VAL C 76 -54.53 2.89 -35.15
CA VAL C 76 -55.65 2.03 -35.50
C VAL C 76 -56.50 1.66 -34.29
N SER C 77 -56.02 1.92 -33.06
CA SER C 77 -56.70 1.49 -31.85
C SER C 77 -56.92 -0.01 -31.87
N THR C 78 -55.85 -0.74 -32.15
CA THR C 78 -55.89 -2.19 -32.30
C THR C 78 -54.57 -2.79 -31.84
N ALA C 79 -54.64 -3.94 -31.19
CA ALA C 79 -53.48 -4.69 -30.75
C ALA C 79 -53.58 -6.12 -31.25
N TYR C 80 -52.42 -6.72 -31.51
CA TYR C 80 -52.33 -8.10 -31.96
C TYR C 80 -51.44 -8.89 -31.02
N MET C 81 -51.76 -10.18 -30.91
CA MET C 81 -50.92 -11.16 -30.26
C MET C 81 -50.86 -12.40 -31.16
N GLU C 82 -49.82 -13.20 -30.97
CA GLU C 82 -49.63 -14.40 -31.80
C GLU C 82 -49.07 -15.52 -30.93
N LEU C 83 -49.93 -16.49 -30.60
CA LEU C 83 -49.45 -17.75 -30.08
C LEU C 83 -48.91 -18.58 -31.22
N ARG C 84 -47.67 -19.04 -31.06
CA ARG C 84 -46.93 -19.73 -32.11
C ARG C 84 -46.43 -21.02 -31.49
N ARG C 85 -46.06 -21.99 -32.35
CA ARG C 85 -45.85 -23.37 -31.92
C ARG C 85 -47.14 -23.88 -31.26
N LEU C 86 -48.17 -24.08 -32.09
CA LEU C 86 -49.50 -24.41 -31.61
C LEU C 86 -49.66 -25.91 -31.35
N ARG C 87 -49.92 -26.29 -30.10
CA ARG C 87 -50.22 -27.67 -29.78
C ARG C 87 -51.72 -27.93 -29.93
N SER C 88 -52.08 -29.22 -29.91
CA SER C 88 -53.48 -29.59 -29.81
C SER C 88 -54.06 -29.19 -28.46
N ASP C 89 -53.24 -29.25 -27.41
CA ASP C 89 -53.68 -28.81 -26.09
C ASP C 89 -53.99 -27.32 -26.05
N ASP C 90 -53.41 -26.54 -26.95
CA ASP C 90 -53.58 -25.08 -26.92
C ASP C 90 -54.91 -24.63 -27.52
N THR C 91 -55.75 -25.53 -28.00
CA THR C 91 -57.08 -25.15 -28.46
C THR C 91 -57.87 -24.58 -27.29
N ALA C 92 -58.50 -23.42 -27.50
CA ALA C 92 -59.15 -22.70 -26.42
C ALA C 92 -59.80 -21.44 -27.00
N VAL C 93 -60.56 -20.76 -26.14
CA VAL C 93 -61.05 -19.42 -26.45
C VAL C 93 -60.00 -18.43 -26.00
N TYR C 94 -59.96 -17.26 -26.64
CA TYR C 94 -58.97 -16.23 -26.35
C TYR C 94 -59.67 -14.88 -26.22
N TYR C 95 -59.30 -14.12 -25.19
CA TYR C 95 -59.88 -12.82 -24.92
C TYR C 95 -58.80 -11.76 -24.80
N CYS C 96 -59.23 -10.51 -25.01
CA CYS C 96 -58.48 -9.32 -24.64
C CYS C 96 -59.37 -8.46 -23.77
N ALA C 97 -58.77 -7.73 -22.83
CA ALA C 97 -59.55 -6.95 -21.89
C ALA C 97 -58.73 -5.78 -21.35
N LYS C 98 -59.44 -4.74 -20.91
CA LYS C 98 -58.83 -3.46 -20.56
C LYS C 98 -58.39 -3.49 -19.10
N ALA C 99 -57.09 -3.48 -18.86
CA ALA C 99 -56.54 -3.50 -17.51
C ALA C 99 -56.25 -2.09 -17.02
N GLY C 100 -55.50 -1.97 -15.92
CA GLY C 100 -55.39 -0.71 -15.21
C GLY C 100 -54.75 0.38 -16.04
N TYR C 101 -54.94 1.61 -15.56
CA TYR C 101 -54.40 2.79 -16.23
C TYR C 101 -52.88 2.75 -16.25
N ILE C 102 -52.29 3.26 -17.32
CA ILE C 102 -50.82 3.27 -17.46
C ILE C 102 -50.26 4.52 -16.79
N ALA C 103 -50.04 4.44 -15.49
CA ALA C 103 -49.54 5.58 -14.74
C ALA C 103 -48.17 6.00 -15.24
N LEU C 104 -47.96 7.31 -15.31
CA LEU C 104 -46.68 7.84 -15.74
C LEU C 104 -45.57 7.65 -14.69
N TYR C 105 -45.92 7.22 -13.48
CA TYR C 105 -44.96 7.14 -12.39
C TYR C 105 -45.09 5.90 -11.51
N VAL C 106 -46.00 4.98 -11.81
CA VAL C 106 -46.18 3.78 -11.01
C VAL C 106 -46.34 2.59 -11.95
N ASP C 107 -45.70 1.47 -11.59
CA ASP C 107 -45.68 0.27 -12.41
C ASP C 107 -47.02 -0.47 -12.32
N TYR C 108 -48.00 0.09 -13.02
CA TYR C 108 -49.33 -0.52 -13.01
C TYR C 108 -49.40 -1.81 -13.81
N SER C 109 -48.37 -2.13 -14.61
CA SER C 109 -48.34 -3.43 -15.28
C SER C 109 -48.27 -4.52 -14.23
N GLY C 110 -49.38 -5.21 -14.03
CA GLY C 110 -49.45 -6.24 -13.00
C GLY C 110 -50.79 -6.24 -12.30
N TYR C 111 -51.47 -5.11 -12.30
CA TYR C 111 -52.67 -4.98 -11.49
C TYR C 111 -53.76 -5.81 -12.15
N PRO C 112 -54.14 -6.97 -11.61
CA PRO C 112 -54.93 -7.91 -12.42
C PRO C 112 -56.37 -7.50 -12.65
N ASN C 113 -56.82 -6.37 -12.13
CA ASN C 113 -58.18 -5.95 -12.38
C ASN C 113 -58.31 -5.48 -13.82
N PHE C 114 -59.29 -6.02 -14.53
CA PHE C 114 -59.67 -5.54 -15.85
C PHE C 114 -61.16 -5.73 -16.02
N ASN C 115 -61.85 -4.65 -16.40
CA ASN C 115 -63.29 -4.53 -16.23
C ASN C 115 -64.04 -4.36 -17.55
N SER C 116 -63.41 -4.64 -18.69
CA SER C 116 -64.09 -4.61 -19.96
C SER C 116 -63.48 -5.67 -20.85
N TRP C 117 -64.32 -6.53 -21.41
CA TRP C 117 -63.88 -7.73 -22.11
C TRP C 117 -64.15 -7.60 -23.61
N GLY C 118 -63.36 -8.34 -24.38
CA GLY C 118 -63.76 -8.65 -25.74
C GLY C 118 -64.76 -9.79 -25.78
N GLN C 119 -65.45 -9.90 -26.91
CA GLN C 119 -66.53 -10.89 -27.02
C GLN C 119 -66.01 -12.32 -27.06
N GLY C 120 -64.72 -12.52 -27.30
CA GLY C 120 -64.13 -13.84 -27.27
C GLY C 120 -64.07 -14.50 -28.62
N THR C 121 -62.96 -15.20 -28.88
CA THR C 121 -62.78 -15.98 -30.10
C THR C 121 -61.88 -17.16 -29.77
N LEU C 122 -61.97 -18.19 -30.62
CA LEU C 122 -61.30 -19.46 -30.36
C LEU C 122 -60.56 -19.92 -31.60
N VAL C 123 -59.64 -20.84 -31.38
CA VAL C 123 -58.91 -21.52 -32.45
C VAL C 123 -59.06 -23.02 -32.22
N THR C 124 -59.47 -23.73 -33.26
CA THR C 124 -59.52 -25.18 -33.22
C THR C 124 -58.24 -25.74 -33.82
N VAL C 125 -57.72 -26.81 -33.22
CA VAL C 125 -56.50 -27.47 -33.67
C VAL C 125 -56.87 -28.87 -34.14
N SER C 126 -56.52 -29.18 -35.38
CA SER C 126 -56.88 -30.46 -36.00
C SER C 126 -55.72 -31.00 -36.82
N GLN D 1 -53.37 -27.98 -12.35
CA GLN D 1 -53.56 -26.50 -12.46
C GLN D 1 -52.40 -25.76 -11.81
N SER D 2 -52.36 -24.45 -12.00
CA SER D 2 -51.29 -23.64 -11.43
C SER D 2 -51.40 -23.61 -9.90
N ALA D 3 -50.41 -22.96 -9.27
CA ALA D 3 -50.28 -23.04 -7.83
C ALA D 3 -51.47 -22.43 -7.10
N LEU D 4 -52.13 -21.45 -7.70
CA LEU D 4 -53.28 -20.81 -7.05
C LEU D 4 -54.45 -21.78 -7.02
N THR D 5 -54.92 -22.11 -5.81
CA THR D 5 -55.87 -23.18 -5.58
C THR D 5 -57.22 -22.61 -5.15
N GLN D 6 -58.29 -23.29 -5.54
CA GLN D 6 -59.66 -22.88 -5.27
C GLN D 6 -60.53 -24.13 -5.19
N PRO D 7 -61.53 -24.17 -4.30
CA PRO D 7 -62.34 -25.39 -4.19
C PRO D 7 -63.13 -25.70 -5.46
N ALA D 8 -63.36 -26.99 -5.68
CA ALA D 8 -63.98 -27.44 -6.92
C ALA D 8 -65.42 -26.99 -7.02
N SER D 9 -66.19 -27.14 -5.95
CA SER D 9 -67.59 -26.77 -5.97
C SER D 9 -68.09 -26.55 -4.54
N VAL D 10 -68.94 -25.55 -4.37
CA VAL D 10 -69.55 -25.22 -3.09
C VAL D 10 -71.04 -25.03 -3.32
N SER D 11 -71.84 -25.52 -2.38
CA SER D 11 -73.29 -25.56 -2.53
C SER D 11 -73.97 -25.11 -1.24
N GLY D 12 -75.23 -24.73 -1.36
CA GLY D 12 -75.98 -24.22 -0.22
C GLY D 12 -77.34 -23.75 -0.69
N SER D 13 -78.27 -23.71 0.27
CA SER D 13 -79.64 -23.34 -0.03
C SER D 13 -79.78 -21.83 -0.17
N PRO D 14 -80.88 -21.35 -0.75
CA PRO D 14 -81.09 -19.90 -0.84
C PRO D 14 -81.16 -19.26 0.54
N GLY D 15 -80.70 -18.01 0.61
CA GLY D 15 -80.60 -17.30 1.87
C GLY D 15 -79.35 -17.60 2.67
N GLN D 16 -78.48 -18.49 2.17
CA GLN D 16 -77.26 -18.83 2.89
C GLN D 16 -76.19 -17.77 2.64
N SER D 17 -75.12 -17.86 3.44
CA SER D 17 -73.90 -17.09 3.23
C SER D 17 -72.74 -18.06 3.09
N ILE D 18 -71.99 -17.91 2.00
CA ILE D 18 -70.96 -18.88 1.60
C ILE D 18 -69.67 -18.11 1.33
N THR D 19 -68.55 -18.72 1.70
CA THR D 19 -67.22 -18.19 1.44
C THR D 19 -66.52 -19.10 0.45
N ILE D 20 -66.07 -18.54 -0.67
CA ILE D 20 -65.28 -19.26 -1.66
C ILE D 20 -63.82 -18.93 -1.40
N SER D 21 -63.04 -19.94 -1.03
CA SER D 21 -61.68 -19.74 -0.58
C SER D 21 -60.72 -19.64 -1.77
N CYS D 22 -59.55 -19.06 -1.50
CA CYS D 22 -58.50 -18.92 -2.49
C CYS D 22 -57.15 -18.91 -1.77
N THR D 23 -56.27 -19.81 -2.15
CA THR D 23 -55.02 -20.06 -1.44
C THR D 23 -53.85 -19.94 -2.41
N GLY D 24 -52.71 -19.49 -1.89
CA GLY D 24 -51.50 -19.34 -2.68
C GLY D 24 -50.26 -19.74 -1.91
N THR D 25 -49.27 -18.85 -1.88
CA THR D 25 -48.01 -19.08 -1.18
C THR D 25 -47.47 -17.73 -0.75
N SER D 26 -46.50 -17.74 0.16
CA SER D 26 -45.90 -16.49 0.64
C SER D 26 -45.30 -15.67 -0.50
N TYR D 27 -44.89 -16.32 -1.59
CA TYR D 27 -44.31 -15.58 -2.71
C TYR D 27 -45.31 -14.61 -3.33
N ASP D 28 -46.55 -15.04 -3.56
CA ASP D 28 -47.44 -14.28 -4.44
C ASP D 28 -48.56 -13.57 -3.68
N VAL D 29 -49.39 -14.30 -2.93
CA VAL D 29 -50.57 -13.69 -2.32
C VAL D 29 -50.28 -13.32 -0.87
N GLY D 30 -49.32 -14.00 -0.24
CA GLY D 30 -48.94 -13.67 1.12
C GLY D 30 -48.04 -12.45 1.24
N SER D 31 -47.65 -11.85 0.11
CA SER D 31 -46.80 -10.66 0.11
C SER D 31 -47.40 -9.46 -0.61
N TYR D 32 -48.49 -9.64 -1.36
CA TYR D 32 -49.11 -8.55 -2.13
C TYR D 32 -50.62 -8.62 -1.94
N ASN D 33 -51.24 -7.44 -1.86
CA ASN D 33 -52.67 -7.32 -1.63
C ASN D 33 -53.47 -7.09 -2.90
N LEU D 34 -53.04 -7.66 -4.02
CA LEU D 34 -53.79 -7.59 -5.28
C LEU D 34 -54.43 -8.96 -5.57
N VAL D 35 -55.61 -9.13 -5.01
CA VAL D 35 -56.47 -10.29 -5.26
C VAL D 35 -57.77 -9.77 -5.83
N SER D 36 -58.21 -10.38 -6.93
CA SER D 36 -59.49 -10.05 -7.54
C SER D 36 -60.17 -11.33 -7.96
N TRP D 37 -61.50 -11.30 -8.00
CA TRP D 37 -62.33 -12.42 -8.35
C TRP D 37 -63.16 -12.08 -9.58
N TYR D 38 -63.62 -13.12 -10.27
CA TYR D 38 -64.41 -12.94 -11.49
C TYR D 38 -65.60 -13.88 -11.49
N GLN D 39 -66.68 -13.44 -12.14
CA GLN D 39 -67.91 -14.20 -12.28
C GLN D 39 -68.16 -14.44 -13.77
N GLN D 40 -68.75 -15.58 -14.11
CA GLN D 40 -68.93 -15.96 -15.51
C GLN D 40 -70.04 -16.99 -15.63
N HIS D 41 -71.15 -16.60 -16.27
CA HIS D 41 -72.15 -17.57 -16.68
C HIS D 41 -71.69 -18.25 -17.97
N PRO D 42 -72.08 -19.52 -18.21
CA PRO D 42 -71.54 -20.22 -19.37
C PRO D 42 -71.88 -19.54 -20.69
N GLY D 43 -70.94 -19.63 -21.63
CA GLY D 43 -71.13 -19.10 -22.96
C GLY D 43 -70.87 -17.62 -23.12
N LYS D 44 -70.21 -16.98 -22.15
CA LYS D 44 -69.94 -15.56 -22.21
C LYS D 44 -68.62 -15.26 -21.51
N ALA D 45 -68.10 -14.06 -21.75
CA ALA D 45 -66.89 -13.64 -21.08
C ALA D 45 -67.18 -13.39 -19.59
N PRO D 46 -66.19 -13.61 -18.71
CA PRO D 46 -66.42 -13.32 -17.29
C PRO D 46 -66.67 -11.84 -17.03
N LYS D 47 -67.00 -11.54 -15.76
CA LYS D 47 -67.22 -10.19 -15.28
C LYS D 47 -66.50 -10.03 -13.94
N LEU D 48 -65.80 -8.92 -13.80
CA LEU D 48 -64.99 -8.65 -12.62
C LEU D 48 -65.85 -8.45 -11.38
N ILE D 49 -65.37 -8.96 -10.25
CA ILE D 49 -65.91 -8.63 -8.93
C ILE D 49 -64.73 -8.41 -7.98
N ILE D 50 -64.79 -7.30 -7.24
CA ILE D 50 -63.70 -6.85 -6.38
C ILE D 50 -62.45 -6.61 -7.22
N TYR D 51 -62.26 -5.36 -7.65
CA TYR D 51 -61.07 -5.03 -8.43
C TYR D 51 -59.81 -4.96 -7.58
N GLU D 52 -59.94 -4.88 -6.27
CA GLU D 52 -58.77 -4.81 -5.42
C GLU D 52 -59.10 -5.29 -4.02
N VAL D 53 -58.73 -6.54 -3.71
CA VAL D 53 -58.90 -7.21 -2.41
C VAL D 53 -60.26 -7.00 -1.75
N SER D 54 -60.69 -5.75 -1.53
CA SER D 54 -61.99 -5.46 -0.90
C SER D 54 -62.80 -4.38 -1.58
N GLN D 55 -62.21 -3.45 -2.32
CA GLN D 55 -63.00 -2.36 -2.90
C GLN D 55 -63.94 -2.87 -3.99
N TRP D 56 -65.01 -2.13 -4.21
CA TRP D 56 -66.16 -2.62 -4.98
C TRP D 56 -66.17 -1.96 -6.36
N PRO D 57 -66.34 -2.72 -7.46
CA PRO D 57 -66.19 -2.12 -8.80
C PRO D 57 -67.40 -1.35 -9.31
N SER D 58 -68.60 -1.85 -9.06
CA SER D 58 -69.79 -1.30 -9.69
C SER D 58 -70.99 -1.62 -8.80
N GLY D 59 -72.19 -1.44 -9.34
CA GLY D 59 -73.41 -1.65 -8.58
C GLY D 59 -73.74 -3.11 -8.35
N VAL D 60 -72.82 -3.83 -7.73
CA VAL D 60 -73.02 -5.24 -7.39
C VAL D 60 -73.51 -5.43 -5.96
N SER D 61 -73.70 -4.35 -5.21
CA SER D 61 -74.19 -4.40 -3.83
C SER D 61 -73.16 -5.07 -2.91
N LYS D 62 -73.45 -5.07 -1.61
CA LYS D 62 -72.50 -5.53 -0.60
C LYS D 62 -72.45 -7.04 -0.46
N ARG D 63 -73.19 -7.79 -1.28
CA ARG D 63 -73.39 -9.21 -1.04
C ARG D 63 -72.15 -10.06 -1.31
N PHE D 64 -71.10 -9.50 -1.88
CA PHE D 64 -69.95 -10.26 -2.36
C PHE D 64 -68.66 -9.74 -1.74
N SER D 65 -68.65 -9.60 -0.42
CA SER D 65 -67.49 -9.07 0.29
C SER D 65 -66.30 -10.01 0.14
N GLY D 66 -65.10 -9.44 0.13
CA GLY D 66 -63.87 -10.22 0.08
C GLY D 66 -63.02 -10.01 1.32
N SER D 67 -62.02 -10.88 1.47
CA SER D 67 -61.11 -10.77 2.59
C SER D 67 -59.84 -11.55 2.26
N LYS D 68 -58.77 -11.23 2.99
CA LYS D 68 -57.48 -11.88 2.80
C LYS D 68 -56.81 -12.02 4.15
N SER D 69 -55.99 -13.07 4.28
CA SER D 69 -55.18 -13.27 5.48
C SER D 69 -54.06 -14.23 5.14
N GLY D 70 -52.82 -13.76 5.22
CA GLY D 70 -51.69 -14.61 4.89
C GLY D 70 -51.76 -15.06 3.45
N ASN D 71 -51.60 -16.37 3.24
CA ASN D 71 -51.65 -16.93 1.90
C ASN D 71 -53.08 -17.27 1.46
N THR D 72 -54.10 -16.85 2.21
CA THR D 72 -55.48 -17.22 1.96
C THR D 72 -56.31 -15.99 1.63
N ALA D 73 -57.28 -16.17 0.73
CA ALA D 73 -58.23 -15.13 0.36
C ALA D 73 -59.59 -15.77 0.19
N SER D 74 -60.64 -14.96 0.36
CA SER D 74 -62.00 -15.46 0.38
C SER D 74 -62.94 -14.50 -0.35
N LEU D 75 -63.99 -15.08 -0.93
CA LEU D 75 -65.09 -14.34 -1.55
C LEU D 75 -66.37 -14.70 -0.82
N THR D 76 -66.94 -13.73 -0.11
CA THR D 76 -68.06 -13.96 0.81
C THR D 76 -69.36 -13.71 0.07
N ILE D 77 -69.92 -14.78 -0.51
CA ILE D 77 -71.28 -14.71 -1.04
C ILE D 77 -72.24 -14.72 0.13
N SER D 78 -73.16 -13.75 0.13
CA SER D 78 -74.11 -13.58 1.22
C SER D 78 -75.48 -13.24 0.64
N GLY D 79 -76.52 -13.63 1.37
CA GLY D 79 -77.88 -13.42 0.91
C GLY D 79 -78.11 -14.15 -0.39
N LEU D 80 -77.81 -15.45 -0.42
CA LEU D 80 -77.76 -16.21 -1.65
C LEU D 80 -79.09 -16.19 -2.38
N GLN D 81 -79.04 -15.85 -3.65
CA GLN D 81 -80.16 -15.97 -4.58
C GLN D 81 -79.75 -16.97 -5.65
N ALA D 82 -80.64 -17.93 -5.94
CA ALA D 82 -80.27 -19.07 -6.78
C ALA D 82 -79.89 -18.66 -8.19
N GLU D 83 -80.30 -17.48 -8.65
CA GLU D 83 -79.91 -17.03 -9.99
C GLU D 83 -78.43 -16.68 -10.09
N ASP D 84 -77.72 -16.58 -8.96
CA ASP D 84 -76.28 -16.36 -8.97
C ASP D 84 -75.49 -17.62 -9.26
N GLU D 85 -76.16 -18.74 -9.59
CA GLU D 85 -75.47 -19.96 -9.99
C GLU D 85 -74.58 -19.70 -11.18
N ALA D 86 -73.27 -19.77 -10.98
CA ALA D 86 -72.31 -19.46 -12.02
C ALA D 86 -70.93 -19.89 -11.55
N HIS D 87 -69.98 -19.87 -12.48
CA HIS D 87 -68.58 -20.11 -12.13
C HIS D 87 -67.96 -18.86 -11.54
N TYR D 88 -67.13 -19.05 -10.52
CA TYR D 88 -66.45 -17.97 -9.83
C TYR D 88 -64.97 -18.29 -9.75
N TYR D 89 -64.13 -17.31 -10.09
CA TYR D 89 -62.70 -17.49 -10.25
C TYR D 89 -61.95 -16.56 -9.31
N CYS D 90 -60.82 -17.04 -8.79
CA CYS D 90 -59.86 -16.21 -8.09
C CYS D 90 -58.67 -15.92 -8.99
N CYS D 91 -57.98 -14.83 -8.69
CA CYS D 91 -56.74 -14.51 -9.39
C CYS D 91 -56.00 -13.46 -8.57
N SER D 92 -54.69 -13.39 -8.78
CA SER D 92 -53.87 -12.47 -8.00
C SER D 92 -52.57 -12.19 -8.74
N TYR D 93 -51.97 -11.06 -8.39
CA TYR D 93 -50.65 -10.72 -8.89
C TYR D 93 -49.62 -11.70 -8.34
N ALA D 94 -48.58 -11.95 -9.13
CA ALA D 94 -47.57 -12.94 -8.77
C ALA D 94 -46.18 -12.42 -9.09
N GLY D 95 -45.19 -13.29 -9.07
CA GLY D 95 -43.83 -12.88 -9.35
C GLY D 95 -43.57 -12.64 -10.82
N SER D 96 -42.48 -11.93 -11.09
CA SER D 96 -41.98 -11.71 -12.44
C SER D 96 -43.01 -11.02 -13.32
N SER D 97 -43.77 -10.10 -12.72
CA SER D 97 -44.82 -9.35 -13.41
C SER D 97 -45.85 -10.25 -14.07
N THR D 98 -46.09 -11.42 -13.51
CA THR D 98 -47.07 -12.36 -14.04
C THR D 98 -48.36 -12.31 -13.22
N VAL D 99 -49.42 -12.83 -13.83
CA VAL D 99 -50.72 -12.97 -13.18
C VAL D 99 -51.15 -14.42 -13.32
N ILE D 100 -51.78 -14.95 -12.27
CA ILE D 100 -52.18 -16.35 -12.22
C ILE D 100 -53.63 -16.42 -11.78
N PHE D 101 -54.33 -17.46 -12.22
CA PHE D 101 -55.74 -17.66 -11.93
C PHE D 101 -55.92 -18.82 -10.96
N GLY D 102 -56.89 -18.67 -10.05
CA GLY D 102 -57.32 -19.80 -9.26
C GLY D 102 -58.10 -20.80 -10.10
N GLY D 103 -58.28 -22.00 -9.54
CA GLY D 103 -58.85 -23.10 -10.31
C GLY D 103 -60.28 -22.90 -10.75
N GLY D 104 -61.01 -21.99 -10.12
CA GLY D 104 -62.42 -21.83 -10.40
C GLY D 104 -63.28 -22.77 -9.56
N THR D 105 -64.59 -22.52 -9.60
CA THR D 105 -65.53 -23.28 -8.79
C THR D 105 -66.90 -23.28 -9.45
N SER D 106 -67.81 -24.03 -8.83
CA SER D 106 -69.21 -24.10 -9.25
C SER D 106 -70.10 -23.83 -8.04
N LEU D 107 -71.09 -22.96 -8.22
CA LEU D 107 -71.95 -22.55 -7.13
C LEU D 107 -73.14 -23.51 -7.01
N THR D 108 -73.90 -23.36 -5.91
CA THR D 108 -75.05 -24.18 -5.62
C THR D 108 -76.02 -24.27 -6.79
N VAL D 109 -76.64 -25.46 -6.91
CA VAL D 109 -77.86 -25.64 -7.68
C VAL D 109 -79.06 -25.88 -6.77
N LEU D 110 -78.83 -26.28 -5.51
CA LEU D 110 -79.90 -26.51 -4.53
C LEU D 110 -80.78 -25.28 -4.37
N GLU E 2 35.63 15.22 58.43
CA GLU E 2 34.16 15.26 58.24
C GLU E 2 33.72 14.16 57.27
N ASN E 3 32.57 13.55 57.56
CA ASN E 3 32.08 12.45 56.75
C ASN E 3 31.42 12.97 55.47
N LEU E 4 31.24 12.06 54.51
CA LEU E 4 30.75 12.37 53.18
C LEU E 4 29.57 11.48 52.82
N TRP E 5 28.57 12.08 52.18
CA TRP E 5 27.38 11.38 51.69
C TRP E 5 27.21 11.63 50.19
N VAL E 6 26.69 10.62 49.50
CA VAL E 6 26.52 10.72 48.05
C VAL E 6 25.42 11.72 47.74
N THR E 7 25.60 12.47 46.66
CA THR E 7 24.62 13.42 46.16
C THR E 7 24.36 13.15 44.69
N VAL E 8 23.08 13.06 44.32
CA VAL E 8 22.67 12.89 42.94
C VAL E 8 22.35 14.26 42.37
N TYR E 9 22.96 14.59 41.24
CA TYR E 9 22.78 15.86 40.57
C TYR E 9 21.99 15.61 39.29
N TYR E 10 20.89 16.32 39.14
CA TYR E 10 20.19 16.38 37.87
C TYR E 10 20.65 17.61 37.11
N GLY E 11 20.40 17.61 35.81
CA GLY E 11 20.88 18.68 34.97
C GLY E 11 22.32 18.52 34.51
N VAL E 12 22.89 17.33 34.66
CA VAL E 12 24.29 17.13 34.31
C VAL E 12 24.45 17.15 32.80
N PRO E 13 25.47 17.81 32.24
CA PRO E 13 25.87 17.51 30.86
C PRO E 13 26.82 16.32 30.79
N VAL E 14 26.34 15.21 30.25
CA VAL E 14 27.12 14.00 30.04
C VAL E 14 26.70 13.39 28.71
N TRP E 15 27.66 12.87 27.96
CA TRP E 15 27.46 12.43 26.60
C TRP E 15 27.73 10.95 26.43
N LYS E 16 27.06 10.37 25.44
CA LYS E 16 27.36 9.04 24.93
C LYS E 16 26.97 9.02 23.46
N GLU E 17 27.86 8.57 22.60
CA GLU E 17 27.56 8.47 21.18
C GLU E 17 26.69 7.25 20.94
N ALA E 18 25.51 7.45 20.37
CA ALA E 18 24.56 6.36 20.19
C ALA E 18 23.64 6.66 19.00
N LYS E 19 23.05 5.60 18.49
CA LYS E 19 22.11 5.72 17.38
C LYS E 19 20.81 6.34 17.85
N THR E 20 20.13 7.04 16.96
CA THR E 20 18.84 7.64 17.28
C THR E 20 18.13 8.06 16.01
N THR E 21 16.80 8.01 16.07
CA THR E 21 16.00 8.56 14.99
C THR E 21 16.24 10.06 14.91
N LEU E 22 16.09 10.62 13.70
CA LEU E 22 16.39 12.02 13.43
C LEU E 22 15.28 12.65 12.62
N PHE E 23 14.98 13.92 12.93
CA PHE E 23 13.99 14.68 12.18
C PHE E 23 14.49 14.93 10.75
N CYS E 24 13.64 15.55 9.95
CA CYS E 24 14.06 16.30 8.77
C CYS E 24 13.37 17.65 8.83
N ALA E 25 14.15 18.72 8.68
CA ALA E 25 13.63 20.08 8.69
C ALA E 25 14.13 20.82 7.47
N SER E 26 13.25 21.63 6.88
CA SER E 26 13.43 22.18 5.55
C SER E 26 13.57 23.70 5.60
N ASP E 27 14.31 24.25 4.64
CA ASP E 27 14.47 25.68 4.50
C ASP E 27 13.27 26.28 3.78
N ALA E 28 13.28 27.60 3.63
CA ALA E 28 12.07 28.32 3.23
C ALA E 28 11.77 28.17 1.74
N ARG E 29 12.74 27.73 0.94
CA ARG E 29 12.59 27.81 -0.52
C ARG E 29 11.79 26.65 -1.12
N ALA E 30 11.00 25.95 -0.30
CA ALA E 30 10.03 24.98 -0.79
C ALA E 30 8.61 25.24 -0.29
N TYR E 31 8.42 26.13 0.67
CA TYR E 31 7.09 26.36 1.24
C TYR E 31 6.20 27.22 0.35
N GLU E 32 6.74 27.78 -0.74
CA GLU E 32 5.95 28.56 -1.68
C GLU E 32 5.23 27.69 -2.71
N LYS E 33 5.58 26.41 -2.82
CA LYS E 33 5.00 25.53 -3.81
C LYS E 33 3.70 24.92 -3.28
N GLU E 34 3.14 23.99 -4.05
CA GLU E 34 1.98 23.24 -3.60
C GLU E 34 2.44 22.14 -2.63
N VAL E 35 1.45 21.48 -2.01
CA VAL E 35 1.77 20.41 -1.08
C VAL E 35 2.37 19.23 -1.84
N HIS E 36 3.47 18.71 -1.31
CA HIS E 36 4.21 17.56 -1.84
C HIS E 36 5.02 17.89 -3.08
N ASN E 37 5.04 19.15 -3.53
CA ASN E 37 5.96 19.61 -4.56
C ASN E 37 7.08 20.47 -3.99
N VAL E 38 8.08 19.91 -3.31
CA VAL E 38 8.42 18.51 -3.04
C VAL E 38 8.30 18.28 -1.54
N TRP E 39 8.63 17.06 -1.09
CA TRP E 39 8.50 16.61 0.29
C TRP E 39 8.85 17.64 1.36
N ALA E 40 9.88 18.46 1.09
CA ALA E 40 10.32 19.45 2.05
C ALA E 40 9.23 20.46 2.39
N THR E 41 8.27 20.69 1.49
CA THR E 41 7.21 21.65 1.74
C THR E 41 6.11 21.12 2.66
N HIS E 42 5.97 19.80 2.78
CA HIS E 42 4.76 19.18 3.30
C HIS E 42 5.04 18.28 4.49
N ALA E 43 6.15 17.55 4.44
CA ALA E 43 6.46 16.55 5.46
C ALA E 43 7.44 17.07 6.51
N CYS E 44 8.61 17.53 6.06
CA CYS E 44 9.64 17.95 6.99
C CYS E 44 9.19 19.19 7.76
N VAL E 45 9.54 19.24 9.04
CA VAL E 45 9.07 20.28 9.95
C VAL E 45 9.67 21.62 9.53
N PRO E 46 8.99 22.75 9.75
CA PRO E 46 9.60 24.04 9.41
C PRO E 46 10.84 24.31 10.26
N THR E 47 11.78 25.05 9.68
CA THR E 47 13.06 25.31 10.32
C THR E 47 12.99 26.57 11.19
N ASP E 48 14.15 26.93 11.73
CA ASP E 48 14.36 28.18 12.44
C ASP E 48 15.82 28.58 12.22
N PRO E 49 16.12 29.80 11.77
CA PRO E 49 17.53 30.15 11.55
C PRO E 49 18.38 30.12 12.80
N SER E 50 17.79 30.30 13.98
CA SER E 50 18.48 30.42 15.25
C SER E 50 18.06 29.28 16.17
N PRO E 51 18.85 28.97 17.22
CA PRO E 51 20.15 29.55 17.62
C PRO E 51 21.30 29.10 16.73
N GLN E 52 22.35 29.90 16.66
CA GLN E 52 23.57 29.53 15.96
C GLN E 52 24.39 28.58 16.83
N GLU E 53 25.62 28.31 16.38
CA GLU E 53 26.50 27.39 17.07
C GLU E 53 26.87 27.96 18.43
N LEU E 54 26.46 27.28 19.50
CA LEU E 54 26.72 27.72 20.86
C LEU E 54 28.12 27.26 21.25
N VAL E 55 29.07 28.21 21.30
CA VAL E 55 30.45 27.85 21.59
C VAL E 55 30.56 27.25 22.98
N LEU E 56 31.52 26.35 23.16
CA LEU E 56 31.72 25.63 24.41
C LEU E 56 33.13 25.88 24.91
N GLY E 57 33.25 26.24 26.19
CA GLY E 57 34.48 26.84 26.68
C GLY E 57 35.65 25.88 26.76
N ASN E 58 35.43 24.66 27.28
CA ASN E 58 36.53 23.78 27.66
C ASN E 58 36.30 22.34 27.21
N VAL E 59 35.70 22.12 26.03
CA VAL E 59 35.30 20.77 25.64
C VAL E 59 36.44 20.05 24.93
N THR E 60 36.33 18.72 24.90
CA THR E 60 37.30 17.86 24.24
C THR E 60 36.58 16.57 23.86
N GLU E 61 36.37 16.38 22.56
CA GLU E 61 35.48 15.33 22.06
C GLU E 61 36.15 14.59 20.91
N ASN E 62 35.86 13.29 20.81
CA ASN E 62 36.35 12.48 19.70
C ASN E 62 35.43 12.63 18.50
N PHE E 63 36.01 12.58 17.31
CA PHE E 63 35.25 12.66 16.05
C PHE E 63 35.79 11.60 15.09
N ASN E 64 35.18 10.42 15.14
CA ASN E 64 35.33 9.46 14.05
C ASN E 64 34.23 9.72 13.03
N MET E 65 34.63 9.88 11.78
CA MET E 65 33.72 10.27 10.72
C MET E 65 33.19 9.08 9.94
N TRP E 66 34.07 8.14 9.57
CA TRP E 66 33.65 7.14 8.60
C TRP E 66 32.73 6.11 9.22
N LYS E 67 32.67 6.02 10.54
CA LYS E 67 31.67 5.21 11.23
C LYS E 67 30.48 6.03 11.70
N ASN E 68 30.36 7.28 11.25
CA ASN E 68 29.22 8.11 11.59
C ASN E 68 27.95 7.48 11.05
N ASP E 69 27.03 7.09 11.95
CA ASP E 69 25.81 6.41 11.51
C ASP E 69 24.91 7.32 10.68
N MET E 70 25.08 8.63 10.76
CA MET E 70 24.12 9.56 10.16
C MET E 70 24.04 9.35 8.65
N VAL E 71 25.10 8.87 8.02
CA VAL E 71 25.04 8.59 6.60
C VAL E 71 24.05 7.44 6.34
N ASP E 72 24.11 6.38 7.13
CA ASP E 72 23.16 5.28 6.95
C ASP E 72 21.74 5.74 7.28
N GLN E 73 21.59 6.51 8.35
CA GLN E 73 20.32 7.10 8.74
C GLN E 73 19.81 8.08 7.74
N MET E 74 20.59 8.55 6.76
CA MET E 74 20.08 9.32 5.65
C MET E 74 20.11 8.57 4.33
N HIS E 75 21.00 7.60 4.16
CA HIS E 75 20.90 6.74 2.98
C HIS E 75 19.56 6.03 2.96
N GLU E 76 19.20 5.37 4.06
CA GLU E 76 17.91 4.70 4.11
C GLU E 76 16.77 5.72 4.05
N ASP E 77 16.98 6.90 4.63
CA ASP E 77 15.95 7.95 4.57
C ASP E 77 15.65 8.33 3.12
N ILE E 78 16.69 8.59 2.34
CA ILE E 78 16.48 9.02 0.95
C ILE E 78 15.94 7.87 0.13
N ILE E 79 16.40 6.64 0.39
CA ILE E 79 15.89 5.51 -0.39
C ILE E 79 14.41 5.30 -0.12
N SER E 80 14.01 5.39 1.15
CA SER E 80 12.60 5.20 1.49
C SER E 80 11.74 6.35 0.97
N LEU E 81 12.21 7.58 1.14
CA LEU E 81 11.46 8.74 0.69
C LEU E 81 11.30 8.75 -0.82
N TRP E 82 12.41 8.62 -1.53
CA TRP E 82 12.37 8.72 -2.98
C TRP E 82 11.56 7.58 -3.59
N ASP E 83 11.75 6.36 -3.09
CA ASP E 83 10.98 5.23 -3.58
C ASP E 83 9.50 5.36 -3.27
N GLN E 84 9.13 6.17 -2.29
CA GLN E 84 7.73 6.45 -2.01
C GLN E 84 7.18 7.58 -2.88
N SER E 85 8.05 8.42 -3.43
CA SER E 85 7.57 9.54 -4.24
C SER E 85 7.08 9.07 -5.61
N LEU E 86 7.59 7.95 -6.10
CA LEU E 86 7.20 7.46 -7.42
C LEU E 86 5.96 6.58 -7.41
N LYS E 87 5.35 6.36 -6.24
CA LYS E 87 4.23 5.43 -6.16
C LYS E 87 3.04 5.80 -7.04
N PRO E 88 2.51 7.03 -7.03
CA PRO E 88 1.25 7.27 -7.73
C PRO E 88 1.38 7.35 -9.25
N CYS E 89 2.58 7.46 -9.79
CA CYS E 89 2.74 7.68 -11.22
C CYS E 89 2.62 6.36 -11.98
N VAL E 90 2.50 6.48 -13.30
CA VAL E 90 2.32 5.32 -14.17
C VAL E 90 3.52 4.39 -14.02
N LYS E 91 3.23 3.10 -13.96
CA LYS E 91 4.28 2.08 -13.87
C LYS E 91 4.64 1.53 -15.25
N LEU E 92 4.89 2.45 -16.20
CA LEU E 92 5.08 2.19 -17.63
C LEU E 92 4.39 0.91 -18.08
N THR E 93 5.12 -0.24 -18.07
CA THR E 93 4.67 -1.60 -18.37
C THR E 93 4.06 -1.76 -19.77
N PRO E 94 2.96 -1.08 -20.17
CA PRO E 94 2.75 -0.90 -21.61
C PRO E 94 3.75 0.03 -22.31
N LEU E 95 5.02 -0.37 -22.31
CA LEU E 95 5.95 0.03 -23.35
C LEU E 95 6.88 -1.09 -23.78
N CYS E 96 6.90 -2.23 -23.08
CA CYS E 96 7.74 -3.36 -23.46
C CYS E 96 7.15 -3.95 -24.73
N VAL E 97 7.42 -3.29 -25.86
CA VAL E 97 6.78 -3.57 -27.13
C VAL E 97 7.87 -3.64 -28.20
N THR E 98 7.59 -4.39 -29.26
CA THR E 98 8.50 -4.50 -30.39
C THR E 98 8.60 -3.14 -31.07
N LEU E 99 9.73 -2.47 -30.91
CA LEU E 99 9.96 -1.20 -31.60
C LEU E 99 10.55 -1.47 -32.98
N ILE E 100 9.81 -1.08 -34.02
CA ILE E 100 10.24 -1.20 -35.41
C ILE E 100 10.53 0.21 -35.92
N CYS E 101 11.78 0.47 -36.31
CA CYS E 101 12.22 1.86 -36.40
C CYS E 101 13.46 2.14 -37.27
N SER E 102 14.18 3.21 -36.93
CA SER E 102 14.65 4.24 -37.85
C SER E 102 15.28 3.75 -39.14
N ASN E 103 15.23 4.65 -40.13
CA ASN E 103 15.94 4.51 -41.40
C ASN E 103 17.44 4.73 -41.17
N ALA E 104 18.19 4.79 -42.27
CA ALA E 104 19.64 4.87 -42.20
C ALA E 104 20.12 6.13 -41.48
N THR E 105 21.22 5.99 -40.75
CA THR E 105 21.87 7.12 -40.09
C THR E 105 22.55 8.01 -41.13
N VAL E 106 22.59 9.32 -40.85
CA VAL E 106 23.15 10.27 -41.79
C VAL E 106 24.67 10.29 -41.69
N LYS E 107 25.34 10.08 -42.83
CA LYS E 107 26.79 10.23 -42.99
C LYS E 107 27.58 9.40 -41.97
N ASN E 108 27.04 8.24 -41.62
CA ASN E 108 27.76 7.21 -40.86
C ASN E 108 28.37 7.77 -39.58
N GLY E 109 27.58 8.55 -38.84
CA GLY E 109 28.01 9.07 -37.56
C GLY E 109 28.76 10.37 -37.60
N THR E 110 28.65 11.15 -38.67
CA THR E 110 29.16 12.52 -38.68
C THR E 110 28.08 13.46 -38.13
N VAL E 111 27.56 13.14 -36.95
CA VAL E 111 26.34 13.77 -36.45
C VAL E 111 26.21 13.45 -34.97
N GLU E 112 25.51 14.30 -34.24
CA GLU E 112 25.20 14.09 -32.82
C GLU E 112 23.86 13.38 -32.66
N GLU E 113 23.85 12.07 -32.89
CA GLU E 113 22.63 11.39 -33.32
C GLU E 113 21.66 11.14 -32.18
N MET E 114 20.37 11.24 -32.51
CA MET E 114 19.26 10.67 -31.74
C MET E 114 18.49 9.71 -32.64
N LYS E 115 18.01 8.62 -32.07
CA LYS E 115 17.28 7.61 -32.83
C LYS E 115 15.78 7.72 -32.59
N ASN E 116 15.04 7.66 -33.69
CA ASN E 116 13.59 7.76 -33.72
C ASN E 116 13.02 6.35 -33.72
N CYS E 117 11.92 6.14 -32.98
CA CYS E 117 11.24 4.85 -33.07
C CYS E 117 9.75 4.99 -32.80
N SER E 118 9.01 4.04 -33.39
CA SER E 118 7.55 3.96 -33.33
C SER E 118 7.15 2.60 -32.78
N PHE E 119 5.92 2.51 -32.27
CA PHE E 119 5.52 1.38 -31.45
C PHE E 119 4.01 1.39 -31.30
N ASN E 120 3.47 0.23 -30.90
CA ASN E 120 2.04 0.05 -30.70
C ASN E 120 1.70 0.16 -29.22
N THR E 121 0.65 0.92 -28.90
CA THR E 121 0.27 1.21 -27.52
C THR E 121 -1.15 0.74 -27.26
N THR E 122 -1.43 0.42 -26.01
CA THR E 122 -2.80 0.13 -25.58
C THR E 122 -3.52 1.46 -25.39
N THR E 123 -4.31 1.85 -26.38
CA THR E 123 -5.00 3.13 -26.35
C THR E 123 -6.10 3.07 -25.31
N GLU E 124 -6.93 4.12 -25.25
CA GLU E 124 -7.96 4.20 -24.22
C GLU E 124 -8.96 3.05 -24.27
N ILE E 125 -9.14 2.42 -25.43
CA ILE E 125 -9.90 1.19 -25.55
C ILE E 125 -8.91 0.03 -25.49
N ARG E 126 -9.25 -0.99 -24.71
CA ARG E 126 -8.29 -2.06 -24.41
C ARG E 126 -7.81 -2.77 -25.67
N ASP E 127 -8.75 -3.22 -26.50
CA ASP E 127 -8.44 -4.11 -27.61
C ASP E 127 -8.59 -3.43 -28.97
N LYS E 128 -8.21 -2.16 -29.05
CA LYS E 128 -8.19 -1.41 -30.31
C LYS E 128 -6.92 -0.57 -30.40
N GLU E 129 -5.78 -1.24 -30.20
CA GLU E 129 -4.48 -0.58 -30.08
C GLU E 129 -4.20 0.31 -31.29
N LYS E 130 -3.30 1.28 -31.09
CA LYS E 130 -3.00 2.32 -32.07
C LYS E 130 -1.50 2.48 -32.19
N LYS E 131 -1.05 2.95 -33.35
CA LYS E 131 0.38 3.18 -33.58
C LYS E 131 0.76 4.58 -33.11
N GLU E 132 2.03 4.74 -32.76
CA GLU E 132 2.51 5.98 -32.17
C GLU E 132 4.00 6.10 -32.46
N TYR E 133 4.52 7.34 -32.39
CA TYR E 133 5.92 7.60 -32.67
C TYR E 133 6.52 8.47 -31.57
N ALA E 134 7.80 8.24 -31.30
CA ALA E 134 8.53 9.02 -30.31
C ALA E 134 10.01 8.92 -30.65
N LEU E 135 10.83 9.56 -29.84
CA LEU E 135 12.28 9.52 -29.98
C LEU E 135 12.93 9.26 -28.63
N PHE E 136 14.03 8.52 -28.64
CA PHE E 136 14.75 8.16 -27.43
C PHE E 136 16.24 8.36 -27.66
N TYR E 137 16.96 8.67 -26.60
CA TYR E 137 18.41 8.72 -26.67
C TYR E 137 18.96 7.31 -26.77
N LYS E 138 20.12 7.17 -27.41
CA LYS E 138 20.58 5.84 -27.79
C LYS E 138 20.86 4.88 -26.63
N PRO E 139 21.32 5.31 -25.45
CA PRO E 139 21.54 4.33 -24.37
C PRO E 139 20.27 3.61 -23.91
N ASP E 140 19.08 4.11 -24.23
CA ASP E 140 17.83 3.51 -23.78
C ASP E 140 17.19 2.59 -24.82
N ILE E 141 17.94 2.14 -25.83
CA ILE E 141 17.43 1.22 -26.83
C ILE E 141 18.45 0.12 -27.05
N VAL E 142 17.96 -1.11 -27.17
CA VAL E 142 18.78 -2.32 -27.24
C VAL E 142 18.34 -3.16 -28.44
N PRO E 143 19.23 -3.80 -29.19
CA PRO E 143 18.77 -4.74 -30.23
C PRO E 143 18.06 -5.93 -29.63
N LEU E 144 17.05 -6.41 -30.35
CA LEU E 144 16.16 -7.47 -29.88
C LEU E 144 16.46 -8.81 -30.54
N SER E 145 16.70 -8.80 -31.84
CA SER E 145 16.64 -10.02 -32.64
C SER E 145 17.70 -11.01 -32.21
N GLU E 146 17.32 -12.30 -32.24
CA GLU E 146 18.29 -13.37 -32.01
C GLU E 146 19.34 -13.43 -33.11
N THR E 147 19.07 -12.86 -34.28
CA THR E 147 20.01 -12.80 -35.39
C THR E 147 20.67 -11.43 -35.44
N ASN E 148 21.41 -11.18 -36.52
CA ASN E 148 22.08 -9.90 -36.71
C ASN E 148 21.11 -8.76 -37.04
N ASN E 149 19.83 -9.08 -37.29
CA ASN E 149 18.86 -8.12 -37.79
C ASN E 149 18.77 -6.87 -36.93
N THR E 150 18.80 -5.71 -37.58
CA THR E 150 18.76 -4.41 -36.93
C THR E 150 17.40 -3.72 -36.99
N SER E 151 16.39 -4.37 -37.57
CA SER E 151 15.12 -3.69 -37.82
C SER E 151 14.34 -3.44 -36.53
N GLU E 152 14.42 -4.36 -35.57
CA GLU E 152 13.56 -4.35 -34.40
C GLU E 152 14.39 -4.05 -33.15
N TYR E 153 13.81 -3.23 -32.25
CA TYR E 153 14.52 -2.73 -31.08
C TYR E 153 13.62 -2.84 -29.86
N ARG E 154 14.21 -2.58 -28.69
CA ARG E 154 13.55 -2.72 -27.40
C ARG E 154 14.06 -1.65 -26.45
N LEU E 155 13.24 -1.28 -25.48
CA LEU E 155 13.75 -0.48 -24.38
C LEU E 155 14.80 -1.29 -23.62
N ILE E 156 15.73 -0.59 -22.97
CA ILE E 156 16.81 -1.27 -22.25
C ILE E 156 16.28 -2.03 -21.06
N ASN E 157 15.10 -1.68 -20.57
CA ASN E 157 14.41 -2.50 -19.59
C ASN E 157 13.73 -3.67 -20.29
N CYS E 158 12.83 -4.35 -19.58
CA CYS E 158 12.14 -5.57 -19.99
C CYS E 158 13.06 -6.78 -19.81
N ASN E 159 14.34 -6.55 -19.53
CA ASN E 159 15.23 -7.60 -19.03
C ASN E 159 15.47 -7.43 -17.54
N THR E 160 15.50 -6.18 -17.08
CA THR E 160 15.54 -5.85 -15.67
C THR E 160 14.12 -5.69 -15.13
N SER E 161 14.01 -5.11 -13.94
CA SER E 161 12.72 -4.91 -13.29
C SER E 161 11.88 -3.89 -14.05
N ALA E 162 10.60 -3.78 -13.70
CA ALA E 162 9.72 -2.82 -14.33
C ALA E 162 10.03 -1.41 -13.82
N CYS E 163 9.40 -0.42 -14.46
CA CYS E 163 9.75 0.99 -14.31
C CYS E 163 8.56 1.80 -13.85
N THR E 164 8.82 3.09 -13.65
CA THR E 164 7.78 4.06 -13.40
C THR E 164 8.29 5.42 -13.86
N GLN E 165 7.36 6.28 -14.25
CA GLN E 165 7.68 7.60 -14.78
C GLN E 165 7.60 8.60 -13.65
N ALA E 166 8.68 9.34 -13.42
CA ALA E 166 8.64 10.43 -12.47
C ALA E 166 7.62 11.46 -12.94
N CYS E 167 6.68 11.79 -12.09
CA CYS E 167 5.57 12.63 -12.50
C CYS E 167 6.07 14.04 -12.83
N PRO E 168 5.39 14.77 -13.72
CA PRO E 168 5.77 16.17 -13.95
C PRO E 168 5.57 17.05 -12.73
N LYS E 169 4.75 16.63 -11.77
CA LYS E 169 4.49 17.46 -10.60
C LYS E 169 5.76 17.66 -9.77
N VAL E 170 6.56 16.61 -9.60
CA VAL E 170 7.72 16.70 -8.70
C VAL E 170 8.84 17.46 -9.39
N THR E 171 9.82 17.88 -8.59
CA THR E 171 11.00 18.57 -9.07
C THR E 171 12.23 17.96 -8.40
N PHE E 172 13.34 18.00 -9.12
CA PHE E 172 14.58 17.40 -8.64
C PHE E 172 15.58 18.43 -8.10
N GLU E 173 15.17 19.67 -7.94
CA GLU E 173 16.08 20.69 -7.44
C GLU E 173 16.54 20.33 -6.03
N PRO E 174 17.83 20.48 -5.69
CA PRO E 174 18.24 20.08 -4.33
C PRO E 174 17.79 21.07 -3.26
N ILE E 175 16.55 20.90 -2.81
CA ILE E 175 16.08 21.70 -1.67
C ILE E 175 16.90 21.32 -0.45
N PRO E 176 17.51 22.26 0.28
CA PRO E 176 18.35 21.86 1.40
C PRO E 176 17.54 21.23 2.52
N ILE E 177 18.19 20.37 3.30
CA ILE E 177 17.57 19.67 4.41
C ILE E 177 18.39 19.94 5.67
N HIS E 178 17.71 20.43 6.70
CA HIS E 178 18.30 20.57 8.03
C HIS E 178 18.01 19.31 8.83
N TYR E 179 19.07 18.65 9.30
CA TYR E 179 18.90 17.51 10.20
C TYR E 179 18.93 17.99 11.64
N CYS E 180 17.90 17.60 12.39
CA CYS E 180 17.71 18.03 13.76
C CYS E 180 17.45 16.79 14.59
N ALA E 181 18.12 16.69 15.72
CA ALA E 181 17.93 15.53 16.57
C ALA E 181 16.70 15.73 17.44
N PRO E 182 15.98 14.66 17.80
CA PRO E 182 14.81 14.84 18.66
C PRO E 182 15.26 15.29 20.04
N ALA E 183 14.32 15.91 20.75
CA ALA E 183 14.66 16.46 22.06
C ALA E 183 15.17 15.35 22.98
N GLY E 184 16.24 15.67 23.71
CA GLY E 184 16.99 14.69 24.47
C GLY E 184 18.30 14.27 23.83
N TYR E 185 18.63 14.80 22.66
CA TYR E 185 19.90 14.56 22.00
C TYR E 185 20.47 15.90 21.54
N ALA E 186 21.79 15.94 21.36
CA ALA E 186 22.51 17.16 21.01
C ALA E 186 23.35 16.92 19.76
N ILE E 187 23.29 17.86 18.83
CA ILE E 187 24.13 17.87 17.64
C ILE E 187 25.41 18.63 17.99
N LEU E 188 26.55 17.93 17.98
CA LEU E 188 27.84 18.52 18.29
C LEU E 188 28.62 18.72 17.00
N LYS E 189 29.13 19.94 16.81
CA LYS E 189 29.81 20.33 15.58
C LYS E 189 31.31 20.42 15.83
N CYS E 190 32.08 19.61 15.09
CA CYS E 190 33.53 19.78 15.10
C CYS E 190 33.88 21.04 14.33
N ASN E 191 34.76 21.87 14.91
CA ASN E 191 35.06 23.19 14.40
C ASN E 191 36.53 23.43 14.16
N ASP E 192 37.36 22.40 14.19
CA ASP E 192 38.79 22.58 13.93
C ASP E 192 39.01 22.71 12.42
N GLU E 193 39.61 23.83 12.02
CA GLU E 193 39.69 24.24 10.62
C GLU E 193 40.39 23.23 9.72
N THR E 194 41.24 22.36 10.27
CA THR E 194 41.96 21.35 9.49
C THR E 194 41.70 19.95 10.01
N PHE E 195 40.51 19.71 10.56
CA PHE E 195 40.14 18.37 11.01
C PHE E 195 40.20 17.39 9.85
N ASN E 196 41.08 16.40 9.96
CA ASN E 196 41.31 15.50 8.83
C ASN E 196 40.18 14.49 8.67
N GLY E 197 39.61 14.03 9.77
CA GLY E 197 38.52 13.07 9.70
C GLY E 197 38.47 12.05 10.82
N THR E 198 39.56 11.89 11.57
CA THR E 198 39.58 10.99 12.71
C THR E 198 40.38 11.65 13.82
N GLY E 199 40.39 11.01 14.99
CA GLY E 199 41.02 11.58 16.15
C GLY E 199 40.12 12.60 16.81
N PRO E 200 40.68 13.45 17.67
CA PRO E 200 39.86 14.43 18.38
C PRO E 200 39.64 15.71 17.58
N CYS E 201 38.58 16.42 17.98
CA CYS E 201 38.37 17.82 17.61
C CYS E 201 38.43 18.66 18.86
N SER E 202 39.42 19.56 18.93
CA SER E 202 39.68 20.32 20.15
C SER E 202 38.71 21.47 20.37
N ASN E 203 38.23 22.12 19.31
CA ASN E 203 37.26 23.19 19.39
C ASN E 203 35.93 22.68 18.87
N VAL E 204 34.94 22.57 19.76
CA VAL E 204 33.68 21.89 19.46
C VAL E 204 32.53 22.73 20.01
N SER E 205 31.42 22.72 19.28
CA SER E 205 30.23 23.47 19.63
C SER E 205 29.02 22.54 19.57
N THR E 206 27.85 23.09 19.87
CA THR E 206 26.58 22.38 19.74
C THR E 206 25.56 23.27 19.03
N VAL E 207 24.67 22.63 18.27
CA VAL E 207 23.63 23.33 17.52
C VAL E 207 22.33 22.58 17.74
N GLN E 208 21.21 23.30 17.68
CA GLN E 208 19.91 22.64 17.77
C GLN E 208 19.62 21.80 16.53
N CYS E 209 19.76 22.38 15.34
CA CYS E 209 19.59 21.64 14.08
C CYS E 209 20.72 22.02 13.14
N THR E 210 21.22 21.03 12.39
CA THR E 210 22.32 21.26 11.46
C THR E 210 21.95 22.27 10.39
N HIS E 211 22.94 23.03 9.95
CA HIS E 211 22.76 23.90 8.79
C HIS E 211 22.53 23.05 7.54
N GLY E 212 21.72 23.57 6.64
CA GLY E 212 21.17 22.78 5.55
C GLY E 212 22.19 22.10 4.67
N ILE E 213 22.01 20.80 4.44
CA ILE E 213 22.86 20.06 3.50
C ILE E 213 22.14 19.98 2.17
N ARG E 214 22.93 19.89 1.10
CA ARG E 214 22.38 19.77 -0.25
C ARG E 214 22.33 18.30 -0.62
N PRO E 215 21.18 17.70 -0.92
CA PRO E 215 21.14 16.27 -1.20
C PRO E 215 21.51 15.87 -2.62
N VAL E 216 22.19 16.74 -3.37
CA VAL E 216 22.37 16.58 -4.81
C VAL E 216 23.07 15.28 -5.18
N VAL E 217 22.51 14.61 -6.20
CA VAL E 217 23.09 13.39 -6.73
C VAL E 217 24.21 13.80 -7.69
N SER E 218 25.39 13.21 -7.51
CA SER E 218 26.52 13.45 -8.41
C SER E 218 27.62 12.46 -8.07
N THR E 219 28.25 11.91 -9.11
CA THR E 219 29.26 10.88 -8.91
C THR E 219 30.67 11.43 -8.68
N GLN E 220 31.26 12.07 -9.70
CA GLN E 220 32.70 12.33 -9.66
C GLN E 220 33.01 13.73 -9.14
N LEU E 221 32.09 14.67 -9.29
CA LEU E 221 32.26 16.03 -8.81
C LEU E 221 31.04 16.42 -7.98
N LEU E 222 31.27 17.01 -6.82
CA LEU E 222 30.20 17.32 -5.88
C LEU E 222 29.66 18.70 -6.22
N LEU E 223 28.56 18.72 -6.96
CA LEU E 223 28.03 19.98 -7.45
C LEU E 223 27.35 20.75 -6.31
N ASN E 224 27.29 22.08 -6.48
CA ASN E 224 26.52 22.99 -5.63
C ASN E 224 26.83 22.81 -4.14
N GLY E 225 28.03 22.33 -3.80
CA GLY E 225 28.36 22.04 -2.43
C GLY E 225 28.81 23.25 -1.64
N SER E 226 29.10 23.01 -0.37
CA SER E 226 29.63 24.04 0.51
C SER E 226 31.12 24.20 0.25
N LEU E 227 31.76 25.08 1.03
CA LEU E 227 33.16 25.45 0.83
C LEU E 227 33.97 25.18 2.09
N ALA E 228 35.21 24.73 1.91
CA ALA E 228 36.15 24.71 3.01
C ALA E 228 36.48 26.13 3.42
N GLU E 229 36.58 26.36 4.73
CA GLU E 229 36.68 27.73 5.21
C GLU E 229 38.05 28.35 4.93
N LYS E 230 39.11 27.56 5.02
CA LYS E 230 40.48 28.07 4.90
C LYS E 230 41.22 27.56 3.68
N GLU E 231 41.29 26.26 3.47
CA GLU E 231 42.20 25.69 2.50
C GLU E 231 41.67 24.36 1.99
N ILE E 232 42.32 23.86 0.94
CA ILE E 232 42.01 22.53 0.43
C ILE E 232 42.38 21.50 1.49
N VAL E 233 41.49 20.55 1.72
CA VAL E 233 41.68 19.49 2.71
C VAL E 233 41.33 18.17 2.05
N ILE E 234 41.95 17.09 2.55
CA ILE E 234 41.84 15.76 1.96
C ILE E 234 41.52 14.78 3.09
N ARG E 235 40.73 13.76 2.76
CA ARG E 235 40.23 12.84 3.76
C ARG E 235 40.29 11.41 3.21
N SER E 236 40.62 10.48 4.09
CA SER E 236 40.55 9.07 3.77
C SER E 236 40.43 8.33 5.09
N GLU E 237 39.81 7.15 5.05
CA GLU E 237 39.86 6.30 6.23
C GLU E 237 41.28 5.90 6.56
N ASN E 238 42.08 5.60 5.53
CA ASN E 238 43.52 5.43 5.68
C ASN E 238 44.12 5.50 4.28
N LEU E 239 45.10 6.39 4.09
CA LEU E 239 45.66 6.59 2.76
C LEU E 239 46.43 5.38 2.27
N THR E 240 46.84 4.47 3.17
CA THR E 240 47.59 3.30 2.75
C THR E 240 46.75 2.35 1.89
N ASN E 241 45.45 2.29 2.12
CA ASN E 241 44.55 1.42 1.37
C ASN E 241 44.16 2.14 0.09
N ASN E 242 44.70 1.71 -1.04
CA ASN E 242 44.40 2.35 -2.31
C ASN E 242 42.94 2.18 -2.71
N ALA E 243 42.28 1.10 -2.27
CA ALA E 243 40.89 0.88 -2.63
C ALA E 243 39.94 1.87 -1.96
N LYS E 244 40.37 2.52 -0.88
CA LYS E 244 39.49 3.46 -0.19
C LYS E 244 39.27 4.71 -1.03
N ILE E 245 38.05 5.24 -0.96
CA ILE E 245 37.77 6.54 -1.56
C ILE E 245 38.60 7.59 -0.85
N ILE E 246 39.15 8.54 -1.62
CA ILE E 246 39.80 9.72 -1.08
C ILE E 246 39.00 10.94 -1.50
N ILE E 247 38.43 11.63 -0.52
CA ILE E 247 37.69 12.85 -0.78
C ILE E 247 38.68 14.00 -0.85
N VAL E 248 38.40 14.96 -1.73
CA VAL E 248 39.11 16.24 -1.77
C VAL E 248 38.06 17.32 -1.65
N HIS E 249 38.34 18.31 -0.81
CA HIS E 249 37.44 19.44 -0.59
C HIS E 249 38.19 20.71 -0.97
N LEU E 250 37.50 21.61 -1.67
CA LEU E 250 38.12 22.79 -2.26
C LEU E 250 37.71 24.05 -1.49
N HIS E 251 38.65 24.99 -1.41
CA HIS E 251 38.34 26.31 -0.89
C HIS E 251 37.85 27.21 -2.02
N THR E 252 38.63 27.33 -3.08
CA THR E 252 38.23 28.13 -4.23
C THR E 252 37.25 27.34 -5.09
N PRO E 253 36.04 27.84 -5.37
CA PRO E 253 35.10 27.04 -6.16
C PRO E 253 35.39 27.16 -7.65
N VAL E 254 35.61 26.02 -8.30
CA VAL E 254 35.66 25.99 -9.76
C VAL E 254 34.24 26.06 -10.30
N GLU E 255 34.05 26.87 -11.35
CA GLU E 255 32.73 27.11 -11.90
C GLU E 255 32.53 26.24 -13.13
N ILE E 256 31.46 25.43 -13.11
CA ILE E 256 31.13 24.52 -14.20
C ILE E 256 29.76 24.91 -14.74
N VAL E 257 29.66 24.99 -16.06
CA VAL E 257 28.42 25.29 -16.76
C VAL E 257 28.18 24.22 -17.80
N CYS E 258 26.96 23.70 -17.84
CA CYS E 258 26.56 22.65 -18.77
C CYS E 258 25.30 23.09 -19.49
N THR E 259 25.08 22.51 -20.67
CA THR E 259 23.90 22.87 -21.45
C THR E 259 23.62 21.77 -22.46
N ARG E 260 22.36 21.71 -22.91
CA ARG E 260 21.90 20.75 -23.91
C ARG E 260 21.10 21.54 -24.94
N PRO E 261 21.78 22.19 -25.88
CA PRO E 261 21.10 23.18 -26.73
C PRO E 261 20.19 22.60 -27.80
N ASN E 262 20.05 21.28 -27.91
CA ASN E 262 18.97 20.74 -28.74
C ASN E 262 17.64 21.20 -28.18
N ASN E 263 16.92 22.00 -28.95
CA ASN E 263 15.63 22.49 -28.46
C ASN E 263 14.59 21.37 -28.50
N ASN E 264 14.75 20.44 -27.57
CA ASN E 264 13.88 19.29 -27.48
C ASN E 264 12.46 19.75 -27.14
N THR E 265 11.47 18.98 -27.59
CA THR E 265 10.06 19.34 -27.47
C THR E 265 9.29 18.21 -26.81
N ARG E 266 8.29 18.59 -26.02
CA ARG E 266 7.52 17.61 -25.26
C ARG E 266 6.38 17.05 -26.11
N LYS E 267 6.11 15.76 -25.93
CA LYS E 267 4.99 15.07 -26.56
C LYS E 267 4.27 14.24 -25.50
N SER E 268 2.96 14.08 -25.67
CA SER E 268 2.10 13.44 -24.68
C SER E 268 1.33 12.29 -25.29
N VAL E 269 1.96 11.12 -25.34
CA VAL E 269 1.23 9.89 -25.61
C VAL E 269 0.40 9.53 -24.38
N ARG E 270 -0.71 8.81 -24.61
CA ARG E 270 -1.53 8.32 -23.52
C ARG E 270 -1.65 6.80 -23.58
N ILE E 271 -1.74 6.21 -22.40
CA ILE E 271 -1.59 4.77 -22.19
C ILE E 271 -2.79 4.29 -21.40
N GLY E 272 -3.60 3.42 -22.01
CA GLY E 272 -4.69 2.78 -21.32
C GLY E 272 -5.70 3.80 -20.80
N PRO E 273 -6.26 3.58 -19.60
CA PRO E 273 -7.21 4.56 -19.07
C PRO E 273 -6.50 5.77 -18.47
N GLY E 274 -6.77 6.94 -19.04
CA GLY E 274 -6.47 8.20 -18.38
C GLY E 274 -5.02 8.63 -18.30
N GLN E 275 -4.15 7.76 -17.81
CA GLN E 275 -2.80 8.14 -17.39
C GLN E 275 -1.90 8.32 -18.60
N THR E 276 -1.24 9.47 -18.67
CA THR E 276 -0.42 9.81 -19.83
C THR E 276 0.99 9.25 -19.67
N PHE E 277 1.74 9.29 -20.78
CA PHE E 277 3.16 8.98 -20.82
C PHE E 277 3.83 9.97 -21.76
N TYR E 278 4.93 10.58 -21.30
CA TYR E 278 5.59 11.64 -22.03
C TYR E 278 6.82 11.11 -22.76
N ALA E 279 7.07 11.66 -23.95
CA ALA E 279 8.22 11.25 -24.75
C ALA E 279 8.63 12.40 -25.64
N THR E 280 9.87 12.34 -26.12
CA THR E 280 10.43 13.42 -26.92
C THR E 280 9.84 13.42 -28.33
N GLY E 281 9.37 14.58 -28.76
CA GLY E 281 8.88 14.77 -30.11
C GLY E 281 9.99 15.26 -31.02
N ASP E 282 9.57 15.85 -32.14
CA ASP E 282 10.54 16.33 -33.13
C ASP E 282 11.45 17.40 -32.52
N ILE E 283 12.74 17.26 -32.76
CA ILE E 283 13.72 18.23 -32.27
C ILE E 283 13.72 19.44 -33.20
N ILE E 284 13.08 20.52 -32.78
CA ILE E 284 13.13 21.76 -33.54
C ILE E 284 14.55 22.31 -33.50
N GLY E 285 15.00 22.82 -34.63
CA GLY E 285 16.35 23.34 -34.75
C GLY E 285 17.29 22.30 -35.31
N ASP E 286 18.56 22.68 -35.35
CA ASP E 286 19.64 21.82 -35.83
C ASP E 286 20.40 21.28 -34.63
N ILE E 287 20.57 19.96 -34.57
CA ILE E 287 21.03 19.33 -33.34
C ILE E 287 22.49 19.65 -33.07
N LYS E 288 22.84 19.70 -31.78
CA LYS E 288 24.21 19.94 -31.33
C LYS E 288 24.45 19.11 -30.08
N GLN E 289 25.73 18.89 -29.78
CA GLN E 289 26.10 17.92 -28.75
C GLN E 289 25.99 18.53 -27.36
N ALA E 290 25.53 17.73 -26.41
CA ALA E 290 25.48 18.17 -25.02
C ALA E 290 26.87 18.16 -24.41
N HIS E 291 27.21 19.23 -23.69
CA HIS E 291 28.57 19.44 -23.25
C HIS E 291 28.60 20.18 -21.92
N CYS E 292 29.77 20.19 -21.30
CA CYS E 292 30.03 20.92 -20.07
C CYS E 292 31.34 21.69 -20.19
N ASN E 293 31.35 22.91 -19.67
CA ASN E 293 32.47 23.84 -19.82
C ASN E 293 33.05 24.21 -18.46
N ILE E 294 34.37 24.24 -18.39
CA ILE E 294 35.11 24.66 -17.20
C ILE E 294 36.25 25.56 -17.66
N SER E 295 36.53 26.61 -16.90
CA SER E 295 37.62 27.51 -17.25
C SER E 295 38.96 26.82 -17.02
N GLU E 296 39.84 26.90 -18.02
CA GLU E 296 41.06 26.09 -18.00
C GLU E 296 42.01 26.55 -16.90
N GLU E 297 42.22 27.85 -16.76
CA GLU E 297 43.18 28.35 -15.77
C GLU E 297 42.74 28.02 -14.36
N LYS E 298 41.44 28.14 -14.08
CA LYS E 298 40.91 27.76 -12.77
C LYS E 298 41.20 26.30 -12.47
N TRP E 299 40.91 25.43 -13.44
CA TRP E 299 41.11 24.00 -13.23
C TRP E 299 42.58 23.67 -13.03
N ASN E 300 43.46 24.29 -13.82
CA ASN E 300 44.89 24.02 -13.70
C ASN E 300 45.41 24.45 -12.33
N ASP E 301 45.04 25.67 -11.90
CA ASP E 301 45.51 26.16 -10.62
C ASP E 301 44.97 25.30 -9.47
N THR E 302 43.67 25.00 -9.50
CA THR E 302 43.07 24.23 -8.42
C THR E 302 43.62 22.81 -8.38
N LEU E 303 43.89 22.22 -9.56
CA LEU E 303 44.44 20.88 -9.58
C LEU E 303 45.87 20.85 -9.07
N GLN E 304 46.67 21.88 -9.39
CA GLN E 304 48.02 21.93 -8.83
C GLN E 304 47.98 22.15 -7.32
N LYS E 305 47.01 22.93 -6.84
CA LYS E 305 46.89 23.10 -5.40
C LYS E 305 46.51 21.79 -4.71
N VAL E 306 45.60 21.03 -5.33
CA VAL E 306 45.31 19.68 -4.82
C VAL E 306 46.57 18.82 -4.91
N GLY E 307 47.42 19.09 -5.90
CA GLY E 307 48.68 18.37 -5.98
C GLY E 307 49.55 18.61 -4.77
N ILE E 308 49.70 19.87 -4.35
CA ILE E 308 50.53 20.13 -3.17
C ILE E 308 49.88 19.51 -1.93
N GLU E 309 48.54 19.53 -1.86
CA GLU E 309 47.90 18.96 -0.68
C GLU E 309 48.06 17.44 -0.64
N LEU E 310 48.12 16.78 -1.80
CA LEU E 310 48.49 15.37 -1.82
C LEU E 310 49.94 15.17 -1.43
N GLN E 311 50.83 16.06 -1.88
CA GLN E 311 52.24 15.94 -1.50
C GLN E 311 52.47 16.16 -0.02
N LYS E 312 51.54 16.84 0.67
CA LYS E 312 51.64 16.94 2.12
C LYS E 312 51.63 15.56 2.77
N HIS E 313 50.89 14.61 2.19
CA HIS E 313 50.91 13.21 2.61
C HIS E 313 51.86 12.35 1.80
N PHE E 314 52.26 12.79 0.61
CA PHE E 314 53.22 12.10 -0.24
C PHE E 314 54.32 13.04 -0.69
N PRO E 315 55.14 13.55 0.24
CA PRO E 315 56.27 14.38 -0.16
C PRO E 315 57.34 13.60 -0.91
N ASN E 316 57.40 12.28 -0.74
CA ASN E 316 58.39 11.48 -1.44
C ASN E 316 58.18 11.44 -2.95
N LYS E 317 56.95 11.64 -3.42
CA LYS E 317 56.58 11.39 -4.81
C LYS E 317 55.80 12.57 -5.38
N THR E 318 55.91 12.74 -6.69
CA THR E 318 55.11 13.71 -7.42
C THR E 318 53.75 13.11 -7.78
N ILE E 319 52.93 13.89 -8.48
CA ILE E 319 51.51 13.59 -8.69
C ILE E 319 51.21 13.66 -10.18
N LYS E 320 50.40 12.70 -10.65
CA LYS E 320 49.83 12.71 -11.98
C LYS E 320 48.34 12.39 -11.84
N TYR E 321 47.57 12.71 -12.88
CA TYR E 321 46.13 12.41 -12.92
C TYR E 321 45.80 11.68 -14.22
N ASN E 322 44.83 10.78 -14.15
CA ASN E 322 44.59 9.80 -15.20
C ASN E 322 43.09 9.68 -15.46
N GLN E 323 42.76 8.97 -16.54
CA GLN E 323 41.38 8.72 -16.90
C GLN E 323 40.73 7.74 -15.91
N SER E 324 39.40 7.66 -15.97
CA SER E 324 38.64 6.81 -15.06
C SER E 324 39.03 5.34 -15.22
N ALA E 325 38.55 4.52 -14.28
CA ALA E 325 38.98 3.14 -14.16
C ALA E 325 38.07 2.17 -14.92
N GLY E 326 37.46 2.64 -16.00
CA GLY E 326 36.66 1.73 -16.80
C GLY E 326 35.36 1.37 -16.11
N GLY E 327 34.75 0.28 -16.59
CA GLY E 327 33.43 -0.13 -16.16
C GLY E 327 32.36 0.34 -17.13
N ASP E 328 31.11 0.28 -16.67
CA ASP E 328 29.97 0.65 -17.48
C ASP E 328 29.73 2.16 -17.42
N MET E 329 28.60 2.59 -17.97
CA MET E 329 28.34 4.03 -18.15
C MET E 329 28.19 4.72 -16.79
N GLU E 330 27.42 4.11 -15.88
CA GLU E 330 27.13 4.75 -14.61
C GLU E 330 28.39 4.98 -13.78
N ILE E 331 29.41 4.16 -13.97
CA ILE E 331 30.61 4.21 -13.13
C ILE E 331 31.73 5.01 -13.81
N THR E 332 31.83 4.92 -15.12
CA THR E 332 32.91 5.61 -15.83
C THR E 332 32.75 7.12 -15.75
N THR E 333 31.58 7.62 -16.11
CA THR E 333 31.40 9.02 -16.41
C THR E 333 30.83 9.80 -15.22
N HIS E 334 31.23 11.05 -15.12
CA HIS E 334 30.53 12.02 -14.30
C HIS E 334 29.06 12.04 -14.69
N SER E 335 28.18 11.81 -13.71
CA SER E 335 26.75 11.81 -13.92
C SER E 335 26.08 12.65 -12.85
N PHE E 336 25.36 13.68 -13.29
CA PHE E 336 24.71 14.61 -12.36
C PHE E 336 23.41 15.09 -12.96
N ASN E 337 22.49 15.45 -12.09
CA ASN E 337 21.16 15.87 -12.51
C ASN E 337 21.12 17.35 -12.83
N CYS E 338 20.29 17.72 -13.80
CA CYS E 338 20.30 19.07 -14.36
C CYS E 338 18.94 19.44 -14.90
N GLY E 339 18.11 20.07 -14.07
CA GLY E 339 16.89 20.68 -14.55
C GLY E 339 15.82 19.72 -15.05
N GLY E 340 16.03 18.42 -14.90
CA GLY E 340 15.08 17.42 -15.34
C GLY E 340 15.73 16.27 -16.07
N GLU E 341 16.79 16.54 -16.82
CA GLU E 341 17.55 15.50 -17.50
C GLU E 341 18.54 14.86 -16.53
N PHE E 342 19.20 13.81 -17.01
CA PHE E 342 20.28 13.15 -16.28
C PHE E 342 21.52 13.11 -17.15
N PHE E 343 22.38 14.11 -17.00
CA PHE E 343 23.57 14.23 -17.81
C PHE E 343 24.57 13.15 -17.45
N TYR E 344 25.35 12.75 -18.45
CA TYR E 344 26.50 11.87 -18.27
C TYR E 344 27.61 12.45 -19.12
N CYS E 345 28.79 12.65 -18.53
CA CYS E 345 29.85 13.41 -19.15
C CYS E 345 31.19 12.68 -19.06
N ASN E 346 31.88 12.61 -20.19
CA ASN E 346 33.22 12.04 -20.23
C ASN E 346 34.19 12.99 -19.55
N THR E 347 35.00 12.48 -18.62
CA THR E 347 35.82 13.30 -17.75
C THR E 347 37.30 13.29 -18.11
N SER E 348 37.68 12.76 -19.27
CA SER E 348 39.10 12.61 -19.59
C SER E 348 39.80 13.96 -19.64
N ASN E 349 39.12 14.98 -20.14
CA ASN E 349 39.77 16.27 -20.36
C ASN E 349 39.96 17.07 -19.08
N LEU E 350 39.55 16.55 -17.92
CA LEU E 350 39.81 17.18 -16.64
C LEU E 350 40.85 16.46 -15.79
N PHE E 351 41.30 15.27 -16.22
CA PHE E 351 42.22 14.45 -15.43
C PHE E 351 43.34 13.92 -16.34
N ASN E 352 43.96 14.86 -17.08
CA ASN E 352 45.09 14.57 -17.94
C ASN E 352 46.34 15.37 -17.60
N GLY E 353 46.31 16.20 -16.55
CA GLY E 353 47.46 16.99 -16.15
C GLY E 353 48.36 16.26 -15.16
N THR E 354 49.33 17.00 -14.63
CA THR E 354 50.25 16.46 -13.64
C THR E 354 50.88 17.61 -12.87
N TYR E 355 51.51 17.28 -11.75
CA TYR E 355 52.15 18.26 -10.89
C TYR E 355 53.42 17.65 -10.29
N ASN E 356 54.51 18.41 -10.32
CA ASN E 356 55.83 17.95 -9.88
C ASN E 356 56.46 18.93 -8.90
N GLY E 357 55.63 19.58 -8.08
CA GLY E 357 56.13 20.53 -7.10
C GLY E 357 56.24 21.94 -7.64
N THR E 358 56.45 22.07 -8.95
CA THR E 358 56.63 23.38 -9.57
C THR E 358 55.28 24.08 -9.76
N TYR E 359 54.96 25.02 -8.87
CA TYR E 359 53.74 25.80 -9.02
C TYR E 359 53.98 26.86 -10.09
N ILE E 360 53.28 26.73 -11.22
CA ILE E 360 53.50 27.61 -12.35
C ILE E 360 52.73 28.91 -12.15
N SER E 361 53.20 29.98 -12.78
CA SER E 361 52.57 31.29 -12.69
C SER E 361 51.25 31.30 -13.45
N THR E 362 50.26 30.57 -12.96
CA THR E 362 48.99 30.44 -13.65
C THR E 362 48.10 31.67 -13.47
N ASN E 363 48.16 32.31 -12.30
CA ASN E 363 47.31 33.45 -11.97
C ASN E 363 48.20 34.60 -11.54
N SER E 364 47.73 35.84 -11.75
CA SER E 364 46.45 36.30 -12.27
C SER E 364 46.30 36.08 -13.78
N SER E 365 45.06 36.13 -14.25
CA SER E 365 44.75 35.72 -15.61
C SER E 365 45.43 36.61 -16.63
N ALA E 366 46.06 35.98 -17.62
CA ALA E 366 46.59 36.70 -18.78
C ALA E 366 45.53 36.81 -19.86
N ASN E 367 44.86 35.69 -20.18
CA ASN E 367 43.75 35.68 -21.13
C ASN E 367 42.74 34.66 -20.61
N SER E 368 41.55 35.13 -20.24
CA SER E 368 40.55 34.28 -19.60
C SER E 368 39.74 33.46 -20.58
N THR E 369 40.05 33.51 -21.89
CA THR E 369 39.21 32.87 -22.89
C THR E 369 39.40 31.35 -22.95
N SER E 370 40.50 30.82 -22.41
CA SER E 370 40.76 29.40 -22.50
C SER E 370 39.79 28.63 -21.61
N THR E 371 39.03 27.72 -22.21
CA THR E 371 38.03 26.93 -21.50
C THR E 371 38.02 25.50 -22.04
N ILE E 372 38.14 24.53 -21.14
CA ILE E 372 38.06 23.13 -21.53
C ILE E 372 36.60 22.74 -21.71
N THR E 373 36.37 21.68 -22.50
CA THR E 373 35.04 21.20 -22.82
C THR E 373 34.97 19.69 -22.62
N LEU E 374 33.87 19.23 -22.02
CA LEU E 374 33.59 17.82 -21.82
C LEU E 374 32.42 17.42 -22.71
N GLN E 375 32.58 16.33 -23.46
CA GLN E 375 31.50 15.81 -24.27
C GLN E 375 30.57 14.98 -23.38
N CYS E 376 29.26 15.19 -23.52
CA CYS E 376 28.27 14.61 -22.62
C CYS E 376 27.16 13.91 -23.38
N ARG E 377 26.87 12.67 -22.99
CA ARG E 377 25.70 11.94 -23.41
C ARG E 377 24.52 12.25 -22.49
N ILE E 378 23.35 11.71 -22.86
CA ILE E 378 22.11 11.94 -22.13
C ILE E 378 21.39 10.61 -22.02
N LYS E 379 20.62 10.44 -20.94
CA LYS E 379 19.84 9.25 -20.71
C LYS E 379 18.47 9.64 -20.19
N GLN E 380 17.54 8.70 -20.27
CA GLN E 380 16.23 8.82 -19.65
C GLN E 380 15.93 7.69 -18.69
N ILE E 381 16.26 6.45 -19.04
CA ILE E 381 16.08 5.31 -18.14
C ILE E 381 17.26 5.32 -17.18
N ILE E 382 17.03 5.74 -15.94
CA ILE E 382 18.08 5.83 -14.93
C ILE E 382 18.00 4.57 -14.08
N ASN E 383 19.00 3.70 -14.20
CA ASN E 383 19.14 2.60 -13.23
C ASN E 383 19.66 3.22 -11.94
N MET E 384 18.70 3.77 -11.19
CA MET E 384 18.96 4.84 -10.24
C MET E 384 19.85 4.38 -9.09
N TRP E 385 19.48 3.29 -8.42
CA TRP E 385 20.33 2.63 -7.44
C TRP E 385 20.30 1.13 -7.69
N GLN E 386 21.40 0.48 -7.34
CA GLN E 386 21.66 -0.86 -7.84
C GLN E 386 20.88 -1.88 -7.02
N GLY E 387 19.80 -2.40 -7.62
CA GLY E 387 18.95 -3.38 -6.97
C GLY E 387 17.85 -2.81 -6.10
N VAL E 388 17.31 -1.64 -6.45
CA VAL E 388 16.44 -0.89 -5.55
C VAL E 388 14.98 -0.86 -5.98
N GLY E 389 14.64 -1.44 -7.13
CA GLY E 389 13.40 -1.07 -7.81
C GLY E 389 13.71 0.00 -8.84
N ARG E 390 14.61 -0.35 -9.76
CA ARG E 390 15.55 0.59 -10.33
C ARG E 390 14.92 1.63 -11.26
N CYS E 391 14.41 1.21 -12.42
CA CYS E 391 14.37 2.12 -13.55
C CYS E 391 13.31 3.20 -13.44
N MET E 392 13.74 4.40 -13.08
CA MET E 392 12.91 5.60 -13.17
C MET E 392 13.04 6.18 -14.57
N TYR E 393 11.93 6.55 -15.19
CA TYR E 393 11.94 7.23 -16.46
C TYR E 393 11.88 8.73 -16.22
N ALA E 394 12.97 9.44 -16.43
CA ALA E 394 12.96 10.88 -16.28
C ALA E 394 12.23 11.48 -17.48
N PRO E 395 11.15 12.24 -17.30
CA PRO E 395 10.43 12.77 -18.46
C PRO E 395 11.29 13.78 -19.20
N PRO E 396 11.21 13.85 -20.53
CA PRO E 396 12.04 14.82 -21.26
C PRO E 396 11.44 16.21 -21.15
N ILE E 397 12.29 17.20 -20.94
CA ILE E 397 11.87 18.56 -20.61
C ILE E 397 12.20 19.48 -21.77
N ALA E 398 11.24 20.31 -22.15
CA ALA E 398 11.35 21.15 -23.33
C ALA E 398 12.18 22.39 -23.04
N GLY E 399 12.54 23.09 -24.11
CA GLY E 399 13.33 24.30 -24.00
C GLY E 399 14.77 24.00 -23.65
N ASN E 400 15.69 24.85 -24.11
CA ASN E 400 17.09 24.62 -23.76
C ASN E 400 17.32 24.97 -22.30
N ILE E 401 18.24 24.23 -21.68
CA ILE E 401 18.48 24.28 -20.24
C ILE E 401 19.94 24.56 -19.96
N THR E 402 20.19 25.16 -18.80
CA THR E 402 21.53 25.50 -18.34
C THR E 402 21.60 25.25 -16.84
N CYS E 403 22.74 24.75 -16.38
CA CYS E 403 22.92 24.34 -14.99
C CYS E 403 24.24 24.88 -14.45
N ARG E 404 24.46 26.19 -14.61
CA ARG E 404 25.66 26.82 -14.11
C ARG E 404 25.80 26.59 -12.61
N SER E 405 26.93 26.01 -12.20
CA SER E 405 27.09 25.51 -10.86
C SER E 405 28.55 25.52 -10.45
N ASN E 406 28.78 25.38 -9.14
CA ASN E 406 30.12 25.38 -8.58
C ASN E 406 30.53 23.97 -8.23
N ILE E 407 31.75 23.60 -8.60
CA ILE E 407 32.36 22.37 -8.09
C ILE E 407 32.94 22.67 -6.72
N THR E 408 32.84 21.72 -5.80
CA THR E 408 33.40 21.88 -4.47
C THR E 408 34.10 20.65 -3.93
N GLY E 409 34.12 19.53 -4.64
CA GLY E 409 34.82 18.36 -4.15
C GLY E 409 35.02 17.33 -5.23
N LEU E 410 36.21 16.73 -5.22
CA LEU E 410 36.60 15.70 -6.18
C LEU E 410 36.75 14.38 -5.46
N LEU E 411 36.16 13.33 -6.04
CA LEU E 411 36.31 11.97 -5.54
C LEU E 411 37.29 11.24 -6.44
N LEU E 412 38.39 10.74 -5.86
CA LEU E 412 39.49 10.17 -6.60
C LEU E 412 39.83 8.79 -6.05
N THR E 413 40.73 8.11 -6.73
CA THR E 413 41.27 6.83 -6.29
C THR E 413 42.72 6.75 -6.71
N ARG E 414 43.59 6.41 -5.76
CA ARG E 414 44.98 6.17 -6.12
C ARG E 414 45.06 4.88 -6.92
N ASP E 415 45.90 4.90 -7.96
CA ASP E 415 45.89 3.83 -8.95
C ASP E 415 46.27 2.49 -8.32
N GLY E 416 45.66 1.43 -8.83
CA GLY E 416 46.01 0.07 -8.43
C GLY E 416 47.11 -0.50 -9.28
N GLY E 417 48.19 0.26 -9.44
CA GLY E 417 49.27 -0.09 -10.33
C GLY E 417 50.40 -0.83 -9.63
N THR E 418 51.58 -0.73 -10.22
CA THR E 418 52.76 -1.44 -9.72
C THR E 418 54.00 -0.73 -10.26
N ASN E 419 55.14 -1.43 -10.21
CA ASN E 419 56.43 -0.97 -10.74
C ASN E 419 57.03 0.19 -9.94
N SER E 420 56.54 0.41 -8.71
CA SER E 420 57.15 1.35 -7.77
C SER E 420 57.31 2.76 -8.37
N ASN E 421 56.26 3.24 -9.03
CA ASN E 421 56.31 4.54 -9.67
C ASN E 421 56.55 5.64 -8.64
N GLU E 422 57.53 6.50 -8.90
CA GLU E 422 57.88 7.60 -8.02
C GLU E 422 57.02 8.84 -8.26
N THR E 423 56.09 8.79 -9.21
CA THR E 423 55.23 9.90 -9.60
C THR E 423 53.78 9.45 -9.59
N GLU E 424 53.35 8.85 -8.46
CA GLU E 424 52.11 8.09 -8.39
C GLU E 424 50.92 8.92 -8.88
N THR E 425 49.97 8.21 -9.50
CA THR E 425 48.88 8.81 -10.26
C THR E 425 47.54 8.47 -9.61
N PHE E 426 46.58 9.38 -9.75
CA PHE E 426 45.26 9.26 -9.17
C PHE E 426 44.20 9.32 -10.26
N ARG E 427 43.21 8.44 -10.18
CA ARG E 427 42.06 8.41 -11.07
C ARG E 427 40.85 9.03 -10.38
N PRO E 428 39.86 9.52 -11.14
CA PRO E 428 38.56 9.80 -10.54
C PRO E 428 37.93 8.52 -10.01
N ALA E 429 37.25 8.62 -8.88
CA ALA E 429 36.58 7.49 -8.27
C ALA E 429 35.16 7.35 -8.79
N GLY E 430 34.58 6.18 -8.55
CA GLY E 430 33.15 6.06 -8.60
C GLY E 430 32.53 6.77 -7.42
N GLY E 431 31.21 6.98 -7.51
CA GLY E 431 30.46 7.58 -6.41
C GLY E 431 29.45 6.63 -5.82
N ASP E 432 29.74 6.12 -4.63
CA ASP E 432 28.68 5.61 -3.78
C ASP E 432 28.03 6.79 -3.08
N MET E 433 26.71 6.84 -3.07
CA MET E 433 26.09 8.09 -2.70
C MET E 433 26.25 8.33 -1.20
N ARG E 434 26.50 7.28 -0.43
CA ARG E 434 27.01 7.42 0.92
C ARG E 434 28.25 8.32 0.93
N ASP E 435 29.13 8.15 -0.06
CA ASP E 435 30.36 8.92 -0.07
C ASP E 435 30.11 10.36 -0.53
N ASN E 436 29.18 10.56 -1.46
CA ASN E 436 28.77 11.92 -1.84
C ASN E 436 28.20 12.66 -0.65
N TRP E 437 27.31 12.01 0.09
CA TRP E 437 26.62 12.69 1.19
C TRP E 437 27.54 12.86 2.39
N ARG E 438 28.43 11.89 2.60
CA ARG E 438 29.35 11.92 3.74
C ARG E 438 30.31 13.08 3.63
N SER E 439 30.69 13.45 2.41
CA SER E 439 31.65 14.52 2.21
C SER E 439 31.11 15.86 2.69
N GLU E 440 29.80 16.09 2.56
CA GLU E 440 29.18 17.32 3.01
C GLU E 440 28.67 17.24 4.44
N LEU E 441 28.87 16.12 5.12
CA LEU E 441 28.38 15.90 6.48
C LEU E 441 29.50 15.56 7.46
N TYR E 442 30.73 16.02 7.22
CA TYR E 442 31.82 15.65 8.11
C TYR E 442 31.78 16.41 9.42
N LYS E 443 31.06 17.52 9.47
CA LYS E 443 31.21 18.43 10.61
C LYS E 443 30.37 18.03 11.81
N TYR E 444 29.43 17.10 11.67
CA TYR E 444 28.40 16.88 12.68
C TYR E 444 28.48 15.50 13.31
N LYS E 445 28.04 15.43 14.58
CA LYS E 445 27.92 14.20 15.34
C LYS E 445 26.82 14.40 16.38
N VAL E 446 25.97 13.38 16.55
CA VAL E 446 24.84 13.42 17.47
C VAL E 446 25.16 12.55 18.68
N VAL E 447 24.90 13.08 19.87
CA VAL E 447 25.30 12.44 21.11
C VAL E 447 24.09 12.31 22.03
N LYS E 448 24.15 11.30 22.91
CA LYS E 448 23.06 11.00 23.81
C LYS E 448 23.24 11.75 25.11
N ILE E 449 22.26 12.55 25.48
CA ILE E 449 22.29 13.32 26.72
C ILE E 449 21.78 12.46 27.86
N GLU E 450 22.52 12.46 28.98
CA GLU E 450 22.25 11.60 30.13
C GLU E 450 22.13 12.50 31.37
N PRO E 451 20.96 13.08 31.60
CA PRO E 451 20.83 14.17 32.57
C PRO E 451 20.82 13.76 34.04
N LEU E 452 21.22 12.54 34.39
CA LEU E 452 21.30 12.10 35.79
C LEU E 452 22.77 12.01 36.20
N GLY E 453 23.10 12.52 37.39
CA GLY E 453 24.46 12.58 37.87
C GLY E 453 24.62 12.11 39.31
N VAL E 454 25.86 11.90 39.73
CA VAL E 454 26.20 11.41 41.06
C VAL E 454 27.52 12.08 41.47
N ALA E 455 27.63 12.47 42.74
CA ALA E 455 28.85 13.09 43.23
C ALA E 455 28.87 13.06 44.75
N PRO E 456 30.04 13.19 45.38
CA PRO E 456 30.08 13.30 46.85
C PRO E 456 29.82 14.72 47.32
N THR E 457 29.39 14.84 48.58
CA THR E 457 29.20 16.14 49.20
C THR E 457 29.10 15.93 50.71
N ARG E 458 29.45 16.97 51.47
CA ARG E 458 29.22 16.98 52.92
C ARG E 458 27.77 17.35 53.14
N CYS E 459 26.92 16.32 53.27
CA CYS E 459 25.48 16.47 53.44
C CYS E 459 24.98 15.50 54.49
N LYS E 460 23.79 15.79 55.03
CA LYS E 460 22.99 14.78 55.70
C LYS E 460 21.56 15.27 55.75
N ARG E 461 20.67 14.55 55.08
CA ARG E 461 19.26 14.91 55.09
C ARG E 461 18.63 14.62 56.43
N ARG E 462 17.51 15.27 56.70
CA ARG E 462 16.80 15.10 57.95
C ARG E 462 16.12 13.73 58.02
N VAL E 463 15.84 13.31 59.25
CA VAL E 463 15.09 12.08 59.50
C VAL E 463 14.06 12.34 60.60
N PHE F 11 22.14 25.56 25.96
CA PHE F 11 21.83 24.19 26.38
C PHE F 11 22.96 23.56 27.17
N LEU F 12 24.21 23.78 26.76
CA LEU F 12 25.34 23.00 27.26
C LEU F 12 26.50 23.88 27.69
N GLY F 13 26.21 25.10 28.18
CA GLY F 13 27.27 25.98 28.60
C GLY F 13 28.11 25.43 29.73
N ALA F 14 27.53 24.56 30.55
CA ALA F 14 28.26 23.99 31.69
C ALA F 14 29.23 22.89 31.26
N ALA F 15 29.16 22.42 30.01
CA ALA F 15 30.01 21.33 29.58
C ALA F 15 31.47 21.74 29.59
N GLY F 16 32.34 20.82 30.03
CA GLY F 16 33.77 21.07 30.05
C GLY F 16 34.27 21.75 31.31
N SER F 17 33.55 22.77 31.77
CA SER F 17 33.96 23.52 32.95
C SER F 17 33.90 22.63 34.19
N THR F 18 34.48 23.12 35.27
CA THR F 18 34.60 22.34 36.48
C THR F 18 33.24 22.13 37.14
N MET F 19 33.22 21.30 38.19
CA MET F 19 31.95 20.92 38.81
C MET F 19 31.26 22.12 39.45
N GLY F 20 32.00 22.90 40.24
CA GLY F 20 31.39 24.03 40.93
C GLY F 20 30.81 25.05 39.97
N ALA F 21 31.55 25.36 38.90
CA ALA F 21 31.03 26.26 37.89
C ALA F 21 29.82 25.66 37.19
N ALA F 22 29.81 24.33 37.01
CA ALA F 22 28.70 23.65 36.36
C ALA F 22 27.51 23.44 37.28
N SER F 23 27.61 23.80 38.55
CA SER F 23 26.52 23.56 39.50
C SER F 23 25.28 24.39 39.21
N MET F 24 25.38 25.42 38.36
CA MET F 24 24.25 26.24 37.97
C MET F 24 24.03 26.09 36.47
N THR F 25 22.91 26.62 35.99
CA THR F 25 22.36 26.35 34.66
C THR F 25 21.93 24.91 34.50
N LEU F 26 21.72 24.18 35.61
CA LEU F 26 21.21 22.81 35.52
C LEU F 26 19.77 22.81 35.02
N THR F 27 18.98 23.79 35.45
CA THR F 27 17.59 23.84 35.03
C THR F 27 17.45 24.01 33.52
N VAL F 28 18.36 24.77 32.91
CA VAL F 28 18.34 24.91 31.45
C VAL F 28 18.52 23.56 30.79
N GLN F 29 19.48 22.77 31.28
CA GLN F 29 19.77 21.51 30.62
C GLN F 29 18.66 20.50 30.90
N ALA F 30 17.95 20.65 32.01
CA ALA F 30 16.81 19.77 32.30
C ALA F 30 15.59 20.14 31.48
N ARG F 31 15.42 21.42 31.15
CA ARG F 31 14.19 21.87 30.53
C ARG F 31 14.04 21.34 29.10
N ASN F 32 15.15 21.23 28.37
CA ASN F 32 15.11 20.98 26.94
C ASN F 32 14.74 19.55 26.58
N LEU F 33 13.44 19.22 26.61
CA LEU F 33 12.93 17.93 26.17
C LEU F 33 11.62 18.09 25.38
N LEU F 34 11.61 18.99 24.40
CA LEU F 34 10.42 19.30 23.63
C LEU F 34 10.79 19.76 22.22
N SER F 35 10.21 19.10 21.20
CA SER F 35 10.32 19.54 19.80
C SER F 35 9.45 18.74 18.83
N GLY F 36 8.93 19.42 17.79
CA GLY F 36 8.57 18.74 16.55
C GLY F 36 7.10 18.72 16.17
N THR F 37 6.88 18.18 14.96
CA THR F 37 5.57 17.92 14.37
C THR F 37 5.68 16.62 13.59
N VAL F 38 4.55 15.93 13.41
CA VAL F 38 4.53 14.52 13.03
C VAL F 38 4.55 14.36 11.51
N TRP F 39 5.46 13.51 11.03
CA TRP F 39 5.42 12.88 9.70
C TRP F 39 5.54 11.37 9.91
N GLY F 40 4.41 10.70 9.95
CA GLY F 40 4.41 9.25 9.86
C GLY F 40 4.95 8.55 11.10
N ILE F 41 5.10 7.22 10.94
CA ILE F 41 5.40 6.35 12.08
C ILE F 41 6.77 6.67 12.66
N LYS F 42 7.78 6.89 11.80
CA LYS F 42 9.13 7.07 12.30
C LYS F 42 9.27 8.37 13.08
N GLN F 43 8.64 9.44 12.59
CA GLN F 43 8.66 10.68 13.36
C GLN F 43 7.86 10.52 14.64
N LEU F 44 6.75 9.76 14.58
CA LEU F 44 6.01 9.53 15.82
C LEU F 44 6.83 8.69 16.79
N GLN F 45 7.66 7.78 16.27
CA GLN F 45 8.61 7.07 17.13
C GLN F 45 9.60 8.05 17.75
N ALA F 46 10.01 9.06 16.99
CA ALA F 46 10.83 10.11 17.58
C ALA F 46 10.04 10.96 18.57
N ARG F 47 8.72 11.00 18.44
CA ARG F 47 7.87 11.80 19.31
C ARG F 47 7.56 11.11 20.63
N VAL F 48 7.56 9.77 20.68
CA VAL F 48 7.61 9.13 21.99
C VAL F 48 8.97 9.38 22.63
N LEU F 49 9.97 9.76 21.82
CA LEU F 49 11.03 10.68 22.22
C LEU F 49 11.77 10.15 23.43
N ALA F 50 12.44 11.01 24.11
CA ALA F 50 12.85 10.83 25.48
C ALA F 50 11.69 10.93 26.45
N VAL F 51 10.41 10.97 26.06
CA VAL F 51 9.32 10.94 27.03
C VAL F 51 9.44 9.69 27.90
N GLU F 52 9.72 8.55 27.28
CA GLU F 52 10.01 7.35 28.05
C GLU F 52 11.29 7.51 28.86
N ARG F 53 12.32 8.15 28.29
CA ARG F 53 13.53 8.43 29.05
C ARG F 53 13.25 9.42 30.17
N TYR F 54 12.43 10.43 29.89
CA TYR F 54 12.12 11.43 30.91
C TYR F 54 11.39 10.82 32.07
N LEU F 55 10.44 9.93 31.79
CA LEU F 55 9.74 9.26 32.88
C LEU F 55 10.62 8.19 33.53
N ARG F 56 11.61 7.64 32.82
CA ARG F 56 12.56 6.79 33.51
C ARG F 56 13.35 7.59 34.54
N ASP F 57 13.79 8.78 34.17
CA ASP F 57 14.50 9.61 35.14
C ASP F 57 13.59 10.05 36.27
N GLN F 58 12.33 10.37 35.94
CA GLN F 58 11.38 10.68 36.99
C GLN F 58 11.18 9.50 37.93
N GLN F 59 11.11 8.29 37.37
CA GLN F 59 11.02 7.09 38.19
C GLN F 59 12.20 7.01 39.16
N LEU F 60 13.41 7.13 38.61
CA LEU F 60 14.61 6.98 39.43
C LEU F 60 14.64 8.02 40.55
N LEU F 61 14.41 9.29 40.20
CA LEU F 61 14.59 10.34 41.21
C LEU F 61 13.42 10.41 42.17
N GLY F 62 12.19 10.12 41.72
CA GLY F 62 11.07 10.09 42.64
C GLY F 62 11.18 8.94 43.63
N ILE F 63 11.57 7.76 43.16
CA ILE F 63 11.69 6.64 44.08
C ILE F 63 12.88 6.84 45.01
N TRP F 64 13.83 7.71 44.65
CA TRP F 64 14.87 8.15 45.57
C TRP F 64 14.43 9.35 46.42
N GLY F 65 13.13 9.58 46.55
CA GLY F 65 12.62 10.64 47.40
C GLY F 65 12.81 12.04 46.87
N CYS F 66 13.39 12.18 45.67
CA CYS F 66 13.71 13.49 45.11
C CYS F 66 12.61 13.92 44.13
N SER F 67 11.43 14.15 44.72
CA SER F 67 10.25 14.54 43.95
C SER F 67 10.42 15.97 43.45
N GLY F 68 10.60 16.13 42.14
CA GLY F 68 10.92 17.42 41.58
C GLY F 68 12.42 17.56 41.54
N LYS F 69 12.98 17.61 40.34
CA LYS F 69 14.42 17.47 40.17
C LYS F 69 15.16 18.64 40.80
N LEU F 70 16.20 18.33 41.56
CA LEU F 70 16.85 19.32 42.41
C LEU F 70 18.31 18.88 42.60
N ILE F 71 18.97 19.48 43.60
CA ILE F 71 20.26 18.99 44.09
C ILE F 71 19.92 18.17 45.32
N CYS F 72 19.80 16.85 45.13
CA CYS F 72 19.30 15.94 46.14
C CYS F 72 20.46 15.15 46.73
N CYS F 73 20.77 15.39 48.00
CA CYS F 73 21.74 14.56 48.70
C CYS F 73 21.03 13.63 49.67
N THR F 74 21.63 12.45 49.87
CA THR F 74 20.92 11.29 50.37
C THR F 74 21.52 10.82 51.68
N ASN F 75 20.91 9.76 52.24
CA ASN F 75 21.30 9.22 53.53
C ASN F 75 22.20 7.99 53.38
N VAL F 76 22.94 7.93 52.28
CA VAL F 76 23.90 6.86 52.01
C VAL F 76 25.31 7.46 52.10
N PRO F 77 26.18 7.00 53.00
CA PRO F 77 27.52 7.60 53.06
C PRO F 77 28.30 7.28 51.80
N TRP F 78 29.17 8.21 51.40
CA TRP F 78 29.97 8.03 50.20
C TRP F 78 31.15 7.13 50.51
N ASN F 79 31.09 5.88 50.08
CA ASN F 79 32.21 4.96 50.25
C ASN F 79 33.39 5.48 49.44
N SER F 80 34.51 5.74 50.11
CA SER F 80 35.65 6.37 49.46
C SER F 80 36.29 5.48 48.40
N SER F 81 36.01 4.17 48.42
CA SER F 81 36.56 3.28 47.40
C SER F 81 36.06 3.64 46.00
N TRP F 82 34.93 4.34 45.90
CA TRP F 82 34.42 4.77 44.60
C TRP F 82 35.31 5.80 43.93
N SER F 83 35.92 6.72 44.69
CA SER F 83 36.81 7.73 44.14
C SER F 83 38.19 7.69 44.77
N ASN F 84 38.24 7.55 46.10
CA ASN F 84 39.48 7.70 46.86
C ASN F 84 40.18 9.02 46.52
N ARG F 85 39.39 10.08 46.40
CA ARG F 85 39.89 11.41 46.12
C ARG F 85 39.18 12.40 47.04
N ASN F 86 39.89 13.45 47.45
CA ASN F 86 39.33 14.40 48.39
C ASN F 86 38.17 15.15 47.75
N LEU F 87 37.28 15.68 48.59
CA LEU F 87 36.12 16.39 48.08
C LEU F 87 36.52 17.67 47.35
N SER F 88 37.47 18.42 47.92
CA SER F 88 37.80 19.73 47.37
C SER F 88 38.54 19.61 46.04
N GLU F 89 39.46 18.65 45.92
CA GLU F 89 40.21 18.51 44.68
C GLU F 89 39.30 18.11 43.53
N ILE F 90 38.31 17.27 43.80
CA ILE F 90 37.33 16.84 42.81
C ILE F 90 36.44 18.02 42.44
N TRP F 91 35.82 18.62 43.46
CA TRP F 91 34.71 19.52 43.22
C TRP F 91 35.16 20.85 42.61
N ASP F 92 36.39 21.27 42.91
CA ASP F 92 36.86 22.57 42.41
C ASP F 92 37.53 22.46 41.06
N ASN F 93 38.08 21.29 40.70
CA ASN F 93 38.96 21.13 39.56
C ASN F 93 38.42 20.19 38.50
N MET F 94 37.80 19.08 38.90
CA MET F 94 37.35 18.07 37.96
C MET F 94 36.11 18.55 37.19
N THR F 95 35.88 17.93 36.04
CA THR F 95 34.65 18.10 35.26
C THR F 95 33.97 16.76 35.07
N TRP F 96 32.67 16.81 34.78
CA TRP F 96 31.79 15.65 34.95
C TRP F 96 31.94 14.59 33.86
N LEU F 97 32.62 14.87 32.75
CA LEU F 97 32.67 13.87 31.69
C LEU F 97 33.54 12.69 32.07
N GLN F 98 34.84 12.92 32.31
CA GLN F 98 35.70 11.82 32.72
C GLN F 98 35.29 11.26 34.07
N TRP F 99 34.68 12.10 34.91
CA TRP F 99 34.13 11.64 36.18
C TRP F 99 33.07 10.57 35.95
N ASP F 100 32.15 10.83 35.01
CA ASP F 100 31.13 9.84 34.69
C ASP F 100 31.78 8.60 34.07
N LYS F 101 32.82 8.79 33.27
CA LYS F 101 33.50 7.64 32.67
C LYS F 101 34.11 6.75 33.75
N GLU F 102 34.69 7.36 34.78
CA GLU F 102 35.36 6.59 35.83
C GLU F 102 34.34 5.97 36.78
N ILE F 103 33.40 6.79 37.27
CA ILE F 103 32.46 6.34 38.29
C ILE F 103 31.42 5.37 37.74
N SER F 104 31.41 5.12 36.42
CA SER F 104 30.52 4.11 35.85
C SER F 104 30.75 2.72 36.45
N ASN F 105 31.93 2.49 37.01
CA ASN F 105 32.22 1.23 37.70
C ASN F 105 31.36 1.04 38.95
N TYR F 106 30.70 2.08 39.46
CA TYR F 106 30.02 2.04 40.75
C TYR F 106 28.58 2.54 40.75
N THR F 107 28.06 3.05 39.64
CA THR F 107 26.74 3.69 39.67
C THR F 107 25.63 2.69 39.99
N GLN F 108 25.81 1.42 39.62
CA GLN F 108 24.73 0.46 39.74
C GLN F 108 24.48 0.08 41.20
N ILE F 109 25.54 -0.28 41.91
CA ILE F 109 25.39 -0.57 43.34
C ILE F 109 24.98 0.69 44.08
N ILE F 110 25.38 1.87 43.57
CA ILE F 110 24.92 3.12 44.15
C ILE F 110 23.41 3.24 44.01
N TYR F 111 22.87 2.88 42.84
CA TYR F 111 21.43 2.91 42.66
C TYR F 111 20.74 1.95 43.61
N GLY F 112 21.31 0.76 43.79
CA GLY F 112 20.75 -0.18 44.74
C GLY F 112 20.74 0.36 46.17
N LEU F 113 21.85 0.98 46.57
CA LEU F 113 21.95 1.55 47.91
C LEU F 113 20.96 2.70 48.09
N LEU F 114 20.80 3.55 47.08
CA LEU F 114 19.80 4.60 47.16
C LEU F 114 18.41 4.01 47.31
N GLU F 115 18.10 2.97 46.54
CA GLU F 115 16.80 2.31 46.63
C GLU F 115 16.53 1.83 48.05
N GLU F 116 17.45 1.04 48.60
CA GLU F 116 17.20 0.44 49.90
C GLU F 116 17.19 1.49 51.00
N SER F 117 18.09 2.48 50.92
CA SER F 117 18.12 3.53 51.94
C SER F 117 16.84 4.34 51.94
N GLN F 118 16.36 4.74 50.76
CA GLN F 118 15.14 5.53 50.71
C GLN F 118 13.96 4.70 51.19
N ASN F 119 13.89 3.43 50.78
CA ASN F 119 12.72 2.64 51.18
C ASN F 119 12.73 2.40 52.68
N GLN F 120 13.92 2.19 53.26
CA GLN F 120 14.02 2.03 54.71
C GLN F 120 13.60 3.31 55.42
N GLN F 121 14.04 4.47 54.90
CA GLN F 121 13.65 5.74 55.51
C GLN F 121 12.14 5.95 55.41
N GLU F 122 11.55 5.60 54.26
CA GLU F 122 10.12 5.77 54.09
C GLU F 122 9.35 4.85 55.02
N LYS F 123 9.86 3.64 55.24
CA LYS F 123 9.21 2.76 56.21
C LYS F 123 9.30 3.36 57.62
N ASN F 124 10.42 4.00 57.93
CA ASN F 124 10.57 4.62 59.24
C ASN F 124 9.70 5.84 59.42
N GLU F 125 9.13 6.39 58.34
CA GLU F 125 8.15 7.46 58.50
C GLU F 125 6.94 6.98 59.29
N GLN F 126 6.53 5.72 59.06
CA GLN F 126 5.39 5.19 59.80
C GLN F 126 5.67 5.11 61.29
N ASP F 127 6.94 4.94 61.67
CA ASP F 127 7.28 4.88 63.09
C ASP F 127 7.01 6.19 63.81
N LEU F 128 7.11 7.33 63.12
CA LEU F 128 6.72 8.64 63.64
C LEU F 128 5.31 9.04 63.21
N LEU F 129 4.94 8.69 61.97
CA LEU F 129 3.65 9.10 61.44
C LEU F 129 2.49 8.34 62.06
N ALA F 130 2.75 7.17 62.65
CA ALA F 130 1.79 6.48 63.50
C ALA F 130 1.94 6.83 64.98
N LEU F 131 2.92 7.67 65.34
CA LEU F 131 3.14 8.08 66.72
C LEU F 131 2.35 9.33 67.09
N ASP F 132 2.25 10.28 66.17
CA ASP F 132 1.48 11.50 66.40
C ASP F 132 0.00 11.16 66.52
N GLU G 1 37.50 36.51 -53.66
CA GLU G 1 37.65 35.02 -53.54
C GLU G 1 36.29 34.34 -53.46
N VAL G 2 35.47 34.76 -52.50
CA VAL G 2 34.17 34.12 -52.29
C VAL G 2 33.21 34.53 -53.39
N GLN G 3 32.50 33.54 -53.94
CA GLN G 3 31.50 33.81 -54.96
C GLN G 3 30.54 32.64 -54.99
N LEU G 4 29.25 32.92 -54.80
CA LEU G 4 28.21 31.92 -54.93
C LEU G 4 27.60 32.00 -56.32
N VAL G 5 27.38 30.85 -56.94
CA VAL G 5 26.93 30.75 -58.33
C VAL G 5 25.67 29.91 -58.36
N GLU G 6 24.79 30.23 -59.31
CA GLU G 6 23.48 29.58 -59.44
C GLU G 6 23.24 29.21 -60.90
N SER G 7 22.21 28.39 -61.11
CA SER G 7 21.81 28.05 -62.46
C SER G 7 21.14 29.25 -63.12
N GLY G 8 20.78 29.09 -64.39
CA GLY G 8 20.16 30.15 -65.14
C GLY G 8 18.68 30.27 -64.83
N PRO G 9 18.07 31.41 -65.17
CA PRO G 9 16.64 31.57 -64.91
C PRO G 9 15.82 30.63 -65.79
N GLU G 10 14.60 30.34 -65.33
CA GLU G 10 13.79 29.28 -65.90
C GLU G 10 12.36 29.76 -66.11
N LEU G 11 11.61 28.96 -66.85
CA LEU G 11 10.19 29.17 -67.11
C LEU G 11 9.48 27.84 -66.91
N LYS G 12 8.33 27.86 -66.23
CA LYS G 12 7.67 26.64 -65.79
C LYS G 12 6.16 26.79 -65.87
N GLU G 13 5.49 25.63 -65.91
CA GLU G 13 4.05 25.59 -65.80
C GLU G 13 3.64 25.50 -64.32
N PRO G 14 2.40 25.87 -63.98
CA PRO G 14 1.98 25.74 -62.58
C PRO G 14 1.99 24.29 -62.11
N GLY G 15 2.31 24.09 -60.84
CA GLY G 15 2.42 22.78 -60.24
C GLY G 15 3.74 22.07 -60.47
N ALA G 16 4.72 22.74 -61.08
CA ALA G 16 5.98 22.10 -61.40
C ALA G 16 6.93 22.15 -60.22
N SER G 17 8.08 21.49 -60.39
CA SER G 17 9.18 21.51 -59.43
C SER G 17 10.37 22.22 -60.05
N VAL G 18 10.91 23.20 -59.33
CA VAL G 18 11.97 24.07 -59.82
C VAL G 18 13.26 23.66 -59.12
N LYS G 19 14.29 23.34 -59.91
CA LYS G 19 15.57 22.88 -59.38
C LYS G 19 16.57 24.04 -59.35
N VAL G 20 16.38 24.92 -58.36
CA VAL G 20 17.32 25.99 -58.13
C VAL G 20 18.58 25.42 -57.50
N SER G 21 19.74 25.84 -58.00
CA SER G 21 21.03 25.30 -57.60
C SER G 21 21.93 26.40 -57.07
N CYS G 22 22.86 26.04 -56.21
CA CYS G 22 23.75 26.99 -55.55
C CYS G 22 25.11 26.32 -55.33
N LYS G 23 26.12 26.80 -56.05
CA LYS G 23 27.49 26.29 -55.95
C LYS G 23 28.35 27.35 -55.27
N ALA G 24 29.31 26.89 -54.46
CA ALA G 24 30.09 27.75 -53.60
C ALA G 24 31.56 27.75 -53.99
N SER G 25 32.27 28.78 -53.55
CA SER G 25 33.69 28.92 -53.80
C SER G 25 34.26 29.92 -52.80
N GLY G 26 35.57 29.80 -52.57
CA GLY G 26 36.28 30.73 -51.72
C GLY G 26 36.13 30.50 -50.23
N TYR G 27 35.49 29.42 -49.81
CA TYR G 27 35.34 29.12 -48.39
C TYR G 27 35.13 27.63 -48.24
N THR G 28 35.40 27.13 -47.04
CA THR G 28 35.17 25.72 -46.72
C THR G 28 33.67 25.48 -46.72
N PHE G 29 33.19 24.72 -47.71
CA PHE G 29 31.75 24.53 -47.87
C PHE G 29 31.13 23.80 -46.69
N THR G 30 31.91 23.05 -45.92
CA THR G 30 31.38 22.30 -44.81
C THR G 30 31.23 23.12 -43.53
N ASP G 31 31.75 24.35 -43.49
CA ASP G 31 31.81 25.13 -42.25
C ASP G 31 30.77 26.23 -42.14
N TYR G 32 29.95 26.47 -43.16
CA TYR G 32 28.99 27.57 -43.14
C TYR G 32 27.64 27.09 -43.66
N TYR G 33 26.57 27.45 -42.96
CA TYR G 33 25.23 27.21 -43.47
C TYR G 33 25.06 27.95 -44.78
N ILE G 34 24.35 27.32 -45.72
CA ILE G 34 23.88 27.97 -46.94
C ILE G 34 22.40 28.24 -46.77
N HIS G 35 21.98 29.46 -47.07
CA HIS G 35 20.74 30.02 -46.55
C HIS G 35 19.95 30.63 -47.70
N TRP G 36 18.66 30.29 -47.77
CA TRP G 36 17.83 30.59 -48.93
C TRP G 36 16.86 31.72 -48.62
N VAL G 37 16.52 32.51 -49.63
CA VAL G 37 15.64 33.66 -49.48
C VAL G 37 15.00 33.96 -50.82
N ARG G 38 13.77 34.48 -50.78
CA ARG G 38 12.96 34.74 -51.96
C ARG G 38 12.73 36.23 -52.11
N GLN G 39 12.40 36.64 -53.34
CA GLN G 39 12.04 38.02 -53.63
C GLN G 39 11.23 38.05 -54.92
N ALA G 40 9.95 38.41 -54.81
CA ALA G 40 9.14 38.62 -55.99
C ALA G 40 9.65 39.86 -56.73
N PRO G 41 9.46 39.94 -58.06
CA PRO G 41 10.08 41.03 -58.82
C PRO G 41 9.57 42.40 -58.42
N GLY G 42 10.43 43.22 -57.83
CA GLY G 42 10.05 44.54 -57.37
C GLY G 42 9.38 44.59 -56.02
N GLN G 43 9.45 43.52 -55.23
CA GLN G 43 8.83 43.43 -53.91
C GLN G 43 9.87 43.00 -52.88
N GLY G 44 9.42 42.84 -51.64
CA GLY G 44 10.32 42.56 -50.53
C GLY G 44 10.79 41.13 -50.47
N LEU G 45 11.43 40.80 -49.35
CA LEU G 45 12.09 39.51 -49.16
C LEU G 45 11.23 38.56 -48.34
N GLU G 46 11.42 37.26 -48.57
CA GLU G 46 10.80 36.21 -47.79
C GLU G 46 11.81 35.09 -47.56
N TRP G 47 11.90 34.63 -46.32
CA TRP G 47 12.81 33.56 -45.95
C TRP G 47 12.32 32.22 -46.49
N MET G 48 13.27 31.30 -46.74
CA MET G 48 12.94 29.96 -47.21
C MET G 48 13.31 28.86 -46.21
N ALA G 49 14.58 28.68 -45.86
CA ALA G 49 14.95 27.41 -45.23
C ALA G 49 16.41 27.39 -44.79
N TRP G 50 16.73 26.38 -43.96
CA TRP G 50 18.09 26.03 -43.60
C TRP G 50 18.51 24.73 -44.27
N ILE G 51 19.81 24.53 -44.40
CA ILE G 51 20.37 23.21 -44.68
C ILE G 51 21.77 23.10 -44.11
N ASN G 52 21.98 22.13 -43.24
CA ASN G 52 23.30 21.87 -42.70
C ASN G 52 24.10 21.13 -43.77
N PRO G 53 25.11 21.75 -44.40
CA PRO G 53 25.80 21.06 -45.49
C PRO G 53 26.52 19.79 -45.08
N THR G 54 26.85 19.62 -43.79
CA THR G 54 27.51 18.41 -43.33
C THR G 54 26.53 17.32 -42.91
N THR G 55 25.40 17.70 -42.31
CA THR G 55 24.46 16.74 -41.76
C THR G 55 23.24 16.50 -42.63
N GLY G 56 22.80 17.51 -43.40
CA GLY G 56 21.65 17.35 -44.27
C GLY G 56 20.31 17.65 -43.64
N ARG G 57 20.24 17.79 -42.31
CA ARG G 57 18.98 18.13 -41.68
C ARG G 57 18.55 19.52 -42.10
N SER G 58 17.23 19.74 -42.09
CA SER G 58 16.70 21.02 -42.55
C SER G 58 15.34 21.28 -41.95
N SER G 59 15.00 22.56 -41.86
CA SER G 59 13.65 23.01 -41.55
C SER G 59 13.40 24.24 -42.42
N PHE G 60 12.12 24.56 -42.63
CA PHE G 60 11.77 25.53 -43.66
C PHE G 60 10.47 26.22 -43.29
N ALA G 61 10.12 27.22 -44.09
CA ALA G 61 8.98 28.09 -43.77
C ALA G 61 7.68 27.31 -43.74
N ARG G 62 6.82 27.66 -42.78
CA ARG G 62 5.52 27.00 -42.67
C ARG G 62 4.68 27.24 -43.92
N GLY G 63 4.86 28.38 -44.58
CA GLY G 63 4.09 28.68 -45.78
C GLY G 63 4.33 27.70 -46.92
N PHE G 64 5.47 27.02 -46.92
CA PHE G 64 5.82 26.02 -47.92
C PHE G 64 5.75 24.61 -47.38
N GLN G 65 4.95 24.37 -46.33
CA GLN G 65 4.94 23.07 -45.67
C GLN G 65 4.41 21.97 -46.58
N GLY G 66 3.72 22.32 -47.66
CA GLY G 66 3.13 21.31 -48.52
C GLY G 66 4.15 20.33 -49.06
N ARG G 67 5.20 20.83 -49.71
CA ARG G 67 6.31 19.98 -50.10
C ARG G 67 7.51 20.82 -50.51
N VAL G 68 8.67 20.53 -49.94
CA VAL G 68 9.93 21.16 -50.31
C VAL G 68 11.03 20.13 -50.07
N THR G 69 12.01 20.11 -50.96
CA THR G 69 13.06 19.10 -50.95
C THR G 69 14.43 19.78 -50.94
N MET G 70 15.38 19.16 -50.23
CA MET G 70 16.70 19.71 -50.00
C MET G 70 17.76 18.68 -50.35
N THR G 71 18.97 19.16 -50.62
CA THR G 71 20.08 18.26 -50.92
C THR G 71 21.38 19.01 -50.68
N ARG G 72 22.40 18.28 -50.26
CA ARG G 72 23.74 18.79 -50.02
C ARG G 72 24.74 17.88 -50.70
N GLU G 73 25.71 18.47 -51.39
CA GLU G 73 26.74 17.74 -52.13
C GLU G 73 28.09 18.14 -51.54
N THR G 74 28.57 17.34 -50.58
CA THR G 74 29.79 17.68 -49.87
C THR G 74 31.00 17.65 -50.79
N SER G 75 31.07 16.66 -51.69
CA SER G 75 32.22 16.52 -52.57
C SER G 75 32.17 17.46 -53.77
N VAL G 76 31.08 18.22 -53.94
CA VAL G 76 30.90 19.11 -55.09
C VAL G 76 30.88 20.58 -54.68
N SER G 77 30.81 20.88 -53.38
CA SER G 77 30.66 22.26 -52.89
C SER G 77 29.44 22.92 -53.52
N THR G 78 28.30 22.26 -53.39
CA THR G 78 27.06 22.70 -54.03
C THR G 78 25.88 22.18 -53.24
N ALA G 79 24.80 22.96 -53.23
CA ALA G 79 23.56 22.57 -52.57
C ALA G 79 22.39 22.83 -53.51
N TYR G 80 21.35 22.01 -53.36
CA TYR G 80 20.12 22.12 -54.13
C TYR G 80 18.94 22.37 -53.21
N MET G 81 17.93 23.03 -53.76
CA MET G 81 16.62 23.18 -53.12
C MET G 81 15.57 23.08 -54.21
N GLU G 82 14.34 22.77 -53.80
CA GLU G 82 13.27 22.52 -54.76
C GLU G 82 11.95 22.97 -54.15
N LEU G 83 11.41 24.08 -54.66
CA LEU G 83 10.00 24.37 -54.46
C LEU G 83 9.18 23.51 -55.42
N ARG G 84 8.14 22.89 -54.87
CA ARG G 84 7.31 21.94 -55.59
C ARG G 84 5.87 22.30 -55.29
N ARG G 85 4.95 21.91 -56.17
CA ARG G 85 3.60 22.47 -56.19
C ARG G 85 3.70 23.98 -56.42
N LEU G 86 4.09 24.35 -57.64
CA LEU G 86 4.40 25.73 -58.00
C LEU G 86 3.16 26.51 -58.40
N ARG G 87 2.83 27.54 -57.63
CA ARG G 87 1.73 28.45 -57.97
C ARG G 87 2.23 29.57 -58.87
N SER G 88 1.28 30.24 -59.52
CA SER G 88 1.61 31.44 -60.28
C SER G 88 2.12 32.54 -59.35
N ASP G 89 1.61 32.59 -58.12
CA ASP G 89 2.11 33.55 -57.15
C ASP G 89 3.55 33.30 -56.76
N ASP G 90 4.03 32.07 -56.88
CA ASP G 90 5.38 31.72 -56.47
C ASP G 90 6.46 32.21 -57.44
N THR G 91 6.09 32.84 -58.55
CA THR G 91 7.09 33.43 -59.44
C THR G 91 7.85 34.52 -58.69
N ALA G 92 9.17 34.48 -58.76
CA ALA G 92 10.01 35.36 -57.96
C ALA G 92 11.47 35.11 -58.31
N VAL G 93 12.34 35.96 -57.76
CA VAL G 93 13.78 35.72 -57.80
C VAL G 93 14.14 34.88 -56.57
N TYR G 94 15.15 34.03 -56.72
CA TYR G 94 15.58 33.11 -55.68
C TYR G 94 17.07 33.30 -55.44
N TYR G 95 17.48 33.32 -54.17
CA TYR G 95 18.88 33.46 -53.81
C TYR G 95 19.28 32.38 -52.82
N CYS G 96 20.58 32.14 -52.77
CA CYS G 96 21.25 31.39 -51.71
C CYS G 96 22.35 32.28 -51.13
N ALA G 97 22.65 32.10 -49.84
CA ALA G 97 23.61 32.97 -49.19
C ALA G 97 24.24 32.27 -47.99
N LYS G 98 25.41 32.76 -47.60
CA LYS G 98 26.24 32.13 -46.58
C LYS G 98 25.88 32.69 -45.21
N ALA G 99 25.26 31.87 -44.36
CA ALA G 99 24.89 32.28 -43.01
C ALA G 99 25.97 31.90 -42.01
N GLY G 100 25.65 31.97 -40.72
CA GLY G 100 26.68 31.88 -39.70
C GLY G 100 27.39 30.54 -39.67
N TYR G 101 28.54 30.56 -39.01
CA TYR G 101 29.39 29.37 -38.89
C TYR G 101 28.66 28.27 -38.14
N ILE G 102 28.85 27.02 -38.57
CA ILE G 102 28.19 25.90 -37.91
C ILE G 102 28.99 25.51 -36.67
N ALA G 103 28.66 26.15 -35.55
CA ALA G 103 29.35 25.85 -34.31
C ALA G 103 29.06 24.42 -33.89
N LEU G 104 30.10 23.72 -33.48
CA LEU G 104 29.93 22.34 -33.02
C LEU G 104 29.13 22.26 -31.73
N TYR G 105 29.06 23.34 -30.95
CA TYR G 105 28.46 23.30 -29.63
C TYR G 105 27.29 24.25 -29.43
N VAL G 106 26.98 25.13 -30.38
CA VAL G 106 25.87 26.07 -30.27
C VAL G 106 25.07 26.04 -31.57
N ASP G 107 23.75 25.99 -31.44
CA ASP G 107 22.86 25.84 -32.59
C ASP G 107 22.76 27.17 -33.35
N TYR G 108 23.74 27.37 -34.23
CA TYR G 108 23.79 28.58 -35.03
C TYR G 108 22.78 28.60 -36.18
N SER G 109 21.88 27.62 -36.27
CA SER G 109 20.86 27.63 -37.31
C SER G 109 19.66 28.50 -36.93
N GLY G 110 19.92 29.71 -36.44
CA GLY G 110 18.88 30.70 -36.24
C GLY G 110 19.30 32.10 -36.65
N TYR G 111 20.59 32.30 -36.88
CA TYR G 111 21.11 33.66 -36.87
C TYR G 111 20.96 34.25 -38.26
N PRO G 112 20.16 35.30 -38.46
CA PRO G 112 19.82 35.70 -39.81
C PRO G 112 20.92 36.46 -40.53
N ASN G 113 22.07 36.68 -39.91
CA ASN G 113 23.14 37.40 -40.61
C ASN G 113 23.77 36.47 -41.64
N PHE G 114 23.65 36.83 -42.91
CA PHE G 114 24.39 36.19 -43.99
C PHE G 114 24.96 37.26 -44.89
N ASN G 115 26.27 37.20 -45.10
CA ASN G 115 27.03 38.33 -45.63
C ASN G 115 27.62 38.07 -47.01
N SER G 116 27.16 37.05 -47.71
CA SER G 116 27.60 36.79 -49.07
C SER G 116 26.46 36.15 -49.84
N TRP G 117 26.15 36.69 -51.01
CA TRP G 117 24.96 36.34 -51.76
C TRP G 117 25.32 35.61 -53.04
N GLY G 118 24.37 34.81 -53.53
CA GLY G 118 24.40 34.40 -54.91
C GLY G 118 23.91 35.52 -55.83
N GLN G 119 24.21 35.37 -57.11
CA GLN G 119 23.90 36.44 -58.05
C GLN G 119 22.42 36.58 -58.34
N GLY G 120 21.59 35.61 -57.97
CA GLY G 120 20.16 35.71 -58.15
C GLY G 120 19.67 35.02 -59.41
N THR G 121 18.59 34.27 -59.27
CA THR G 121 17.93 33.59 -60.38
C THR G 121 16.43 33.60 -60.13
N LEU G 122 15.66 33.46 -61.21
CA LEU G 122 14.21 33.55 -61.13
C LEU G 122 13.58 32.41 -61.90
N VAL G 123 12.32 32.16 -61.58
CA VAL G 123 11.47 31.22 -62.29
C VAL G 123 10.20 31.95 -62.69
N THR G 124 9.84 31.85 -63.97
CA THR G 124 8.58 32.40 -64.45
C THR G 124 7.54 31.30 -64.49
N VAL G 125 6.32 31.63 -64.12
CA VAL G 125 5.19 30.70 -64.11
C VAL G 125 4.18 31.17 -65.16
N SER G 126 3.85 30.27 -66.09
CA SER G 126 2.96 30.60 -67.20
C SER G 126 2.00 29.44 -67.47
N GLN H 1 1.49 41.08 -45.69
CA GLN H 1 2.89 40.67 -45.37
C GLN H 1 2.94 39.97 -44.01
N SER H 2 4.09 39.39 -43.68
CA SER H 2 4.23 38.71 -42.41
C SER H 2 4.18 39.71 -41.25
N ALA H 3 4.23 39.16 -40.02
CA ALA H 3 3.96 39.98 -38.85
C ALA H 3 4.99 41.08 -38.65
N LEU H 4 6.23 40.87 -39.10
CA LEU H 4 7.27 41.87 -38.94
C LEU H 4 6.97 43.08 -39.83
N THR H 5 6.78 44.24 -39.21
CA THR H 5 6.26 45.43 -39.88
C THR H 5 7.33 46.50 -39.98
N GLN H 6 7.30 47.25 -41.07
CA GLN H 6 8.27 48.29 -41.39
C GLN H 6 7.56 49.39 -42.18
N PRO H 7 7.92 50.67 -41.97
CA PRO H 7 7.21 51.73 -42.69
C PRO H 7 7.41 51.66 -44.19
N ALA H 8 6.40 52.12 -44.92
CA ALA H 8 6.40 51.98 -46.38
C ALA H 8 7.50 52.84 -47.02
N SER H 9 7.61 54.09 -46.59
CA SER H 9 8.60 54.99 -47.16
C SER H 9 8.89 56.12 -46.18
N VAL H 10 10.17 56.49 -46.11
CA VAL H 10 10.64 57.60 -45.28
C VAL H 10 11.51 58.49 -46.15
N SER H 11 11.34 59.80 -46.01
CA SER H 11 11.99 60.78 -46.87
C SER H 11 12.62 61.86 -46.00
N GLY H 12 13.52 62.63 -46.62
CA GLY H 12 14.28 63.62 -45.89
C GLY H 12 15.35 64.24 -46.77
N SER H 13 15.73 65.46 -46.43
CA SER H 13 16.72 66.18 -47.20
C SER H 13 18.13 65.67 -46.88
N PRO H 14 19.12 65.99 -47.72
CA PRO H 14 20.50 65.61 -47.39
C PRO H 14 20.97 66.26 -46.09
N GLY H 15 21.83 65.54 -45.37
CA GLY H 15 22.33 65.98 -44.10
C GLY H 15 21.46 65.67 -42.91
N GLN H 16 20.28 65.09 -43.12
CA GLN H 16 19.38 64.75 -42.02
C GLN H 16 19.75 63.39 -41.45
N SER H 17 19.25 63.11 -40.24
CA SER H 17 19.34 61.81 -39.60
C SER H 17 17.95 61.22 -39.49
N ILE H 18 17.81 59.98 -39.93
CA ILE H 18 16.51 59.31 -40.06
C ILE H 18 16.59 57.96 -39.37
N THR H 19 15.49 57.57 -38.74
CA THR H 19 15.35 56.26 -38.11
C THR H 19 14.30 55.46 -38.87
N ILE H 20 14.68 54.28 -39.35
CA ILE H 20 13.77 53.35 -40.01
C ILE H 20 13.35 52.32 -38.98
N SER H 21 12.07 52.30 -38.64
CA SER H 21 11.58 51.49 -37.54
C SER H 21 11.30 50.06 -37.99
N CYS H 22 11.25 49.16 -37.01
CA CYS H 22 10.91 47.76 -37.24
C CYS H 22 10.23 47.22 -36.00
N THR H 23 9.02 46.67 -36.18
CA THR H 23 8.16 46.26 -35.08
C THR H 23 7.82 44.79 -35.24
N GLY H 24 7.76 44.08 -34.11
CA GLY H 24 7.40 42.67 -34.10
C GLY H 24 6.40 42.34 -33.02
N THR H 25 6.74 41.39 -32.15
CA THR H 25 5.87 40.98 -31.05
C THR H 25 6.77 40.42 -29.95
N SER H 26 6.20 40.24 -28.76
CA SER H 26 6.95 39.68 -27.64
C SER H 26 7.53 38.32 -27.99
N TYR H 27 6.86 37.56 -28.86
CA TYR H 27 7.32 36.22 -29.18
C TYR H 27 8.67 36.21 -29.89
N ASP H 28 8.89 37.13 -30.85
CA ASP H 28 10.00 36.98 -31.79
C ASP H 28 11.09 37.98 -31.45
N VAL H 29 10.80 39.29 -31.46
CA VAL H 29 11.86 40.29 -31.31
C VAL H 29 11.90 40.81 -29.88
N GLY H 30 10.78 40.75 -29.16
CA GLY H 30 10.77 41.14 -27.77
C GLY H 30 11.40 40.15 -26.82
N SER H 31 11.81 38.97 -27.32
CA SER H 31 12.44 37.94 -26.51
C SER H 31 13.84 37.56 -26.98
N TYR H 32 14.20 37.87 -28.23
CA TYR H 32 15.50 37.53 -28.78
C TYR H 32 16.11 38.77 -29.41
N ASN H 33 17.44 38.86 -29.33
CA ASN H 33 18.16 40.06 -29.72
C ASN H 33 18.83 39.95 -31.08
N LEU H 34 18.34 39.08 -31.95
CA LEU H 34 18.97 38.81 -33.25
C LEU H 34 18.19 39.53 -34.35
N VAL H 35 18.49 40.82 -34.48
CA VAL H 35 17.92 41.69 -35.50
C VAL H 35 19.02 42.09 -36.45
N SER H 36 18.73 42.06 -37.75
CA SER H 36 19.68 42.49 -38.75
C SER H 36 18.93 43.19 -39.86
N TRP H 37 19.66 44.01 -40.61
CA TRP H 37 19.11 44.88 -41.63
C TRP H 37 19.85 44.65 -42.95
N TYR H 38 19.17 44.91 -44.06
CA TYR H 38 19.75 44.68 -45.38
C TYR H 38 19.45 45.85 -46.29
N GLN H 39 20.44 46.21 -47.12
CA GLN H 39 20.35 47.28 -48.09
C GLN H 39 20.39 46.68 -49.49
N GLN H 40 19.68 47.29 -50.44
CA GLN H 40 19.58 46.75 -51.78
C GLN H 40 19.25 47.89 -52.75
N HIS H 41 20.13 48.12 -53.74
CA HIS H 41 19.77 48.92 -54.89
C HIS H 41 19.09 48.05 -55.94
N PRO H 42 18.19 48.62 -56.76
CA PRO H 42 17.39 47.77 -57.67
C PRO H 42 18.25 46.98 -58.65
N GLY H 43 17.79 45.77 -58.95
CA GLY H 43 18.46 44.92 -59.92
C GLY H 43 19.65 44.16 -59.39
N LYS H 44 19.82 44.04 -58.07
CA LYS H 44 20.96 43.36 -57.49
C LYS H 44 20.55 42.69 -56.18
N ALA H 45 21.38 41.76 -55.73
CA ALA H 45 21.14 41.13 -54.45
C ALA H 45 21.37 42.14 -53.32
N PRO H 46 20.62 42.05 -52.22
CA PRO H 46 20.87 42.97 -51.09
C PRO H 46 22.25 42.79 -50.48
N LYS H 47 22.56 43.68 -49.54
CA LYS H 47 23.82 43.69 -48.80
C LYS H 47 23.51 43.90 -47.33
N LEU H 48 24.18 43.12 -46.48
CA LEU H 48 23.93 43.13 -45.05
C LEU H 48 24.38 44.44 -44.40
N ILE H 49 23.62 44.87 -43.40
CA ILE H 49 24.02 45.93 -42.49
C ILE H 49 23.49 45.59 -41.10
N ILE H 50 24.36 45.72 -40.09
CA ILE H 50 24.07 45.28 -38.72
C ILE H 50 23.86 43.78 -38.73
N TYR H 51 24.93 43.01 -38.52
CA TYR H 51 24.80 41.57 -38.47
C TYR H 51 24.25 41.09 -37.14
N GLU H 52 24.30 41.92 -36.09
CA GLU H 52 23.75 41.53 -34.80
C GLU H 52 23.36 42.76 -33.99
N VAL H 53 22.08 43.09 -33.99
CA VAL H 53 21.47 44.24 -33.29
C VAL H 53 22.22 45.56 -33.45
N SER H 54 23.50 45.62 -33.12
CA SER H 54 24.28 46.85 -33.16
C SER H 54 25.67 46.71 -33.76
N GLN H 55 26.24 45.51 -33.80
CA GLN H 55 27.63 45.37 -34.24
C GLN H 55 27.72 45.61 -35.74
N TRP H 56 28.92 45.96 -36.19
CA TRP H 56 29.13 46.52 -37.52
C TRP H 56 29.81 45.50 -38.43
N PRO H 57 29.28 45.21 -39.64
CA PRO H 57 29.84 44.09 -40.42
C PRO H 57 31.08 44.42 -41.21
N SER H 58 31.23 45.65 -41.70
CA SER H 58 32.31 45.98 -42.63
C SER H 58 32.55 47.48 -42.57
N GLY H 59 33.30 47.99 -43.54
CA GLY H 59 33.65 49.40 -43.58
C GLY H 59 32.53 50.30 -44.04
N VAL H 60 31.37 50.20 -43.37
CA VAL H 60 30.22 51.03 -43.67
C VAL H 60 30.16 52.30 -42.83
N SER H 61 31.14 52.51 -41.94
CA SER H 61 31.20 53.67 -41.08
C SER H 61 30.05 53.67 -40.07
N LYS H 62 30.06 54.65 -39.16
CA LYS H 62 29.13 54.66 -38.04
C LYS H 62 27.74 55.17 -38.41
N ARG H 63 27.50 55.49 -39.69
CA ARG H 63 26.31 56.24 -40.08
C ARG H 63 25.00 55.47 -39.97
N PHE H 64 25.04 54.16 -39.70
CA PHE H 64 23.87 53.29 -39.77
C PHE H 64 23.68 52.55 -38.45
N SER H 65 23.72 53.31 -37.35
CA SER H 65 23.61 52.71 -36.03
C SER H 65 22.25 52.06 -35.84
N GLY H 66 22.24 50.97 -35.05
CA GLY H 66 21.01 50.25 -34.75
C GLY H 66 20.61 50.41 -33.30
N SER H 67 19.36 50.05 -33.01
CA SER H 67 18.87 50.05 -31.65
C SER H 67 17.62 49.20 -31.58
N LYS H 68 17.29 48.78 -30.36
CA LYS H 68 16.17 47.90 -30.10
C LYS H 68 15.58 48.26 -28.74
N SER H 69 14.28 48.04 -28.60
CA SER H 69 13.64 48.16 -27.30
C SER H 69 12.30 47.46 -27.35
N GLY H 70 12.12 46.44 -26.51
CA GLY H 70 10.88 45.69 -26.52
C GLY H 70 10.65 45.04 -27.87
N ASN H 71 9.45 45.23 -28.42
CA ASN H 71 9.09 44.68 -29.71
C ASN H 71 9.50 45.57 -30.88
N THR H 72 10.32 46.59 -30.63
CA THR H 72 10.67 47.60 -31.63
C THR H 72 12.16 47.59 -31.90
N ALA H 73 12.54 47.86 -33.15
CA ALA H 73 13.92 48.00 -33.56
C ALA H 73 14.02 49.13 -34.57
N SER H 74 15.23 49.67 -34.71
CA SER H 74 15.43 50.86 -35.53
C SER H 74 16.77 50.81 -36.25
N LEU H 75 16.80 51.44 -37.42
CA LEU H 75 18.03 51.66 -38.20
C LEU H 75 18.24 53.15 -38.32
N THR H 76 19.32 53.65 -37.71
CA THR H 76 19.56 55.09 -37.59
C THR H 76 20.44 55.54 -38.75
N ILE H 77 19.79 55.93 -39.86
CA ILE H 77 20.51 56.60 -40.93
C ILE H 77 20.88 58.00 -40.46
N SER H 78 22.16 58.35 -40.60
CA SER H 78 22.66 59.64 -40.14
C SER H 78 23.64 60.19 -41.16
N GLY H 79 23.72 61.52 -41.21
CA GLY H 79 24.55 62.17 -42.19
C GLY H 79 24.15 61.81 -43.60
N LEU H 80 22.87 61.99 -43.90
CA LEU H 80 22.27 61.47 -45.13
C LEU H 80 22.97 62.01 -46.36
N GLN H 81 23.35 61.09 -47.25
CA GLN H 81 23.82 61.42 -48.59
C GLN H 81 22.86 60.82 -49.59
N ALA H 82 22.45 61.62 -50.58
CA ALA H 82 21.36 61.23 -51.47
C ALA H 82 21.67 59.98 -52.28
N GLU H 83 22.95 59.64 -52.46
CA GLU H 83 23.30 58.42 -53.17
C GLU H 83 22.93 57.15 -52.40
N ASP H 84 22.62 57.27 -51.11
CA ASP H 84 22.15 56.14 -50.33
C ASP H 84 20.69 55.77 -50.60
N GLU H 85 20.03 56.44 -51.54
CA GLU H 85 18.66 56.12 -51.92
C GLU H 85 18.56 54.66 -52.35
N ALA H 86 17.88 53.85 -51.56
CA ALA H 86 17.80 52.41 -51.81
C ALA H 86 16.73 51.82 -50.91
N HIS H 87 16.40 50.57 -51.17
CA HIS H 87 15.49 49.84 -50.30
C HIS H 87 16.24 49.28 -49.10
N TYR H 88 15.59 49.35 -47.94
CA TYR H 88 16.16 48.90 -46.68
C TYR H 88 15.16 47.98 -45.99
N TYR H 89 15.67 46.86 -45.47
CA TYR H 89 14.84 45.78 -44.96
C TYR H 89 15.21 45.44 -43.53
N CYS H 90 14.21 45.08 -42.74
CA CYS H 90 14.40 44.50 -41.41
C CYS H 90 14.22 42.99 -41.47
N CYS H 91 14.81 42.31 -40.52
CA CYS H 91 14.59 40.87 -40.36
C CYS H 91 15.11 40.47 -38.99
N SER H 92 14.57 39.36 -38.48
CA SER H 92 14.97 38.90 -37.16
C SER H 92 14.64 37.43 -37.00
N TYR H 93 15.33 36.82 -36.04
CA TYR H 93 15.05 35.44 -35.69
C TYR H 93 13.67 35.34 -35.05
N ALA H 94 13.00 34.22 -35.29
CA ALA H 94 11.63 34.03 -34.84
C ALA H 94 11.46 32.63 -34.23
N GLY H 95 10.22 32.21 -34.03
CA GLY H 95 9.98 30.92 -33.43
C GLY H 95 10.20 29.77 -34.39
N SER H 96 10.35 28.58 -33.81
CA SER H 96 10.41 27.34 -34.57
C SER H 96 11.57 27.35 -35.56
N SER H 97 12.68 27.95 -35.16
CA SER H 97 13.89 28.04 -35.97
C SER H 97 13.63 28.70 -37.32
N THR H 98 12.68 29.62 -37.40
CA THR H 98 12.37 30.33 -38.63
C THR H 98 12.94 31.73 -38.58
N VAL H 99 13.03 32.34 -39.76
CA VAL H 99 13.47 33.73 -39.92
C VAL H 99 12.41 34.45 -40.73
N ILE H 100 12.14 35.70 -40.37
CA ILE H 100 11.09 36.50 -40.99
C ILE H 100 11.67 37.84 -41.39
N PHE H 101 11.13 38.42 -42.45
CA PHE H 101 11.57 39.70 -42.99
C PHE H 101 10.55 40.80 -42.70
N GLY H 102 11.05 42.00 -42.42
CA GLY H 102 10.19 43.16 -42.39
C GLY H 102 9.74 43.57 -43.77
N GLY H 103 8.75 44.45 -43.82
CA GLY H 103 8.11 44.77 -45.08
C GLY H 103 9.00 45.51 -46.08
N GLY H 104 10.09 46.09 -45.63
CA GLY H 104 10.92 46.91 -46.49
C GLY H 104 10.43 48.34 -46.56
N THR H 105 11.27 49.20 -47.15
CA THR H 105 10.96 50.62 -47.23
C THR H 105 11.66 51.24 -48.42
N SER H 106 11.38 52.52 -48.63
CA SER H 106 12.02 53.33 -49.66
C SER H 106 12.56 54.61 -49.02
N LEU H 107 13.82 54.92 -49.32
CA LEU H 107 14.47 56.08 -48.73
C LEU H 107 14.18 57.33 -49.56
N THR H 108 14.56 58.48 -49.01
CA THR H 108 14.33 59.78 -49.65
C THR H 108 14.81 59.82 -51.09
N VAL H 109 14.05 60.58 -51.90
CA VAL H 109 14.54 61.09 -53.17
C VAL H 109 14.82 62.59 -53.11
N LEU H 110 14.25 63.29 -52.13
CA LEU H 110 14.49 64.72 -51.94
C LEU H 110 15.97 65.04 -51.81
N GLU I 2 -8.33 3.35 69.53
CA GLU I 2 -7.57 4.32 68.67
C GLU I 2 -8.25 4.43 67.31
N ASN I 3 -8.26 5.65 66.77
CA ASN I 3 -8.93 5.91 65.50
C ASN I 3 -8.06 5.46 64.32
N LEU I 4 -8.70 5.33 63.16
CA LEU I 4 -8.07 4.80 61.95
C LEU I 4 -8.28 5.76 60.79
N TRP I 5 -7.24 5.91 59.98
CA TRP I 5 -7.27 6.73 58.78
C TRP I 5 -6.86 5.88 57.57
N VAL I 6 -7.47 6.18 56.42
CA VAL I 6 -7.15 5.45 55.20
C VAL I 6 -5.74 5.78 54.75
N THR I 7 -5.07 4.80 54.16
CA THR I 7 -3.73 4.95 53.62
C THR I 7 -3.69 4.34 52.22
N VAL I 8 -3.06 5.07 51.29
CA VAL I 8 -2.89 4.63 49.91
C VAL I 8 -1.46 4.12 49.76
N TYR I 9 -1.34 2.91 49.22
CA TYR I 9 -0.05 2.24 48.99
C TYR I 9 0.17 2.06 47.50
N TYR I 10 1.40 2.27 47.05
CA TYR I 10 1.81 2.03 45.68
C TYR I 10 2.73 0.82 45.63
N GLY I 11 2.96 0.31 44.41
CA GLY I 11 3.81 -0.85 44.27
C GLY I 11 3.17 -2.14 44.74
N VAL I 12 1.87 -2.32 44.49
CA VAL I 12 1.11 -3.48 44.97
C VAL I 12 1.20 -4.61 43.96
N PRO I 13 1.15 -5.91 44.38
CA PRO I 13 0.74 -6.94 43.44
C PRO I 13 -0.77 -7.15 43.43
N VAL I 14 -1.45 -6.67 42.39
CA VAL I 14 -2.87 -6.90 42.17
C VAL I 14 -3.09 -7.12 40.67
N TRP I 15 -3.98 -8.06 40.37
CA TRP I 15 -4.14 -8.58 39.01
C TRP I 15 -5.56 -8.37 38.51
N LYS I 16 -5.68 -8.24 37.20
CA LYS I 16 -6.94 -8.31 36.48
C LYS I 16 -6.64 -8.86 35.10
N GLU I 17 -7.41 -9.85 34.68
CA GLU I 17 -7.22 -10.45 33.37
C GLU I 17 -7.88 -9.55 32.32
N ALA I 18 -7.09 -9.12 31.33
CA ALA I 18 -7.60 -8.18 30.35
C ALA I 18 -6.81 -8.31 29.05
N LYS I 19 -7.42 -7.82 27.98
CA LYS I 19 -6.80 -7.85 26.66
C LYS I 19 -5.70 -6.81 26.57
N THR I 20 -4.64 -7.11 25.82
CA THR I 20 -3.54 -6.17 25.70
C THR I 20 -2.71 -6.55 24.49
N THR I 21 -2.15 -5.53 23.83
CA THR I 21 -1.21 -5.77 22.74
C THR I 21 0.03 -6.48 23.28
N LEU I 22 0.65 -7.29 22.44
CA LEU I 22 1.77 -8.13 22.85
C LEU I 22 2.93 -8.01 21.88
N PHE I 23 4.15 -7.98 22.41
CA PHE I 23 5.35 -7.95 21.59
C PHE I 23 5.47 -9.26 20.80
N CYS I 24 6.47 -9.31 19.93
CA CYS I 24 7.04 -10.56 19.47
C CYS I 24 8.55 -10.48 19.64
N ALA I 25 9.14 -11.48 20.27
CA ALA I 25 10.57 -11.54 20.50
C ALA I 25 11.10 -12.89 20.03
N SER I 26 12.27 -12.86 19.39
CA SER I 26 12.77 -13.97 18.60
C SER I 26 14.04 -14.55 19.22
N ASP I 27 14.24 -15.85 19.00
CA ASP I 27 15.44 -16.53 19.46
C ASP I 27 16.58 -16.27 18.48
N ALA I 28 17.76 -16.82 18.83
CA ALA I 28 18.98 -16.41 18.16
C ALA I 28 19.12 -17.01 16.76
N ARG I 29 18.34 -18.04 16.45
CA ARG I 29 18.59 -18.82 15.24
C ARG I 29 17.99 -18.21 13.98
N ALA I 30 17.70 -16.90 13.99
CA ALA I 30 17.36 -16.16 12.79
C ALA I 30 18.19 -14.90 12.58
N TYR I 31 19.00 -14.50 13.56
CA TYR I 31 19.76 -13.25 13.44
C TYR I 31 21.02 -13.42 12.59
N GLU I 32 21.35 -14.64 12.16
CA GLU I 32 22.48 -14.88 11.28
C GLU I 32 22.13 -14.67 9.80
N LYS I 33 20.86 -14.57 9.46
CA LYS I 33 20.44 -14.42 8.08
C LYS I 33 20.48 -12.95 7.66
N GLU I 34 19.99 -12.70 6.45
CA GLU I 34 19.82 -11.33 6.00
C GLU I 34 18.56 -10.73 6.62
N VAL I 35 18.38 -9.42 6.40
CA VAL I 35 17.20 -8.74 6.94
C VAL I 35 15.95 -9.25 6.23
N HIS I 36 14.94 -9.57 7.03
CA HIS I 36 13.62 -10.04 6.58
C HIS I 36 13.63 -11.48 6.10
N ASN I 37 14.77 -12.18 6.17
CA ASN I 37 14.84 -13.62 5.95
C ASN I 37 15.02 -14.38 7.25
N VAL I 38 13.99 -14.52 8.09
CA VAL I 38 12.58 -14.16 8.00
C VAL I 38 12.31 -13.10 9.07
N TRP I 39 11.05 -12.68 9.17
CA TRP I 39 10.58 -11.61 10.05
C TRP I 39 11.24 -11.58 11.43
N ALA I 40 11.49 -12.76 12.00
CA ALA I 40 12.08 -12.85 13.33
C ALA I 40 13.45 -12.17 13.41
N THR I 41 14.18 -12.08 12.30
CA THR I 41 15.50 -11.47 12.31
C THR I 41 15.47 -9.95 12.32
N HIS I 42 14.37 -9.34 11.90
CA HIS I 42 14.37 -7.94 11.51
C HIS I 42 13.33 -7.13 12.28
N ALA I 43 12.17 -7.72 12.55
CA ALA I 43 11.06 -7.00 13.17
C ALA I 43 10.97 -7.29 14.67
N CYS I 44 10.88 -8.56 15.05
CA CYS I 44 10.70 -8.92 16.45
C CYS I 44 11.93 -8.54 17.26
N VAL I 45 11.70 -8.05 18.46
CA VAL I 45 12.75 -7.52 19.33
C VAL I 45 13.69 -8.65 19.75
N PRO I 46 14.99 -8.40 19.96
CA PRO I 46 15.86 -9.47 20.44
C PRO I 46 15.45 -9.97 21.83
N THR I 47 15.71 -11.26 22.06
CA THR I 47 15.28 -11.90 23.30
C THR I 47 16.35 -11.77 24.38
N ASP I 48 16.07 -12.39 25.52
CA ASP I 48 17.01 -12.55 26.62
C ASP I 48 16.70 -13.88 27.28
N PRO I 49 17.66 -14.78 27.47
CA PRO I 49 17.34 -16.06 28.12
C PRO I 49 16.80 -15.93 29.54
N SER I 50 17.13 -14.87 30.25
CA SER I 50 16.82 -14.67 31.65
C SER I 50 15.93 -13.43 31.79
N PRO I 51 15.21 -13.29 32.92
CA PRO I 51 15.06 -14.21 34.07
C PRO I 51 14.21 -15.42 33.77
N GLN I 52 14.44 -16.50 34.51
CA GLN I 52 13.60 -17.68 34.42
C GLN I 52 12.31 -17.45 35.19
N GLU I 53 11.53 -18.51 35.35
CA GLU I 53 10.24 -18.43 36.03
C GLU I 53 10.46 -18.10 37.50
N LEU I 54 9.93 -16.96 37.92
CA LEU I 54 10.09 -16.50 39.30
C LEU I 54 9.00 -17.14 40.15
N VAL I 55 9.37 -18.13 40.97
CA VAL I 55 8.39 -18.86 41.76
C VAL I 55 7.70 -17.90 42.73
N LEU I 56 6.42 -18.19 43.01
CA LEU I 56 5.59 -17.35 43.86
C LEU I 56 5.12 -18.18 45.05
N GLY I 57 5.27 -17.64 46.26
CA GLY I 57 5.17 -18.45 47.45
C GLY I 57 3.78 -18.94 47.77
N ASN I 58 2.77 -18.07 47.66
CA ASN I 58 1.45 -18.36 48.22
C ASN I 58 0.32 -17.97 47.26
N VAL I 59 0.50 -18.17 45.95
CA VAL I 59 -0.47 -17.65 44.98
C VAL I 59 -1.58 -18.66 44.73
N THR I 60 -2.68 -18.16 44.18
CA THR I 60 -3.84 -18.98 43.83
C THR I 60 -4.61 -18.26 42.74
N GLU I 61 -4.60 -18.81 41.53
CA GLU I 61 -5.08 -18.12 40.35
C GLU I 61 -5.95 -19.04 39.52
N ASN I 62 -6.98 -18.46 38.90
CA ASN I 62 -7.84 -19.18 37.97
C ASN I 62 -7.22 -19.18 36.58
N PHE I 63 -7.19 -20.35 35.94
CA PHE I 63 -6.75 -20.48 34.54
C PHE I 63 -7.89 -21.11 33.74
N ASN I 64 -8.69 -20.27 33.08
CA ASN I 64 -9.49 -20.73 31.96
C ASN I 64 -8.65 -20.60 30.69
N MET I 65 -8.55 -21.69 29.94
CA MET I 65 -7.70 -21.73 28.76
C MET I 65 -8.46 -21.42 27.48
N TRP I 66 -9.62 -22.02 27.26
CA TRP I 66 -10.18 -21.97 25.93
C TRP I 66 -10.72 -20.59 25.58
N LYS I 67 -10.89 -19.73 26.58
CA LYS I 67 -11.20 -18.32 26.35
C LYS I 67 -9.96 -17.43 26.40
N ASN I 68 -8.77 -18.03 26.43
CA ASN I 68 -7.53 -17.26 26.44
C ASN I 68 -7.43 -16.45 25.16
N ASP I 69 -7.38 -15.12 25.29
CA ASP I 69 -7.37 -14.26 24.12
C ASP I 69 -6.09 -14.38 23.31
N MET I 70 -5.01 -14.89 23.91
CA MET I 70 -3.71 -14.86 23.24
C MET I 70 -3.71 -15.64 21.94
N VAL I 71 -4.59 -16.62 21.81
CA VAL I 71 -4.70 -17.33 20.53
C VAL I 71 -5.22 -16.38 19.46
N ASP I 72 -6.22 -15.56 19.78
CA ASP I 72 -6.72 -14.61 18.79
C ASP I 72 -5.69 -13.53 18.52
N GLN I 73 -5.04 -13.03 19.56
CA GLN I 73 -3.95 -12.08 19.44
C GLN I 73 -2.74 -12.68 18.77
N MET I 74 -2.69 -14.00 18.63
CA MET I 74 -1.69 -14.68 17.81
C MET I 74 -2.21 -15.05 16.44
N HIS I 75 -3.48 -15.44 16.34
CA HIS I 75 -4.05 -15.77 15.04
C HIS I 75 -4.04 -14.57 14.12
N GLU I 76 -4.59 -13.45 14.57
CA GLU I 76 -4.58 -12.26 13.74
C GLU I 76 -3.15 -11.79 13.48
N ASP I 77 -2.25 -11.98 14.42
CA ASP I 77 -0.85 -11.62 14.22
C ASP I 77 -0.26 -12.41 13.05
N ILE I 78 -0.47 -13.73 13.03
CA ILE I 78 0.12 -14.55 11.99
C ILE I 78 -0.54 -14.27 10.64
N ILE I 79 -1.87 -14.10 10.62
CA ILE I 79 -2.54 -13.82 9.35
C ILE I 79 -2.11 -12.47 8.80
N SER I 80 -1.92 -11.47 9.66
CA SER I 80 -1.49 -10.16 9.17
C SER I 80 -0.04 -10.20 8.74
N LEU I 81 0.82 -10.83 9.53
CA LEU I 81 2.25 -10.90 9.19
C LEU I 81 2.46 -11.68 7.90
N TRP I 82 1.90 -12.87 7.82
CA TRP I 82 2.13 -13.74 6.67
C TRP I 82 1.56 -13.11 5.40
N ASP I 83 0.35 -12.57 5.48
CA ASP I 83 -0.24 -11.92 4.31
C ASP I 83 0.54 -10.68 3.87
N GLN I 84 1.35 -10.09 4.76
CA GLN I 84 2.22 -9.01 4.38
C GLN I 84 3.55 -9.49 3.80
N SER I 85 3.93 -10.73 4.09
CA SER I 85 5.20 -11.23 3.58
C SER I 85 5.15 -11.53 2.08
N LEU I 86 3.96 -11.83 1.55
CA LEU I 86 3.83 -12.17 0.14
C LEU I 86 3.64 -10.96 -0.75
N LYS I 87 3.62 -9.76 -0.20
CA LYS I 87 3.33 -8.57 -1.00
C LYS I 87 4.29 -8.34 -2.17
N PRO I 88 5.61 -8.35 -2.00
CA PRO I 88 6.49 -7.93 -3.10
C PRO I 88 6.62 -8.95 -4.23
N CYS I 89 6.22 -10.19 -4.02
CA CYS I 89 6.45 -11.22 -5.02
C CYS I 89 5.42 -11.13 -6.13
N VAL I 90 5.68 -11.88 -7.22
CA VAL I 90 4.79 -11.88 -8.38
C VAL I 90 3.41 -12.35 -7.96
N LYS I 91 2.38 -11.67 -8.45
CA LYS I 91 1.00 -12.03 -8.16
C LYS I 91 0.44 -12.96 -9.23
N LEU I 92 1.21 -14.01 -9.57
CA LEU I 92 1.04 -14.84 -10.77
C LEU I 92 0.30 -14.05 -11.85
N THR I 93 -0.97 -14.39 -12.14
CA THR I 93 -1.87 -13.76 -13.12
C THR I 93 -1.55 -14.13 -14.57
N PRO I 94 -0.33 -13.90 -15.14
CA PRO I 94 -0.01 -14.67 -16.35
C PRO I 94 0.31 -16.15 -16.12
N LEU I 95 -0.65 -16.90 -15.59
CA LEU I 95 -0.71 -18.34 -15.79
C LEU I 95 -2.12 -18.86 -16.03
N CYS I 96 -3.15 -18.05 -15.84
CA CYS I 96 -4.52 -18.47 -16.11
C CYS I 96 -4.67 -18.59 -17.63
N VAL I 97 -4.14 -19.70 -18.16
CA VAL I 97 -4.00 -19.89 -19.61
C VAL I 97 -4.50 -21.29 -19.94
N THR I 98 -4.95 -21.46 -21.17
CA THR I 98 -5.37 -22.77 -21.67
C THR I 98 -4.17 -23.69 -21.71
N LEU I 99 -4.11 -24.65 -20.80
CA LEU I 99 -3.05 -25.64 -20.81
C LEU I 99 -3.43 -26.80 -21.72
N ILE I 100 -2.67 -27.00 -22.79
CA ILE I 100 -2.86 -28.10 -23.73
C ILE I 100 -1.71 -29.07 -23.52
N CYS I 101 -2.04 -30.31 -23.12
CA CYS I 101 -1.00 -31.14 -22.51
C CYS I 101 -1.25 -32.65 -22.50
N SER I 102 -0.67 -33.34 -21.51
CA SER I 102 0.11 -34.57 -21.66
C SER I 102 -0.51 -35.63 -22.56
N ASN I 103 0.39 -36.48 -23.08
CA ASN I 103 0.04 -37.70 -23.79
C ASN I 103 -0.49 -38.75 -22.80
N ALA I 104 -0.69 -39.96 -23.29
CA ALA I 104 -1.30 -41.02 -22.49
C ALA I 104 -0.47 -41.35 -21.26
N THR I 105 -1.17 -41.68 -20.17
CA THR I 105 -0.54 -42.14 -18.95
C THR I 105 0.02 -43.55 -19.13
N VAL I 106 1.13 -43.84 -18.45
CA VAL I 106 1.79 -45.14 -18.60
C VAL I 106 1.08 -46.19 -17.76
N LYS I 107 0.65 -47.26 -18.43
CA LYS I 107 0.11 -48.48 -17.80
C LYS I 107 -1.04 -48.18 -16.85
N ASN I 108 -1.84 -47.17 -17.19
CA ASN I 108 -3.15 -46.92 -16.57
C ASN I 108 -3.06 -46.84 -15.05
N GLY I 109 -2.09 -46.08 -14.56
CA GLY I 109 -1.95 -45.86 -13.13
C GLY I 109 -1.12 -46.86 -12.38
N THR I 110 -0.28 -47.64 -13.05
CA THR I 110 0.71 -48.48 -12.38
C THR I 110 1.98 -47.66 -12.15
N VAL I 111 1.82 -46.49 -11.55
CA VAL I 111 2.90 -45.49 -11.53
C VAL I 111 2.53 -44.42 -10.51
N GLU I 112 3.54 -43.76 -9.96
CA GLU I 112 3.35 -42.62 -9.06
C GLU I 112 3.39 -41.31 -9.86
N GLU I 113 2.26 -40.99 -10.50
CA GLU I 113 2.28 -40.13 -11.67
C GLU I 113 2.38 -38.65 -11.29
N MET I 114 3.05 -37.88 -12.14
CA MET I 114 2.89 -36.44 -12.25
C MET I 114 2.59 -36.11 -13.70
N LYS I 115 1.76 -35.10 -13.92
CA LYS I 115 1.37 -34.68 -15.26
C LYS I 115 2.24 -33.54 -15.76
N ASN I 116 2.55 -33.58 -17.05
CA ASN I 116 3.33 -32.56 -17.74
C ASN I 116 2.38 -31.66 -18.49
N CYS I 117 2.66 -30.35 -18.51
CA CYS I 117 1.86 -29.46 -19.34
C CYS I 117 2.65 -28.25 -19.82
N SER I 118 2.20 -27.72 -20.97
CA SER I 118 2.81 -26.60 -21.66
C SER I 118 1.76 -25.52 -21.87
N PHE I 119 2.22 -24.28 -22.10
CA PHE I 119 1.33 -23.12 -22.02
C PHE I 119 2.03 -21.93 -22.64
N ASN I 120 1.23 -20.91 -22.98
CA ASN I 120 1.72 -19.68 -23.59
C ASN I 120 1.85 -18.60 -22.53
N THR I 121 2.98 -17.89 -22.53
CA THR I 121 3.29 -16.89 -21.52
C THR I 121 3.52 -15.53 -22.17
N THR I 122 3.24 -14.48 -21.41
CA THR I 122 3.60 -13.13 -21.83
C THR I 122 5.09 -12.92 -21.59
N THR I 123 5.88 -13.08 -22.62
CA THR I 123 7.33 -12.97 -22.50
C THR I 123 7.71 -11.50 -22.24
N GLU I 124 9.01 -11.21 -22.23
CA GLU I 124 9.48 -9.87 -21.89
C GLU I 124 8.93 -8.80 -22.82
N ILE I 125 8.57 -9.13 -24.04
CA ILE I 125 7.85 -8.25 -24.94
C ILE I 125 6.37 -8.55 -24.79
N ARG I 126 5.55 -7.50 -24.71
CA ARG I 126 4.15 -7.68 -24.36
C ARG I 126 3.41 -8.54 -25.37
N ASP I 127 3.52 -8.19 -26.65
CA ASP I 127 2.69 -8.78 -27.70
C ASP I 127 3.48 -9.71 -28.62
N LYS I 128 4.43 -10.45 -28.07
CA LYS I 128 5.20 -11.45 -28.81
C LYS I 128 5.34 -12.72 -27.96
N GLU I 129 4.20 -13.21 -27.47
CA GLU I 129 4.17 -14.31 -26.51
C GLU I 129 4.91 -15.54 -27.04
N LYS I 130 5.32 -16.40 -26.11
CA LYS I 130 6.19 -17.54 -26.41
C LYS I 130 5.63 -18.78 -25.71
N LYS I 131 5.92 -19.94 -26.28
CA LYS I 131 5.49 -21.20 -25.69
C LYS I 131 6.51 -21.66 -24.65
N GLU I 132 6.03 -22.41 -23.65
CA GLU I 132 6.86 -22.83 -22.54
C GLU I 132 6.31 -24.14 -22.01
N TYR I 133 7.16 -24.89 -21.32
CA TYR I 133 6.75 -26.16 -20.73
C TYR I 133 7.18 -26.22 -19.27
N ALA I 134 6.34 -26.87 -18.47
CA ALA I 134 6.58 -27.08 -17.05
C ALA I 134 5.83 -28.33 -16.66
N LEU I 135 5.87 -28.67 -15.37
CA LEU I 135 5.15 -29.81 -14.83
C LEU I 135 4.54 -29.45 -13.49
N PHE I 136 3.39 -30.06 -13.18
CA PHE I 136 2.68 -29.76 -11.95
C PHE I 136 2.15 -31.05 -11.33
N TYR I 137 1.99 -31.05 -10.02
CA TYR I 137 1.33 -32.16 -9.35
C TYR I 137 -0.16 -32.10 -9.63
N LYS I 138 -0.80 -33.27 -9.64
CA LYS I 138 -2.16 -33.36 -10.14
C LYS I 138 -3.20 -32.52 -9.40
N PRO I 139 -3.16 -32.35 -8.08
CA PRO I 139 -4.20 -31.54 -7.42
C PRO I 139 -4.30 -30.10 -7.90
N ASP I 140 -3.28 -29.57 -8.58
CA ASP I 140 -3.30 -28.19 -9.07
C ASP I 140 -3.65 -28.08 -10.54
N ILE I 141 -4.31 -29.08 -11.13
CA ILE I 141 -4.82 -29.00 -12.48
C ILE I 141 -6.25 -29.51 -12.48
N VAL I 142 -7.10 -28.85 -13.27
CA VAL I 142 -8.54 -29.12 -13.32
C VAL I 142 -8.97 -29.21 -14.79
N PRO I 143 -9.88 -30.12 -15.17
CA PRO I 143 -10.39 -30.09 -16.55
C PRO I 143 -11.16 -28.81 -16.84
N LEU I 144 -11.03 -28.34 -18.08
CA LEU I 144 -11.58 -27.06 -18.51
C LEU I 144 -12.84 -27.23 -19.36
N SER I 145 -12.81 -28.19 -20.27
CA SER I 145 -13.79 -28.22 -21.36
C SER I 145 -15.21 -28.40 -20.83
N GLU I 146 -16.15 -27.72 -21.48
CA GLU I 146 -17.56 -27.93 -21.19
C GLU I 146 -18.02 -29.33 -21.56
N THR I 147 -17.29 -30.01 -22.45
CA THR I 147 -17.59 -31.38 -22.86
C THR I 147 -16.70 -32.35 -22.11
N ASN I 148 -16.73 -33.62 -22.53
CA ASN I 148 -15.90 -34.65 -21.91
C ASN I 148 -14.42 -34.52 -22.28
N ASN I 149 -14.07 -33.62 -23.20
CA ASN I 149 -12.72 -33.52 -23.77
C ASN I 149 -11.66 -33.35 -22.68
N THR I 150 -10.59 -34.14 -22.80
CA THR I 150 -9.50 -34.16 -21.85
C THR I 150 -8.25 -33.41 -22.35
N SER I 151 -8.30 -32.81 -23.53
CA SER I 151 -7.09 -32.26 -24.11
C SER I 151 -6.62 -30.99 -23.39
N GLU I 152 -7.56 -30.18 -22.90
CA GLU I 152 -7.27 -28.84 -22.40
C GLU I 152 -7.48 -28.81 -20.89
N TYR I 153 -6.62 -28.08 -20.19
CA TYR I 153 -6.58 -28.08 -18.73
C TYR I 153 -6.35 -26.67 -18.22
N ARG I 154 -6.47 -26.52 -16.89
CA ARG I 154 -6.39 -25.23 -16.23
C ARG I 154 -5.78 -25.42 -14.85
N LEU I 155 -5.13 -24.37 -14.34
CA LEU I 155 -4.77 -24.36 -12.93
C LEU I 155 -6.04 -24.42 -12.08
N ILE I 156 -5.91 -24.98 -10.87
CA ILE I 156 -7.07 -25.10 -9.99
C ILE I 156 -7.59 -23.75 -9.56
N ASN I 157 -6.77 -22.72 -9.61
CA ASN I 157 -7.24 -21.36 -9.44
C ASN I 157 -7.88 -20.88 -10.73
N CYS I 158 -8.12 -19.56 -10.84
CA CYS I 158 -8.83 -18.90 -11.92
C CYS I 158 -10.35 -19.06 -11.75
N ASN I 159 -10.78 -19.91 -10.80
CA ASN I 159 -12.16 -19.91 -10.34
C ASN I 159 -12.25 -19.26 -8.97
N THR I 160 -11.21 -19.44 -8.15
CA THR I 160 -11.06 -18.75 -6.88
C THR I 160 -10.32 -17.43 -7.10
N SER I 161 -9.86 -16.83 -6.00
CA SER I 161 -9.14 -15.57 -6.07
C SER I 161 -7.78 -15.74 -6.75
N ALA I 162 -7.11 -14.63 -7.04
CA ALA I 162 -5.80 -14.67 -7.65
C ALA I 162 -4.75 -15.07 -6.61
N CYS I 163 -3.54 -15.34 -7.09
CA CYS I 163 -2.49 -15.98 -6.32
C CYS I 163 -1.24 -15.11 -6.26
N THR I 164 -0.24 -15.61 -5.55
CA THR I 164 1.08 -15.03 -5.53
C THR I 164 2.08 -16.13 -5.19
N GLN I 165 3.30 -15.96 -5.67
CA GLN I 165 4.36 -16.93 -5.49
C GLN I 165 5.18 -16.55 -4.28
N ALA I 166 5.30 -17.45 -3.32
CA ALA I 166 6.21 -17.20 -2.20
C ALA I 166 7.62 -17.08 -2.73
N CYS I 167 8.28 -15.98 -2.39
CA CYS I 167 9.58 -15.70 -2.98
C CYS I 167 10.61 -16.73 -2.53
N PRO I 168 11.65 -17.01 -3.32
CA PRO I 168 12.72 -17.89 -2.82
C PRO I 168 13.49 -17.32 -1.66
N LYS I 169 13.42 -16.01 -1.43
CA LYS I 169 14.16 -15.40 -0.33
C LYS I 169 13.67 -15.90 1.02
N VAL I 170 12.35 -16.04 1.20
CA VAL I 170 11.81 -16.39 2.50
C VAL I 170 12.01 -17.87 2.77
N THR I 171 11.86 -18.25 4.03
CA THR I 171 11.96 -19.64 4.46
C THR I 171 10.79 -19.94 5.39
N PHE I 172 10.34 -21.18 5.35
CA PHE I 172 9.20 -21.61 6.13
C PHE I 172 9.57 -22.35 7.41
N GLU I 173 10.85 -22.37 7.78
CA GLU I 173 11.28 -23.09 8.96
C GLU I 173 10.63 -22.46 10.19
N PRO I 174 10.13 -23.25 11.16
CA PRO I 174 9.48 -22.64 12.32
C PRO I 174 10.48 -21.99 13.26
N ILE I 175 10.89 -20.76 12.94
CA ILE I 175 11.70 -19.99 13.89
C ILE I 175 10.87 -19.75 15.14
N PRO I 176 11.36 -20.04 16.35
CA PRO I 176 10.48 -19.87 17.52
C PRO I 176 10.21 -18.40 17.81
N ILE I 177 9.09 -18.15 18.49
CA ILE I 177 8.65 -16.82 18.85
C ILE I 177 8.39 -16.78 20.34
N HIS I 178 9.02 -15.81 21.01
CA HIS I 178 8.74 -15.52 22.41
C HIS I 178 7.66 -14.44 22.47
N TYR I 179 6.51 -14.78 23.03
CA TYR I 179 5.51 -13.76 23.34
C TYR I 179 5.85 -13.08 24.65
N CYS I 180 5.96 -11.75 24.60
CA CYS I 180 6.32 -10.95 25.76
C CYS I 180 5.33 -9.81 25.88
N ALA I 181 4.85 -9.58 27.12
CA ALA I 181 3.87 -8.54 27.34
C ALA I 181 4.55 -7.19 27.52
N PRO I 182 3.92 -6.09 27.10
CA PRO I 182 4.56 -4.78 27.28
C PRO I 182 4.63 -4.45 28.75
N ALA I 183 5.53 -3.53 29.09
CA ALA I 183 5.75 -3.18 30.49
C ALA I 183 4.45 -2.67 31.11
N GLY I 184 4.19 -3.12 32.34
CA GLY I 184 2.93 -2.89 33.00
C GLY I 184 2.02 -4.10 33.05
N TYR I 185 2.40 -5.20 32.41
CA TYR I 185 1.63 -6.44 32.43
C TYR I 185 2.57 -7.59 32.76
N ALA I 186 2.00 -8.68 33.29
CA ALA I 186 2.75 -9.82 33.75
C ALA I 186 2.25 -11.10 33.09
N ILE I 187 3.20 -11.92 32.63
CA ILE I 187 2.90 -13.24 32.09
C ILE I 187 2.95 -14.24 33.24
N LEU I 188 1.80 -14.83 33.56
CA LEU I 188 1.68 -15.80 34.64
C LEU I 188 1.60 -17.21 34.06
N LYS I 189 2.40 -18.12 34.61
CA LYS I 189 2.55 -19.47 34.11
C LYS I 189 1.96 -20.46 35.12
N CYS I 190 0.98 -21.25 34.69
CA CYS I 190 0.52 -22.37 35.50
C CYS I 190 1.55 -23.49 35.46
N ASN I 191 1.84 -24.08 36.62
CA ASN I 191 2.90 -25.06 36.76
C ASN I 191 2.38 -26.36 37.39
N ASP I 192 1.07 -26.55 37.45
CA ASP I 192 0.54 -27.82 37.94
C ASP I 192 0.66 -28.88 36.85
N GLU I 193 1.42 -29.93 37.16
CA GLU I 193 1.85 -30.95 36.22
C GLU I 193 0.72 -31.72 35.56
N THR I 194 -0.50 -31.66 36.11
CA THR I 194 -1.66 -32.31 35.51
C THR I 194 -2.83 -31.35 35.34
N PHE I 195 -2.54 -30.07 35.11
CA PHE I 195 -3.58 -29.09 34.83
C PHE I 195 -4.36 -29.50 33.60
N ASN I 196 -5.66 -29.74 33.78
CA ASN I 196 -6.47 -30.29 32.70
C ASN I 196 -6.81 -29.24 31.65
N GLY I 197 -7.05 -28.01 32.08
CA GLY I 197 -7.37 -26.93 31.15
C GLY I 197 -8.35 -25.89 31.66
N THR I 198 -9.05 -26.18 32.75
CA THR I 198 -9.94 -25.21 33.38
C THR I 198 -9.82 -25.36 34.89
N GLY I 199 -10.46 -24.45 35.61
CA GLY I 199 -10.36 -24.42 37.05
C GLY I 199 -9.08 -23.72 37.48
N PRO I 200 -8.70 -23.89 38.74
CA PRO I 200 -7.51 -23.20 39.25
C PRO I 200 -6.22 -23.97 38.95
N CYS I 201 -5.12 -23.21 38.98
CA CYS I 201 -3.78 -23.76 39.11
C CYS I 201 -3.19 -23.29 40.43
N SER I 202 -2.82 -24.26 41.28
CA SER I 202 -2.39 -23.95 42.64
C SER I 202 -0.93 -23.49 42.72
N ASN I 203 -0.07 -24.00 41.84
CA ASN I 203 1.34 -23.59 41.79
C ASN I 203 1.54 -22.77 40.53
N VAL I 204 1.82 -21.48 40.71
CA VAL I 204 1.84 -20.51 39.62
C VAL I 204 3.06 -19.62 39.77
N SER I 205 3.61 -19.21 38.64
CA SER I 205 4.81 -18.37 38.58
C SER I 205 4.56 -17.23 37.62
N THR I 206 5.57 -16.37 37.47
CA THR I 206 5.55 -15.29 36.50
C THR I 206 6.86 -15.27 35.73
N VAL I 207 6.79 -14.82 34.47
CA VAL I 207 7.95 -14.73 33.59
C VAL I 207 7.89 -13.39 32.87
N GLN I 208 9.06 -12.86 32.53
CA GLN I 208 9.08 -11.63 31.73
C GLN I 208 8.57 -11.88 30.32
N CYS I 209 9.11 -12.90 29.64
CA CYS I 209 8.64 -13.30 28.31
C CYS I 209 8.51 -14.81 28.25
N THR I 210 7.49 -15.27 27.53
CA THR I 210 7.26 -16.71 27.40
C THR I 210 8.42 -17.40 26.71
N HIS I 211 8.66 -18.65 27.11
CA HIS I 211 9.64 -19.48 26.43
C HIS I 211 9.17 -19.79 25.01
N GLY I 212 10.13 -19.92 24.10
CA GLY I 212 9.83 -19.94 22.68
C GLY I 212 8.92 -21.06 22.23
N ILE I 213 7.77 -20.70 21.64
CA ILE I 213 6.88 -21.67 21.02
C ILE I 213 7.30 -21.88 19.57
N ARG I 214 6.82 -22.97 18.97
CA ARG I 214 7.09 -23.28 17.58
C ARG I 214 5.86 -22.94 16.75
N PRO I 215 5.92 -22.05 15.74
CA PRO I 215 4.71 -21.65 15.03
C PRO I 215 4.27 -22.61 13.92
N VAL I 216 4.74 -23.85 13.91
CA VAL I 216 4.56 -24.77 12.79
C VAL I 216 3.09 -25.01 12.45
N VAL I 217 2.79 -25.00 11.15
CA VAL I 217 1.47 -25.36 10.66
C VAL I 217 1.39 -26.88 10.53
N SER I 218 0.31 -27.46 11.04
CA SER I 218 0.10 -28.90 10.95
C SER I 218 -1.31 -29.22 11.42
N THR I 219 -1.99 -30.10 10.68
CA THR I 219 -3.39 -30.39 10.98
C THR I 219 -3.59 -31.47 12.04
N GLN I 220 -3.20 -32.71 11.75
CA GLN I 220 -3.62 -33.83 12.59
C GLN I 220 -2.59 -34.19 13.64
N LEU I 221 -1.31 -33.95 13.36
CA LEU I 221 -0.22 -34.23 14.29
C LEU I 221 0.62 -32.98 14.46
N LEU I 222 0.92 -32.63 15.71
CA LEU I 222 1.61 -31.39 16.03
C LEU I 222 3.11 -31.64 15.96
N LEU I 223 3.70 -31.31 14.82
CA LEU I 223 5.10 -31.62 14.61
C LEU I 223 6.00 -30.71 15.44
N ASN I 224 7.21 -31.20 15.72
CA ASN I 224 8.30 -30.42 16.34
C ASN I 224 7.85 -29.72 17.63
N GLY I 225 6.88 -30.27 18.33
CA GLY I 225 6.33 -29.62 19.49
C GLY I 225 7.13 -29.87 20.76
N SER I 226 6.65 -29.28 21.84
CA SER I 226 7.26 -29.47 23.16
C SER I 226 6.80 -30.81 23.72
N LEU I 227 7.05 -31.05 25.00
CA LEU I 227 6.76 -32.33 25.65
C LEU I 227 6.01 -32.08 26.95
N ALA I 228 5.08 -32.97 27.27
CA ALA I 228 4.53 -33.01 28.61
C ALA I 228 5.59 -33.49 29.59
N GLU I 229 5.64 -32.87 30.76
CA GLU I 229 6.74 -33.11 31.68
C GLU I 229 6.66 -34.47 32.35
N LYS I 230 5.46 -34.96 32.66
CA LYS I 230 5.27 -36.19 33.41
C LYS I 230 4.59 -37.29 32.61
N GLU I 231 3.44 -37.02 32.02
CA GLU I 231 2.59 -38.09 31.51
C GLU I 231 1.73 -37.55 30.37
N ILE I 232 1.10 -38.49 29.66
CA ILE I 232 0.12 -38.12 28.64
C ILE I 232 -1.06 -37.45 29.31
N VAL I 233 -1.49 -36.31 28.76
CA VAL I 233 -2.59 -35.54 29.29
C VAL I 233 -3.55 -35.23 28.14
N ILE I 234 -4.81 -34.98 28.49
CA ILE I 234 -5.88 -34.80 27.53
C ILE I 234 -6.67 -33.58 27.93
N ARG I 235 -7.20 -32.85 26.95
CA ARG I 235 -7.86 -31.58 27.18
C ARG I 235 -9.08 -31.47 26.29
N SER I 236 -10.13 -30.86 26.84
CA SER I 236 -11.32 -30.54 26.08
C SER I 236 -12.02 -29.44 26.85
N GLU I 237 -12.78 -28.61 26.12
CA GLU I 237 -13.67 -27.68 26.80
C GLU I 237 -14.69 -28.42 27.65
N ASN I 238 -15.26 -29.50 27.12
CA ASN I 238 -16.11 -30.42 27.88
C ASN I 238 -16.21 -31.69 27.06
N LEU I 239 -15.85 -32.82 27.67
CA LEU I 239 -15.82 -34.07 26.92
C LEU I 239 -17.21 -34.53 26.50
N THR I 240 -18.27 -34.01 27.11
CA THR I 240 -19.62 -34.42 26.74
C THR I 240 -19.99 -33.99 25.32
N ASN I 241 -19.44 -32.87 24.85
CA ASN I 241 -19.73 -32.37 23.51
C ASN I 241 -18.80 -33.06 22.53
N ASN I 242 -19.35 -33.99 21.74
CA ASN I 242 -18.52 -34.73 20.79
C ASN I 242 -17.96 -33.84 19.70
N ALA I 243 -18.65 -32.74 19.37
CA ALA I 243 -18.15 -31.85 18.32
C ALA I 243 -16.90 -31.09 18.73
N LYS I 244 -16.63 -30.98 20.03
CA LYS I 244 -15.45 -30.25 20.49
C LYS I 244 -14.18 -31.00 20.13
N ILE I 245 -13.14 -30.26 19.78
CA ILE I 245 -11.83 -30.86 19.59
C ILE I 245 -11.35 -31.42 20.91
N ILE I 246 -10.67 -32.56 20.87
CA ILE I 246 -9.99 -33.12 22.03
C ILE I 246 -8.49 -33.17 21.72
N ILE I 247 -7.72 -32.40 22.47
CA ILE I 247 -6.27 -32.41 22.31
C ILE I 247 -5.72 -33.58 23.11
N VAL I 248 -4.65 -34.19 22.61
CA VAL I 248 -3.86 -35.15 23.36
C VAL I 248 -2.42 -34.67 23.31
N HIS I 249 -1.75 -34.72 24.45
CA HIS I 249 -0.35 -34.33 24.57
C HIS I 249 0.44 -35.53 25.04
N LEU I 250 1.62 -35.73 24.48
CA LEU I 250 2.42 -36.92 24.70
C LEU I 250 3.66 -36.60 25.54
N HIS I 251 3.98 -37.51 26.46
CA HIS I 251 5.24 -37.41 27.19
C HIS I 251 6.39 -38.00 26.38
N THR I 252 6.15 -39.13 25.70
CA THR I 252 7.17 -39.80 24.92
C THR I 252 7.07 -39.36 23.46
N PRO I 253 8.11 -38.83 22.82
CA PRO I 253 7.96 -38.36 21.44
C PRO I 253 8.03 -39.52 20.45
N VAL I 254 6.98 -39.67 19.64
CA VAL I 254 7.04 -40.59 18.51
C VAL I 254 7.80 -39.92 17.38
N GLU I 255 8.75 -40.63 16.79
CA GLU I 255 9.63 -40.08 15.78
C GLU I 255 9.05 -40.37 14.39
N ILE I 256 8.79 -39.30 13.63
CA ILE I 256 8.24 -39.40 12.28
C ILE I 256 9.27 -38.86 11.31
N VAL I 257 9.48 -39.58 10.21
CA VAL I 257 10.39 -39.19 9.15
C VAL I 257 9.62 -39.27 7.83
N CYS I 258 9.75 -38.22 7.02
CA CYS I 258 9.09 -38.14 5.72
C CYS I 258 10.13 -37.79 4.68
N THR I 259 9.85 -38.14 3.42
CA THR I 259 10.77 -37.85 2.35
C THR I 259 10.01 -37.89 1.02
N ARG I 260 10.58 -37.21 0.03
CA ARG I 260 10.03 -37.14 -1.32
C ARG I 260 11.18 -37.43 -2.28
N PRO I 261 11.51 -38.71 -2.46
CA PRO I 261 12.78 -39.05 -3.13
C PRO I 261 12.80 -38.83 -4.64
N ASN I 262 11.72 -38.35 -5.25
CA ASN I 262 11.83 -37.87 -6.62
C ASN I 262 12.81 -36.72 -6.64
N ASN I 263 13.88 -36.85 -7.42
CA ASN I 263 14.86 -35.78 -7.49
C ASN I 263 14.35 -34.65 -8.38
N ASN I 264 13.37 -33.94 -7.84
CA ASN I 264 12.76 -32.82 -8.55
C ASN I 264 13.81 -31.75 -8.85
N THR I 265 13.66 -31.08 -9.99
CA THR I 265 14.63 -30.11 -10.46
C THR I 265 13.95 -28.77 -10.71
N ARG I 266 14.68 -27.69 -10.46
CA ARG I 266 14.12 -26.35 -10.55
C ARG I 266 14.21 -25.82 -11.96
N LYS I 267 13.20 -25.05 -12.37
CA LYS I 267 13.18 -24.36 -13.65
C LYS I 267 12.73 -22.93 -13.42
N SER I 268 13.17 -22.02 -14.29
CA SER I 268 12.94 -20.58 -14.15
C SER I 268 12.34 -20.01 -15.43
N VAL I 269 11.01 -20.12 -15.55
CA VAL I 269 10.30 -19.33 -16.54
C VAL I 269 10.25 -17.88 -16.09
N ARG I 270 10.12 -16.96 -17.05
CA ARG I 270 9.98 -15.54 -16.76
C ARG I 270 8.70 -14.99 -17.37
N ILE I 271 8.11 -14.04 -16.65
CA ILE I 271 6.77 -13.53 -16.90
C ILE I 271 6.87 -12.02 -17.05
N GLY I 272 6.55 -11.52 -18.24
CA GLY I 272 6.47 -10.10 -18.47
C GLY I 272 7.78 -9.39 -18.18
N PRO I 273 7.75 -8.20 -17.57
CA PRO I 273 9.01 -7.53 -17.27
C PRO I 273 9.69 -8.09 -16.04
N GLY I 274 10.89 -8.62 -16.22
CA GLY I 274 11.80 -8.87 -15.11
C GLY I 274 11.49 -10.03 -14.20
N GLN I 275 10.27 -10.10 -13.66
CA GLN I 275 9.94 -10.96 -12.54
C GLN I 275 9.78 -12.40 -12.99
N THR I 276 10.50 -13.31 -12.34
CA THR I 276 10.51 -14.70 -12.75
C THR I 276 9.34 -15.47 -12.13
N PHE I 277 9.13 -16.68 -12.64
CA PHE I 277 8.20 -17.64 -12.07
C PHE I 277 8.82 -19.03 -12.17
N TYR I 278 8.78 -19.77 -11.07
CA TYR I 278 9.47 -21.05 -10.97
C TYR I 278 8.50 -22.20 -11.13
N ALA I 279 8.97 -23.29 -11.74
CA ALA I 279 8.15 -24.46 -11.94
C ALA I 279 9.06 -25.67 -12.07
N THR I 280 8.47 -26.85 -11.87
CA THR I 280 9.22 -28.10 -11.88
C THR I 280 9.64 -28.46 -13.31
N GLY I 281 10.91 -28.79 -13.48
CA GLY I 281 11.42 -29.31 -14.74
C GLY I 281 11.35 -30.82 -14.75
N ASP I 282 12.14 -31.39 -15.65
CA ASP I 282 12.19 -32.85 -15.77
C ASP I 282 12.70 -33.47 -14.49
N ILE I 283 12.04 -34.54 -14.03
CA ILE I 283 12.59 -35.34 -12.95
C ILE I 283 13.77 -36.11 -13.49
N ILE I 284 14.93 -35.90 -12.89
CA ILE I 284 16.05 -36.83 -13.04
C ILE I 284 15.83 -38.02 -12.13
N GLY I 285 16.01 -39.22 -12.68
CA GLY I 285 15.80 -40.45 -11.93
C GLY I 285 14.47 -41.09 -12.24
N ASP I 286 14.18 -42.15 -11.50
CA ASP I 286 12.96 -42.93 -11.66
C ASP I 286 12.01 -42.59 -10.51
N ILE I 287 10.78 -42.19 -10.84
CA ILE I 287 9.93 -41.58 -9.83
C ILE I 287 9.49 -42.61 -8.78
N LYS I 288 9.26 -42.12 -7.56
CA LYS I 288 8.83 -42.94 -6.45
C LYS I 288 7.87 -42.14 -5.57
N GLN I 289 7.03 -42.86 -4.83
CA GLN I 289 5.98 -42.23 -4.04
C GLN I 289 6.55 -41.43 -2.88
N ALA I 290 5.90 -40.31 -2.57
CA ALA I 290 6.21 -39.57 -1.35
C ALA I 290 5.50 -40.21 -0.17
N HIS I 291 6.21 -40.35 0.95
CA HIS I 291 5.73 -41.18 2.05
C HIS I 291 6.25 -40.66 3.37
N CYS I 292 5.65 -41.17 4.45
CA CYS I 292 6.06 -40.87 5.82
C CYS I 292 6.12 -42.17 6.62
N ASN I 293 7.14 -42.28 7.48
CA ASN I 293 7.43 -43.49 8.23
C ASN I 293 7.37 -43.24 9.72
N ILE I 294 6.71 -44.17 10.43
CA ILE I 294 6.61 -44.16 11.88
C ILE I 294 6.86 -45.57 12.38
N SER I 295 7.67 -45.70 13.43
CA SER I 295 7.98 -47.02 13.98
C SER I 295 6.74 -47.64 14.60
N GLU I 296 6.51 -48.93 14.32
CA GLU I 296 5.25 -49.57 14.68
C GLU I 296 5.12 -49.74 16.19
N GLU I 297 6.17 -50.23 16.85
CA GLU I 297 6.07 -50.50 18.28
C GLU I 297 5.86 -49.21 19.08
N LYS I 298 6.56 -48.14 18.71
CA LYS I 298 6.35 -46.85 19.37
C LYS I 298 4.91 -46.40 19.24
N TRP I 299 4.37 -46.46 18.01
CA TRP I 299 3.01 -46.00 17.78
C TRP I 299 2.01 -46.85 18.54
N ASN I 300 2.20 -48.17 18.53
CA ASN I 300 1.27 -49.04 19.24
C ASN I 300 1.27 -48.76 20.74
N ASP I 301 2.46 -48.66 21.33
CA ASP I 301 2.55 -48.40 22.76
C ASP I 301 1.96 -47.04 23.12
N THR I 302 2.28 -46.01 22.32
CA THR I 302 1.79 -44.67 22.62
C THR I 302 0.28 -44.58 22.43
N LEU I 303 -0.25 -45.22 21.41
CA LEU I 303 -1.70 -45.21 21.21
C LEU I 303 -2.40 -45.96 22.34
N GLN I 304 -1.82 -47.05 22.82
CA GLN I 304 -2.43 -47.76 23.94
C GLN I 304 -2.39 -46.91 25.22
N LYS I 305 -1.29 -46.17 25.42
CA LYS I 305 -1.23 -45.28 26.58
C LYS I 305 -2.26 -44.17 26.49
N VAL I 306 -2.45 -43.60 25.30
CA VAL I 306 -3.54 -42.65 25.10
C VAL I 306 -4.87 -43.33 25.36
N GLY I 307 -4.96 -44.63 25.05
CA GLY I 307 -6.16 -45.38 25.38
C GLY I 307 -6.46 -45.37 26.86
N ILE I 308 -5.45 -45.65 27.69
CA ILE I 308 -5.71 -45.65 29.13
C ILE I 308 -6.06 -44.24 29.61
N GLU I 309 -5.44 -43.23 29.01
CA GLU I 309 -5.75 -41.87 29.46
C GLU I 309 -7.17 -41.47 29.08
N LEU I 310 -7.67 -41.97 27.95
CA LEU I 310 -9.08 -41.80 27.63
C LEU I 310 -9.96 -42.57 28.61
N GLN I 311 -9.55 -43.79 28.97
CA GLN I 311 -10.35 -44.56 29.93
C GLN I 311 -10.38 -43.91 31.30
N LYS I 312 -9.40 -43.06 31.63
CA LYS I 312 -9.49 -42.30 32.87
C LYS I 312 -10.72 -41.40 32.89
N HIS I 313 -11.17 -40.94 31.72
CA HIS I 313 -12.43 -40.21 31.60
C HIS I 313 -13.57 -41.08 31.11
N PHE I 314 -13.29 -42.25 30.51
CA PHE I 314 -14.30 -43.20 30.08
C PHE I 314 -13.96 -44.59 30.60
N PRO I 315 -13.97 -44.79 31.92
CA PRO I 315 -13.74 -46.15 32.45
C PRO I 315 -14.84 -47.12 32.11
N ASN I 316 -16.05 -46.63 31.83
CA ASN I 316 -17.16 -47.50 31.48
C ASN I 316 -16.94 -48.21 30.14
N LYS I 317 -16.17 -47.62 29.23
CA LYS I 317 -16.08 -48.09 27.84
C LYS I 317 -14.63 -48.21 27.41
N THR I 318 -14.40 -49.11 26.45
CA THR I 318 -13.10 -49.30 25.85
C THR I 318 -12.92 -48.35 24.66
N ILE I 319 -11.77 -48.47 23.99
CA ILE I 319 -11.31 -47.48 23.03
C ILE I 319 -11.02 -48.15 21.70
N LYS I 320 -11.45 -47.52 20.61
CA LYS I 320 -11.07 -47.87 19.26
C LYS I 320 -10.69 -46.58 18.52
N TYR I 321 -9.94 -46.72 17.43
CA TYR I 321 -9.55 -45.59 16.59
C TYR I 321 -9.92 -45.89 15.15
N ASN I 322 -10.28 -44.85 14.41
CA ASN I 322 -10.94 -44.98 13.11
C ASN I 322 -10.31 -44.00 12.11
N GLN I 323 -10.71 -44.15 10.86
CA GLN I 323 -10.26 -43.27 9.80
C GLN I 323 -10.90 -41.89 9.94
N SER I 324 -10.36 -40.93 9.19
CA SER I 324 -10.84 -39.55 9.25
C SER I 324 -12.30 -39.45 8.82
N ALA I 325 -12.88 -38.27 9.04
CA ALA I 325 -14.31 -38.06 8.87
C ALA I 325 -14.67 -37.52 7.50
N GLY I 326 -13.87 -37.85 6.49
CA GLY I 326 -14.23 -37.43 5.14
C GLY I 326 -13.99 -35.94 4.93
N GLY I 327 -14.61 -35.43 3.88
CA GLY I 327 -14.38 -34.07 3.43
C GLY I 327 -13.38 -34.01 2.31
N ASP I 328 -12.90 -32.79 2.03
CA ASP I 328 -11.96 -32.55 0.95
C ASP I 328 -10.53 -32.84 1.41
N MET I 329 -9.56 -32.51 0.56
CA MET I 329 -8.17 -32.91 0.81
C MET I 329 -7.61 -32.21 2.04
N GLU I 330 -7.85 -30.90 2.17
CA GLU I 330 -7.27 -30.14 3.26
C GLU I 330 -7.74 -30.65 4.63
N ILE I 331 -8.93 -31.23 4.70
CA ILE I 331 -9.53 -31.63 5.96
C ILE I 331 -9.28 -33.11 6.25
N THR I 332 -9.28 -33.95 5.21
CA THR I 332 -9.12 -35.39 5.42
C THR I 332 -7.72 -35.72 5.91
N THR I 333 -6.70 -35.23 5.20
CA THR I 333 -5.35 -35.75 5.33
C THR I 333 -4.50 -34.89 6.26
N HIS I 334 -3.60 -35.55 6.96
CA HIS I 334 -2.50 -34.86 7.62
C HIS I 334 -1.75 -34.03 6.61
N SER I 335 -1.60 -32.74 6.89
CA SER I 335 -0.90 -31.81 6.01
C SER I 335 0.06 -30.97 6.84
N PHE I 336 1.33 -30.99 6.44
CA PHE I 336 2.37 -30.27 7.17
C PHE I 336 3.47 -29.86 6.22
N ASN I 337 4.12 -28.75 6.56
CA ASN I 337 5.14 -28.18 5.72
C ASN I 337 6.49 -28.83 5.98
N CYS I 338 7.29 -28.96 4.93
CA CYS I 338 8.50 -29.76 4.97
C CYS I 338 9.54 -29.20 4.01
N GLY I 339 10.38 -28.29 4.49
CA GLY I 339 11.53 -27.87 3.72
C GLY I 339 11.24 -27.06 2.48
N GLY I 340 9.98 -26.73 2.22
CA GLY I 340 9.60 -25.97 1.04
C GLY I 340 8.33 -26.49 0.39
N GLU I 341 8.11 -27.80 0.44
CA GLU I 341 6.92 -28.40 -0.11
C GLU I 341 5.78 -28.29 0.89
N PHE I 342 4.60 -28.76 0.49
CA PHE I 342 3.46 -28.90 1.38
C PHE I 342 2.93 -30.32 1.28
N PHE I 343 3.38 -31.18 2.17
CA PHE I 343 3.01 -32.58 2.15
C PHE I 343 1.56 -32.75 2.56
N TYR I 344 0.94 -33.79 2.02
CA TYR I 344 -0.39 -34.23 2.42
C TYR I 344 -0.34 -35.74 2.49
N CYS I 345 -0.78 -36.32 3.61
CA CYS I 345 -0.57 -37.73 3.89
C CYS I 345 -1.84 -38.40 4.36
N ASN I 346 -2.12 -39.58 3.80
CA ASN I 346 -3.25 -40.39 4.22
C ASN I 346 -2.94 -41.05 5.56
N THR I 347 -3.82 -40.86 6.54
CA THR I 347 -3.53 -41.22 7.92
C THR I 347 -4.18 -42.53 8.36
N SER I 348 -4.73 -43.33 7.44
CA SER I 348 -5.48 -44.51 7.83
C SER I 348 -4.61 -45.50 8.58
N ASN I 349 -3.37 -45.67 8.16
CA ASN I 349 -2.52 -46.71 8.72
C ASN I 349 -1.97 -46.38 10.10
N LEU I 350 -2.34 -45.23 10.68
CA LEU I 350 -1.99 -44.89 12.06
C LEU I 350 -3.17 -44.96 13.02
N PHE I 351 -4.39 -45.17 12.52
CA PHE I 351 -5.60 -45.07 13.32
C PHE I 351 -6.55 -46.22 13.00
N ASN I 352 -5.99 -47.44 13.04
CA ASN I 352 -6.75 -48.66 12.81
C ASN I 352 -6.68 -49.64 13.98
N GLY I 353 -6.05 -49.26 15.10
CA GLY I 353 -5.94 -50.14 16.25
C GLY I 353 -7.08 -49.94 17.25
N THR I 354 -6.91 -50.55 18.43
CA THR I 354 -7.90 -50.44 19.49
C THR I 354 -7.26 -50.83 20.81
N TYR I 355 -7.96 -50.53 21.91
CA TYR I 355 -7.49 -50.83 23.25
C TYR I 355 -8.66 -51.18 24.16
N ASN I 356 -8.54 -52.31 24.87
CA ASN I 356 -9.62 -52.96 25.61
C ASN I 356 -9.24 -53.18 27.07
N GLY I 357 -8.33 -52.37 27.59
CA GLY I 357 -7.84 -52.46 28.95
C GLY I 357 -6.57 -53.27 29.06
N THR I 358 -6.32 -54.15 28.10
CA THR I 358 -5.16 -55.03 28.14
C THR I 358 -3.92 -54.36 27.58
N TYR I 359 -3.01 -53.91 28.44
CA TYR I 359 -1.75 -53.32 28.00
C TYR I 359 -0.79 -54.45 27.65
N ILE I 360 -0.52 -54.60 26.35
CA ILE I 360 0.25 -55.74 25.85
C ILE I 360 1.74 -55.49 26.09
N SER I 361 2.50 -56.58 26.20
CA SER I 361 3.94 -56.50 26.41
C SER I 361 4.66 -56.01 25.14
N THR I 362 4.43 -54.75 24.78
CA THR I 362 4.98 -54.21 23.55
C THR I 362 6.45 -53.86 23.68
N ASN I 363 6.89 -53.41 24.85
CA ASN I 363 8.25 -52.96 25.08
C ASN I 363 8.84 -53.74 26.25
N SER I 364 10.17 -53.92 26.27
CA SER I 364 11.21 -53.42 25.37
C SER I 364 11.21 -54.13 24.03
N SER I 365 11.89 -53.51 23.05
CA SER I 365 11.79 -53.96 21.66
C SER I 365 12.35 -55.35 21.49
N ALA I 366 11.60 -56.21 20.79
CA ALA I 366 12.09 -57.51 20.38
C ALA I 366 12.78 -57.40 19.02
N ASN I 367 12.13 -56.73 18.06
CA ASN I 367 12.72 -56.48 16.75
C ASN I 367 12.24 -55.10 16.32
N SER I 368 13.18 -54.16 16.17
CA SER I 368 12.87 -52.77 15.91
C SER I 368 12.60 -52.47 14.44
N THR I 369 12.61 -53.49 13.57
CA THR I 369 12.54 -53.25 12.14
C THR I 369 11.14 -52.92 11.64
N SER I 370 10.10 -53.24 12.42
CA SER I 370 8.74 -53.03 11.95
C SER I 370 8.42 -51.54 11.94
N THR I 371 8.00 -51.02 10.78
CA THR I 371 7.70 -49.61 10.59
C THR I 371 6.49 -49.45 9.69
N ILE I 372 5.56 -48.59 10.10
CA ILE I 372 4.37 -48.29 9.30
C ILE I 372 4.72 -47.21 8.28
N THR I 373 4.03 -47.26 7.13
CA THR I 373 4.24 -46.33 6.03
C THR I 373 2.92 -45.65 5.67
N LEU I 374 2.98 -44.35 5.42
CA LEU I 374 1.85 -43.55 4.98
C LEU I 374 2.09 -43.08 3.56
N GLN I 375 1.12 -43.29 2.68
CA GLN I 375 1.18 -42.74 1.33
C GLN I 375 0.87 -41.25 1.39
N CYS I 376 1.68 -40.44 0.69
CA CYS I 376 1.57 -38.99 0.76
C CYS I 376 1.55 -38.36 -0.63
N ARG I 377 0.55 -37.51 -0.86
CA ARG I 377 0.49 -36.66 -2.05
C ARG I 377 1.19 -35.33 -1.77
N ILE I 378 1.35 -34.55 -2.84
CA ILE I 378 2.08 -33.28 -2.80
C ILE I 378 1.24 -32.24 -3.51
N LYS I 379 1.34 -30.99 -3.06
CA LYS I 379 0.65 -29.88 -3.66
C LYS I 379 1.59 -28.69 -3.77
N GLN I 380 1.24 -27.78 -4.66
CA GLN I 380 1.88 -26.47 -4.75
C GLN I 380 0.93 -25.32 -4.54
N ILE I 381 -0.32 -25.45 -5.02
CA ILE I 381 -1.33 -24.42 -4.88
C ILE I 381 -2.00 -24.63 -3.52
N ILE I 382 -1.57 -23.89 -2.51
CA ILE I 382 -2.06 -24.06 -1.15
C ILE I 382 -3.19 -23.07 -0.91
N ASN I 383 -4.43 -23.57 -0.81
CA ASN I 383 -5.52 -22.75 -0.31
C ASN I 383 -5.32 -22.61 1.20
N MET I 384 -4.45 -21.66 1.54
CA MET I 384 -3.73 -21.69 2.80
C MET I 384 -4.65 -21.51 4.01
N TRP I 385 -5.49 -20.48 4.00
CA TRP I 385 -6.54 -20.32 4.98
C TRP I 385 -7.81 -19.91 4.26
N GLN I 386 -8.94 -20.25 4.85
CA GLN I 386 -10.20 -20.29 4.11
C GLN I 386 -10.79 -18.88 4.04
N GLY I 387 -10.70 -18.28 2.85
CA GLY I 387 -11.23 -16.95 2.61
C GLY I 387 -10.29 -15.80 2.95
N VAL I 388 -8.98 -16.01 2.82
CA VAL I 388 -8.00 -15.07 3.36
C VAL I 388 -7.25 -14.27 2.30
N GLY I 389 -7.51 -14.50 1.01
CA GLY I 389 -6.57 -14.11 -0.02
C GLY I 389 -5.68 -15.30 -0.33
N ARG I 390 -6.33 -16.38 -0.74
CA ARG I 390 -5.88 -17.73 -0.42
C ARG I 390 -4.60 -18.17 -1.11
N CYS I 391 -4.63 -18.34 -2.42
CA CYS I 391 -3.72 -19.29 -3.06
C CYS I 391 -2.28 -18.80 -3.12
N MET I 392 -1.46 -19.30 -2.20
CA MET I 392 -0.01 -19.15 -2.29
C MET I 392 0.55 -20.26 -3.14
N TYR I 393 1.45 -19.92 -4.06
CA TYR I 393 2.15 -20.92 -4.87
C TYR I 393 3.48 -21.22 -4.21
N ALA I 394 3.59 -22.37 -3.56
CA ALA I 394 4.87 -22.76 -2.97
C ALA I 394 5.83 -23.14 -4.09
N PRO I 395 6.99 -22.50 -4.22
CA PRO I 395 7.88 -22.84 -5.32
C PRO I 395 8.45 -24.23 -5.15
N PRO I 396 8.65 -24.99 -6.23
CA PRO I 396 9.19 -26.35 -6.06
C PRO I 396 10.68 -26.30 -5.81
N ILE I 397 11.13 -27.13 -4.86
CA ILE I 397 12.50 -27.06 -4.35
C ILE I 397 13.28 -28.27 -4.83
N ALA I 398 14.48 -28.02 -5.34
CA ALA I 398 15.29 -29.06 -5.95
C ALA I 398 15.96 -29.92 -4.89
N GLY I 399 16.50 -31.04 -5.34
CA GLY I 399 17.18 -31.96 -4.45
C GLY I 399 16.21 -32.70 -3.56
N ASN I 400 16.54 -33.93 -3.19
CA ASN I 400 15.63 -34.67 -2.33
C ASN I 400 15.72 -34.15 -0.90
N ILE I 401 14.60 -34.23 -0.19
CA ILE I 401 14.43 -33.59 1.11
C ILE I 401 13.98 -34.60 2.15
N THR I 402 14.29 -34.31 3.41
CA THR I 402 13.91 -35.13 4.55
C THR I 402 13.54 -34.22 5.69
N CYS I 403 12.54 -34.64 6.47
CA CYS I 403 11.97 -33.82 7.54
C CYS I 403 11.79 -34.65 8.80
N ARG I 404 12.86 -35.32 9.22
CA ARG I 404 12.85 -36.13 10.43
C ARG I 404 12.44 -35.29 11.63
N SER I 405 11.35 -35.67 12.28
CA SER I 405 10.70 -34.82 13.27
C SER I 405 9.99 -35.66 14.31
N ASN I 406 9.60 -35.01 15.39
CA ASN I 406 8.94 -35.66 16.53
C ASN I 406 7.47 -35.29 16.55
N ILE I 407 6.60 -36.28 16.71
CA ILE I 407 5.21 -36.02 17.02
C ILE I 407 5.09 -35.75 18.51
N THR I 408 4.22 -34.80 18.88
CA THR I 408 4.00 -34.49 20.28
C THR I 408 2.55 -34.27 20.64
N GLY I 409 1.60 -34.32 19.71
CA GLY I 409 0.21 -34.14 20.05
C GLY I 409 -0.70 -34.58 18.95
N LEU I 410 -1.80 -35.24 19.33
CA LEU I 410 -2.81 -35.76 18.42
C LEU I 410 -4.10 -34.99 18.60
N LEU I 411 -4.69 -34.54 17.49
CA LEU I 411 -6.00 -33.91 17.49
C LEU I 411 -7.03 -34.91 17.00
N LEU I 412 -8.02 -35.21 17.84
CA LEU I 412 -8.98 -36.27 17.60
C LEU I 412 -10.39 -35.72 17.74
N THR I 413 -11.36 -36.56 17.39
CA THR I 413 -12.77 -36.26 17.57
C THR I 413 -13.49 -37.56 17.93
N ARG I 414 -14.27 -37.53 19.00
CA ARG I 414 -15.11 -38.67 19.32
C ARG I 414 -16.20 -38.78 18.27
N ASP I 415 -16.49 -40.01 17.87
CA ASP I 415 -17.34 -40.24 16.71
C ASP I 415 -18.75 -39.70 16.94
N GLY I 416 -19.36 -39.21 15.87
CA GLY I 416 -20.75 -38.77 15.91
C GLY I 416 -21.69 -39.89 15.59
N GLY I 417 -21.51 -41.03 16.26
CA GLY I 417 -22.26 -42.24 15.96
C GLY I 417 -23.49 -42.40 16.82
N THR I 418 -23.91 -43.65 16.97
CA THR I 418 -25.13 -43.98 17.70
C THR I 418 -25.05 -45.45 18.11
N ASN I 419 -26.20 -46.03 18.48
CA ASN I 419 -26.35 -47.43 18.84
C ASN I 419 -25.68 -47.79 20.16
N SER I 420 -25.36 -46.79 20.99
CA SER I 420 -24.90 -47.00 22.37
C SER I 420 -23.70 -47.93 22.44
N ASN I 421 -22.72 -47.72 21.56
CA ASN I 421 -21.53 -48.57 21.51
C ASN I 421 -20.77 -48.49 22.83
N GLU I 422 -20.46 -49.65 23.40
CA GLU I 422 -19.74 -49.74 24.66
C GLU I 422 -18.22 -49.67 24.47
N THR I 423 -17.74 -49.57 23.24
CA THR I 423 -16.33 -49.52 22.89
C THR I 423 -16.05 -48.30 22.03
N GLU I 424 -16.49 -47.13 22.50
CA GLU I 424 -16.59 -45.92 21.68
C GLU I 424 -15.27 -45.60 20.99
N THR I 425 -15.39 -45.05 19.78
CA THR I 425 -14.29 -44.88 18.84
C THR I 425 -14.03 -43.41 18.61
N PHE I 426 -12.77 -43.08 18.34
CA PHE I 426 -12.32 -41.70 18.13
C PHE I 426 -11.70 -41.58 16.76
N ARG I 427 -12.09 -40.54 16.02
CA ARG I 427 -11.51 -40.19 14.73
C ARG I 427 -10.46 -39.10 14.89
N PRO I 428 -9.59 -38.90 13.90
CA PRO I 428 -8.79 -37.68 13.87
C PRO I 428 -9.65 -36.47 13.61
N ALA I 429 -9.29 -35.35 14.23
CA ALA I 429 -10.00 -34.10 13.99
C ALA I 429 -9.39 -33.37 12.80
N GLY I 430 -10.13 -32.41 12.30
CA GLY I 430 -9.54 -31.38 11.48
C GLY I 430 -8.70 -30.46 12.33
N GLY I 431 -7.84 -29.70 11.67
CA GLY I 431 -7.03 -28.71 12.34
C GLY I 431 -7.48 -27.30 12.07
N ASP I 432 -8.17 -26.70 13.03
CA ASP I 432 -8.29 -25.25 13.06
C ASP I 432 -7.01 -24.70 13.68
N MET I 433 -6.30 -23.88 12.92
CA MET I 433 -4.93 -23.52 13.28
C MET I 433 -4.87 -22.77 14.61
N ARG I 434 -5.96 -22.11 14.99
CA ARG I 434 -6.11 -21.65 16.36
C ARG I 434 -5.86 -22.79 17.32
N ASP I 435 -6.46 -23.96 17.03
CA ASP I 435 -6.32 -25.09 17.94
C ASP I 435 -4.94 -25.71 17.87
N ASN I 436 -4.27 -25.63 16.72
CA ASN I 436 -2.87 -26.05 16.67
C ASN I 436 -2.02 -25.21 17.61
N TRP I 437 -2.17 -23.89 17.57
CA TRP I 437 -1.32 -23.05 18.39
C TRP I 437 -1.74 -23.10 19.85
N ARG I 438 -3.03 -23.29 20.10
CA ARG I 438 -3.57 -23.30 21.45
C ARG I 438 -3.01 -24.47 22.25
N SER I 439 -2.75 -25.60 21.59
CA SER I 439 -2.23 -26.77 22.27
C SER I 439 -0.84 -26.54 22.84
N GLU I 440 -0.01 -25.75 22.18
CA GLU I 440 1.33 -25.45 22.66
C GLU I 440 1.38 -24.18 23.51
N LEU I 441 0.23 -23.57 23.79
CA LEU I 441 0.14 -22.32 24.54
C LEU I 441 -0.74 -22.43 25.77
N TYR I 442 -0.90 -23.63 26.34
CA TYR I 442 -1.82 -23.79 27.46
C TYR I 442 -1.26 -23.23 28.75
N LYS I 443 0.04 -23.00 28.82
CA LYS I 443 0.66 -22.74 30.11
C LYS I 443 0.59 -21.28 30.53
N TYR I 444 0.24 -20.36 29.65
CA TYR I 444 0.44 -18.94 29.88
C TYR I 444 -0.86 -18.16 29.97
N LYS I 445 -0.81 -17.07 30.74
CA LYS I 445 -1.89 -16.10 30.87
C LYS I 445 -1.30 -14.75 31.23
N VAL I 446 -1.82 -13.69 30.62
CA VAL I 446 -1.32 -12.32 30.81
C VAL I 446 -2.33 -11.55 31.64
N VAL I 447 -1.84 -10.82 32.65
CA VAL I 447 -2.69 -10.17 33.63
C VAL I 447 -2.30 -8.70 33.76
N LYS I 448 -3.24 -7.89 34.24
CA LYS I 448 -3.07 -6.45 34.32
C LYS I 448 -2.63 -6.06 35.72
N ILE I 449 -1.47 -5.41 35.82
CA ILE I 449 -0.94 -4.97 37.10
C ILE I 449 -1.57 -3.63 37.45
N GLU I 450 -2.07 -3.52 38.68
CA GLU I 450 -2.81 -2.36 39.16
C GLU I 450 -2.07 -1.82 40.38
N PRO I 451 -1.01 -1.03 40.17
CA PRO I 451 -0.10 -0.71 41.27
C PRO I 451 -0.58 0.39 42.21
N LEU I 452 -1.89 0.70 42.26
CA LEU I 452 -2.44 1.61 43.25
C LEU I 452 -3.17 0.80 44.32
N GLY I 453 -2.97 1.16 45.59
CA GLY I 453 -3.54 0.42 46.71
C GLY I 453 -4.22 1.29 47.76
N VAL I 454 -5.05 0.67 48.60
CA VAL I 454 -5.77 1.35 49.68
C VAL I 454 -5.84 0.40 50.86
N ALA I 455 -5.63 0.92 52.07
CA ALA I 455 -5.72 0.10 53.27
C ALA I 455 -5.84 1.01 54.49
N PRO I 456 -6.34 0.49 55.62
CA PRO I 456 -6.42 1.31 56.84
C PRO I 456 -5.09 1.34 57.57
N THR I 457 -4.91 2.36 58.41
CA THR I 457 -3.73 2.41 59.27
C THR I 457 -3.97 3.44 60.37
N ARG I 458 -3.29 3.25 61.50
CA ARG I 458 -3.28 4.26 62.56
C ARG I 458 -2.29 5.34 62.14
N CYS I 459 -2.80 6.34 61.45
CA CYS I 459 -2.03 7.47 60.95
C CYS I 459 -2.73 8.78 61.27
N LYS I 460 -1.97 9.87 61.20
CA LYS I 460 -2.55 11.19 61.00
C LYS I 460 -1.45 12.12 60.52
N ARG I 461 -1.60 12.61 59.29
CA ARG I 461 -0.62 13.52 58.72
C ARG I 461 -0.69 14.89 59.40
N ARG I 462 0.39 15.65 59.27
CA ARG I 462 0.46 16.96 59.87
C ARG I 462 -0.40 17.96 59.10
N VAL I 463 -0.82 19.01 59.81
CA VAL I 463 -1.53 20.13 59.20
C VAL I 463 -0.91 21.44 59.66
N PHE J 11 9.93 -9.47 40.36
CA PHE J 11 8.82 -8.55 40.10
C PHE J 11 7.70 -8.70 41.11
N LEU J 12 7.24 -9.93 41.36
CA LEU J 12 6.00 -10.15 42.13
C LEU J 12 6.25 -11.03 43.35
N GLY J 13 7.40 -10.88 44.01
CA GLY J 13 7.69 -11.70 45.18
C GLY J 13 6.69 -11.49 46.31
N ALA J 14 6.11 -10.30 46.40
CA ALA J 14 5.17 -10.01 47.48
C ALA J 14 3.79 -10.60 47.23
N ALA J 15 3.51 -11.11 46.04
CA ALA J 15 2.17 -11.60 45.73
C ALA J 15 1.84 -12.82 46.58
N GLY J 16 0.59 -12.87 47.05
CA GLY J 16 0.13 -13.99 47.85
C GLY J 16 0.39 -13.83 49.34
N SER J 17 1.58 -13.38 49.70
CA SER J 17 1.92 -13.23 51.11
C SER J 17 1.08 -12.14 51.76
N THR J 18 1.14 -12.11 53.09
CA THR J 18 0.29 -11.20 53.85
C THR J 18 0.73 -9.75 53.64
N MET J 19 -0.09 -8.83 54.15
CA MET J 19 0.15 -7.41 53.89
C MET J 19 1.44 -6.92 54.53
N GLY J 20 1.70 -7.29 55.78
CA GLY J 20 2.90 -6.84 56.44
C GLY J 20 4.16 -7.29 55.73
N ALA J 21 4.18 -8.57 55.31
CA ALA J 21 5.32 -9.06 54.54
C ALA J 21 5.41 -8.37 53.18
N ALA J 22 4.26 -8.05 52.59
CA ALA J 22 4.22 -7.38 51.30
C ALA J 22 4.52 -5.89 51.38
N SER J 23 4.66 -5.32 52.58
CA SER J 23 4.90 -3.89 52.72
C SER J 23 6.23 -3.44 52.14
N MET J 24 7.16 -4.36 51.89
CA MET J 24 8.45 -4.06 51.29
C MET J 24 8.54 -4.75 49.94
N THR J 25 9.54 -4.37 49.16
CA THR J 25 9.66 -4.67 47.73
C THR J 25 8.57 -4.00 46.91
N LEU J 26 7.92 -2.97 47.45
CA LEU J 26 6.95 -2.21 46.66
C LEU J 26 7.66 -1.44 45.55
N THR J 27 8.87 -0.96 45.83
CA THR J 27 9.58 -0.14 44.85
C THR J 27 9.96 -0.96 43.61
N VAL J 28 10.25 -2.24 43.79
CA VAL J 28 10.53 -3.10 42.64
C VAL J 28 9.31 -3.15 41.73
N GLN J 29 8.13 -3.31 42.33
CA GLN J 29 6.89 -3.39 41.55
C GLN J 29 6.51 -2.04 40.94
N ALA J 30 6.97 -0.94 41.54
CA ALA J 30 6.75 0.36 40.92
C ALA J 30 7.71 0.61 39.77
N ARG J 31 8.93 0.05 39.85
CA ARG J 31 9.96 0.41 38.88
C ARG J 31 9.69 -0.17 37.50
N ASN J 32 9.15 -1.38 37.44
CA ASN J 32 9.08 -2.13 36.18
C ASN J 32 8.01 -1.60 35.23
N LEU J 33 8.32 -0.51 34.52
CA LEU J 33 7.45 0.02 33.48
C LEU J 33 8.28 0.48 32.27
N LEU J 34 9.17 -0.40 31.79
CA LEU J 34 10.08 -0.08 30.69
C LEU J 34 10.40 -1.33 29.88
N SER J 35 10.20 -1.27 28.56
CA SER J 35 10.64 -2.31 27.63
C SER J 35 10.39 -1.96 26.17
N GLY J 36 11.26 -2.44 25.26
CA GLY J 36 10.89 -2.65 23.87
C GLY J 36 11.61 -1.80 22.84
N THR J 37 11.36 -2.17 21.57
CA THR J 37 11.81 -1.47 20.37
C THR J 37 10.68 -1.56 19.36
N VAL J 38 10.65 -0.62 18.40
CA VAL J 38 9.47 -0.37 17.58
C VAL J 38 9.48 -1.22 16.32
N TRP J 39 8.33 -1.84 16.03
CA TRP J 39 7.97 -2.43 14.74
C TRP J 39 6.55 -1.93 14.42
N GLY J 40 6.47 -0.85 13.67
CA GLY J 40 5.20 -0.42 13.14
C GLY J 40 4.24 0.14 14.18
N ILE J 41 3.01 0.33 13.73
CA ILE J 41 2.01 1.07 14.50
C ILE J 41 1.63 0.30 15.76
N LYS J 42 1.42 -1.01 15.64
CA LYS J 42 0.91 -1.77 16.78
C LYS J 42 1.94 -1.85 17.90
N GLN J 43 3.22 -2.04 17.56
CA GLN J 43 4.25 -1.99 18.59
C GLN J 43 4.39 -0.59 19.14
N LEU J 44 4.21 0.44 18.31
CA LEU J 44 4.24 1.79 18.85
C LEU J 44 3.04 2.04 19.76
N GLN J 45 1.90 1.41 19.45
CA GLN J 45 0.76 1.47 20.36
C GLN J 45 1.10 0.79 21.67
N ALA J 46 1.84 -0.31 21.62
CA ALA J 46 2.34 -0.90 22.85
C ALA J 46 3.39 -0.03 23.53
N ARG J 47 4.05 0.84 22.79
CA ARG J 47 5.09 1.72 23.34
C ARG J 47 4.52 2.96 23.99
N VAL J 48 3.33 3.42 23.59
CA VAL J 48 2.63 4.38 24.44
C VAL J 48 2.15 3.68 25.70
N LEU J 49 2.10 2.36 25.68
CA LEU J 49 2.38 1.51 26.84
C LEU J 49 1.46 1.86 28.00
N ALA J 50 1.85 1.49 29.17
CA ALA J 50 1.36 2.05 30.40
C ALA J 50 1.85 3.48 30.63
N VAL J 51 2.51 4.18 29.70
CA VAL J 51 2.90 5.57 29.95
C VAL J 51 1.67 6.41 30.29
N GLU J 52 0.58 6.18 29.56
CA GLU J 52 -0.68 6.78 29.97
C GLU J 52 -1.16 6.24 31.32
N ARG J 53 -0.99 4.94 31.58
CA ARG J 53 -1.34 4.40 32.88
C ARG J 53 -0.43 4.96 33.97
N TYR J 54 0.85 5.09 33.67
CA TYR J 54 1.80 5.60 34.66
C TYR J 54 1.48 7.04 35.02
N LEU J 55 1.17 7.86 34.03
CA LEU J 55 0.81 9.23 34.33
C LEU J 55 -0.60 9.34 34.90
N ARG J 56 -1.45 8.34 34.65
CA ARG J 56 -2.73 8.33 35.34
C ARG J 56 -2.53 8.09 36.83
N ASP J 57 -1.66 7.14 37.17
CA ASP J 57 -1.33 6.93 38.58
C ASP J 57 -0.65 8.15 39.18
N GLN J 58 0.23 8.79 38.40
CA GLN J 58 0.85 10.02 38.86
C GLN J 58 -0.19 11.10 39.11
N GLN J 59 -1.17 11.22 38.22
CA GLN J 59 -2.26 12.16 38.42
C GLN J 59 -2.96 11.89 39.74
N LEU J 60 -3.36 10.65 39.96
CA LEU J 60 -4.12 10.30 41.16
C LEU J 60 -3.31 10.58 42.42
N LEU J 61 -2.05 10.13 42.46
CA LEU J 61 -1.31 10.23 43.72
C LEU J 61 -0.69 11.61 43.91
N GLY J 62 -0.44 12.36 42.84
CA GLY J 62 0.02 13.73 43.00
C GLY J 62 -1.09 14.65 43.45
N ILE J 63 -2.29 14.48 42.90
CA ILE J 63 -3.40 15.31 43.34
C ILE J 63 -3.79 14.98 44.78
N TRP J 64 -3.47 13.77 45.25
CA TRP J 64 -3.63 13.42 46.66
C TRP J 64 -2.44 13.81 47.52
N GLY J 65 -1.62 14.76 47.06
CA GLY J 65 -0.51 15.25 47.85
C GLY J 65 0.67 14.32 47.97
N CYS J 66 0.61 13.14 47.36
CA CYS J 66 1.68 12.15 47.46
C CYS J 66 2.63 12.25 46.27
N SER J 67 3.26 13.43 46.13
CA SER J 67 4.20 13.68 45.04
C SER J 67 5.44 12.81 45.25
N GLY J 68 5.60 11.82 44.39
CA GLY J 68 6.66 10.84 44.57
C GLY J 68 6.08 9.68 45.34
N LYS J 69 5.95 8.53 44.70
CA LYS J 69 5.15 7.45 45.26
C LYS J 69 5.82 6.89 46.51
N LEU J 70 5.02 6.67 47.54
CA LEU J 70 5.53 6.37 48.85
C LEU J 70 4.48 5.57 49.61
N ILE J 71 4.65 5.46 50.92
CA ILE J 71 3.63 4.99 51.85
C ILE J 71 2.94 6.25 52.36
N CYS J 72 1.84 6.61 51.69
CA CYS J 72 1.16 7.89 51.89
C CYS J 72 -0.13 7.66 52.67
N CYS J 73 -0.19 8.16 53.89
CA CYS J 73 -1.43 8.16 54.68
C CYS J 73 -2.03 9.56 54.73
N THR J 74 -3.35 9.59 54.83
CA THR J 74 -4.13 10.76 54.48
C THR J 74 -4.93 11.24 55.69
N ASN J 75 -5.62 12.36 55.48
CA ASN J 75 -6.42 13.00 56.52
C ASN J 75 -7.91 12.65 56.43
N VAL J 76 -8.24 11.49 55.87
CA VAL J 76 -9.60 10.99 55.76
C VAL J 76 -9.73 9.82 56.72
N PRO J 77 -10.63 9.85 57.72
CA PRO J 77 -10.75 8.71 58.62
C PRO J 77 -11.28 7.49 57.88
N TRP J 78 -10.82 6.31 58.32
CA TRP J 78 -11.26 5.06 57.70
C TRP J 78 -12.63 4.68 58.23
N ASN J 79 -13.66 4.87 57.42
CA ASN J 79 -15.01 4.46 57.80
C ASN J 79 -15.03 2.94 57.91
N SER J 80 -15.39 2.43 59.09
CA SER J 80 -15.30 1.00 59.35
C SER J 80 -16.30 0.19 58.52
N SER J 81 -17.32 0.84 57.95
CA SER J 81 -18.27 0.13 57.10
C SER J 81 -17.61 -0.45 55.85
N TRP J 82 -16.45 0.09 55.46
CA TRP J 82 -15.72 -0.45 54.31
C TRP J 82 -15.16 -1.84 54.56
N SER J 83 -14.72 -2.14 55.79
CA SER J 83 -14.20 -3.47 56.11
C SER J 83 -14.92 -4.09 57.30
N ASN J 84 -15.19 -3.30 58.34
CA ASN J 84 -15.70 -3.81 59.61
C ASN J 84 -14.85 -4.96 60.13
N ARG J 85 -13.53 -4.80 60.01
CA ARG J 85 -12.57 -5.77 60.50
C ARG J 85 -11.43 -5.02 61.19
N ASN J 86 -10.89 -5.64 62.23
CA ASN J 86 -9.87 -4.98 63.03
C ASN J 86 -8.62 -4.75 62.19
N LEU J 87 -7.80 -3.78 62.60
CA LEU J 87 -6.59 -3.48 61.85
C LEU J 87 -5.62 -4.66 61.89
N SER J 88 -5.41 -5.23 63.08
CA SER J 88 -4.38 -6.26 63.24
C SER J 88 -4.72 -7.53 62.47
N GLU J 89 -5.98 -7.96 62.51
CA GLU J 89 -6.36 -9.20 61.84
C GLU J 89 -6.21 -9.09 60.33
N ILE J 90 -6.54 -7.93 59.77
CA ILE J 90 -6.36 -7.67 58.35
C ILE J 90 -4.87 -7.66 58.05
N TRP J 91 -4.11 -6.93 58.86
CA TRP J 91 -2.78 -6.53 58.43
C TRP J 91 -1.81 -7.69 58.50
N ASP J 92 -1.89 -8.49 59.55
CA ASP J 92 -0.92 -9.54 59.78
C ASP J 92 -1.24 -10.79 58.97
N ASN J 93 -2.50 -10.96 58.55
CA ASN J 93 -3.00 -12.21 58.01
C ASN J 93 -3.50 -12.12 56.58
N MET J 94 -4.14 -11.00 56.20
CA MET J 94 -4.74 -10.91 54.88
C MET J 94 -3.69 -10.63 53.81
N THR J 95 -3.92 -11.16 52.61
CA THR J 95 -3.15 -10.85 51.41
C THR J 95 -4.07 -10.12 50.43
N TRP J 96 -3.47 -9.31 49.54
CA TRP J 96 -4.19 -8.13 49.10
C TRP J 96 -5.26 -8.48 48.07
N LEU J 97 -5.20 -9.66 47.46
CA LEU J 97 -5.97 -9.90 46.24
C LEU J 97 -7.47 -9.92 46.55
N GLN J 98 -7.89 -10.78 47.47
CA GLN J 98 -9.29 -10.78 47.87
C GLN J 98 -9.67 -9.48 48.55
N TRP J 99 -8.71 -8.81 49.19
CA TRP J 99 -8.96 -7.51 49.77
C TRP J 99 -9.38 -6.49 48.70
N ASP J 100 -8.64 -6.47 47.59
CA ASP J 100 -8.98 -5.58 46.48
C ASP J 100 -10.29 -5.99 45.84
N LYS J 101 -10.54 -7.29 45.77
CA LYS J 101 -11.82 -7.77 45.24
C LYS J 101 -12.98 -7.29 46.10
N GLU J 102 -12.79 -7.27 47.42
CA GLU J 102 -13.87 -6.88 48.33
C GLU J 102 -13.98 -5.37 48.40
N ILE J 103 -12.87 -4.68 48.63
CA ILE J 103 -12.87 -3.23 48.83
C ILE J 103 -13.18 -2.48 47.54
N SER J 104 -13.28 -3.16 46.40
CA SER J 104 -13.69 -2.51 45.17
C SER J 104 -15.07 -1.86 45.28
N ASN J 105 -15.88 -2.30 46.24
CA ASN J 105 -17.17 -1.68 46.49
C ASN J 105 -17.07 -0.26 47.00
N TYR J 106 -15.89 0.18 47.44
CA TYR J 106 -15.72 1.46 48.14
C TYR J 106 -14.62 2.36 47.60
N THR J 107 -13.82 1.92 46.63
CA THR J 107 -12.66 2.71 46.22
C THR J 107 -13.05 4.04 45.59
N GLN J 108 -14.22 4.11 44.96
CA GLN J 108 -14.57 5.29 44.18
C GLN J 108 -14.91 6.47 45.11
N ILE J 109 -15.79 6.24 46.09
CA ILE J 109 -16.09 7.27 47.06
C ILE J 109 -14.84 7.61 47.87
N ILE J 110 -13.94 6.63 48.05
CA ILE J 110 -12.68 6.90 48.71
C ILE J 110 -11.85 7.88 47.88
N TYR J 111 -11.86 7.71 46.56
CA TYR J 111 -11.16 8.65 45.69
C TYR J 111 -11.76 10.05 45.81
N GLY J 112 -13.09 10.12 45.84
CA GLY J 112 -13.72 11.42 46.02
C GLY J 112 -13.35 12.07 47.35
N LEU J 113 -13.35 11.28 48.42
CA LEU J 113 -13.00 11.81 49.74
C LEU J 113 -11.54 12.27 49.78
N LEU J 114 -10.64 11.50 49.18
CA LEU J 114 -9.25 11.94 49.10
C LEU J 114 -9.14 13.24 48.33
N GLU J 115 -9.88 13.36 47.22
CA GLU J 115 -9.84 14.59 46.43
C GLU J 115 -10.26 15.79 47.27
N GLU J 116 -11.43 15.71 47.90
CA GLU J 116 -11.93 16.87 48.63
C GLU J 116 -11.09 17.17 49.86
N SER J 117 -10.64 16.13 50.57
CA SER J 117 -9.82 16.35 51.76
C SER J 117 -8.50 17.01 51.39
N GLN J 118 -7.83 16.52 50.34
CA GLN J 118 -6.56 17.10 49.96
C GLN J 118 -6.75 18.54 49.49
N ASN J 119 -7.80 18.80 48.71
CA ASN J 119 -7.98 20.15 48.22
C ASN J 119 -8.30 21.12 49.35
N GLN J 120 -9.11 20.67 50.32
CA GLN J 120 -9.39 21.51 51.47
C GLN J 120 -8.12 21.78 52.27
N GLN J 121 -7.29 20.76 52.47
CA GLN J 121 -6.04 20.96 53.18
C GLN J 121 -5.13 21.91 52.43
N GLU J 122 -5.07 21.79 51.10
CA GLU J 122 -4.22 22.66 50.31
C GLU J 122 -4.70 24.10 50.36
N LYS J 123 -6.02 24.32 50.40
CA LYS J 123 -6.51 25.68 50.56
C LYS J 123 -6.11 26.24 51.92
N ASN J 124 -5.99 25.38 52.93
CA ASN J 124 -5.58 25.84 54.25
C ASN J 124 -4.11 26.20 54.32
N GLU J 125 -3.31 25.82 53.31
CA GLU J 125 -1.95 26.32 53.24
C GLU J 125 -1.95 27.84 53.08
N GLN J 126 -2.84 28.37 52.25
CA GLN J 126 -2.95 29.81 52.11
C GLN J 126 -3.46 30.45 53.40
N ASP J 127 -4.31 29.74 54.15
CA ASP J 127 -4.80 30.28 55.41
C ASP J 127 -3.67 30.49 56.41
N LEU J 128 -2.77 29.50 56.53
CA LEU J 128 -1.59 29.64 57.38
C LEU J 128 -0.54 30.56 56.75
N LEU J 129 -0.25 30.35 55.48
CA LEU J 129 0.94 30.96 54.87
C LEU J 129 0.71 32.40 54.44
N ALA J 130 -0.53 32.89 54.45
CA ALA J 130 -0.79 34.31 54.38
C ALA J 130 -0.61 34.99 55.75
N LEU J 131 -0.52 34.21 56.83
CA LEU J 131 -0.33 34.76 58.16
C LEU J 131 1.12 35.20 58.37
N ASP J 132 2.07 34.46 57.82
CA ASP J 132 3.48 34.80 57.95
C ASP J 132 3.79 36.07 57.16
N GLU K 1 19.23 -71.41 -12.10
CA GLU K 1 17.85 -70.97 -12.47
C GLU K 1 17.89 -69.70 -13.32
N VAL K 2 18.52 -68.65 -12.80
CA VAL K 2 18.55 -67.37 -13.49
C VAL K 2 19.46 -67.47 -14.72
N GLN K 3 18.96 -66.97 -15.85
CA GLN K 3 19.75 -66.96 -17.08
C GLN K 3 19.18 -65.86 -17.98
N LEU K 4 20.03 -64.92 -18.36
CA LEU K 4 19.67 -63.87 -19.30
C LEU K 4 20.10 -64.29 -20.70
N VAL K 5 19.22 -64.08 -21.67
CA VAL K 5 19.43 -64.54 -23.04
C VAL K 5 19.28 -63.35 -23.98
N GLU K 6 20.09 -63.34 -25.05
CA GLU K 6 20.14 -62.24 -26.00
C GLU K 6 20.08 -62.80 -27.42
N SER K 7 19.80 -61.91 -28.37
CA SER K 7 19.83 -62.29 -29.77
C SER K 7 21.26 -62.58 -30.20
N GLY K 8 21.42 -63.05 -31.44
CA GLY K 8 22.72 -63.39 -31.97
C GLY K 8 23.48 -62.17 -32.44
N PRO K 9 24.79 -62.32 -32.65
CA PRO K 9 25.58 -61.18 -33.13
C PRO K 9 25.19 -60.79 -34.55
N GLU K 10 25.43 -59.52 -34.87
CA GLU K 10 24.92 -58.92 -36.09
C GLU K 10 26.02 -58.14 -36.79
N LEU K 11 25.75 -57.79 -38.05
CA LEU K 11 26.62 -56.98 -38.88
C LEU K 11 25.77 -55.89 -39.52
N LYS K 12 26.27 -54.66 -39.52
CA LYS K 12 25.47 -53.51 -39.88
C LYS K 12 26.30 -52.48 -40.65
N GLU K 13 25.59 -51.55 -41.29
CA GLU K 13 26.23 -50.44 -41.98
C GLU K 13 26.18 -49.21 -41.08
N PRO K 14 27.07 -48.23 -41.29
CA PRO K 14 27.04 -47.04 -40.44
C PRO K 14 25.73 -46.27 -40.55
N GLY K 15 25.27 -45.75 -39.42
CA GLY K 15 24.01 -45.05 -39.33
C GLY K 15 22.79 -45.93 -39.12
N ALA K 16 22.99 -47.23 -38.86
CA ALA K 16 21.88 -48.15 -38.74
C ALA K 16 21.35 -48.19 -37.31
N SER K 17 20.30 -48.99 -37.12
CA SER K 17 19.66 -49.21 -35.82
C SER K 17 19.84 -50.67 -35.41
N VAL K 18 20.36 -50.89 -34.22
CA VAL K 18 20.75 -52.21 -33.74
C VAL K 18 19.74 -52.64 -32.68
N LYS K 19 18.89 -53.61 -33.03
CA LYS K 19 17.85 -54.11 -32.12
C LYS K 19 18.43 -55.22 -31.25
N VAL K 20 19.20 -54.81 -30.25
CA VAL K 20 19.69 -55.75 -29.25
C VAL K 20 18.56 -56.12 -28.30
N SER K 21 18.42 -57.41 -28.02
CA SER K 21 17.30 -57.94 -27.24
C SER K 21 17.83 -58.66 -26.00
N CYS K 22 16.99 -58.73 -24.98
CA CYS K 22 17.37 -59.30 -23.69
C CYS K 22 16.15 -59.95 -23.05
N LYS K 23 16.15 -61.27 -22.97
CA LYS K 23 15.06 -62.04 -22.39
C LYS K 23 15.51 -62.61 -21.05
N ALA K 24 14.60 -62.61 -20.08
CA ALA K 24 14.92 -62.99 -18.70
C ALA K 24 14.32 -64.35 -18.35
N SER K 25 14.85 -64.94 -17.29
CA SER K 25 14.36 -66.19 -16.76
C SER K 25 14.88 -66.36 -15.35
N GLY K 26 14.14 -67.15 -14.55
CA GLY K 26 14.56 -67.49 -13.21
C GLY K 26 14.31 -66.43 -12.15
N TYR K 27 13.68 -65.31 -12.50
CA TYR K 27 13.32 -64.31 -11.51
C TYR K 27 12.10 -63.55 -12.01
N THR K 28 11.40 -62.92 -11.08
CA THR K 28 10.26 -62.08 -11.42
C THR K 28 10.77 -60.89 -12.22
N PHE K 29 10.43 -60.85 -13.51
CA PHE K 29 10.95 -59.83 -14.41
C PHE K 29 10.52 -58.42 -14.00
N THR K 30 9.42 -58.29 -13.25
CA THR K 30 8.92 -56.98 -12.89
C THR K 30 9.58 -56.39 -11.65
N ASP K 31 10.39 -57.15 -10.92
CA ASP K 31 10.93 -56.72 -9.63
C ASP K 31 12.39 -56.25 -9.68
N TYR K 32 13.04 -56.22 -10.84
CA TYR K 32 14.43 -55.83 -10.93
C TYR K 32 14.67 -55.02 -12.19
N TYR K 33 15.40 -53.91 -12.05
CA TYR K 33 15.87 -53.18 -13.21
C TYR K 33 16.72 -54.09 -14.08
N ILE K 34 16.53 -54.00 -15.39
CA ILE K 34 17.43 -54.61 -16.37
C ILE K 34 18.34 -53.51 -16.88
N HIS K 35 19.64 -53.77 -16.88
CA HIS K 35 20.66 -52.73 -16.91
C HIS K 35 21.68 -53.05 -18.00
N TRP K 36 21.98 -52.06 -18.83
CA TRP K 36 22.74 -52.24 -20.05
C TRP K 36 24.17 -51.72 -19.89
N VAL K 37 25.10 -52.34 -20.60
CA VAL K 37 26.51 -51.96 -20.53
C VAL K 37 27.19 -52.41 -21.82
N ARG K 38 28.20 -51.64 -22.23
CA ARG K 38 28.90 -51.84 -23.49
C ARG K 38 30.36 -52.20 -23.24
N GLN K 39 30.95 -52.92 -24.19
CA GLN K 39 32.37 -53.27 -24.11
C GLN K 39 32.89 -53.45 -25.54
N ALA K 40 33.79 -52.57 -25.95
CA ALA K 40 34.47 -52.74 -27.23
C ALA K 40 35.39 -53.96 -27.14
N PRO K 41 35.67 -54.63 -28.28
CA PRO K 41 36.41 -55.90 -28.20
C PRO K 41 37.83 -55.73 -27.66
N GLY K 42 38.08 -56.28 -26.48
CA GLY K 42 39.38 -56.16 -25.85
C GLY K 42 39.62 -54.88 -25.09
N GLN K 43 38.57 -54.13 -24.77
CA GLN K 43 38.65 -52.87 -24.05
C GLN K 43 37.70 -52.89 -22.86
N GLY K 44 37.64 -51.77 -22.14
CA GLY K 44 36.89 -51.70 -20.91
C GLY K 44 35.39 -51.55 -21.11
N LEU K 45 34.70 -51.24 -20.02
CA LEU K 45 33.25 -51.18 -19.99
C LEU K 45 32.73 -49.75 -20.11
N GLU K 46 31.51 -49.64 -20.60
CA GLU K 46 30.82 -48.35 -20.75
C GLU K 46 29.35 -48.54 -20.45
N TRP K 47 28.83 -47.77 -19.51
CA TRP K 47 27.43 -47.83 -19.13
C TRP K 47 26.54 -47.30 -20.25
N MET K 48 25.31 -47.86 -20.33
CA MET K 48 24.35 -47.41 -21.33
C MET K 48 23.10 -46.75 -20.73
N ALA K 49 22.32 -47.45 -19.90
CA ALA K 49 20.98 -46.93 -19.64
C ALA K 49 20.24 -47.71 -18.56
N TRP K 50 19.10 -47.16 -18.14
CA TRP K 50 18.14 -47.81 -17.26
C TRP K 50 16.82 -48.03 -17.98
N ILE K 51 16.05 -48.99 -17.49
CA ILE K 51 14.65 -49.13 -17.86
C ILE K 51 13.88 -49.79 -16.73
N ASN K 52 12.84 -49.11 -16.27
CA ASN K 52 11.95 -49.68 -15.28
C ASN K 52 11.03 -50.66 -15.99
N PRO K 53 11.16 -51.98 -15.79
CA PRO K 53 10.33 -52.91 -16.57
C PRO K 53 8.84 -52.77 -16.32
N THR K 54 8.44 -52.19 -15.19
CA THR K 54 7.02 -52.00 -14.91
C THR K 54 6.48 -50.68 -15.45
N THR K 55 7.30 -49.62 -15.46
CA THR K 55 6.86 -48.28 -15.80
C THR K 55 7.30 -47.83 -17.18
N GLY K 56 8.44 -48.29 -17.67
CA GLY K 56 8.93 -47.91 -18.98
C GLY K 56 9.77 -46.65 -19.02
N ARG K 57 9.80 -45.86 -17.94
CA ARG K 57 10.62 -44.66 -17.93
C ARG K 57 12.09 -45.04 -18.01
N SER K 58 12.89 -44.13 -18.57
CA SER K 58 14.30 -44.42 -18.78
C SER K 58 15.12 -43.15 -18.83
N SER K 59 16.40 -43.30 -18.51
CA SER K 59 17.41 -42.29 -18.76
C SER K 59 18.69 -43.04 -19.13
N PHE K 60 19.60 -42.34 -19.80
CA PHE K 60 20.73 -43.02 -20.42
C PHE K 60 21.91 -42.06 -20.55
N ALA K 61 23.01 -42.59 -21.06
CA ALA K 61 24.28 -41.86 -21.09
C ALA K 61 24.17 -40.62 -21.96
N ARG K 62 24.80 -39.54 -21.51
CA ARG K 62 24.83 -38.31 -22.29
C ARG K 62 25.54 -38.51 -23.62
N GLY K 63 26.51 -39.43 -23.67
CA GLY K 63 27.25 -39.68 -24.89
C GLY K 63 26.40 -40.18 -26.03
N PHE K 64 25.24 -40.78 -25.74
CA PHE K 64 24.31 -41.26 -26.75
C PHE K 64 23.06 -40.40 -26.84
N GLN K 65 23.15 -39.12 -26.45
CA GLN K 65 21.96 -38.28 -26.36
C GLN K 65 21.29 -38.07 -27.71
N GLY K 66 22.01 -38.32 -28.81
CA GLY K 66 21.44 -38.11 -30.13
C GLY K 66 20.12 -38.84 -30.33
N ARG K 67 20.13 -40.17 -30.19
CA ARG K 67 18.89 -40.91 -30.25
C ARG K 67 19.09 -42.33 -29.73
N VAL K 68 18.27 -42.75 -28.76
CA VAL K 68 18.24 -44.11 -28.27
C VAL K 68 16.81 -44.43 -27.88
N THR K 69 16.40 -45.68 -28.11
CA THR K 69 15.02 -46.10 -27.94
C THR K 69 14.97 -47.34 -27.04
N MET K 70 13.89 -47.42 -26.25
CA MET K 70 13.73 -48.42 -25.21
C MET K 70 12.37 -49.08 -25.32
N THR K 71 12.26 -50.27 -24.72
CA THR K 71 10.99 -50.98 -24.71
C THR K 71 11.03 -52.05 -23.63
N ARG K 72 9.88 -52.26 -22.99
CA ARG K 72 9.68 -53.28 -21.97
C ARG K 72 8.47 -54.11 -22.35
N GLU K 73 8.59 -55.43 -22.20
CA GLU K 73 7.52 -56.37 -22.56
C GLU K 73 7.20 -57.19 -21.30
N THR K 74 6.18 -56.74 -20.58
CA THR K 74 5.84 -57.37 -19.29
C THR K 74 5.38 -58.80 -19.48
N SER K 75 4.52 -59.05 -20.48
CA SER K 75 3.97 -60.37 -20.70
C SER K 75 4.96 -61.34 -21.34
N VAL K 76 6.11 -60.86 -21.80
CA VAL K 76 7.10 -61.67 -22.49
C VAL K 76 8.35 -61.90 -21.66
N SER K 77 8.52 -61.17 -20.55
CA SER K 77 9.75 -61.24 -19.75
C SER K 77 10.97 -60.93 -20.61
N THR K 78 10.90 -59.81 -21.32
CA THR K 78 11.93 -59.42 -22.28
C THR K 78 11.95 -57.91 -22.39
N ALA K 79 13.13 -57.36 -22.64
CA ALA K 79 13.32 -55.93 -22.86
C ALA K 79 14.18 -55.71 -24.09
N TYR K 80 13.94 -54.59 -24.77
CA TYR K 80 14.67 -54.19 -25.95
C TYR K 80 15.36 -52.85 -25.72
N MET K 81 16.46 -52.65 -26.43
CA MET K 81 17.13 -51.37 -26.54
C MET K 81 17.62 -51.22 -27.97
N GLU K 82 17.84 -49.98 -28.39
CA GLU K 82 18.20 -49.68 -29.78
C GLU K 82 19.19 -48.52 -29.81
N LEU K 83 20.45 -48.83 -30.09
CA LEU K 83 21.39 -47.79 -30.48
C LEU K 83 21.13 -47.44 -31.94
N ARG K 84 21.02 -46.14 -32.20
CA ARG K 84 20.64 -45.60 -33.49
C ARG K 84 21.61 -44.47 -33.81
N ARG K 85 21.77 -44.17 -35.10
CA ARG K 85 22.88 -43.35 -35.60
C ARG K 85 24.22 -44.03 -35.28
N LEU K 86 24.39 -45.22 -35.86
CA LEU K 86 25.51 -46.10 -35.54
C LEU K 86 26.81 -45.67 -36.22
N ARG K 87 27.84 -45.40 -35.44
CA ARG K 87 29.17 -45.11 -35.96
C ARG K 87 29.99 -46.38 -36.10
N SER K 88 31.10 -46.26 -36.82
CA SER K 88 32.08 -47.35 -36.85
C SER K 88 32.72 -47.54 -35.48
N ASP K 89 32.90 -46.45 -34.73
CA ASP K 89 33.42 -46.53 -33.38
C ASP K 89 32.49 -47.28 -32.43
N ASP K 90 31.20 -47.32 -32.74
CA ASP K 90 30.23 -47.94 -31.85
C ASP K 90 30.22 -49.47 -31.93
N THR K 91 31.05 -50.07 -32.78
CA THR K 91 31.17 -51.53 -32.80
C THR K 91 31.70 -52.00 -31.45
N ALA K 92 31.04 -53.01 -30.88
CA ALA K 92 31.37 -53.46 -29.53
C ALA K 92 30.49 -54.65 -29.18
N VAL K 93 30.80 -55.25 -28.03
CA VAL K 93 29.91 -56.23 -27.43
C VAL K 93 28.90 -55.48 -26.56
N TYR K 94 27.68 -56.01 -26.46
CA TYR K 94 26.60 -55.40 -25.70
C TYR K 94 26.01 -56.41 -24.75
N TYR K 95 25.80 -55.99 -23.49
CA TYR K 95 25.26 -56.85 -22.44
C TYR K 95 24.02 -56.21 -21.82
N CYS K 96 23.22 -57.06 -21.20
CA CYS K 96 22.16 -56.66 -20.29
C CYS K 96 22.32 -57.47 -18.99
N ALA K 97 21.98 -56.85 -17.86
CA ALA K 97 22.21 -57.49 -16.58
C ALA K 97 21.23 -56.98 -15.54
N LYS K 98 21.02 -57.79 -14.51
CA LYS K 98 19.97 -57.56 -13.52
C LYS K 98 20.50 -56.67 -12.40
N ALA K 99 20.00 -55.44 -12.33
CA ALA K 99 20.42 -54.48 -11.31
C ALA K 99 19.49 -54.52 -10.10
N GLY K 100 19.58 -53.51 -9.24
CA GLY K 100 18.98 -53.61 -7.91
C GLY K 100 17.46 -53.71 -7.96
N TYR K 101 16.91 -54.17 -6.84
CA TYR K 101 15.47 -54.33 -6.69
C TYR K 101 14.77 -52.99 -6.81
N ILE K 102 13.62 -52.98 -7.48
CA ILE K 102 12.87 -51.74 -7.66
C ILE K 102 12.02 -51.48 -6.42
N ALA K 103 12.56 -50.69 -5.50
CA ALA K 103 11.84 -50.41 -4.28
C ALA K 103 10.62 -49.56 -4.56
N LEU K 104 9.54 -49.83 -3.82
CA LEU K 104 8.33 -49.03 -3.95
C LEU K 104 8.47 -47.64 -3.33
N TYR K 105 9.57 -47.37 -2.60
CA TYR K 105 9.71 -46.13 -1.87
C TYR K 105 11.11 -45.54 -1.88
N VAL K 106 12.07 -46.13 -2.59
CA VAL K 106 13.42 -45.61 -2.65
C VAL K 106 13.92 -45.68 -4.09
N ASP K 107 14.59 -44.62 -4.53
CA ASP K 107 15.07 -44.48 -5.90
C ASP K 107 16.29 -45.38 -6.11
N TYR K 108 16.02 -46.67 -6.27
CA TYR K 108 17.10 -47.62 -6.52
C TYR K 108 17.67 -47.51 -7.93
N SER K 109 17.05 -46.75 -8.82
CA SER K 109 17.64 -46.53 -10.13
C SER K 109 18.92 -45.73 -9.94
N GLY K 110 20.06 -46.41 -10.03
CA GLY K 110 21.33 -45.76 -9.82
C GLY K 110 22.33 -46.67 -9.13
N TYR K 111 21.85 -47.69 -8.43
CA TYR K 111 22.78 -48.49 -7.67
C TYR K 111 23.53 -49.37 -8.65
N PRO K 112 24.85 -49.24 -8.80
CA PRO K 112 25.51 -49.87 -9.94
C PRO K 112 25.72 -51.37 -9.80
N ASN K 113 25.36 -51.96 -8.67
CA ASN K 113 25.56 -53.39 -8.50
C ASN K 113 24.54 -54.14 -9.34
N PHE K 114 25.01 -55.02 -10.21
CA PHE K 114 24.16 -55.98 -10.91
C PHE K 114 24.88 -57.32 -10.98
N ASN K 115 24.21 -58.36 -10.48
CA ASN K 115 24.87 -59.61 -10.13
C ASN K 115 24.46 -60.77 -11.03
N SER K 116 23.90 -60.50 -12.19
CA SER K 116 23.59 -61.57 -13.15
C SER K 116 23.62 -60.97 -14.55
N TRP K 117 24.40 -61.59 -15.43
CA TRP K 117 24.68 -61.06 -16.74
C TRP K 117 23.97 -61.86 -17.81
N GLY K 118 23.76 -61.22 -18.96
CA GLY K 118 23.49 -61.97 -20.17
C GLY K 118 24.78 -62.49 -20.79
N GLN K 119 24.62 -63.36 -21.78
CA GLN K 119 25.78 -64.02 -22.36
C GLN K 119 26.59 -63.11 -23.28
N GLY K 120 26.03 -61.98 -23.69
CA GLY K 120 26.75 -61.01 -24.51
C GLY K 120 26.50 -61.20 -25.98
N THR K 121 26.46 -60.07 -26.70
CA THR K 121 26.23 -60.06 -28.13
C THR K 121 26.84 -58.78 -28.69
N LEU K 122 27.33 -58.87 -29.92
CA LEU K 122 28.06 -57.78 -30.54
C LEU K 122 27.41 -57.39 -31.86
N VAL K 123 27.79 -56.20 -32.33
CA VAL K 123 27.41 -55.71 -33.65
C VAL K 123 28.69 -55.26 -34.36
N THR K 124 28.86 -55.72 -35.60
CA THR K 124 29.98 -55.27 -36.41
C THR K 124 29.49 -54.17 -37.35
N VAL K 125 30.33 -53.16 -37.55
CA VAL K 125 30.03 -52.03 -38.42
C VAL K 125 31.00 -52.06 -39.59
N SER K 126 30.46 -52.06 -40.80
CA SER K 126 31.24 -52.17 -42.03
C SER K 126 30.72 -51.23 -43.10
N GLN L 1 39.43 -41.85 -21.90
CA GLN L 1 38.37 -42.55 -21.10
C GLN L 1 37.61 -41.55 -20.23
N SER L 2 36.54 -42.01 -19.60
CA SER L 2 35.73 -41.14 -18.76
C SER L 2 36.51 -40.71 -17.52
N ALA L 3 35.88 -39.85 -16.72
CA ALA L 3 36.59 -39.21 -15.62
C ALA L 3 37.06 -40.21 -14.57
N LEU L 4 36.36 -41.33 -14.40
CA LEU L 4 36.74 -42.31 -13.40
C LEU L 4 38.02 -43.02 -13.85
N THR L 5 39.07 -42.90 -13.05
CA THR L 5 40.42 -43.31 -13.41
C THR L 5 40.86 -44.52 -12.60
N GLN L 6 41.66 -45.38 -13.22
CA GLN L 6 42.14 -46.62 -12.64
C GLN L 6 43.50 -46.94 -13.24
N PRO L 7 44.44 -47.51 -12.49
CA PRO L 7 45.77 -47.78 -13.05
C PRO L 7 45.73 -48.79 -14.18
N ALA L 8 46.68 -48.63 -15.11
CA ALA L 8 46.69 -49.45 -16.32
C ALA L 8 46.98 -50.91 -16.01
N SER L 9 48.00 -51.16 -15.19
CA SER L 9 48.39 -52.52 -14.86
C SER L 9 49.15 -52.54 -13.55
N VAL L 10 48.89 -53.58 -12.75
CA VAL L 10 49.57 -53.80 -11.48
C VAL L 10 50.01 -55.25 -11.43
N SER L 11 51.22 -55.48 -10.92
CA SER L 11 51.83 -56.80 -10.94
C SER L 11 52.43 -57.12 -9.56
N GLY L 12 52.71 -58.39 -9.34
CA GLY L 12 53.22 -58.85 -8.07
C GLY L 12 53.29 -60.36 -8.05
N SER L 13 54.13 -60.87 -7.16
CA SER L 13 54.38 -62.30 -7.07
C SER L 13 53.26 -62.98 -6.27
N PRO L 14 53.18 -64.32 -6.34
CA PRO L 14 52.22 -65.03 -5.49
C PRO L 14 52.49 -64.77 -4.01
N GLY L 15 51.42 -64.72 -3.23
CA GLY L 15 51.50 -64.42 -1.81
C GLY L 15 51.52 -62.95 -1.46
N GLN L 16 51.58 -62.06 -2.45
CA GLN L 16 51.58 -60.64 -2.18
C GLN L 16 50.16 -60.14 -1.90
N SER L 17 50.08 -58.89 -1.45
CA SER L 17 48.83 -58.17 -1.28
C SER L 17 48.91 -56.86 -2.03
N ILE L 18 47.88 -56.58 -2.83
CA ILE L 18 47.88 -55.48 -3.78
C ILE L 18 46.60 -54.67 -3.60
N THR L 19 46.70 -53.37 -3.83
CA THR L 19 45.57 -52.45 -3.82
C THR L 19 45.41 -51.85 -5.21
N ILE L 20 44.28 -52.15 -5.85
CA ILE L 20 43.94 -51.54 -7.13
C ILE L 20 43.11 -50.30 -6.85
N SER L 21 43.64 -49.14 -7.23
CA SER L 21 43.04 -47.86 -6.86
C SER L 21 41.96 -47.45 -7.86
N CYS L 22 41.11 -46.54 -7.42
CA CYS L 22 40.07 -45.96 -8.26
C CYS L 22 39.79 -44.55 -7.77
N THR L 23 39.90 -43.59 -8.69
CA THR L 23 39.84 -42.17 -8.37
C THR L 23 38.73 -41.53 -9.18
N GLY L 24 38.04 -40.56 -8.56
CA GLY L 24 36.96 -39.83 -9.21
C GLY L 24 37.08 -38.34 -8.97
N THR L 25 36.01 -37.76 -8.42
CA THR L 25 35.97 -36.33 -8.11
C THR L 25 34.96 -36.15 -6.99
N SER L 26 34.97 -34.97 -6.37
CA SER L 26 34.02 -34.66 -5.31
C SER L 26 32.58 -34.79 -5.78
N TYR L 27 32.32 -34.61 -7.08
CA TYR L 27 30.96 -34.68 -7.57
C TYR L 27 30.36 -36.07 -7.44
N ASP L 28 31.12 -37.13 -7.77
CA ASP L 28 30.53 -38.43 -8.01
C ASP L 28 30.88 -39.36 -6.86
N VAL L 29 32.16 -39.61 -6.60
CA VAL L 29 32.54 -40.64 -5.63
C VAL L 29 32.87 -40.01 -4.28
N GLY L 30 33.24 -38.74 -4.27
CA GLY L 30 33.49 -38.03 -3.02
C GLY L 30 32.24 -37.62 -2.28
N SER L 31 31.05 -37.83 -2.87
CA SER L 31 29.78 -37.48 -2.25
C SER L 31 28.85 -38.67 -2.05
N TYR L 32 29.06 -39.78 -2.76
CA TYR L 32 28.22 -40.95 -2.67
C TYR L 32 29.08 -42.19 -2.48
N ASN L 33 28.53 -43.19 -1.80
CA ASN L 33 29.28 -44.36 -1.37
C ASN L 33 28.90 -45.62 -2.15
N LEU L 34 28.32 -45.46 -3.34
CA LEU L 34 27.94 -46.59 -4.17
C LEU L 34 29.06 -46.90 -5.16
N VAL L 35 30.04 -47.66 -4.65
CA VAL L 35 31.19 -48.10 -5.43
C VAL L 35 31.14 -49.62 -5.53
N SER L 36 31.39 -50.14 -6.73
CA SER L 36 31.39 -51.57 -6.95
C SER L 36 32.51 -51.91 -7.92
N TRP L 37 32.92 -53.17 -7.90
CA TRP L 37 34.04 -53.66 -8.69
C TRP L 37 33.60 -54.90 -9.46
N TYR L 38 34.29 -55.17 -10.56
CA TYR L 38 33.94 -56.30 -11.43
C TYR L 38 35.20 -57.01 -11.89
N GLN L 39 35.11 -58.33 -11.95
CA GLN L 39 36.18 -59.20 -12.42
C GLN L 39 35.77 -59.81 -13.75
N GLN L 40 36.73 -60.06 -14.64
CA GLN L 40 36.43 -60.59 -15.96
C GLN L 40 37.66 -61.29 -16.50
N HIS L 41 37.52 -62.59 -16.77
CA HIS L 41 38.48 -63.31 -17.60
C HIS L 41 38.12 -63.06 -19.07
N PRO L 42 39.10 -62.98 -19.99
CA PRO L 42 38.76 -62.63 -21.38
C PRO L 42 37.82 -63.64 -22.03
N GLY L 43 36.97 -63.14 -22.91
CA GLY L 43 36.04 -63.97 -23.64
C GLY L 43 34.75 -64.30 -22.90
N LYS L 44 34.45 -63.59 -21.81
CA LYS L 44 33.26 -63.86 -21.02
C LYS L 44 32.75 -62.56 -20.41
N ALA L 45 31.50 -62.59 -19.96
CA ALA L 45 30.94 -61.44 -19.27
C ALA L 45 31.63 -61.27 -17.92
N PRO L 46 31.81 -60.05 -17.43
CA PRO L 46 32.41 -59.88 -16.10
C PRO L 46 31.55 -60.47 -14.99
N LYS L 47 32.11 -60.46 -13.78
CA LYS L 47 31.46 -60.95 -12.57
C LYS L 47 31.67 -59.94 -11.46
N LEU L 48 30.59 -59.67 -10.73
CA LEU L 48 30.59 -58.63 -9.70
C LEU L 48 31.45 -59.02 -8.50
N ILE L 49 32.10 -58.01 -7.92
CA ILE L 49 32.74 -58.11 -6.60
C ILE L 49 32.54 -56.78 -5.89
N ILE L 50 32.17 -56.86 -4.61
CA ILE L 50 31.79 -55.70 -3.81
C ILE L 50 30.57 -55.05 -4.44
N TYR L 51 29.37 -55.42 -3.98
CA TYR L 51 28.16 -54.78 -4.50
C TYR L 51 27.90 -53.44 -3.85
N GLU L 52 28.51 -53.15 -2.71
CA GLU L 52 28.34 -51.85 -2.07
C GLU L 52 29.54 -51.53 -1.20
N VAL L 53 30.47 -50.74 -1.73
CA VAL L 53 31.70 -50.27 -1.09
C VAL L 53 32.50 -51.36 -0.35
N SER L 54 31.88 -52.11 0.58
CA SER L 54 32.57 -53.14 1.35
C SER L 54 31.84 -54.46 1.46
N GLN L 55 30.51 -54.50 1.33
CA GLN L 55 29.79 -55.74 1.56
C GLN L 55 30.09 -56.78 0.48
N TRP L 56 29.75 -58.04 0.78
CA TRP L 56 30.26 -59.19 0.03
C TRP L 56 29.10 -59.89 -0.68
N PRO L 57 29.14 -60.07 -2.01
CA PRO L 57 27.97 -60.68 -2.67
C PRO L 57 27.79 -62.18 -2.41
N SER L 58 28.85 -62.96 -2.55
CA SER L 58 28.74 -64.41 -2.57
C SER L 58 30.00 -65.00 -1.94
N GLY L 59 30.19 -66.31 -2.11
CA GLY L 59 31.31 -67.01 -1.51
C GLY L 59 32.64 -66.69 -2.17
N VAL L 60 33.03 -65.42 -2.10
CA VAL L 60 34.28 -64.95 -2.71
C VAL L 60 35.40 -64.77 -1.71
N SER L 61 35.15 -65.04 -0.42
CA SER L 61 36.18 -64.96 0.62
C SER L 61 36.63 -63.52 0.84
N LYS L 62 37.48 -63.32 1.85
CA LYS L 62 37.86 -61.98 2.30
C LYS L 62 38.98 -61.38 1.47
N ARG L 63 39.39 -62.01 0.37
CA ARG L 63 40.62 -61.64 -0.31
C ARG L 63 40.49 -60.41 -1.20
N PHE L 64 39.31 -59.75 -1.19
CA PHE L 64 39.06 -58.60 -2.05
C PHE L 64 38.37 -57.46 -1.30
N SER L 65 38.76 -57.18 -0.06
CA SER L 65 38.09 -56.15 0.73
C SER L 65 38.31 -54.78 0.12
N GLY L 66 37.24 -53.99 0.09
CA GLY L 66 37.32 -52.65 -0.49
C GLY L 66 37.48 -51.58 0.56
N SER L 67 37.73 -50.36 0.08
CA SER L 67 37.84 -49.20 0.95
C SER L 67 37.67 -47.95 0.12
N LYS L 68 37.33 -46.85 0.80
CA LYS L 68 37.10 -45.57 0.14
C LYS L 68 37.59 -44.46 1.06
N SER L 69 38.01 -43.36 0.45
CA SER L 69 38.36 -42.17 1.22
C SER L 69 38.36 -40.99 0.27
N GLY L 70 37.47 -40.02 0.51
CA GLY L 70 37.38 -38.87 -0.37
C GLY L 70 37.00 -39.29 -1.78
N ASN L 71 37.77 -38.84 -2.75
CA ASN L 71 37.55 -39.17 -4.15
C ASN L 71 38.24 -40.46 -4.57
N THR L 72 38.73 -41.26 -3.62
CA THR L 72 39.54 -42.43 -3.91
C THR L 72 38.86 -43.68 -3.40
N ALA L 73 39.04 -44.78 -4.12
CA ALA L 73 38.54 -46.09 -3.72
C ALA L 73 39.59 -47.13 -4.07
N SER L 74 39.51 -48.29 -3.41
CA SER L 74 40.54 -49.31 -3.52
C SER L 74 39.91 -50.70 -3.53
N LEU L 75 40.58 -51.62 -4.21
CA LEU L 75 40.27 -53.04 -4.20
C LEU L 75 41.49 -53.80 -3.69
N THR L 76 41.36 -54.43 -2.52
CA THR L 76 42.50 -55.04 -1.85
C THR L 76 42.61 -56.52 -2.26
N ILE L 77 43.17 -56.72 -3.45
CA ILE L 77 43.51 -58.07 -3.89
C ILE L 77 44.62 -58.54 -2.95
N SER L 78 44.30 -59.53 -2.12
CA SER L 78 45.18 -59.97 -1.04
C SER L 78 45.28 -61.49 -1.05
N GLY L 79 46.39 -62.00 -0.53
CA GLY L 79 46.64 -63.43 -0.55
C GLY L 79 46.71 -63.93 -1.97
N LEU L 80 47.53 -63.27 -2.79
CA LEU L 80 47.47 -63.41 -4.24
C LEU L 80 47.73 -64.84 -4.66
N GLN L 81 46.84 -65.37 -5.50
CA GLN L 81 47.04 -66.63 -6.20
C GLN L 81 47.05 -66.33 -7.69
N ALA L 82 48.06 -66.83 -8.40
CA ALA L 82 48.30 -66.39 -9.78
C ALA L 82 47.16 -66.75 -10.73
N GLU L 83 46.29 -67.69 -10.36
CA GLU L 83 45.14 -68.00 -11.20
C GLU L 83 44.11 -66.88 -11.22
N ASP L 84 44.21 -65.89 -10.34
CA ASP L 84 43.32 -64.74 -10.35
C ASP L 84 43.69 -63.72 -11.42
N GLU L 85 44.67 -64.01 -12.27
CA GLU L 85 45.06 -63.12 -13.37
C GLU L 85 43.86 -62.82 -14.26
N ALA L 86 43.39 -61.58 -14.23
CA ALA L 86 42.18 -61.19 -14.94
C ALA L 86 42.09 -59.67 -14.94
N HIS L 87 41.18 -59.16 -15.74
CA HIS L 87 40.88 -57.73 -15.73
C HIS L 87 39.95 -57.40 -14.59
N TYR L 88 40.20 -56.26 -13.95
CA TYR L 88 39.41 -55.78 -12.82
C TYR L 88 39.01 -54.34 -13.08
N TYR L 89 37.76 -54.01 -12.75
CA TYR L 89 37.14 -52.75 -13.13
C TYR L 89 36.54 -52.06 -11.92
N CYS L 90 36.65 -50.74 -11.90
CA CYS L 90 35.94 -49.90 -10.94
C CYS L 90 34.68 -49.33 -11.60
N CYS L 91 33.70 -49.02 -10.77
CA CYS L 91 32.50 -48.33 -11.24
C CYS L 91 31.79 -47.76 -10.03
N SER L 92 31.06 -46.67 -10.26
CA SER L 92 30.37 -46.01 -9.16
C SER L 92 29.22 -45.17 -9.70
N TYR L 93 28.29 -44.88 -8.80
CA TYR L 93 27.18 -44.00 -9.13
C TYR L 93 27.70 -42.59 -9.37
N ALA L 94 27.02 -41.86 -10.23
CA ALA L 94 27.46 -40.53 -10.63
C ALA L 94 26.27 -39.58 -10.71
N GLY L 95 26.46 -38.42 -11.32
CA GLY L 95 25.40 -37.45 -11.42
C GLY L 95 24.36 -37.80 -12.47
N SER L 96 23.22 -37.15 -12.34
CA SER L 96 22.15 -37.24 -13.34
C SER L 96 21.67 -38.67 -13.53
N SER L 97 21.65 -39.43 -12.45
CA SER L 97 21.23 -40.84 -12.46
C SER L 97 22.05 -41.68 -13.43
N THR L 98 23.31 -41.31 -13.67
CA THR L 98 24.17 -42.05 -14.56
C THR L 98 25.14 -42.92 -13.77
N VAL L 99 25.74 -43.88 -14.46
CA VAL L 99 26.76 -44.75 -13.90
C VAL L 99 27.96 -44.70 -14.84
N ILE L 100 29.16 -44.74 -14.26
CA ILE L 100 30.40 -44.61 -15.00
C ILE L 100 31.34 -45.72 -14.57
N PHE L 101 32.23 -46.13 -15.47
CA PHE L 101 33.19 -47.20 -15.23
C PHE L 101 34.60 -46.65 -15.12
N GLY L 102 35.41 -47.26 -14.26
CA GLY L 102 36.83 -46.99 -14.26
C GLY L 102 37.50 -47.62 -15.48
N GLY L 103 38.74 -47.20 -15.71
CA GLY L 103 39.43 -47.58 -16.94
C GLY L 103 39.77 -49.05 -17.06
N GLY L 104 39.70 -49.81 -15.97
CA GLY L 104 40.11 -51.19 -15.97
C GLY L 104 41.61 -51.33 -15.75
N THR L 105 42.03 -52.57 -15.55
CA THR L 105 43.43 -52.87 -15.25
C THR L 105 43.76 -54.30 -15.65
N SER L 106 45.04 -54.64 -15.51
CA SER L 106 45.55 -55.97 -15.76
C SER L 106 46.36 -56.42 -14.54
N LEU L 107 46.08 -57.62 -14.06
CA LEU L 107 46.74 -58.15 -12.87
C LEU L 107 48.04 -58.83 -13.27
N THR L 108 48.83 -59.21 -12.26
CA THR L 108 50.14 -59.83 -12.45
C THR L 108 50.07 -61.03 -13.39
N VAL L 109 51.17 -61.24 -14.10
CA VAL L 109 51.50 -62.53 -14.70
C VAL L 109 52.68 -63.19 -14.00
N LEU L 110 53.49 -62.43 -13.25
CA LEU L 110 54.62 -62.96 -12.50
C LEU L 110 54.20 -64.08 -11.56
C1 NAG M . -38.92 -7.67 -8.79
C2 NAG M . -40.02 -8.70 -8.78
C3 NAG M . -39.66 -9.83 -7.83
C4 NAG M . -38.33 -10.43 -8.24
C5 NAG M . -37.27 -9.35 -8.32
C6 NAG M . -35.96 -9.85 -8.88
C7 NAG M . -42.45 -8.57 -8.85
C8 NAG M . -43.68 -7.83 -8.38
N2 NAG M . -41.29 -8.10 -8.41
O3 NAG M . -40.70 -10.80 -7.87
O4 NAG M . -37.90 -11.42 -7.30
O5 NAG M . -37.70 -8.29 -9.19
O6 NAG M . -36.08 -10.12 -10.28
O7 NAG M . -42.53 -9.54 -9.60
H1 NAG M . -38.81 -7.31 -7.90
H2 NAG M . -40.10 -9.07 -9.67
H3 NAG M . -39.60 -9.48 -6.92
H4 NAG M . -38.42 -10.82 -9.13
H5 NAG M . -37.10 -8.98 -7.42
H61 NAG M . -35.27 -9.17 -8.75
H62 NAG M . -35.70 -10.67 -8.42
H81 NAG M . -43.57 -7.60 -7.43
H82 NAG M . -44.45 -8.41 -8.49
H83 NAG M . -43.79 -7.01 -8.90
HN2 NAG M . -41.29 -7.37 -7.86
HO3 NAG M . -40.85 -11.12 -7.06
HO6 NAG M . -35.74 -9.45 -10.74
C1 NAG M . -38.54 -12.70 -7.52
C2 NAG M . -37.77 -13.80 -6.84
C3 NAG M . -38.43 -15.14 -7.13
C4 NAG M . -39.92 -15.11 -6.81
C5 NAG M . -40.62 -13.82 -7.27
C6 NAG M . -41.95 -13.61 -6.59
C7 NAG M . -35.43 -13.10 -6.67
C8 NAG M . -34.05 -13.23 -7.25
N2 NAG M . -36.39 -13.82 -7.28
O3 NAG M . -37.80 -16.13 -6.32
O4 NAG M . -40.59 -16.14 -7.51
O5 NAG M . -39.83 -12.64 -6.97
O6 NAG M . -41.79 -13.42 -5.19
O7 NAG M . -35.66 -12.38 -5.71
H1 NAG M . -38.60 -12.92 -8.47
H2 NAG M . -37.80 -13.65 -5.88
H3 NAG M . -38.32 -15.36 -8.06
H4 NAG M . -40.06 -15.22 -5.84
H5 NAG M . -40.76 -13.87 -8.23
H61 NAG M . -42.52 -14.38 -6.75
H62 NAG M . -42.38 -12.81 -6.96
H81 NAG M . -33.45 -12.61 -6.80
H82 NAG M . -34.07 -13.02 -8.21
H83 NAG M . -33.73 -14.14 -7.12
HN2 NAG M . -36.15 -14.34 -7.99
HO3 NAG M . -37.68 -16.87 -6.81
HO6 NAG M . -42.59 -13.48 -4.79
C1 BMA M . -40.29 -17.49 -7.13
C2 BMA M . -41.49 -18.29 -7.65
C3 BMA M . -41.23 -19.79 -7.73
C4 BMA M . -39.78 -20.16 -8.14
C5 BMA M . -38.74 -19.25 -7.44
C6 BMA M . -37.31 -19.46 -7.94
O2 BMA M . -41.81 -17.89 -8.98
O3 BMA M . -42.13 -20.37 -8.68
O4 BMA M . -39.52 -21.51 -7.81
O5 BMA M . -39.09 -17.92 -7.70
O6 BMA M . -36.65 -20.32 -7.03
H1 BMA M . -40.23 -17.57 -6.03
H2 BMA M . -42.35 -18.11 -6.98
H3 BMA M . -41.43 -20.25 -6.75
H4 BMA M . -39.68 -19.99 -9.22
H5 BMA M . -38.76 -19.45 -6.35
H61 BMA M . -37.35 -19.88 -8.95
H62 BMA M . -36.84 -18.47 -7.99
HO2 BMA M . -41.38 -17.02 -9.10
HO4 BMA M . -38.94 -21.85 -8.52
C1 MAN M . -42.81 -21.56 -8.20
C2 MAN M . -43.34 -22.31 -9.47
C3 MAN M . -44.68 -21.77 -9.94
C4 MAN M . -45.65 -21.61 -8.77
C5 MAN M . -45.02 -20.63 -7.77
C6 MAN M . -45.94 -20.30 -6.60
O2 MAN M . -43.59 -23.73 -9.20
O3 MAN M . -45.27 -22.58 -10.95
O4 MAN M . -46.89 -21.09 -9.23
O5 MAN M . -43.83 -21.24 -7.25
O6 MAN M . -45.31 -19.29 -5.82
H1 MAN M . -42.12 -22.20 -7.65
H2 MAN M . -42.62 -22.17 -10.28
H3 MAN M . -44.52 -20.78 -10.39
H4 MAN M . -45.77 -22.58 -8.28
H5 MAN M . -44.77 -19.69 -8.29
H61 MAN M . -46.91 -19.95 -7.00
H62 MAN M . -46.11 -21.22 -6.04
HO3 MAN M . -44.69 -22.50 -11.72
HO4 MAN M . -46.89 -21.25 -10.19
HO6 MAN M . -46.00 -18.70 -5.48
C1 MAN M . -35.26 -19.97 -6.86
C2 MAN M . -34.53 -21.23 -6.36
C3 MAN M . -35.11 -21.60 -5.00
C4 MAN M . -34.95 -20.43 -4.03
C5 MAN M . -35.61 -19.15 -4.62
C6 MAN M . -35.35 -17.91 -3.78
O2 MAN M . -33.14 -21.00 -6.16
O3 MAN M . -34.50 -22.79 -4.44
O4 MAN M . -35.58 -20.75 -2.81
O5 MAN M . -35.11 -18.89 -5.95
O6 MAN M . -33.92 -17.79 -3.62
H1 MAN M . -34.82 -19.60 -7.81
H2 MAN M . -34.70 -22.04 -7.08
H3 MAN M . -36.16 -21.79 -5.12
H4 MAN M . -33.88 -20.23 -3.88
H5 MAN M . -36.70 -19.30 -4.65
H61 MAN M . -35.80 -17.04 -4.27
H62 MAN M . -35.84 -18.06 -2.82
HO2 MAN M . -32.68 -21.07 -7.00
HO4 MAN M . -35.03 -21.44 -2.41
C1 NAG N . -45.54 10.68 -6.59
C2 NAG N . -46.26 9.41 -6.18
C3 NAG N . -47.00 8.80 -7.36
C4 NAG N . -47.87 9.84 -8.05
C5 NAG N . -47.07 11.11 -8.33
C6 NAG N . -47.94 12.23 -8.86
C7 NAG N . -45.63 7.58 -4.66
C8 NAG N . -44.52 6.68 -4.21
N2 NAG N . -45.31 8.46 -5.62
O3 NAG N . -47.81 7.74 -6.88
O4 NAG N . -48.34 9.34 -9.29
O5 NAG N . -46.46 11.58 -7.14
O6 NAG N . -47.21 13.06 -9.75
O7 NAG N . -46.75 7.54 -4.17
H1 NAG N . -44.86 10.45 -7.27
H2 NAG N . -46.91 9.64 -5.50
H3 NAG N . -46.35 8.45 -8.00
H4 NAG N . -48.62 10.06 -7.44
H5 NAG N . -46.39 10.90 -9.00
H61 NAG N . -48.25 12.76 -8.11
H62 NAG N . -48.71 11.85 -9.33
H81 NAG N . -44.77 6.24 -3.37
H82 NAG N . -43.71 7.20 -4.06
H83 NAG N . -44.35 6.00 -4.89
HN2 NAG N . -44.45 8.45 -5.94
HO3 NAG N . -48.52 7.66 -7.40
HO6 NAG N . -46.47 13.34 -9.36
C1 NAG N . -49.76 9.14 -9.29
C2 NAG N . -50.21 8.88 -10.73
C3 NAG N . -51.70 8.60 -10.78
C4 NAG N . -52.08 7.50 -9.79
C5 NAG N . -51.54 7.84 -8.41
C6 NAG N . -51.78 6.75 -7.39
C7 NAG N . -49.88 9.99 -12.91
C8 NAG N . -49.52 11.26 -13.61
N2 NAG N . -49.87 10.03 -11.57
O3 NAG N . -52.06 8.20 -12.10
O4 NAG N . -53.50 7.42 -9.69
O5 NAG N . -50.12 8.05 -8.48
O6 NAG N . -51.21 5.52 -7.82
O7 NAG N . -50.17 8.96 -13.51
H1 NAG N . -50.23 9.95 -8.98
H2 NAG N . -49.73 8.11 -11.06
H3 NAG N . -52.18 9.41 -10.56
H4 NAG N . -51.68 6.65 -10.08
H5 NAG N . -51.96 8.66 -8.09
H61 NAG N . -51.38 7.00 -6.55
H62 NAG N . -52.74 6.63 -7.27
H81 NAG N . -49.40 11.08 -14.55
H82 NAG N . -48.69 11.61 -13.23
H83 NAG N . -50.24 11.91 -13.48
HN2 NAG N . -49.66 10.81 -11.16
HO3 NAG N . -52.31 8.91 -12.57
HO6 NAG N . -51.01 5.02 -7.11
C1 BMA N . -54.15 6.60 -10.69
C2 BMA N . -55.20 5.83 -9.91
C3 BMA N . -56.10 5.07 -10.82
C4 BMA N . -56.66 5.97 -11.92
C5 BMA N . -55.51 6.71 -12.66
C6 BMA N . -56.00 7.73 -13.68
O2 BMA N . -56.04 6.72 -9.22
O3 BMA N . -57.15 4.54 -10.03
O4 BMA N . -57.37 5.20 -12.86
O5 BMA N . -54.74 7.41 -11.69
O6 BMA N . -56.53 8.83 -12.93
H1 BMA N . -53.47 5.89 -11.17
H2 BMA N . -54.69 5.15 -9.21
H3 BMA N . -55.57 4.22 -11.27
H4 BMA N . -57.29 6.73 -11.45
H5 BMA N . -54.87 5.97 -13.18
H61 BMA N . -55.16 8.04 -14.30
H62 BMA N . -56.74 7.25 -14.31
HO2 BMA N . -55.49 7.47 -8.94
HO4 BMA N . -56.80 4.46 -13.09
C1 MAN N . -57.58 3.21 -10.41
C2 MAN N . -58.84 2.99 -9.57
C3 MAN N . -58.45 2.81 -8.12
C4 MAN N . -57.47 1.66 -7.97
C5 MAN N . -56.22 1.93 -8.80
C6 MAN N . -55.27 0.75 -8.79
O2 MAN N . -59.51 1.77 -9.94
O3 MAN N . -59.58 2.59 -7.28
O4 MAN N . -57.09 1.52 -6.60
O5 MAN N . -56.59 2.20 -10.18
O6 MAN N . -55.97 -0.42 -9.16
H1 MAN N . -57.81 3.16 -11.48
H2 MAN N . -59.46 3.88 -9.65
H3 MAN N . -57.96 3.72 -7.75
H4 MAN N . -57.96 0.74 -8.32
H5 MAN N . -55.70 2.80 -8.38
H61 MAN N . -54.46 0.95 -9.48
H62 MAN N . -54.84 0.67 -7.78
HO3 MAN N . -59.23 2.55 -6.38
HO4 MAN N . -56.67 0.65 -6.54
HO6 MAN N . -56.29 -0.84 -8.35
C1 MAN N . -60.60 1.99 -10.88
C2 MAN N . -61.51 0.75 -10.81
C3 MAN N . -60.81 -0.44 -11.40
C4 MAN N . -60.30 -0.11 -12.79
C5 MAN N . -59.38 1.10 -12.74
C6 MAN N . -58.91 1.54 -14.10
O2 MAN N . -62.69 0.90 -11.61
O3 MAN N . -61.67 -1.57 -11.46
O4 MAN N . -59.58 -1.22 -13.32
O5 MAN N . -60.09 2.20 -12.18
O6 MAN N . -58.50 2.89 -14.01
H1 MAN N . -61.16 2.91 -10.66
H2 MAN N . -61.76 0.54 -9.76
H3 MAN N . -59.96 -0.71 -10.77
H4 MAN N . -61.15 0.13 -13.45
H5 MAN N . -58.50 0.86 -12.11
H61 MAN N . -58.08 0.88 -14.41
H62 MAN N . -59.74 1.40 -14.81
HO3 MAN N . -62.51 -1.23 -11.80
HO4 MAN N . -59.58 -1.10 -14.27
HO6 MAN N . -59.29 3.43 -14.02
C1 MAN N . -63.62 1.86 -11.05
C2 MAN N . -65.02 1.19 -11.09
C3 MAN N . -65.56 1.16 -12.51
C4 MAN N . -65.41 2.52 -13.21
C5 MAN N . -63.95 2.98 -13.15
C6 MAN N . -63.74 4.33 -13.77
O2 MAN N . -65.96 1.96 -10.32
O3 MAN N . -66.92 0.74 -12.54
O4 MAN N . -65.80 2.41 -14.56
O5 MAN N . -63.58 3.07 -11.78
O6 MAN N . -62.73 5.00 -13.01
H1 MAN N . -63.34 2.14 -10.02
H2 MAN N . -64.93 0.18 -10.70
H3 MAN N . -65.00 0.42 -13.09
H4 MAN N . -66.03 3.25 -12.67
H5 MAN N . -63.32 2.25 -13.67
H61 MAN N . -63.44 4.20 -14.82
H62 MAN N . -64.69 4.87 -13.74
HO2 MAN N . -66.84 1.78 -10.65
HO3 MAN N . -67.01 0.13 -11.79
HO4 MAN N . -66.64 1.92 -14.55
HO6 MAN N . -62.84 5.95 -13.16
C1 MAN N . -57.46 9.72 -13.60
C2 MAN N . -58.15 10.53 -12.47
C3 MAN N . -58.93 9.57 -11.60
C4 MAN N . -59.99 8.83 -12.45
C5 MAN N . -59.37 8.17 -13.69
C6 MAN N . -60.42 7.73 -14.70
O2 MAN N . -59.11 11.44 -13.02
O3 MAN N . -59.55 10.25 -10.47
O4 MAN N . -60.61 7.80 -11.69
O5 MAN N . -58.45 9.05 -14.39
O6 MAN N . -61.23 8.85 -15.01
H1 MAN N . -56.94 10.39 -14.30
H2 MAN N . -57.38 11.05 -11.89
H3 MAN N . -58.23 8.85 -11.21
H4 MAN N . -60.74 9.57 -12.76
H5 MAN N . -58.83 7.27 -13.37
H61 MAN N . -59.91 7.34 -15.60
H62 MAN N . -61.00 6.91 -14.25
HO2 MAN N . -58.65 12.06 -13.60
HO4 MAN N . -59.88 7.21 -11.44
C1 MAN N . -59.86 9.38 -9.33
C2 MAN N . -61.42 9.32 -9.17
C3 MAN N . -61.91 10.63 -8.60
C4 MAN N . -61.13 11.02 -7.34
C5 MAN N . -59.63 11.10 -7.69
C6 MAN N . -58.76 11.44 -6.49
O2 MAN N . -61.91 8.29 -8.22
O3 MAN N . -63.30 10.59 -8.31
O4 MAN N . -61.58 12.28 -6.88
O5 MAN N . -59.22 9.83 -8.17
O6 MAN N . -58.73 10.30 -5.63
H1 MAN N . -59.44 8.40 -9.47
H2 MAN N . -61.87 9.20 -10.14
H3 MAN N . -61.78 11.42 -9.35
H4 MAN N . -61.27 10.24 -6.58
H5 MAN N . -59.48 11.88 -8.46
H61 MAN N . -57.76 11.70 -6.86
H62 MAN N . -59.19 12.32 -6.00
HO3 MAN N . -63.42 9.80 -7.75
HO4 MAN N . -62.53 12.30 -7.07
HO6 MAN N . -58.09 10.48 -4.94
C1 MAN N . -61.66 6.89 -8.54
C2 MAN N . -62.58 6.38 -9.74
C3 MAN N . -63.92 5.82 -9.25
C4 MAN N . -63.70 4.85 -8.10
C5 MAN N . -63.10 5.64 -6.94
C6 MAN N . -62.93 4.81 -5.68
O2 MAN N . -61.96 5.29 -10.42
O3 MAN N . -64.62 5.16 -10.30
O4 MAN N . -64.94 4.28 -7.73
O5 MAN N . -61.79 6.09 -7.33
O6 MAN N . -62.51 5.67 -4.63
H1 MAN N . -60.63 6.69 -8.79
H2 MAN N . -62.77 7.18 -10.42
H3 MAN N . -64.55 6.64 -8.91
H4 MAN N . -62.98 4.08 -8.41
H5 MAN N . -63.75 6.49 -6.71
H61 MAN N . -63.89 4.32 -5.45
H62 MAN N . -62.19 4.03 -5.90
HO2 MAN N . -62.00 5.46 -11.37
HO3 MAN N . -63.95 4.67 -10.80
HO4 MAN N . -65.30 3.87 -8.53
HO6 MAN N . -62.30 5.12 -3.87
C1 MAN N . -62.39 8.46 -15.76
C2 MAN N . -62.78 9.70 -16.65
C3 MAN N . -63.75 10.67 -15.95
C4 MAN N . -64.77 9.96 -15.06
C5 MAN N . -64.05 9.03 -14.12
C6 MAN N . -64.96 8.34 -13.13
O2 MAN N . -63.42 9.32 -17.88
O3 MAN N . -64.42 11.50 -16.89
O4 MAN N . -65.50 10.91 -14.30
O5 MAN N . -63.44 8.01 -14.91
O6 MAN N . -64.23 7.31 -12.49
H1 MAN N . -62.16 7.58 -16.38
H2 MAN N . -61.88 10.23 -16.83
H3 MAN N . -63.16 11.35 -15.31
H4 MAN N . -65.45 9.37 -15.71
H5 MAN N . -63.28 9.58 -13.56
H61 MAN N . -65.33 9.08 -12.41
H62 MAN N . -65.82 7.94 -13.69
HO3 MAN N . -64.79 12.24 -16.38
HO4 MAN N . -66.31 10.47 -14.04
HO6 MAN N . -64.74 7.02 -11.72
C1 MAN N . -62.66 9.62 -19.10
C2 MAN N . -61.49 8.53 -19.22
C3 MAN N . -60.14 9.05 -18.82
C4 MAN N . -59.83 10.35 -19.52
C5 MAN N . -60.78 11.43 -19.01
C6 MAN N . -60.64 12.73 -19.79
O2 MAN N . -61.35 8.12 -20.59
O3 MAN N . -59.11 8.09 -19.10
O4 MAN N . -58.48 10.73 -19.26
O5 MAN N . -62.20 11.04 -19.13
O6 MAN N . -59.42 13.35 -19.39
H1 MAN N . -63.32 9.55 -19.96
H2 MAN N . -61.76 7.67 -18.61
H3 MAN N . -60.10 9.20 -17.75
H4 MAN N . -59.99 10.23 -20.60
H5 MAN N . -60.55 11.65 -17.97
H61 MAN N . -60.65 12.50 -20.86
H62 MAN N . -61.51 13.36 -19.56
HO2 MAN N . -61.60 8.85 -21.17
HO3 MAN N . -58.33 8.42 -18.64
HO4 MAN N . -58.54 11.53 -18.71
HO6 MAN N . -59.41 14.24 -19.77
C1 NAG O . -29.58 -6.97 -24.47
C2 NAG O . -30.79 -7.87 -24.35
C3 NAG O . -30.37 -9.34 -24.35
C4 NAG O . -29.46 -9.63 -25.53
C5 NAG O . -28.34 -8.60 -25.64
C6 NAG O . -27.54 -8.73 -26.91
C7 NAG O . -32.53 -6.66 -23.11
C8 NAG O . -33.21 -6.48 -21.79
N2 NAG O . -31.56 -7.57 -23.15
O3 NAG O . -31.53 -10.15 -24.43
O4 NAG O . -28.86 -10.91 -25.32
O5 NAG O . -28.88 -7.28 -25.64
O6 NAG O . -26.83 -7.52 -27.21
O7 NAG O . -32.84 -6.00 -24.09
H1 NAG O . -29.01 -7.13 -23.69
H2 NAG O . -31.37 -7.73 -25.13
H3 NAG O . -29.90 -9.53 -23.52
H4 NAG O . -29.98 -9.62 -26.35
H5 NAG O . -27.74 -8.71 -24.87
H61 NAG O . -26.90 -9.46 -26.82
H62 NAG O . -28.14 -8.93 -27.65
H81 NAG O . -33.86 -5.76 -21.85
H82 NAG O . -33.66 -7.32 -21.54
H83 NAG O . -32.55 -6.25 -21.10
HN2 NAG O . -31.37 -8.04 -22.39
HO3 NAG O . -31.29 -11.01 -24.40
HO6 NAG O . -26.39 -7.62 -27.97
C1 NAG O . -28.85 -11.78 -26.46
C2 NAG O . -28.37 -13.14 -25.96
C3 NAG O . -28.37 -14.16 -27.08
C4 NAG O . -29.73 -14.19 -27.79
C5 NAG O . -30.13 -12.79 -28.22
C6 NAG O . -31.50 -12.73 -28.83
C7 NAG O . -26.57 -13.90 -24.48
C8 NAG O . -25.18 -13.64 -23.99
N2 NAG O . -27.05 -13.03 -25.38
O3 NAG O . -28.09 -15.44 -26.54
O4 NAG O . -29.65 -15.02 -28.95
O5 NAG O . -30.14 -11.92 -27.07
O6 NAG O . -32.50 -13.14 -27.90
O7 NAG O . -27.23 -14.86 -24.10
H1 NAG O . -28.23 -11.44 -27.13
H2 NAG O . -29.00 -13.44 -25.27
H3 NAG O . -27.69 -13.93 -27.73
H4 NAG O . -30.41 -14.52 -27.17
H5 NAG O . -29.48 -12.45 -28.87
H61 NAG O . -31.70 -11.80 -29.10
H62 NAG O . -31.53 -13.31 -29.61
H81 NAG O . -24.55 -14.16 -24.52
H82 NAG O . -24.98 -12.69 -24.07
H83 NAG O . -25.11 -13.90 -23.05
HN2 NAG O . -26.51 -12.33 -25.62
HO3 NAG O . -28.46 -15.52 -25.74
HO6 NAG O . -33.31 -13.01 -28.25
C1 BMA O . -30.17 -16.34 -28.71
C2 BMA O . -31.67 -16.31 -28.96
C3 BMA O . -32.28 -17.69 -28.83
C4 BMA O . -31.44 -18.79 -29.56
C5 BMA O . -29.91 -18.64 -29.29
C6 BMA O . -29.06 -19.54 -30.17
O2 BMA O . -31.95 -15.88 -30.29
O3 BMA O . -33.63 -17.67 -29.34
O4 BMA O . -31.85 -20.07 -29.13
O5 BMA O . -29.54 -17.28 -29.56
O6 BMA O . -27.87 -19.97 -29.43
H1 BMA O . -29.97 -16.66 -27.67
H2 BMA O . -32.15 -15.63 -28.23
H3 BMA O . -32.31 -17.95 -27.76
H4 BMA O . -31.60 -18.67 -30.65
H5 BMA O . -29.70 -18.88 -28.23
H61 BMA O . -29.69 -20.39 -30.47
H62 BMA O . -28.80 -18.96 -31.07
HO2 BMA O . -31.14 -15.46 -30.60
HO4 BMA O . -31.87 -20.62 -29.93
C1 MAN O . -34.62 -18.51 -28.69
C2 MAN O . -35.06 -19.60 -29.69
C3 MAN O . -35.86 -18.95 -30.83
C4 MAN O . -37.03 -18.14 -30.28
C5 MAN O . -36.50 -17.09 -29.29
C6 MAN O . -37.62 -16.32 -28.61
O2 MAN O . -35.94 -20.53 -29.06
O3 MAN O . -36.32 -19.92 -31.77
O4 MAN O . -37.71 -17.49 -31.34
O5 MAN O . -35.73 -17.74 -28.25
O6 MAN O . -37.08 -15.13 -28.04
H1 MAN O . -34.25 -19.00 -27.77
H2 MAN O . -34.16 -20.09 -30.09
H3 MAN O . -35.20 -18.27 -31.38
H4 MAN O . -37.70 -18.82 -29.72
H5 MAN O . -35.87 -16.38 -29.83
H61 MAN O . -38.39 -16.08 -29.36
H62 MAN O . -38.07 -16.97 -27.86
HO3 MAN O . -37.02 -19.46 -32.27
HO4 MAN O . -37.07 -16.87 -31.71
HO6 MAN O . -37.78 -14.70 -27.54
C1 MAN O . -35.74 -21.88 -29.53
C2 MAN O . -37.12 -22.64 -29.33
C3 MAN O . -37.26 -23.14 -27.88
C4 MAN O . -35.95 -23.75 -27.36
C5 MAN O . -34.85 -22.71 -27.47
C6 MAN O . -33.52 -23.13 -26.88
O2 MAN O . -37.28 -23.82 -30.16
O3 MAN O . -38.32 -24.07 -27.75
O4 MAN O . -36.10 -24.16 -26.01
O5 MAN O . -34.64 -22.46 -28.86
O6 MAN O . -32.62 -22.03 -26.96
H1 MAN O . -35.43 -21.89 -30.57
H2 MAN O . -37.90 -21.92 -29.52
H3 MAN O . -37.51 -22.29 -27.23
H4 MAN O . -35.68 -24.61 -28.01
H5 MAN O . -35.18 -21.78 -26.96
H61 MAN O . -33.67 -23.44 -25.83
H62 MAN O . -33.16 -24.00 -27.45
HO3 MAN O . -38.04 -24.85 -28.27
HO4 MAN O . -36.96 -24.61 -25.97
HO6 MAN O . -32.64 -21.70 -27.87
C1 MAN O . -37.51 -23.60 -31.58
C2 MAN O . -39.01 -23.17 -31.88
C3 MAN O . -39.95 -24.37 -31.89
C4 MAN O . -39.37 -25.52 -32.72
C5 MAN O . -38.02 -25.90 -32.13
C6 MAN O . -37.38 -27.09 -32.82
O2 MAN O . -39.11 -22.60 -33.18
O3 MAN O . -41.24 -24.01 -32.39
O4 MAN O . -40.24 -26.64 -32.68
O5 MAN O . -37.13 -24.77 -32.29
O6 MAN O . -36.07 -27.24 -32.29
H1 MAN O . -36.84 -22.84 -31.98
H2 MAN O . -39.35 -22.47 -31.14
H3 MAN O . -40.10 -24.73 -30.86
H4 MAN O . -39.22 -25.17 -33.75
H5 MAN O . -38.14 -26.13 -31.06
H61 MAN O . -37.99 -27.97 -32.63
H62 MAN O . -37.37 -26.89 -33.90
HO2 MAN O . -40.03 -22.39 -33.36
HO3 MAN O . -41.47 -24.72 -33.02
HO4 MAN O . -40.20 -26.97 -31.77
HO6 MAN O . -35.50 -26.59 -32.73
C1 MAN O . -26.82 -20.47 -30.29
C2 MAN O . -27.15 -21.93 -30.73
C3 MAN O . -26.94 -22.91 -29.57
C4 MAN O . -25.52 -22.76 -29.00
C5 MAN O . -25.32 -21.31 -28.52
C6 MAN O . -23.92 -21.05 -27.95
O2 MAN O . -26.26 -22.39 -31.76
O3 MAN O . -27.17 -24.28 -29.92
O4 MAN O . -25.35 -23.64 -27.90
O5 MAN O . -25.53 -20.40 -29.64
O6 MAN O . -22.95 -21.78 -28.71
H1 MAN O . -26.70 -19.83 -31.18
H2 MAN O . -28.17 -21.98 -31.08
H3 MAN O . -27.64 -22.65 -28.75
H4 MAN O . -24.81 -22.98 -29.81
H5 MAN O . -26.06 -21.10 -27.74
H61 MAN O . -23.75 -19.96 -27.97
H62 MAN O . -23.93 -21.36 -26.90
HO2 MAN O . -26.77 -22.56 -32.55
HO4 MAN O . -24.39 -23.72 -27.79
C1 NAG P . -42.13 -1.15 -4.12
C2 NAG P . -41.94 -0.68 -2.68
C3 NAG P . -43.19 -0.98 -1.86
C4 NAG P . -44.44 -0.43 -2.54
C5 NAG P . -44.50 -0.90 -3.99
C6 NAG P . -45.63 -0.26 -4.77
C7 NAG P . -40.01 -0.72 -1.17
C8 NAG P . -38.86 -1.53 -0.65
N2 NAG P . -40.78 -1.32 -2.08
O3 NAG P . -43.06 -0.40 -0.57
O4 NAG P . -45.61 -0.90 -1.88
O5 NAG P . -43.29 -0.56 -4.66
O6 NAG P . -45.40 1.13 -4.95
O7 NAG P . -40.22 0.43 -0.78
H1 NAG P . -42.24 -2.13 -4.11
H2 NAG P . -41.81 0.28 -2.69
H3 NAG P . -43.29 -1.94 -1.76
H4 NAG P . -44.41 0.55 -2.52
H5 NAG P . -44.61 -1.87 -4.01
H61 NAG P . -45.69 -0.69 -5.65
H62 NAG P . -46.47 -0.40 -4.29
H81 NAG P . -39.17 -2.12 0.07
H82 NAG P . -38.48 -2.07 -1.36
H83 NAG P . -38.17 -0.93 -0.29
HN2 NAG P . -40.57 -2.17 -2.32
HO3 NAG P . -42.64 -0.97 -0.03
HO6 NAG P . -45.84 1.41 -5.67
C1 NAG P . -46.39 0.16 -1.33
C2 NAG P . -47.59 -0.50 -0.63
C3 NAG P . -48.45 0.54 0.08
C4 NAG P . -47.59 1.36 1.02
C5 NAG P . -46.44 2.00 0.24
C6 NAG P . -45.48 2.76 1.12
C7 NAG P . -49.03 -0.80 -2.62
C8 NAG P . -49.80 -1.80 -3.43
N2 NAG P . -48.38 -1.30 -1.55
O3 NAG P . -49.48 -0.14 0.79
O4 NAG P . -48.34 2.41 1.64
O5 NAG P . -45.67 0.96 -0.40
O6 NAG P . -46.16 3.72 1.92
O7 NAG P . -48.99 0.39 -2.90
H1 NAG P . -46.72 0.73 -2.06
H2 NAG P . -47.23 -1.10 0.05
H3 NAG P . -48.86 1.14 -0.58
H4 NAG P . -47.17 0.76 1.66
H5 NAG P . -46.80 2.59 -0.44
H61 NAG P . -45.00 2.13 1.70
H62 NAG P . -44.83 3.22 0.56
H81 NAG P . -49.98 -1.42 -4.32
H82 NAG P . -50.66 -1.99 -2.99
H83 NAG P . -49.28 -2.62 -3.52
HN2 NAG P . -48.45 -2.20 -1.39
HO3 NAG P . -50.11 -0.37 0.22
HO6 NAG P . -46.59 3.30 2.58
C1 BMA P . -49.28 2.11 2.73
C2 BMA P . -48.63 1.19 3.80
C3 BMA P . -49.39 1.15 5.14
C4 BMA P . -50.00 2.52 5.53
C5 BMA P . -50.69 3.19 4.32
C6 BMA P . -51.25 4.58 4.62
O2 BMA P . -47.33 1.65 4.12
O3 BMA P . -48.48 0.67 6.12
O4 BMA P . -50.96 2.35 6.56
O5 BMA P . -49.71 3.34 3.29
O6 BMA P . -52.41 4.79 3.78
H1 BMA P . -50.16 1.61 2.31
H2 BMA P . -48.58 0.17 3.40
H3 BMA P . -50.22 0.43 5.06
H4 BMA P . -49.18 3.19 5.86
H5 BMA P . -51.52 2.55 3.97
H61 BMA P . -50.47 5.33 4.43
H62 BMA P . -51.50 4.59 5.68
HO2 BMA P . -47.11 1.30 5.00
HO4 BMA P . -50.82 3.10 7.17
C1 MAN P . -49.00 0.17 7.38
C2 MAN P . -47.78 -0.56 8.04
C3 MAN P . -47.57 -1.90 7.36
C4 MAN P . -48.84 -2.73 7.41
C5 MAN P . -49.96 -1.98 6.66
C6 MAN P . -51.29 -2.73 6.72
O2 MAN P . -48.00 -0.86 9.42
O3 MAN P . -46.49 -2.62 7.94
O4 MAN P . -48.62 -3.99 6.80
O5 MAN P . -50.15 -0.68 7.26
O6 MAN P . -52.23 -2.01 5.94
H1 MAN P . -49.34 1.01 8.00
H2 MAN P . -46.88 0.06 7.91
H3 MAN P . -47.31 -1.73 6.31
H4 MAN P . -49.15 -2.86 8.46
H5 MAN P . -49.67 -1.88 5.61
H61 MAN P . -51.14 -3.75 6.34
H62 MAN P . -51.59 -2.78 7.77
HO3 MAN P . -46.71 -2.72 8.88
HO4 MAN P . -47.75 -4.28 7.10
HO6 MAN P . -52.62 -2.63 5.31
C1 NAG Q . 12.24 25.93 -28.83
C2 NAG Q . 11.84 27.08 -29.71
C3 NAG Q . 10.58 27.74 -29.15
C4 NAG Q . 9.48 26.70 -29.03
C5 NAG Q . 9.97 25.51 -28.21
C6 NAG Q . 8.99 24.36 -28.21
C7 NAG Q . 13.08 28.82 -30.90
C8 NAG Q . 14.24 29.76 -30.86
N2 NAG Q . 12.92 28.05 -29.82
O3 NAG Q . 10.19 28.78 -30.04
O4 NAG Q . 8.33 27.24 -28.38
O5 NAG Q . 11.19 24.99 -28.77
O6 NAG Q . 8.92 23.74 -29.49
O7 NAG Q . 12.33 28.75 -31.87
H1 NAG Q . 12.43 26.27 -27.93
H2 NAG Q . 11.64 26.74 -30.59
H3 NAG Q . 10.78 28.11 -28.28
H4 NAG Q . 9.25 26.38 -29.92
H5 NAG Q . 10.13 25.80 -27.29
H61 NAG Q . 8.10 24.70 -27.98
H62 NAG Q . 9.26 23.70 -27.55
H81 NAG Q . 14.28 30.18 -29.98
H82 NAG Q . 15.07 29.29 -31.03
H83 NAG Q . 14.11 30.44 -31.54
HN2 NAG Q . 13.50 28.14 -29.13
HO3 NAG Q . 9.92 29.49 -29.57
HO6 NAG Q . 9.36 22.96 -29.45
C1 NAG Q . 7.51 28.02 -29.28
C2 NAG Q . 6.13 28.22 -28.68
C3 NAG Q . 5.26 29.02 -29.64
C4 NAG Q . 5.96 30.31 -30.06
C5 NAG Q . 7.43 30.09 -30.44
C6 NAG Q . 8.21 31.38 -30.53
C7 NAG Q . 5.68 26.32 -27.19
C8 NAG Q . 4.96 25.01 -27.04
N2 NAG Q . 5.52 26.94 -28.37
O3 NAG Q . 4.04 29.31 -28.98
O4 NAG Q . 5.35 30.84 -31.24
O5 NAG Q . 8.11 29.28 -29.47
O6 NAG Q . 8.21 32.06 -29.28
O7 NAG Q . 6.37 26.80 -26.30
H1 NAG Q . 7.40 27.58 -30.14
H2 NAG Q . 6.23 28.74 -27.86
H3 NAG Q . 5.09 28.48 -30.44
H4 NAG Q . 5.92 30.96 -29.34
H5 NAG Q . 7.46 29.64 -31.31
H61 NAG Q . 9.13 31.20 -30.78
H62 NAG Q . 7.79 31.96 -31.19
H81 NAG Q . 5.21 24.61 -26.19
H82 NAG Q . 5.21 24.42 -27.77
H83 NAG Q . 4.00 25.17 -27.06
HN2 NAG Q . 4.98 26.55 -29.00
HO3 NAG Q . 3.37 29.18 -29.55
HO6 NAG Q . 8.51 32.89 -29.38
C1 BMA Q . 4.02 31.33 -31.08
C2 BMA Q . 3.87 32.41 -32.16
C3 BMA Q . 2.42 32.75 -32.47
C4 BMA Q . 1.45 31.55 -32.39
C5 BMA Q . 1.76 30.65 -31.16
C6 BMA Q . 0.94 29.36 -31.11
O2 BMA Q . 4.43 31.95 -33.37
O3 BMA Q . 2.38 33.27 -33.80
O4 BMA Q . 0.11 32.01 -32.30
O5 BMA Q . 3.11 30.28 -31.25
O6 BMA Q . -0.28 29.64 -30.46
H1 BMA Q . 3.88 31.76 -30.09
H2 BMA Q . 4.39 33.31 -31.81
H3 BMA Q . 2.07 33.53 -31.79
H4 BMA Q . 1.60 30.92 -33.29
H5 BMA Q . 1.57 31.22 -30.24
H61 BMA Q . 0.78 29.01 -32.15
H62 BMA Q . 1.54 28.61 -30.59
HO2 BMA Q . 4.95 31.15 -33.15
HO4 BMA Q . -0.44 31.29 -32.64
C1 MAN Q . 1.60 34.46 -34.02
C2 MAN Q . 1.04 34.28 -35.45
C3 MAN Q . 2.08 34.64 -36.53
C4 MAN Q . 2.82 35.93 -36.19
C5 MAN Q . 3.44 35.79 -34.81
C6 MAN Q . 4.28 36.98 -34.39
O2 MAN Q . -0.12 35.13 -35.71
O3 MAN Q . 1.47 34.75 -37.82
O4 MAN Q . 3.84 36.14 -37.15
O5 MAN Q . 2.38 35.64 -33.85
O6 MAN Q . 4.98 36.64 -33.19
H1 MAN Q . 0.76 34.56 -33.30
H2 MAN Q . 0.82 33.23 -35.55
H3 MAN Q . 2.81 33.84 -36.60
H4 MAN Q . 2.10 36.77 -36.17
H5 MAN Q . 4.09 34.90 -34.79
H61 MAN Q . 4.98 37.24 -35.20
H62 MAN Q . 3.61 37.83 -34.23
HO3 MAN Q . 1.02 33.91 -37.96
HO4 MAN Q . 3.55 35.65 -37.94
HO6 MAN Q . 5.79 37.16 -33.17
C1 MAN Q . -0.61 28.61 -29.50
C2 MAN Q . -2.09 28.82 -29.12
C3 MAN Q . -2.21 30.17 -28.42
C4 MAN Q . -1.30 30.21 -27.19
C5 MAN Q . 0.17 29.89 -27.59
C6 MAN Q . 1.06 29.71 -26.38
O2 MAN Q . -2.55 27.84 -28.18
O3 MAN Q . -3.57 30.47 -28.06
O4 MAN Q . -1.35 31.50 -26.62
O5 MAN Q . 0.23 28.66 -28.36
O6 MAN Q . 0.50 28.68 -25.55
H1 MAN Q . -0.45 27.60 -29.93
H2 MAN Q . -2.69 28.80 -30.03
H3 MAN Q . -1.88 30.94 -29.12
H4 MAN Q . -1.66 29.45 -26.48
H5 MAN Q . 0.56 30.71 -28.18
H61 MAN Q . 2.08 29.49 -26.72
H62 MAN Q . 1.09 30.68 -25.85
HO2 MAN Q . -2.77 27.03 -28.65
HO4 MAN Q . -2.24 31.59 -26.26
C1 NAG R . 31.25 25.95 -24.06
C2 NAG R . 30.44 27.15 -24.50
C3 NAG R . 30.37 27.23 -26.02
C4 NAG R . 31.75 27.14 -26.63
C5 NAG R . 32.51 25.95 -26.07
C6 NAG R . 33.94 25.89 -26.54
C7 NAG R . 28.41 28.19 -23.58
C8 NAG R . 27.06 27.93 -22.99
N2 NAG R . 29.12 27.09 -23.92
O3 NAG R . 29.75 28.46 -26.38
O4 NAG R . 31.64 26.96 -28.04
O5 NAG R . 32.53 26.01 -24.64
O6 NAG R . 34.42 24.56 -26.60
O7 NAG R . 28.85 29.32 -23.75
H1 NAG R . 30.81 25.13 -24.36
H2 NAG R . 30.90 27.95 -24.17
H3 NAG R . 29.81 26.49 -26.34
H4 NAG R . 32.24 27.95 -26.42
H5 NAG R . 32.06 25.12 -26.35
H61 NAG R . 34.01 26.30 -27.42
H62 NAG R . 34.50 26.40 -25.91
H81 NAG R . 26.72 28.76 -22.59
H82 NAG R . 27.12 27.25 -22.30
H83 NAG R . 26.45 27.63 -23.69
HN2 NAG R . 28.74 26.28 -23.77
HO3 NAG R . 30.07 28.72 -27.17
HO6 NAG R . 34.25 24.15 -25.82
C1 NAG R . 32.12 28.09 -28.78
C2 NAG R . 32.25 27.68 -30.23
C3 NAG R . 32.69 28.87 -31.09
C4 NAG R . 31.78 30.06 -30.84
C5 NAG R . 31.68 30.35 -29.35
C6 NAG R . 30.71 31.46 -29.01
C7 NAG R . 33.21 25.76 -31.42
C8 NAG R . 34.27 24.69 -31.40
N2 NAG R . 33.19 26.59 -30.37
O3 NAG R . 32.65 28.50 -32.45
O4 NAG R . 32.33 31.22 -31.47
O5 NAG R . 31.22 29.18 -28.66
O6 NAG R . 29.40 31.18 -29.52
O7 NAG R . 32.42 25.87 -32.35
H1 NAG R . 33.01 28.36 -28.47
H2 NAG R . 31.37 27.38 -30.54
H3 NAG R . 33.60 29.11 -30.84
H4 NAG R . 30.88 29.88 -31.17
H5 NAG R . 32.56 30.60 -29.00
H61 NAG R . 30.65 31.56 -28.05
H62 NAG R . 31.03 32.29 -29.40
H81 NAG R . 34.10 24.06 -32.12
H82 NAG R . 35.14 25.10 -31.52
H83 NAG R . 34.23 24.22 -30.55
HN2 NAG R . 33.81 26.45 -29.71
HO3 NAG R . 32.05 27.86 -32.58
HO6 NAG R . 28.80 31.63 -29.05
C1 BMA R . 32.05 31.37 -32.87
C2 BMA R . 31.72 32.84 -33.04
C3 BMA R . 31.63 33.22 -34.48
C4 BMA R . 32.83 32.70 -35.26
C5 BMA R . 32.99 31.19 -35.04
C6 BMA R . 34.22 30.60 -35.75
O2 BMA R . 32.77 33.64 -32.52
O3 BMA R . 31.57 34.62 -34.55
O4 BMA R . 32.63 32.94 -36.64
O5 BMA R . 33.17 30.99 -33.64
O6 BMA R . 35.38 31.08 -35.06
H1 BMA R . 31.18 30.77 -33.19
H2 BMA R . 30.77 33.06 -32.52
H3 BMA R . 30.71 32.82 -34.93
H4 BMA R . 33.73 33.20 -34.90
H5 BMA R . 32.10 30.67 -35.39
H61 BMA R . 34.14 29.50 -35.71
H62 BMA R . 34.18 30.90 -36.79
HO2 BMA R . 33.21 33.09 -31.84
HO4 BMA R . 32.81 33.89 -36.76
C1 MAN R . 30.60 35.12 -35.50
C2 MAN R . 30.90 36.62 -35.57
C3 MAN R . 30.43 37.30 -34.29
C4 MAN R . 28.96 37.01 -34.06
C5 MAN R . 28.74 35.51 -33.94
C6 MAN R . 27.28 35.16 -33.79
O2 MAN R . 30.18 37.26 -36.64
O3 MAN R . 30.66 38.69 -34.32
O4 MAN R . 28.54 37.62 -32.85
O5 MAN R . 29.24 34.84 -35.14
O6 MAN R . 26.57 35.71 -34.89
H1 MAN R . 30.73 34.64 -36.49
H2 MAN R . 31.99 36.73 -35.63
H3 MAN R . 31.00 36.89 -33.44
H4 MAN R . 28.39 37.39 -34.92
H5 MAN R . 29.28 35.13 -33.06
H61 MAN R . 27.17 34.08 -33.75
H62 MAN R . 26.94 35.56 -32.83
HO3 MAN R . 30.52 39.00 -33.41
HO4 MAN R . 27.56 37.67 -32.91
HO6 MAN R . 26.27 36.59 -34.63
C1 MAN R . 31.00 37.47 -37.82
C2 MAN R . 30.30 38.59 -38.64
C3 MAN R . 29.00 38.07 -39.19
C4 MAN R . 29.23 36.78 -39.96
C5 MAN R . 29.91 35.75 -39.08
C6 MAN R . 30.28 34.50 -39.82
O2 MAN R . 31.04 38.96 -39.81
O3 MAN R . 28.37 39.03 -40.02
O4 MAN R . 27.98 36.26 -40.40
O5 MAN R . 31.13 36.30 -38.57
O6 MAN R . 31.10 33.71 -38.98
H1 MAN R . 32.01 37.77 -37.56
H2 MAN R . 30.10 39.46 -37.99
H3 MAN R . 28.31 37.87 -38.36
H4 MAN R . 29.88 36.99 -40.82
H5 MAN R . 29.24 35.48 -38.24
H61 MAN R . 29.35 33.98 -40.10
H62 MAN R . 30.80 34.80 -40.74
HO3 MAN R . 29.09 39.40 -40.58
HO4 MAN R . 28.20 35.65 -41.11
HO6 MAN R . 31.62 33.13 -39.55
C1 MAN R . 32.27 39.64 -39.47
C2 MAN R . 32.40 40.83 -40.44
C3 MAN R . 32.75 40.35 -41.85
C4 MAN R . 33.90 39.34 -41.83
C5 MAN R . 33.59 38.20 -40.88
C6 MAN R . 34.70 37.19 -40.76
O2 MAN R . 33.46 41.71 -40.05
O3 MAN R . 33.06 41.44 -42.71
O4 MAN R . 34.10 38.81 -43.13
O5 MAN R . 33.38 38.75 -39.57
O6 MAN R . 34.72 36.70 -39.42
H1 MAN R . 32.28 39.98 -38.43
H2 MAN R . 31.43 41.35 -40.45
H3 MAN R . 31.87 39.86 -42.28
H4 MAN R . 34.81 39.85 -41.48
H5 MAN R . 32.68 37.67 -41.22
H61 MAN R . 34.53 36.37 -41.48
H62 MAN R . 35.64 37.68 -41.02
HO2 MAN R . 33.80 42.16 -40.82
HO3 MAN R . 32.54 42.18 -42.39
HO4 MAN R . 34.05 39.58 -43.73
HO6 MAN R . 35.62 36.43 -39.21
C1 MAN R . 36.64 31.02 -35.77
C2 MAN R . 37.61 31.95 -35.00
C3 MAN R . 37.08 33.37 -35.10
C4 MAN R . 37.03 33.81 -36.58
C5 MAN R . 36.19 32.82 -37.41
C6 MAN R . 36.35 33.04 -38.91
O2 MAN R . 38.90 31.96 -35.57
O3 MAN R . 37.85 34.32 -34.32
O4 MAN R . 36.45 35.08 -36.70
O5 MAN R . 36.57 31.43 -37.14
O6 MAN R . 37.74 32.98 -39.20
H1 MAN R . 37.04 29.99 -35.81
H2 MAN R . 37.64 31.64 -33.95
H3 MAN R . 36.07 33.36 -34.73
H4 MAN R . 38.06 33.82 -36.95
H5 MAN R . 35.13 32.97 -37.16
H61 MAN R . 35.78 32.27 -39.44
H62 MAN R . 35.92 34.03 -39.14
HO2 MAN R . 39.23 31.05 -35.62
HO4 MAN R . 35.53 34.98 -36.39
C1 MAN R . 37.10 35.48 -33.87
C2 MAN R . 37.80 36.77 -34.45
C3 MAN R . 39.13 36.96 -33.75
C4 MAN R . 38.98 36.91 -32.22
C5 MAN R . 38.31 35.60 -31.81
C6 MAN R . 38.05 35.50 -30.31
O2 MAN R . 37.06 38.04 -34.23
O3 MAN R . 39.74 38.19 -34.13
O4 MAN R . 40.26 37.01 -31.61
O5 MAN R . 37.04 35.51 -32.46
O6 MAN R . 37.02 36.43 -29.98
H1 MAN R . 36.08 35.45 -34.17
H2 MAN R . 38.00 36.60 -35.50
H3 MAN R . 39.81 36.16 -34.05
H4 MAN R . 38.33 37.75 -31.91
H5 MAN R . 38.96 34.77 -32.11
H61 MAN R . 37.75 34.47 -30.09
H62 MAN R . 38.99 35.71 -29.79
HO3 MAN R . 39.10 38.88 -33.90
HO4 MAN R . 40.10 37.37 -30.73
HO6 MAN R . 36.74 36.23 -29.09
C1 MAN R . 35.69 38.16 -34.74
C2 MAN R . 35.66 38.21 -36.34
C3 MAN R . 35.77 39.63 -36.88
C4 MAN R . 34.78 40.53 -36.17
C5 MAN R . 35.17 40.60 -34.70
C6 MAN R . 34.28 41.54 -33.90
O2 MAN R . 34.41 37.72 -36.83
O3 MAN R . 35.55 39.67 -38.28
O4 MAN R . 34.81 41.82 -36.76
O5 MAN R . 35.04 39.30 -34.12
O6 MAN R . 34.76 41.58 -32.56
H1 MAN R . 35.06 37.35 -34.40
H2 MAN R . 36.47 37.63 -36.75
H3 MAN R . 36.78 40.00 -36.70
H4 MAN R . 33.77 40.09 -36.24
H5 MAN R . 36.21 40.95 -34.61
H61 MAN R . 33.24 41.16 -33.95
H62 MAN R . 34.31 42.52 -34.38
HO2 MAN R . 34.58 37.13 -37.57
HO3 MAN R . 34.85 39.00 -38.46
HO4 MAN R . 34.71 41.68 -37.71
HO6 MAN R . 34.07 41.99 -32.02
C1 MAN R . 38.03 33.58 -40.48
C2 MAN R . 39.42 32.98 -40.92
C3 MAN R . 40.61 33.81 -40.43
C4 MAN R . 40.34 35.32 -40.48
C5 MAN R . 39.06 35.61 -39.71
C6 MAN R . 38.76 37.09 -39.62
O2 MAN R . 39.55 32.87 -42.34
O3 MAN R . 41.79 33.52 -41.17
O4 MAN R . 41.42 36.02 -39.86
O5 MAN R . 38.00 35.00 -40.42
O6 MAN R . 37.46 37.23 -39.04
H1 MAN R . 37.24 33.33 -41.20
H2 MAN R . 39.49 32.03 -40.44
H3 MAN R . 40.84 33.54 -39.39
H4 MAN R . 40.20 35.62 -41.52
H5 MAN R . 39.13 35.19 -38.70
H61 MAN R . 39.52 37.57 -38.99
H62 MAN R . 38.81 37.52 -40.63
HO3 MAN R . 42.53 33.83 -40.63
HO4 MAN R . 41.38 36.92 -40.23
HO6 MAN R . 37.32 38.16 -38.85
C1 MAN R . 39.61 31.50 -42.86
C2 MAN R . 38.11 30.91 -42.85
C3 MAN R . 37.85 29.97 -41.71
C4 MAN R . 38.93 28.90 -41.64
C5 MAN R . 40.26 29.55 -41.25
C6 MAN R . 41.40 28.56 -41.31
O2 MAN R . 37.87 30.14 -44.04
O3 MAN R . 36.57 29.37 -41.81
O4 MAN R . 38.56 27.93 -40.67
O5 MAN R . 40.61 30.66 -42.15
O6 MAN R . 41.28 27.66 -40.22
H1 MAN R . 39.98 31.52 -43.89
H2 MAN R . 37.42 31.75 -42.82
H3 MAN R . 37.84 30.52 -40.76
H4 MAN R . 39.03 28.44 -42.63
H5 MAN R . 40.19 29.90 -40.22
H61 MAN R . 42.35 29.11 -41.27
H62 MAN R . 41.35 28.04 -42.28
HO2 MAN R . 37.10 29.59 -43.89
HO3 MAN R . 36.46 28.84 -41.01
HO4 MAN R . 39.20 28.03 -39.94
HO6 MAN R . 42.12 27.19 -40.13
C1 NAG S . 9.85 9.55 -36.45
C2 NAG S . 9.58 10.81 -37.26
C3 NAG S . 8.10 10.96 -37.50
C4 NAG S . 7.52 9.70 -38.13
C5 NAG S . 7.94 8.46 -37.33
C6 NAG S . 7.57 7.17 -38.01
C7 NAG S . 11.36 12.42 -36.75
C8 NAG S . 11.74 13.66 -35.98
N2 NAG S . 10.11 11.98 -36.58
O3 NAG S . 7.89 12.07 -38.38
O4 NAG S . 6.10 9.79 -38.12
O5 NAG S . 9.35 8.44 -37.15
O6 NAG S . 8.36 6.09 -37.53
O7 NAG S . 12.15 11.85 -37.49
H1 NAG S . 9.38 9.63 -35.59
H2 NAG S . 10.03 10.72 -38.12
H3 NAG S . 7.65 11.13 -36.65
H4 NAG S . 7.87 9.61 -39.03
H5 NAG S . 7.49 8.50 -36.46
H61 NAG S . 6.62 6.97 -37.85
H62 NAG S . 7.71 7.26 -38.97
H81 NAG S . 12.68 13.86 -36.13
H82 NAG S . 11.20 14.41 -36.29
H83 NAG S . 11.58 13.50 -35.03
HN2 NAG S . 9.56 12.45 -36.02
HO3 NAG S . 7.02 12.11 -38.59
HO6 NAG S . 8.10 5.34 -37.93
C1 NAG S . 5.46 9.39 -39.34
C2 NAG S . 3.98 9.80 -39.20
C3 NAG S . 3.22 9.47 -40.47
C4 NAG S . 3.92 10.03 -41.70
C5 NAG S . 5.37 9.57 -41.72
C6 NAG S . 6.16 10.17 -42.86
C7 NAG S . 2.28 9.63 -37.45
C8 NAG S . 1.78 8.83 -36.28
N2 NAG S . 3.38 9.15 -38.05
O3 NAG S . 1.91 10.01 -40.37
O4 NAG S . 3.28 9.56 -42.88
O5 NAG S . 6.01 9.99 -40.50
O6 NAG S . 6.28 11.57 -42.73
O7 NAG S . 1.72 10.64 -37.83
H1 NAG S . 5.50 8.42 -39.43
H2 NAG S . 3.96 10.76 -39.07
H3 NAG S . 3.15 8.49 -40.56
H4 NAG S . 3.91 11.00 -41.65
H5 NAG S . 5.40 8.60 -41.77
H61 NAG S . 7.05 9.77 -42.87
H62 NAG S . 5.72 9.97 -43.70
H81 NAG S . 1.02 8.29 -36.56
H82 NAG S . 1.50 9.43 -35.57
H83 NAG S . 2.49 8.24 -35.95
HN2 NAG S . 3.75 8.39 -37.73
HO3 NAG S . 1.94 10.79 -39.95
HO6 NAG S . 6.77 11.89 -43.40
C1 BMA S . 2.38 10.55 -43.44
C2 BMA S . 3.21 11.49 -44.32
C3 BMA S . 2.31 12.51 -44.99
C4 BMA S . 1.04 11.86 -45.62
C5 BMA S . 0.37 10.83 -44.66
C6 BMA S . -0.72 10.01 -45.32
O2 BMA S . 3.84 10.77 -45.36
O3 BMA S . 3.08 13.22 -46.00
O4 BMA S . 0.10 12.86 -45.95
O5 BMA S . 1.37 9.93 -44.19
O6 BMA S . -1.72 9.64 -44.33
H1 BMA S . 1.90 11.13 -42.63
H2 BMA S . 3.96 12.01 -43.70
H3 BMA S . 1.98 13.22 -44.24
H4 BMA S . 1.37 11.30 -46.52
H5 BMA S . -0.08 11.38 -43.81
H61 BMA S . -1.16 10.62 -46.13
H62 BMA S . -0.24 9.14 -45.79
HO2 BMA S . 3.86 9.84 -45.07
HO4 BMA S . -0.28 12.59 -46.80
C1 MAN S . 2.77 14.62 -46.21
C2 MAN S . 2.19 14.73 -47.63
C3 MAN S . 3.30 14.53 -48.67
C4 MAN S . 4.47 15.48 -48.41
C5 MAN S . 5.01 15.23 -47.00
C6 MAN S . 6.16 16.17 -46.63
O2 MAN S . 1.66 16.06 -47.87
O3 MAN S . 2.83 14.70 -50.01
O4 MAN S . 5.50 15.26 -49.37
O5 MAN S . 3.94 15.44 -46.04
O6 MAN S . 6.87 15.62 -45.52
H1 MAN S . 2.06 15.03 -45.50
H2 MAN S . 1.44 13.95 -47.74
H3 MAN S . 3.67 13.51 -48.59
H4 MAN S . 4.09 16.51 -48.46
H5 MAN S . 5.38 14.20 -46.94
H61 MAN S . 6.81 16.30 -47.51
H62 MAN S . 5.71 17.15 -46.39
HO3 MAN S . 3.63 14.75 -50.56
HO4 MAN S . 5.80 14.36 -49.21
HO6 MAN S . 7.53 16.25 -45.25
C1 MAN S . 0.44 15.98 -48.64
C2 MAN S . 0.25 17.37 -49.39
C3 MAN S . -0.34 18.43 -48.43
C4 MAN S . -1.51 17.85 -47.64
C5 MAN S . -1.02 16.64 -46.86
C6 MAN S . -2.07 16.03 -45.95
O2 MAN S . -0.68 17.35 -50.52
O3 MAN S . -0.73 19.61 -49.12
O4 MAN S . -2.02 18.83 -46.74
O5 MAN S . -0.65 15.64 -47.80
O6 MAN S . -1.47 14.94 -45.25
H1 MAN S . 0.50 15.17 -49.34
H2 MAN S . 1.23 17.73 -49.69
H3 MAN S . 0.45 18.72 -47.72
H4 MAN S . -2.29 17.52 -48.35
H5 MAN S . -0.15 16.92 -46.25
H61 MAN S . -2.43 16.80 -45.26
H62 MAN S . -2.92 15.70 -46.57
HO3 MAN S . -1.32 19.30 -49.83
HO4 MAN S . -1.96 19.67 -47.23
HO6 MAN S . -1.03 14.38 -45.90
C1 MAN S . -2.55 8.52 -44.75
C2 MAN S . -3.66 9.04 -45.73
C3 MAN S . -4.73 9.84 -44.96
C4 MAN S . -5.28 8.99 -43.81
C5 MAN S . -4.12 8.58 -42.88
C6 MAN S . -4.58 7.70 -41.69
O2 MAN S . -4.37 7.96 -46.34
O3 MAN S . -5.83 10.27 -45.80
O4 MAN S . -6.24 9.74 -43.08
O5 MAN S . -3.13 7.84 -43.63
O6 MAN S . -5.57 6.77 -42.13
H1 MAN S . -1.96 7.74 -45.26
H2 MAN S . -3.20 9.66 -46.49
H3 MAN S . -4.27 10.73 -44.52
H4 MAN S . -5.73 8.08 -44.23
H5 MAN S . -3.67 9.49 -42.47
H61 MAN S . -4.97 8.37 -40.91
H62 MAN S . -3.68 7.21 -41.29
HO2 MAN S . -4.23 7.99 -47.30
HO4 MAN S . -6.77 9.08 -42.61
C1 NAG T . 19.09 29.02 -24.07
C2 NAG T . 19.15 29.46 -22.62
C3 NAG T . 19.32 30.98 -22.53
C4 NAG T . 20.51 31.44 -23.37
C5 NAG T . 20.42 30.88 -24.79
C6 NAG T . 21.65 31.16 -25.61
C7 NAG T . 17.90 28.90 -20.59
C8 NAG T . 16.57 28.49 -20.01
N2 NAG T . 17.94 29.07 -21.91
O3 NAG T . 19.53 31.35 -21.17
O4 NAG T . 20.50 32.86 -23.45
O5 NAG T . 20.26 29.45 -24.74
O6 NAG T . 22.81 30.62 -25.00
O7 NAG T . 18.89 29.07 -19.88
H1 NAG T . 18.32 29.43 -24.50
H2 NAG T . 19.91 29.04 -22.20
H3 NAG T . 18.51 31.41 -22.86
H4 NAG T . 21.34 31.13 -22.95
H5 NAG T . 19.64 31.27 -25.23
H61 NAG T . 21.54 30.75 -26.49
H62 NAG T . 21.76 32.12 -25.71
H81 NAG T . 16.10 29.28 -19.69
H82 NAG T . 16.04 28.06 -20.71
H83 NAG T . 16.71 27.87 -19.27
HN2 NAG T . 17.18 28.92 -22.40
HO3 NAG T . 18.73 31.49 -20.79
HO6 NAG T . 23.33 30.25 -25.61
C1 NAG T . 21.77 33.45 -23.08
C2 NAG T . 21.63 34.94 -23.31
C3 NAG T . 22.91 35.67 -22.89
C4 NAG T . 23.26 35.32 -21.45
C5 NAG T . 23.32 33.80 -21.29
C6 NAG T . 23.52 33.37 -19.84
C7 NAG T . 22.06 34.93 -25.75
C8 NAG T . 21.54 35.34 -27.09
N2 NAG T . 21.30 35.25 -24.70
O3 NAG T . 22.69 37.07 -23.02
O4 NAG T . 24.53 35.84 -21.08
O5 NAG T . 22.08 33.20 -21.72
O6 NAG T . 24.74 33.86 -19.32
O7 NAG T . 23.13 34.34 -25.62
H1 NAG T . 22.48 33.08 -23.64
H2 NAG T . 20.91 35.27 -22.75
H3 NAG T . 23.66 35.41 -23.46
H4 NAG T . 22.55 35.64 -20.86
H5 NAG T . 24.05 33.45 -21.82
H61 NAG T . 22.78 33.71 -19.30
H62 NAG T . 23.53 32.40 -19.80
H81 NAG T . 21.85 34.70 -27.77
H82 NAG T . 20.57 35.35 -27.07
H83 NAG T . 21.89 36.23 -27.31
HN2 NAG T . 20.51 35.69 -24.87
HO3 NAG T . 22.68 37.29 -23.89
HO6 NAG T . 24.71 34.75 -19.26
C1 BMA T . 24.73 37.27 -20.87
C2 BMA T . 23.69 37.89 -19.89
C3 BMA T . 24.07 39.32 -19.46
C4 BMA T . 25.59 39.46 -19.15
C5 BMA T . 26.45 38.81 -20.26
C6 BMA T . 27.94 38.82 -19.94
O2 BMA T . 23.63 37.12 -18.70
O3 BMA T . 23.25 39.72 -18.33
O4 BMA T . 25.94 40.83 -19.05
O5 BMA T . 26.04 37.45 -20.39
O6 BMA T . 28.65 39.19 -21.13
H1 BMA T . 24.67 37.79 -21.84
H2 BMA T . 22.71 37.91 -20.39
H3 BMA T . 23.84 40.00 -20.28
H4 BMA T . 25.79 38.92 -18.20
H5 BMA T . 26.29 39.35 -21.20
H61 BMA T . 28.07 39.51 -19.12
H62 BMA T . 28.21 37.82 -19.59
HO2 BMA T . 23.15 37.65 -18.06
HO4 BMA T . 26.43 40.90 -18.21
C1 MAN T . 23.01 41.15 -18.14
C2 MAN T . 21.99 41.28 -16.97
C3 MAN T . 20.66 40.73 -17.45
C4 MAN T . 20.19 41.48 -18.71
C5 MAN T . 21.26 41.38 -19.82
C6 MAN T . 20.93 42.27 -21.02
O2 MAN T . 21.74 42.67 -16.63
O3 MAN T . 19.67 40.80 -16.44
O4 MAN T . 18.98 40.90 -19.18
O5 MAN T . 22.55 41.82 -19.30
O6 MAN T . 21.98 42.14 -21.97
H1 MAN T . 23.94 41.67 -17.87
H2 MAN T . 22.33 40.67 -16.13
H3 MAN T . 20.77 39.68 -17.70
H4 MAN T . 20.05 42.54 -18.46
H5 MAN T . 21.32 40.35 -20.16
H61 MAN T . 20.84 43.31 -20.66
H62 MAN T . 19.97 41.94 -21.41
HO3 MAN T . 18.85 40.49 -16.87
HO4 MAN T . 19.21 39.98 -19.40
HO6 MAN T . 21.93 42.90 -22.56
C1 MAN T . 30.09 39.28 -20.99
C2 MAN T . 30.52 40.40 -20.01
C3 MAN T . 29.89 41.68 -20.48
C4 MAN T . 30.37 42.02 -21.91
C5 MAN T . 30.21 40.79 -22.88
C6 MAN T . 30.96 40.92 -24.23
O2 MAN T . 31.94 40.62 -20.07
O3 MAN T . 30.15 42.79 -19.60
O4 MAN T . 29.62 43.12 -22.42
O5 MAN T . 30.67 39.56 -22.24
O6 MAN T . 31.82 42.07 -24.24
H1 MAN T . 30.52 38.31 -20.69
H2 MAN T . 30.22 40.16 -18.99
H3 MAN T . 28.83 41.51 -20.52
H4 MAN T . 31.41 42.28 -21.83
H5 MAN T . 29.14 40.69 -23.12
H61 MAN T . 31.53 39.98 -24.41
H62 MAN T . 30.20 40.98 -25.02
HO2 MAN T . 32.37 40.02 -19.46
HO4 MAN T . 30.10 43.41 -23.20
C1 NAG U . 19.51 -34.66 -8.25
C2 NAG U . 20.79 -35.27 -8.75
C3 NAG U . 21.92 -34.25 -8.71
C4 NAG U . 21.52 -33.02 -9.52
C5 NAG U . 20.18 -32.48 -9.02
C6 NAG U . 19.63 -31.37 -9.89
C7 NAG U . 21.81 -37.49 -8.51
C8 NAG U . 22.09 -38.62 -7.59
N2 NAG U . 21.14 -36.45 -7.99
O3 NAG U . 23.10 -34.84 -9.23
O4 NAG U . 22.49 -31.98 -9.40
O5 NAG U . 19.19 -33.52 -9.04
O6 NAG U . 19.21 -31.89 -11.15
O7 NAG U . 22.17 -37.49 -9.69
H1 NAG U . 19.64 -34.39 -7.32
H2 NAG U . 20.65 -35.53 -9.69
H3 NAG U . 22.07 -33.99 -7.78
H4 NAG U . 21.39 -33.28 -10.45
H5 NAG U . 20.28 -32.15 -8.11
H61 NAG U . 18.88 -30.95 -9.44
H62 NAG U . 20.33 -30.71 -10.04
H81 NAG U . 22.35 -38.28 -6.72
H82 NAG U . 21.30 -39.18 -7.50
H83 NAG U . 22.84 -39.15 -7.96
HN2 NAG U . 20.90 -36.49 -7.12
HO3 NAG U . 23.78 -34.64 -8.70
HO6 NAG U . 18.32 -31.94 -11.16
C1 NAG U . 23.61 -32.21 -10.30
C2 NAG U . 24.40 -30.93 -10.48
C3 NAG U . 25.53 -31.18 -11.46
C4 NAG U . 26.36 -32.39 -11.06
C5 NAG U . 25.51 -33.58 -10.60
C6 NAG U . 26.32 -34.59 -9.81
C7 NAG U . 22.88 -29.03 -10.12
C8 NAG U . 22.05 -27.97 -10.76
N2 NAG U . 23.55 -29.84 -10.95
O3 NAG U . 26.36 -30.03 -11.49
O4 NAG U . 27.07 -32.89 -12.19
O5 NAG U . 24.45 -33.18 -9.73
O6 NAG U . 26.79 -34.03 -8.59
O7 NAG U . 22.96 -29.16 -8.89
H1 NAG U . 23.32 -32.50 -11.18
H2 NAG U . 24.79 -30.68 -9.62
H3 NAG U . 25.16 -31.32 -12.35
H4 NAG U . 26.98 -32.14 -10.35
H5 NAG U . 25.13 -34.02 -11.38
H61 NAG U . 25.76 -35.36 -9.60
H62 NAG U . 27.08 -34.88 -10.35
H81 NAG U . 21.54 -27.50 -10.07
H82 NAG U . 21.45 -28.38 -11.41
H83 NAG U . 22.64 -27.33 -11.21
HN2 NAG U . 23.46 -29.71 -11.84
HO3 NAG U . 26.62 -29.85 -12.32
HO6 NAG U . 27.40 -34.57 -8.24
C1 BMA U . 28.14 -32.06 -12.69
C2 BMA U . 29.03 -33.03 -13.47
C3 BMA U . 30.01 -32.33 -14.40
C4 BMA U . 29.43 -31.05 -15.08
C5 BMA U . 28.61 -30.20 -14.07
C6 BMA U . 27.87 -29.04 -14.73
O2 BMA U . 28.23 -33.86 -14.30
O3 BMA U . 30.42 -33.24 -15.42
O4 BMA U . 30.49 -30.27 -15.61
O5 BMA U . 27.64 -31.04 -13.49
O6 BMA U . 28.64 -27.86 -14.52
H1 BMA U . 28.71 -31.63 -11.85
H2 BMA U . 29.59 -33.64 -12.75
H3 BMA U . 30.90 -32.04 -13.84
H4 BMA U . 28.74 -31.38 -15.87
H5 BMA U . 29.28 -29.81 -13.30
H61 BMA U . 27.74 -29.25 -15.80
H62 BMA U . 26.88 -28.98 -14.27
HO2 BMA U . 27.35 -33.88 -13.89
HO4 BMA U . 30.15 -29.90 -16.43
C1 MAN U . 31.84 -33.26 -15.65
C2 MAN U . 32.05 -33.90 -17.07
C3 MAN U . 32.06 -35.44 -17.02
C4 MAN U . 32.95 -35.93 -15.89
C5 MAN U . 32.41 -35.38 -14.57
C6 MAN U . 33.15 -35.90 -13.35
O2 MAN U . 33.34 -33.55 -17.65
O3 MAN U . 32.46 -36.01 -18.25
O4 MAN U . 32.94 -37.35 -15.86
O5 MAN U . 32.55 -33.94 -14.60
O6 MAN U . 32.49 -35.42 -12.19
H1 MAN U . 32.25 -32.25 -15.65
H2 MAN U . 31.21 -33.60 -17.71
H3 MAN U . 31.03 -35.78 -16.82
H4 MAN U . 33.96 -35.54 -16.05
H5 MAN U . 31.36 -35.66 -14.47
H61 MAN U . 33.18 -37.00 -13.38
H62 MAN U . 34.19 -35.53 -13.40
HO3 MAN U . 31.73 -35.81 -18.88
HO4 MAN U . 32.55 -37.62 -16.71
HO6 MAN U . 32.58 -36.10 -11.50
C1 MAN U . 27.82 -26.70 -14.30
C2 MAN U . 28.65 -25.46 -14.71
C3 MAN U . 29.85 -25.38 -13.79
C4 MAN U . 29.40 -25.30 -12.33
C5 MAN U . 28.48 -26.50 -11.99
C6 MAN U . 27.85 -26.38 -10.61
O2 MAN U . 27.92 -24.25 -14.53
O3 MAN U . 30.72 -24.26 -14.10
O4 MAN U . 30.54 -25.33 -11.48
O5 MAN U . 27.41 -26.61 -12.95
O6 MAN U . 27.16 -25.13 -10.54
H1 MAN U . 26.88 -26.75 -14.89
H2 MAN U . 28.97 -25.58 -15.75
H3 MAN U . 30.43 -26.30 -13.91
H4 MAN U . 28.83 -24.37 -12.19
H5 MAN U . 29.08 -27.43 -12.01
H61 MAN U . 27.18 -27.24 -10.44
H62 MAN U . 28.67 -26.43 -9.87
HO2 MAN U . 27.34 -24.12 -15.29
HO4 MAN U . 30.97 -24.48 -11.62
C1 NAG V . 10.24 -45.81 4.95
C2 NAG V . 11.72 -45.86 4.60
C3 NAG V . 11.95 -46.72 3.36
C4 NAG V . 11.28 -48.08 3.51
C5 NAG V . 9.83 -47.92 3.94
C6 NAG V . 9.15 -49.22 4.26
C7 NAG V . 13.50 -44.16 4.68
C8 NAG V . 13.86 -42.74 4.40
N2 NAG V . 12.24 -44.52 4.39
O3 NAG V . 13.35 -46.89 3.19
O4 NAG V . 11.28 -48.76 2.27
O5 NAG V . 9.75 -47.11 5.12
O6 NAG V . 7.77 -49.19 3.93
O7 NAG V . 14.31 -44.97 5.13
H1 NAG V . 9.76 -45.38 4.21
H2 NAG V . 12.18 -46.27 5.35
H3 NAG V . 11.58 -46.26 2.58
H4 NAG V . 11.76 -48.58 4.21
H5 NAG V . 9.34 -47.47 3.23
H61 NAG V . 9.25 -49.42 5.21
H62 NAG V . 9.58 -49.94 3.75
H81 NAG V . 14.71 -42.53 4.82
H82 NAG V . 13.94 -42.60 3.44
H83 NAG V . 13.16 -42.15 4.75
HN2 NAG V . 11.67 -43.88 4.05
HO3 NAG V . 13.50 -47.67 2.79
HO6 NAG V . 7.39 -48.50 4.34
C1 NAG V . 12.12 -49.94 2.30
C2 NAG V . 11.82 -50.76 1.05
C3 NAG V . 12.74 -51.97 0.99
C4 NAG V . 14.19 -51.56 1.14
C5 NAG V . 14.37 -50.70 2.38
C6 NAG V . 15.76 -50.15 2.53
C7 NAG V . 9.78 -51.54 -0.07
C8 NAG V . 8.34 -51.94 0.12
N2 NAG V . 10.43 -51.17 1.04
O3 NAG V . 12.54 -52.64 -0.26
O4 NAG V . 15.01 -52.71 1.29
O5 NAG V . 13.49 -49.57 2.32
O6 NAG V . 16.15 -49.39 1.41
O7 NAG V . 10.33 -51.56 -1.16
H1 NAG V . 11.91 -50.49 3.08
H2 NAG V . 11.99 -50.20 0.27
H3 NAG V . 12.51 -52.58 1.71
H4 NAG V . 14.46 -51.02 0.37
H5 NAG V . 14.14 -51.23 3.18
H61 NAG V . 15.80 -49.58 3.34
H62 NAG V . 16.39 -50.89 2.65
H81 NAG V . 7.93 -52.07 -0.76
H82 NAG V . 8.30 -52.78 0.62
H83 NAG V . 7.87 -51.25 0.60
HN2 NAG V . 9.97 -51.18 1.84
HO3 NAG V . 12.27 -52.05 -0.87
HO6 NAG V . 16.81 -48.84 1.63
C1 BMA V . 15.37 -53.39 0.07
C2 BMA V . 16.83 -53.83 0.29
C3 BMA V . 17.28 -54.74 -0.79
C4 BMA V . 16.27 -55.87 -1.01
C5 BMA V . 14.87 -55.29 -1.27
C6 BMA V . 13.78 -56.35 -1.44
O2 BMA V . 16.93 -54.58 1.48
O3 BMA V . 18.55 -55.27 -0.43
O4 BMA V . 16.65 -56.65 -2.12
O5 BMA V . 14.53 -54.49 -0.14
O6 BMA V . 13.63 -57.01 -0.17
H1 BMA V . 15.33 -52.73 -0.80
H2 BMA V . 17.46 -52.94 0.34
H3 BMA V . 17.41 -54.19 -1.74
H4 BMA V . 16.22 -56.48 -0.10
H5 BMA V . 14.90 -54.66 -2.18
H61 BMA V . 14.09 -57.03 -2.24
H62 BMA V . 12.87 -55.84 -1.75
HO2 BMA V . 16.26 -54.23 2.08
HO4 BMA V . 16.82 -56.02 -2.84
C1 MAN V . 19.49 -55.41 -1.51
C2 MAN V . 20.70 -56.10 -0.87
C3 MAN V . 21.38 -55.12 0.08
C4 MAN V . 21.82 -53.87 -0.67
C5 MAN V . 20.59 -53.21 -1.35
C6 MAN V . 20.95 -52.04 -2.28
O2 MAN V . 21.70 -56.43 -1.85
O3 MAN V . 22.50 -55.70 0.72
O4 MAN V . 22.39 -52.95 0.24
O5 MAN V . 19.86 -54.18 -2.15
O6 MAN V . 22.23 -52.26 -2.86
H1 MAN V . 19.08 -56.03 -2.32
H2 MAN V . 20.35 -56.96 -0.30
H3 MAN V . 20.67 -54.82 0.85
H4 MAN V . 22.54 -54.17 -1.43
H5 MAN V . 19.93 -52.82 -0.56
H61 MAN V . 20.20 -51.98 -3.05
H62 MAN V . 20.93 -51.13 -1.68
HO3 MAN V . 22.74 -55.08 1.43
HO4 MAN V . 22.73 -52.22 -0.30
HO6 MAN V . 22.90 -51.93 -2.26
C1 MAN V . 21.53 -57.76 -2.42
C2 MAN V . 22.92 -58.19 -2.95
C3 MAN V . 23.27 -57.38 -4.16
C4 MAN V . 22.15 -57.44 -5.19
C5 MAN V . 20.85 -56.95 -4.56
C6 MAN V . 19.68 -57.08 -5.50
O2 MAN V . 22.92 -59.55 -3.42
O3 MAN V . 24.49 -57.83 -4.74
O4 MAN V . 22.46 -56.61 -6.30
O5 MAN V . 20.55 -57.76 -3.43
O6 MAN V . 18.49 -57.04 -4.73
H1 MAN V . 21.17 -58.47 -1.69
H2 MAN V . 23.67 -58.02 -2.17
H3 MAN V . 23.42 -56.34 -3.86
H4 MAN V . 22.01 -58.49 -5.52
H5 MAN V . 20.96 -55.90 -4.27
H61 MAN V . 19.72 -56.27 -6.22
H62 MAN V . 19.77 -58.03 -6.05
HO3 MAN V . 24.51 -57.43 -5.63
HO4 MAN V . 22.34 -57.17 -7.08
HO6 MAN V . 18.47 -57.83 -4.18
C1 MAN V . 22.87 -60.50 -2.33
C2 MAN V . 23.93 -61.58 -2.63
C3 MAN V . 23.48 -62.45 -3.80
C4 MAN V . 22.03 -62.94 -3.61
C5 MAN V . 21.10 -61.76 -3.36
C6 MAN V . 19.68 -62.17 -3.08
O2 MAN V . 24.10 -62.46 -1.52
O3 MAN V . 24.35 -63.56 -3.99
O4 MAN V . 21.60 -63.63 -4.77
O5 MAN V . 21.57 -61.04 -2.21
O6 MAN V . 19.07 -61.14 -2.30
H1 MAN V . 23.07 -60.03 -1.36
H2 MAN V . 24.88 -61.08 -2.89
H3 MAN V . 23.52 -61.86 -4.73
H4 MAN V . 22.00 -63.60 -2.73
H5 MAN V . 21.11 -61.10 -4.25
H61 MAN V . 19.68 -63.13 -2.54
H62 MAN V . 19.16 -62.31 -4.05
HO2 MAN V . 24.45 -63.30 -1.83
HO3 MAN V . 25.22 -63.25 -3.70
HO4 MAN V . 22.38 -64.11 -5.08
HO6 MAN V . 18.35 -61.54 -1.79
C1 MAN V . 12.94 -58.29 -0.18
C2 MAN V . 13.23 -58.97 1.18
C3 MAN V . 14.72 -59.31 1.22
C4 MAN V . 15.07 -60.26 0.08
C5 MAN V . 14.72 -59.59 -1.25
C6 MAN V . 14.92 -60.51 -2.45
O2 MAN V . 12.53 -60.20 1.34
O3 MAN V . 15.18 -59.84 2.50
O4 MAN V . 16.44 -60.57 0.10
O5 MAN V . 13.34 -59.15 -1.26
O6 MAN V . 14.18 -61.71 -2.22
H1 MAN V . 11.86 -58.16 -0.32
H2 MAN V . 12.98 -58.27 1.99
H3 MAN V . 15.22 -58.36 1.03
H4 MAN V . 14.47 -61.18 0.18
H5 MAN V . 15.39 -58.73 -1.39
H61 MAN V . 16.00 -60.71 -2.55
H62 MAN V . 14.57 -59.97 -3.34
HO2 MAN V . 11.58 -60.02 1.31
HO4 MAN V . 16.50 -61.50 -0.15
C1 MAN V . 16.52 -59.41 2.88
C2 MAN V . 17.36 -60.64 3.36
C3 MAN V . 16.82 -61.12 4.69
C4 MAN V . 16.75 -59.96 5.69
C5 MAN V . 15.88 -58.85 5.12
C6 MAN V . 15.79 -57.64 6.02
O2 MAN V . 18.81 -60.36 3.62
O3 MAN V . 17.61 -62.18 5.22
O4 MAN V . 16.18 -60.43 6.91
O5 MAN V . 16.45 -58.41 3.87
O6 MAN V . 17.07 -57.03 6.08
H1 MAN V . 17.02 -58.94 2.05
H2 MAN V . 17.24 -61.45 2.63
H3 MAN V . 15.81 -61.51 4.55
H4 MAN V . 17.76 -59.57 5.84
H5 MAN V . 14.86 -59.23 4.95
H61 MAN V . 15.03 -56.95 5.61
H62 MAN V . 15.44 -57.98 7.01
HO3 MAN V . 17.29 -62.30 6.13
HO4 MAN V . 16.55 -59.84 7.59
HO6 MAN V . 17.00 -56.24 6.64
C1 MAN V . 19.58 -59.63 2.62
C2 MAN V . 19.70 -60.45 1.26
C3 MAN V . 20.83 -61.46 1.33
C4 MAN V . 22.12 -60.78 1.74
C5 MAN V . 21.95 -60.20 3.15
C6 MAN V . 23.18 -59.45 3.62
O2 MAN V . 20.02 -59.59 0.17
O3 MAN V . 21.01 -62.13 0.08
O4 MAN V . 23.18 -61.72 1.74
O5 MAN V . 20.86 -59.25 3.16
O6 MAN V . 22.91 -58.93 4.92
H1 MAN V . 19.15 -58.64 2.43
H2 MAN V . 18.77 -60.97 1.04
H3 MAN V . 20.59 -62.22 2.06
H4 MAN V . 22.33 -59.95 1.05
H5 MAN V . 21.74 -61.02 3.85
H61 MAN V . 24.03 -60.16 3.62
H62 MAN V . 23.39 -58.66 2.89
HO2 MAN V . 19.50 -59.86 -0.60
HO3 MAN V . 20.76 -61.48 -0.60
HO4 MAN V . 23.17 -62.11 0.85
HO6 MAN V . 23.56 -58.22 5.08
C1 MAN V . 14.70 -62.73 -3.09
C2 MAN V . 13.56 -63.82 -3.29
C3 MAN V . 13.53 -64.82 -2.13
C4 MAN V . 14.93 -65.26 -1.68
C5 MAN V . 15.74 -64.01 -1.35
C6 MAN V . 17.12 -64.31 -0.81
O2 MAN V . 13.71 -64.64 -4.49
O3 MAN V . 12.75 -65.97 -2.46
O4 MAN V . 14.83 -66.08 -0.54
O5 MAN V . 15.90 -63.28 -2.57
O6 MAN V . 17.75 -63.07 -0.47
H1 MAN V . 15.00 -62.28 -4.04
H2 MAN V . 12.60 -63.31 -3.28
H3 MAN V . 13.03 -64.36 -1.27
H4 MAN V . 15.42 -65.78 -2.52
H5 MAN V . 15.20 -63.42 -0.62
H61 MAN V . 17.03 -64.97 0.07
H62 MAN V . 17.68 -64.86 -1.58
HO3 MAN V . 12.49 -66.36 -1.61
HO4 MAN V . 14.51 -66.93 -0.86
HO6 MAN V . 18.55 -63.27 0.02
C1 MAN V . 13.73 -63.98 -5.79
C2 MAN V . 12.52 -63.00 -6.00
C3 MAN V . 11.24 -63.81 -5.99
C4 MAN V . 11.28 -64.92 -7.05
C5 MAN V . 12.53 -65.81 -6.85
C6 MAN V . 12.71 -66.82 -7.95
O2 MAN V . 12.58 -62.42 -7.31
O3 MAN V . 10.10 -62.97 -6.18
O4 MAN V . 10.11 -65.73 -6.96
O5 MAN V . 13.72 -64.97 -6.80
O6 MAN V . 11.57 -67.68 -7.96
H1 MAN V . 14.67 -63.46 -5.95
H2 MAN V . 12.51 -62.22 -5.25
H3 MAN V . 11.12 -64.26 -5.00
H4 MAN V . 11.35 -64.46 -8.05
H5 MAN V . 12.42 -66.35 -5.90
H61 MAN V . 12.81 -66.29 -8.91
H62 MAN V . 13.64 -67.37 -7.75
HO2 MAN V . 11.78 -61.90 -7.44
HO3 MAN V . 9.34 -63.58 -6.18
HO4 MAN V . 10.09 -66.24 -7.78
HO6 MAN V . 11.70 -68.34 -8.64
C1 NAG W . 6.91 -32.02 -21.17
C2 NAG W . 8.19 -32.75 -21.53
C3 NAG W . 9.05 -31.90 -22.45
C4 NAG W . 8.24 -31.36 -23.63
C5 NAG W . 6.92 -30.76 -23.16
C6 NAG W . 5.99 -30.44 -24.32
C7 NAG W . 8.74 -34.26 -19.67
C8 NAG W . 9.60 -34.48 -18.46
N2 NAG W . 8.94 -33.11 -20.34
O3 NAG W . 10.13 -32.69 -22.93
O4 NAG W . 9.00 -30.33 -24.25
O5 NAG W . 6.21 -31.69 -22.33
O6 NAG W . 4.64 -30.39 -23.89
O7 NAG W . 7.90 -35.07 -20.01
H1 NAG W . 7.14 -31.21 -20.68
H2 NAG W . 7.95 -33.56 -22.01
H3 NAG W . 9.41 -31.14 -21.95
H4 NAG W . 8.06 -32.09 -24.25
H5 NAG W . 7.11 -29.95 -22.67
H61 NAG W . 6.24 -29.56 -24.69
H62 NAG W . 6.08 -31.12 -25.01
H81 NAG W . 9.36 -35.31 -18.03
H82 NAG W . 9.47 -33.74 -17.84
H83 NAG W . 10.54 -34.50 -18.74
HN2 NAG W . 9.58 -32.54 -20.04
HO3 NAG W . 10.71 -32.16 -23.36
HO6 NAG W . 4.12 -30.21 -24.59
C1 NAG W . 9.06 -30.39 -25.69
C2 NAG W . 10.10 -29.36 -26.12
C3 NAG W . 10.29 -29.38 -27.63
C4 NAG W . 10.56 -30.80 -28.12
C5 NAG W . 9.48 -31.74 -27.61
C6 NAG W . 9.74 -33.18 -27.98
C7 NAG W . 10.58 -27.01 -25.56
C8 NAG W . 10.02 -25.70 -25.10
N2 NAG W . 9.71 -28.02 -25.68
O3 NAG W . 11.38 -28.54 -27.98
O4 NAG W . 10.55 -30.83 -29.55
O5 NAG W . 9.43 -31.68 -26.18
O6 NAG W . 10.91 -33.68 -27.33
O7 NAG W . 11.77 -27.15 -25.82
H1 NAG W . 8.19 -30.15 -26.06
H2 NAG W . 10.95 -29.58 -25.71
H3 NAG W . 9.48 -29.05 -28.06
H4 NAG W . 11.41 -31.10 -27.76
H5 NAG W . 8.62 -31.47 -27.97
H61 NAG W . 8.97 -33.73 -27.70
H62 NAG W . 9.86 -33.25 -28.95
H81 NAG W . 9.88 -25.13 -25.88
H82 NAG W . 9.17 -25.86 -24.66
H83 NAG W . 10.64 -25.28 -24.48
HN2 NAG W . 8.84 -27.86 -25.48
HO3 NAG W . 12.01 -28.59 -27.37
HO6 NAG W . 11.00 -34.55 -27.51
C1 BMA W . 11.89 -30.82 -30.09
C2 BMA W . 12.39 -32.27 -30.11
C3 BMA W . 13.77 -32.34 -30.74
C4 BMA W . 13.86 -31.53 -32.08
C5 BMA W . 13.21 -30.12 -31.93
C6 BMA W . 13.07 -29.39 -33.27
O2 BMA W . 11.55 -33.08 -30.92
O3 BMA W . 14.10 -33.74 -30.96
O4 BMA W . 15.21 -31.37 -32.45
O5 BMA W . 11.89 -30.27 -31.39
O6 BMA W . 13.23 -27.95 -33.05
H1 BMA W . 12.57 -30.21 -29.46
H2 BMA W . 12.44 -32.66 -29.09
H3 BMA W . 14.48 -31.92 -30.04
H4 BMA W . 13.29 -32.08 -32.84
H5 BMA W . 13.83 -29.50 -31.27
H61 BMA W . 13.84 -29.78 -33.95
H62 BMA W . 12.10 -29.64 -33.68
HO2 BMA W . 10.70 -32.59 -30.98
HO4 BMA W . 15.22 -31.49 -33.42
C1 MAN W . 15.49 -34.13 -30.81
C2 MAN W . 16.00 -34.56 -32.20
C3 MAN W . 15.37 -35.89 -32.60
C4 MAN W . 15.60 -36.94 -31.52
C5 MAN W . 15.02 -36.45 -30.19
C6 MAN W . 15.28 -37.42 -29.03
O2 MAN W . 17.42 -34.77 -32.17
O3 MAN W . 15.85 -36.37 -33.86
O4 MAN W . 14.98 -38.17 -31.88
O5 MAN W . 15.63 -35.17 -29.85
O6 MAN W . 14.39 -37.09 -27.96
H1 MAN W . 16.13 -33.33 -30.41
H2 MAN W . 15.70 -33.78 -32.91
H3 MAN W . 14.29 -35.76 -32.71
H4 MAN W . 16.69 -37.08 -31.38
H5 MAN W . 13.93 -36.33 -30.30
H61 MAN W . 16.33 -37.33 -28.73
H62 MAN W . 15.10 -38.44 -29.40
HO3 MAN W . 15.56 -37.30 -33.91
HO4 MAN W . 14.02 -37.97 -31.90
HO6 MAN W . 14.61 -37.66 -27.22
C1 MAN W . 18.04 -34.33 -33.39
C2 MAN W . 19.36 -35.20 -33.59
C3 MAN W . 20.52 -34.62 -32.75
C4 MAN W . 20.59 -33.10 -32.87
C5 MAN W . 19.26 -32.52 -32.40
C6 MAN W . 19.22 -31.00 -32.36
O2 MAN W . 19.88 -35.24 -34.96
O3 MAN W . 21.77 -35.20 -33.12
O4 MAN W . 21.64 -32.60 -32.06
O5 MAN W . 18.28 -32.94 -33.35
O6 MAN W . 17.94 -30.60 -31.88
H1 MAN W . 17.38 -34.46 -34.23
H2 MAN W . 19.15 -36.20 -33.21
H3 MAN W . 20.36 -34.87 -31.70
H4 MAN W . 20.74 -32.83 -33.93
H5 MAN W . 19.02 -32.91 -31.41
H61 MAN W . 20.04 -30.65 -31.70
H62 MAN W . 19.42 -30.63 -33.38
HO3 MAN W . 21.88 -35.00 -34.06
HO4 MAN W . 22.34 -33.26 -32.12
HO6 MAN W . 17.28 -31.08 -32.39
C1 MAN W . 12.72 -27.14 -34.14
C2 MAN W . 13.74 -27.12 -35.32
C3 MAN W . 14.96 -26.26 -34.96
C4 MAN W . 14.49 -24.85 -34.54
C5 MAN W . 13.55 -24.97 -33.35
C6 MAN W . 13.02 -23.62 -32.84
O2 MAN W . 13.17 -26.54 -36.48
O3 MAN W . 15.91 -26.14 -36.04
O4 MAN W . 15.61 -24.06 -34.20
O5 MAN W . 12.41 -25.80 -33.70
O6 MAN W . 12.64 -22.81 -33.98
H1 MAN W . 11.75 -27.53 -34.48
H2 MAN W . 14.05 -28.14 -35.52
H3 MAN W . 15.47 -26.69 -34.10
H4 MAN W . 13.93 -24.41 -35.39
H5 MAN W . 14.10 -25.44 -32.51
H61 MAN W . 12.18 -23.82 -32.16
H62 MAN W . 13.82 -23.15 -32.26
HO2 MAN W . 13.15 -27.19 -37.19
HO4 MAN W . 15.31 -23.14 -34.30
C1 NAG X . 18.55 -38.04 -0.40
C2 NAG X . 18.83 -37.54 1.01
C3 NAG X . 20.04 -38.26 1.59
C4 NAG X . 19.89 -39.77 1.48
C5 NAG X . 19.55 -40.16 0.06
C6 NAG X . 19.22 -41.63 -0.09
C7 NAG X . 18.73 -35.32 2.04
C8 NAG X . 19.03 -33.86 1.88
N2 NAG X . 19.05 -36.10 1.01
O3 NAG X . 20.20 -37.88 2.96
O4 NAG X . 21.12 -40.40 1.83
O5 NAG X . 18.38 -39.45 -0.38
O6 NAG X . 18.03 -41.96 0.60
O7 NAG X . 18.21 -35.76 3.07
H1 NAG X . 19.30 -37.82 -0.97
H2 NAG X . 18.05 -37.75 1.56
H3 NAG X . 20.84 -37.99 1.10
H4 NAG X . 19.17 -40.07 2.08
H5 NAG X . 20.30 -39.95 -0.53
H61 NAG X . 19.11 -41.85 -1.03
H62 NAG X . 19.95 -42.16 0.28
H81 NAG X . 19.95 -33.70 2.11
H82 NAG X . 18.88 -33.60 0.95
H83 NAG X . 18.45 -33.33 2.46
HN2 NAG X . 19.42 -35.72 0.28
HO3 NAG X . 20.70 -37.15 3.02
HO6 NAG X . 17.67 -42.69 0.24
C1 NAG X . 21.00 -41.25 2.97
C2 NAG X . 22.41 -41.79 3.26
C3 NAG X . 22.41 -42.65 4.52
C4 NAG X . 21.82 -41.86 5.69
C5 NAG X . 20.42 -41.37 5.31
C6 NAG X . 19.80 -40.50 6.37
C7 NAG X . 22.42 -43.64 1.63
C8 NAG X . 23.14 -44.25 0.46
N2 NAG X . 22.96 -42.53 2.13
O3 NAG X . 23.75 -43.03 4.80
O4 NAG X . 21.70 -42.66 6.86
O5 NAG X . 20.50 -40.57 4.12
O6 NAG X . 19.80 -41.14 7.64
O7 NAG X . 21.40 -44.13 2.09
H1 NAG X . 20.41 -42.00 2.77
H2 NAG X . 22.98 -41.01 3.43
H3 NAG X . 21.87 -43.45 4.39
H4 NAG X . 22.35 -41.06 5.82
H5 NAG X . 19.85 -42.14 5.14
H61 NAG X . 20.30 -39.67 6.44
H62 NAG X . 18.88 -40.29 6.12
H81 NAG X . 22.53 -44.82 -0.03
H82 NAG X . 23.47 -43.54 -0.12
H83 NAG X . 23.89 -44.78 0.80
HN2 NAG X . 23.71 -42.20 1.74
HO3 NAG X . 23.98 -43.70 4.27
HO6 NAG X . 20.63 -41.14 7.97
C1 BMA X . 22.90 -43.02 7.63
C2 BMA X . 23.81 -41.78 7.89
C3 BMA X . 24.85 -41.99 8.99
C4 BMA X . 24.34 -42.84 10.17
C5 BMA X . 23.55 -44.07 9.66
C6 BMA X . 22.96 -44.92 10.79
O2 BMA X . 23.02 -40.69 8.32
O3 BMA X . 25.27 -40.69 9.42
O4 BMA X . 25.44 -43.29 10.97
O5 BMA X . 22.48 -43.60 8.85
O6 BMA X . 22.72 -46.25 10.31
H1 BMA X . 23.47 -43.78 7.08
H2 BMA X . 24.33 -41.53 6.96
H3 BMA X . 25.73 -42.49 8.57
H4 BMA X . 23.64 -42.23 10.76
H5 BMA X . 24.23 -44.72 9.07
H61 BMA X . 23.67 -44.90 11.62
H62 BMA X . 22.03 -44.43 11.11
HO2 BMA X . 23.62 -40.08 8.77
HO4 BMA X . 25.12 -43.24 11.88
#